data_8DEU
#
_entry.id   8DEU
#
loop_
_entity.id
_entity.type
_entity.pdbx_description
1 polymer 'Efflux pump membrane transporter'
2 polymer 'CASP peptide'
3 non-polymer PHOSPHATIDYLETHANOLAMINE
#
loop_
_entity_poly.entity_id
_entity_poly.type
_entity_poly.pdbx_seq_one_letter_code
_entity_poly.pdbx_strand_id
1 'polypeptide(L)'
;MAKFFIDRPIFAWVISIFIIAAGIFGIKSLPVSQYPSVAAPTITLHAIYPGASAQVMEGSVLSVIERNMNGVEGLDYMST
SADSSGSGSVSLTFTPDTDENLAQVEVQNKLSEVLSTLPATVQQYGVTVSKARSNFLMIVMLSSDVQSTEEMNDYAQRNV
VPELQRIEGVGQVRLFGAQRAMRIWVDPKKLQNYNLSFADVGSALSAQNIQISAGSIGSLPAVRGQTVTATVTAQGQLGT
AEEFGNVILRANTDGSNIYLKDVAKVGLGMEDYSSSTRLNGVNTTGMAVMLSNSGNAMATAKAVKERLAVLEKYFPQGMS
WKTPYDTSKFVEISIEKVIHTLIEAMVLVFVVMYLFLQNIRYTLIPTIVVPISLLGGFAFISYMGMSINVLTMFAMILVI
GIVVDDAIVVVENVERIMAGEGLPPKEATKKAMGQISGAVIGITAVLISVFVPLAMFSGAAGNIYKQFALTMASSIAFSA
FLALTLTPALCATMLKTIPKGHHEEKKGFFGWFNKKFDSWTHGYEGRVAKVLRKTFRMMVVYIGLAVVGVFLFMRLPTSF
LPTEDQGFVMVSVQLPAGATKERTDATLAQVTQLAKSIPEIENIITVSGFSFSGSGQNMAMGFAILKDWNERTASGSDAV
AVAGKLTGMMMGTLKDGFGIAVVPPPILELGNGSGLSINLQDRNNTGHTALLAKRNELIQKMRASGLFDPSTVRAGGLED
SPQLKIDINRAAAAAQGVSFADIRTALASALSSSYVSDFPNQGRLQRVMVQADGDARMQPADILNLTVPNSSGIAVPLSS
IATVSWQMGTEQSVRFNGYPAMELSGSPATGVSTGQAMEAVQKMVDELGSGYSLEWGGQSREEAKGGSQTIALYALAAVA
VFLVLAALYESWSIPLAVLLVMPLGLAGAAAGVTGRNLFEGLLGSVPSFANDIYFQVGFVTVMGLSAKNAILIIEFAKDL
QAQGKSAVEAALEAARLRFRPIIMTSFAFILGVVPLYIAGGASSASQRAIGTTVFWGMLIGTLLSVFLVPLFYVVVRKFF
KETAHEHEMAVRHASKAGITGSDDKQY
;
A,B,C
2 'polypeptide(L)' CTNEDGKPC D
#
# COMPACT_ATOMS: atom_id res chain seq x y z
N MET A 1 5.87 -43.56 -0.90
CA MET A 1 6.44 -42.98 0.30
C MET A 1 7.10 -44.02 1.22
N ALA A 2 6.37 -45.04 1.66
CA ALA A 2 6.94 -46.01 2.57
C ALA A 2 8.13 -46.73 1.92
N LYS A 3 7.92 -47.31 0.75
CA LYS A 3 8.97 -48.08 0.10
C LYS A 3 10.12 -47.18 -0.35
N PHE A 4 9.80 -46.08 -1.02
CA PHE A 4 10.83 -45.22 -1.59
C PHE A 4 11.81 -44.75 -0.52
N PHE A 5 11.35 -44.57 0.71
CA PHE A 5 12.19 -44.09 1.79
C PHE A 5 12.76 -45.21 2.65
N ILE A 6 12.06 -46.35 2.73
CA ILE A 6 12.66 -47.51 3.39
C ILE A 6 13.88 -47.98 2.63
N ASP A 7 13.87 -47.80 1.30
CA ASP A 7 15.06 -48.13 0.52
C ASP A 7 16.15 -47.08 0.71
N ARG A 8 15.79 -45.81 0.84
CA ARG A 8 16.77 -44.75 0.97
C ARG A 8 16.70 -44.02 2.30
N PRO A 9 17.35 -44.57 3.33
CA PRO A 9 17.34 -43.95 4.65
C PRO A 9 18.00 -42.58 4.71
N ILE A 10 19.12 -42.40 4.02
CA ILE A 10 19.85 -41.13 4.04
C ILE A 10 19.02 -40.00 3.44
N PHE A 11 18.28 -40.30 2.38
CA PHE A 11 17.41 -39.30 1.77
C PHE A 11 16.37 -38.82 2.77
N ALA A 12 15.80 -39.74 3.54
CA ALA A 12 14.83 -39.36 4.56
C ALA A 12 15.45 -38.47 5.60
N TRP A 13 16.68 -38.77 6.01
CA TRP A 13 17.40 -37.92 6.95
C TRP A 13 17.68 -36.54 6.41
N VAL A 14 18.00 -36.42 5.13
CA VAL A 14 18.25 -35.13 4.52
C VAL A 14 17.00 -34.25 4.53
N ILE A 15 15.82 -34.83 4.31
CA ILE A 15 14.58 -34.06 4.32
C ILE A 15 14.28 -33.58 5.73
N SER A 16 14.50 -34.43 6.73
CA SER A 16 14.25 -34.02 8.11
C SER A 16 15.23 -32.95 8.56
N ILE A 17 16.48 -33.01 8.09
CA ILE A 17 17.45 -31.98 8.45
C ILE A 17 17.06 -30.65 7.83
N PHE A 18 16.53 -30.67 6.61
CA PHE A 18 16.05 -29.43 6.02
C PHE A 18 14.84 -28.89 6.78
N ILE A 19 13.98 -29.77 7.26
CA ILE A 19 12.85 -29.33 8.08
C ILE A 19 13.34 -28.68 9.37
N ILE A 20 14.34 -29.29 10.01
CA ILE A 20 14.91 -28.72 11.23
C ILE A 20 15.51 -27.35 10.96
N ALA A 21 16.25 -27.21 9.86
CA ALA A 21 16.85 -25.93 9.53
C ALA A 21 15.79 -24.87 9.28
N ALA A 22 14.74 -25.22 8.54
CA ALA A 22 13.66 -24.26 8.33
C ALA A 22 13.02 -23.86 9.65
N GLY A 23 12.80 -24.81 10.54
CA GLY A 23 12.22 -24.48 11.83
C GLY A 23 13.09 -23.54 12.64
N ILE A 24 14.40 -23.78 12.64
CA ILE A 24 15.30 -22.91 13.39
C ILE A 24 15.33 -21.50 12.79
N PHE A 25 15.37 -21.41 11.46
CA PHE A 25 15.36 -20.10 10.82
C PHE A 25 14.04 -19.39 11.04
N GLY A 26 12.96 -20.12 11.26
CA GLY A 26 11.68 -19.51 11.57
C GLY A 26 11.62 -19.03 13.00
N ILE A 27 12.22 -19.81 13.90
CA ILE A 27 12.31 -19.38 15.30
C ILE A 27 13.11 -18.10 15.41
N LYS A 28 14.23 -17.99 14.72
CA LYS A 28 15.07 -16.81 14.84
C LYS A 28 14.46 -15.56 14.23
N SER A 29 13.37 -15.71 13.48
CA SER A 29 12.78 -14.55 12.83
C SER A 29 11.30 -14.43 13.15
N LEU A 30 10.95 -14.55 14.42
CA LEU A 30 9.56 -14.56 14.86
C LEU A 30 9.43 -13.66 16.08
N PRO A 31 8.58 -12.63 16.05
CA PRO A 31 8.42 -11.78 17.23
C PRO A 31 7.78 -12.54 18.38
N VAL A 32 8.17 -12.18 19.60
CA VAL A 32 7.66 -12.81 20.81
C VAL A 32 6.65 -11.87 21.46
N SER A 33 5.47 -12.38 21.75
CA SER A 33 4.41 -11.60 22.37
C SER A 33 3.84 -12.41 23.53
N GLN A 34 2.72 -11.96 24.10
CA GLN A 34 1.97 -12.73 25.07
C GLN A 34 0.64 -13.22 24.50
N TYR A 35 -0.12 -12.33 23.87
CA TYR A 35 -1.33 -12.70 23.15
C TYR A 35 -1.28 -12.07 21.77
N PRO A 36 -1.95 -12.67 20.79
CA PRO A 36 -2.07 -12.03 19.49
C PRO A 36 -2.78 -10.70 19.62
N SER A 37 -2.44 -9.77 18.72
CA SER A 37 -3.04 -8.44 18.74
C SER A 37 -4.48 -8.51 18.29
N VAL A 38 -5.37 -7.95 19.09
CA VAL A 38 -6.79 -7.99 18.78
C VAL A 38 -7.37 -6.58 18.78
N ALA A 39 -6.52 -5.60 18.51
CA ALA A 39 -6.93 -4.19 18.53
C ALA A 39 -7.14 -3.68 17.11
N ALA A 40 -7.73 -2.50 17.03
CA ALA A 40 -8.03 -1.84 15.77
C ALA A 40 -7.32 -0.49 15.70
N PRO A 41 -7.06 0.01 14.50
CA PRO A 41 -6.32 1.28 14.38
C PRO A 41 -7.10 2.43 14.99
N THR A 42 -6.38 3.51 15.27
CA THR A 42 -6.98 4.70 15.89
C THR A 42 -6.09 5.89 15.60
N ILE A 43 -6.62 6.87 14.88
CA ILE A 43 -5.92 8.12 14.61
C ILE A 43 -6.45 9.18 15.56
N THR A 44 -5.56 10.01 16.07
CA THR A 44 -5.94 11.06 17.02
C THR A 44 -5.38 12.39 16.55
N LEU A 45 -6.15 13.45 16.75
CA LEU A 45 -5.76 14.80 16.38
C LEU A 45 -5.75 15.66 17.63
N HIS A 46 -4.57 16.12 18.03
CA HIS A 46 -4.44 16.90 19.25
C HIS A 46 -4.27 18.36 18.94
N ALA A 47 -5.10 19.20 19.54
CA ALA A 47 -5.02 20.63 19.31
C ALA A 47 -4.94 21.34 20.63
N ILE A 48 -4.20 22.45 20.68
CA ILE A 48 -4.04 23.19 21.92
C ILE A 48 -4.51 24.62 21.80
N TYR A 49 -5.47 25.02 22.62
CA TYR A 49 -5.88 26.41 22.64
C TYR A 49 -5.71 26.79 24.07
N PRO A 50 -4.69 27.60 24.37
CA PRO A 50 -4.44 27.91 25.78
C PRO A 50 -5.50 28.83 26.35
N GLY A 51 -5.90 28.60 27.61
CA GLY A 51 -6.88 29.45 28.25
C GLY A 51 -8.31 29.29 27.80
N ALA A 52 -8.64 28.16 27.18
CA ALA A 52 -9.99 27.96 26.64
C ALA A 52 -10.75 26.94 27.44
N SER A 53 -12.03 27.20 27.72
CA SER A 53 -12.87 26.27 28.46
C SER A 53 -13.15 25.02 27.64
N ALA A 54 -13.81 24.04 28.24
CA ALA A 54 -14.18 22.85 27.49
C ALA A 54 -15.16 23.23 26.40
N GLN A 55 -16.06 24.15 26.71
CA GLN A 55 -17.07 24.59 25.74
C GLN A 55 -16.52 25.38 24.56
N VAL A 56 -15.57 26.27 24.80
CA VAL A 56 -15.00 27.09 23.74
C VAL A 56 -14.11 26.20 22.90
N MET A 57 -13.32 25.36 23.55
CA MET A 57 -12.49 24.41 22.83
C MET A 57 -13.30 23.57 21.88
N GLU A 58 -14.31 22.89 22.38
CA GLU A 58 -15.10 22.00 21.54
C GLU A 58 -15.88 22.70 20.43
N GLY A 59 -16.57 23.78 20.74
CA GLY A 59 -17.35 24.41 19.70
C GLY A 59 -16.53 25.02 18.61
N SER A 60 -15.51 25.78 18.97
CA SER A 60 -14.61 26.39 17.99
C SER A 60 -13.68 25.46 17.25
N VAL A 61 -13.09 24.49 17.94
CA VAL A 61 -12.08 23.65 17.30
C VAL A 61 -12.38 22.18 17.06
N LEU A 62 -12.85 21.46 18.06
CA LEU A 62 -13.02 20.02 17.91
C LEU A 62 -14.20 19.60 17.05
N SER A 63 -15.36 20.23 17.22
CA SER A 63 -16.51 19.96 16.38
C SER A 63 -16.26 20.40 14.95
N VAL A 64 -15.50 21.46 14.76
CA VAL A 64 -15.15 21.90 13.41
C VAL A 64 -14.26 20.87 12.73
N ILE A 65 -13.32 20.29 13.49
CA ILE A 65 -12.40 19.32 12.90
C ILE A 65 -13.11 18.00 12.62
N GLU A 66 -14.07 17.61 13.47
CA GLU A 66 -14.72 16.32 13.32
C GLU A 66 -15.73 16.31 12.18
N ARG A 67 -16.36 17.44 11.90
CA ARG A 67 -17.38 17.48 10.85
C ARG A 67 -16.81 17.23 9.47
N ASN A 68 -15.50 17.27 9.31
CA ASN A 68 -14.86 17.01 8.03
C ASN A 68 -14.28 15.60 7.93
N MET A 69 -14.47 14.78 8.97
CA MET A 69 -13.83 13.47 9.02
C MET A 69 -14.73 12.33 8.57
N ASN A 70 -16.05 12.53 8.53
CA ASN A 70 -16.91 11.52 7.92
C ASN A 70 -16.51 11.32 6.48
N GLY A 71 -16.63 10.09 6.00
CA GLY A 71 -16.24 9.77 4.65
C GLY A 71 -14.83 9.25 4.50
N VAL A 72 -14.00 9.37 5.53
CA VAL A 72 -12.71 8.70 5.53
C VAL A 72 -12.96 7.20 5.50
N GLU A 73 -12.42 6.52 4.50
CA GLU A 73 -12.77 5.13 4.26
C GLU A 73 -12.29 4.25 5.41
N GLY A 74 -13.22 3.47 5.98
CA GLY A 74 -12.91 2.55 7.05
C GLY A 74 -13.35 2.99 8.42
N LEU A 75 -13.92 4.18 8.55
CA LEU A 75 -14.27 4.72 9.86
C LEU A 75 -15.34 3.89 10.53
N ASP A 76 -15.05 3.41 11.74
CA ASP A 76 -16.03 2.70 12.56
C ASP A 76 -16.86 3.67 13.38
N TYR A 77 -16.20 4.45 14.23
CA TYR A 77 -16.86 5.52 14.97
C TYR A 77 -15.81 6.57 15.31
N MET A 78 -16.28 7.71 15.82
CA MET A 78 -15.38 8.78 16.19
C MET A 78 -15.95 9.51 17.39
N SER A 79 -15.04 10.01 18.23
CA SER A 79 -15.42 10.70 19.45
C SER A 79 -14.54 11.93 19.62
N THR A 80 -14.94 12.80 20.52
CA THR A 80 -14.25 14.04 20.81
C THR A 80 -14.19 14.23 22.32
N SER A 81 -13.10 14.83 22.80
CA SER A 81 -12.93 15.01 24.24
C SER A 81 -12.20 16.31 24.49
N ALA A 82 -12.79 17.17 25.33
CA ALA A 82 -12.17 18.45 25.66
C ALA A 82 -12.23 18.66 27.15
N ASP A 83 -11.40 19.56 27.66
CA ASP A 83 -11.36 19.83 29.09
C ASP A 83 -10.85 21.25 29.37
N SER A 84 -10.90 21.68 30.62
CA SER A 84 -10.51 23.05 30.97
C SER A 84 -9.03 23.38 30.86
N SER A 85 -8.18 22.36 30.73
CA SER A 85 -6.73 22.58 30.64
C SER A 85 -6.30 23.41 29.45
N GLY A 86 -6.98 23.27 28.32
CA GLY A 86 -6.54 23.96 27.11
C GLY A 86 -6.07 22.98 26.05
N SER A 87 -6.56 21.74 26.08
CA SER A 87 -6.19 20.73 25.10
C SER A 87 -7.38 19.83 24.87
N GLY A 88 -7.45 19.27 23.65
CA GLY A 88 -8.55 18.38 23.30
C GLY A 88 -8.17 17.58 22.08
N SER A 89 -8.78 16.40 21.94
CA SER A 89 -8.45 15.48 20.89
C SER A 89 -9.69 15.04 20.13
N VAL A 90 -9.47 14.42 18.98
CA VAL A 90 -10.52 13.86 18.13
C VAL A 90 -10.05 12.49 17.71
N SER A 91 -10.62 11.44 18.28
CA SER A 91 -10.17 10.08 18.04
C SER A 91 -11.05 9.41 16.99
N LEU A 92 -10.43 8.76 16.02
CA LEU A 92 -11.12 8.10 14.93
C LEU A 92 -10.73 6.63 14.92
N THR A 93 -11.65 5.76 15.33
CA THR A 93 -11.40 4.33 15.35
C THR A 93 -11.90 3.70 14.06
N PHE A 94 -11.05 2.91 13.41
CA PHE A 94 -11.34 2.27 12.15
C PHE A 94 -11.59 0.78 12.36
N THR A 95 -12.08 0.13 11.31
CA THR A 95 -12.32 -1.30 11.36
C THR A 95 -10.99 -2.04 11.48
N PRO A 96 -11.03 -3.33 11.82
CA PRO A 96 -9.78 -4.06 12.07
C PRO A 96 -8.94 -4.27 10.82
N ASP A 97 -9.56 -4.36 9.65
CA ASP A 97 -8.86 -4.69 8.41
C ASP A 97 -8.46 -3.46 7.61
N THR A 98 -8.15 -2.36 8.31
CA THR A 98 -7.72 -1.12 7.67
C THR A 98 -6.24 -0.91 7.91
N ASP A 99 -5.58 -0.26 6.95
CA ASP A 99 -4.18 0.10 7.09
C ASP A 99 -4.07 1.54 7.56
N GLU A 100 -3.14 1.77 8.50
CA GLU A 100 -3.07 3.08 9.15
C GLU A 100 -2.52 4.15 8.21
N ASN A 101 -1.70 3.78 7.24
CA ASN A 101 -0.98 4.78 6.45
C ASN A 101 -1.93 5.51 5.50
N LEU A 102 -2.75 4.79 4.76
CA LEU A 102 -3.68 5.44 3.84
C LEU A 102 -4.78 6.18 4.60
N ALA A 103 -5.23 5.60 5.71
CA ALA A 103 -6.20 6.29 6.55
C ALA A 103 -5.63 7.61 7.05
N GLN A 104 -4.35 7.62 7.42
CA GLN A 104 -3.73 8.85 7.88
C GLN A 104 -3.54 9.84 6.73
N VAL A 105 -3.27 9.34 5.53
CA VAL A 105 -3.18 10.23 4.37
C VAL A 105 -4.50 10.97 4.18
N GLU A 106 -5.61 10.23 4.23
CA GLU A 106 -6.92 10.88 4.05
C GLU A 106 -7.23 11.82 5.21
N VAL A 107 -6.91 11.40 6.44
CA VAL A 107 -7.15 12.26 7.60
C VAL A 107 -6.40 13.57 7.47
N GLN A 108 -5.14 13.51 6.99
CA GLN A 108 -4.37 14.73 6.84
C GLN A 108 -4.90 15.58 5.71
N ASN A 109 -5.40 14.96 4.65
CA ASN A 109 -6.09 15.71 3.60
C ASN A 109 -7.23 16.53 4.17
N LYS A 110 -8.12 15.89 4.93
CA LYS A 110 -9.26 16.61 5.50
C LYS A 110 -8.80 17.69 6.48
N LEU A 111 -7.80 17.38 7.30
CA LEU A 111 -7.31 18.36 8.25
C LEU A 111 -6.75 19.58 7.55
N SER A 112 -6.01 19.39 6.46
CA SER A 112 -5.52 20.53 5.70
C SER A 112 -6.65 21.30 5.06
N GLU A 113 -7.70 20.60 4.62
CA GLU A 113 -8.86 21.29 4.08
C GLU A 113 -9.47 22.25 5.10
N VAL A 114 -9.57 21.80 6.35
CA VAL A 114 -10.33 22.58 7.35
C VAL A 114 -9.44 23.44 8.26
N LEU A 115 -8.13 23.34 8.13
CA LEU A 115 -7.24 23.95 9.13
C LEU A 115 -7.27 25.47 9.11
N SER A 116 -7.50 26.08 7.95
CA SER A 116 -7.37 27.53 7.84
C SER A 116 -8.54 28.29 8.46
N THR A 117 -9.53 27.60 9.03
CA THR A 117 -10.68 28.24 9.64
C THR A 117 -10.69 28.14 11.15
N LEU A 118 -9.65 27.59 11.77
CA LEU A 118 -9.58 27.47 13.20
C LEU A 118 -9.05 28.75 13.81
N PRO A 119 -9.19 28.92 15.13
CA PRO A 119 -8.71 30.15 15.77
C PRO A 119 -7.23 30.41 15.50
N ALA A 120 -6.75 31.60 15.83
CA ALA A 120 -5.37 31.96 15.51
C ALA A 120 -4.38 31.23 16.40
N THR A 121 -4.67 31.15 17.70
CA THR A 121 -3.76 30.47 18.62
C THR A 121 -3.64 29.00 18.29
N VAL A 122 -4.76 28.36 17.93
CA VAL A 122 -4.72 26.95 17.57
C VAL A 122 -3.82 26.71 16.37
N GLN A 123 -3.68 27.71 15.50
CA GLN A 123 -2.77 27.61 14.37
C GLN A 123 -1.34 27.97 14.74
N GLN A 124 -1.15 28.86 15.72
CA GLN A 124 0.18 29.10 16.24
C GLN A 124 0.78 27.82 16.80
N TYR A 125 0.01 27.09 17.61
CA TYR A 125 0.52 25.89 18.24
C TYR A 125 0.53 24.68 17.31
N GLY A 126 -0.31 24.67 16.28
CA GLY A 126 -0.35 23.57 15.34
C GLY A 126 -1.24 22.43 15.82
N VAL A 127 -1.72 21.61 14.86
CA VAL A 127 -2.53 20.44 15.21
C VAL A 127 -1.71 19.23 14.80
N THR A 128 -1.62 18.21 15.66
CA THR A 128 -0.77 17.06 15.38
C THR A 128 -1.53 15.74 15.31
N VAL A 129 -1.26 14.93 14.30
CA VAL A 129 -1.95 13.67 14.17
C VAL A 129 -1.05 12.51 14.58
N SER A 130 -1.53 11.65 15.49
CA SER A 130 -0.75 10.52 15.94
C SER A 130 -1.51 9.21 15.88
N LYS A 131 -0.85 8.14 15.44
CA LYS A 131 -1.50 6.83 15.42
C LYS A 131 -0.86 5.83 16.37
N ALA A 132 -0.58 6.23 17.61
CA ALA A 132 0.02 5.33 18.60
C ALA A 132 -1.03 4.63 19.46
N ARG A 133 -0.61 3.98 20.53
CA ARG A 133 -1.52 3.28 21.43
C ARG A 133 -1.62 4.02 22.75
N SER A 134 -2.80 4.06 23.34
CA SER A 134 -3.01 4.81 24.59
C SER A 134 -2.21 4.32 25.79
N ASN A 135 -2.09 3.02 25.96
CA ASN A 135 -1.39 2.45 27.11
C ASN A 135 0.12 2.69 27.09
N PHE A 136 0.71 2.81 28.27
CA PHE A 136 2.15 3.05 28.37
C PHE A 136 2.95 1.76 28.27
N LEU A 137 4.09 1.75 27.57
CA LEU A 137 4.94 0.56 27.54
C LEU A 137 5.95 0.63 28.67
N MET A 138 6.55 1.79 28.89
CA MET A 138 7.54 1.95 29.94
C MET A 138 7.65 3.38 30.39
N ILE A 139 8.20 3.61 31.57
CA ILE A 139 8.42 4.98 32.04
C ILE A 139 9.88 5.18 32.37
N VAL A 140 10.49 6.24 31.86
CA VAL A 140 11.90 6.51 32.09
C VAL A 140 12.13 7.69 33.03
N MET A 141 12.94 7.53 34.06
CA MET A 141 13.20 8.57 35.04
C MET A 141 14.64 9.04 34.94
N LEU A 142 14.91 10.28 35.40
CA LEU A 142 16.24 10.89 35.30
C LEU A 142 17.03 11.18 36.58
N SER A 143 16.39 11.29 37.73
CA SER A 143 17.15 11.33 38.99
C SER A 143 18.48 12.10 39.18
N SER A 144 18.52 13.42 39.02
CA SER A 144 19.77 14.14 39.30
C SER A 144 19.75 14.89 40.61
N ASP A 145 20.70 14.59 41.49
CA ASP A 145 20.80 15.28 42.77
C ASP A 145 21.17 16.76 42.64
N VAL A 146 22.04 17.11 41.70
CA VAL A 146 22.50 18.49 41.59
C VAL A 146 21.75 19.38 40.61
N GLN A 147 20.80 18.81 39.87
CA GLN A 147 20.04 19.59 38.91
C GLN A 147 18.58 19.69 39.25
N SER A 148 18.00 20.86 39.07
CA SER A 148 16.59 21.06 39.32
C SER A 148 15.78 20.21 38.37
N THR A 149 14.47 20.14 38.59
CA THR A 149 13.63 19.34 37.71
C THR A 149 13.31 20.07 36.41
N GLU A 150 13.34 21.40 36.41
CA GLU A 150 13.17 22.14 35.17
C GLU A 150 14.37 21.96 34.26
N GLU A 151 15.57 22.05 34.81
CA GLU A 151 16.77 21.81 34.02
C GLU A 151 16.79 20.41 33.46
N MET A 152 16.41 19.42 34.28
CA MET A 152 16.39 18.04 33.80
C MET A 152 15.31 17.84 32.75
N ASN A 153 14.17 18.50 32.89
CA ASN A 153 13.14 18.43 31.85
C ASN A 153 13.65 18.99 30.54
N ASP A 154 14.36 20.12 30.61
CA ASP A 154 14.92 20.71 29.39
C ASP A 154 15.94 19.78 28.76
N TYR A 155 16.85 19.22 29.56
CA TYR A 155 17.82 18.29 29.01
C TYR A 155 17.15 17.10 28.37
N ALA A 156 16.13 16.54 29.04
CA ALA A 156 15.39 15.43 28.47
C ALA A 156 14.84 15.80 27.11
N GLN A 157 14.04 16.87 27.04
CA GLN A 157 13.45 17.28 25.77
C GLN A 157 14.51 17.49 24.70
N ARG A 158 15.67 18.03 25.07
CA ARG A 158 16.68 18.37 24.07
C ARG A 158 17.43 17.15 23.56
N ASN A 159 17.74 16.20 24.43
CA ASN A 159 18.67 15.13 24.10
C ASN A 159 18.07 13.74 24.13
N VAL A 160 17.23 13.43 25.11
CA VAL A 160 16.81 12.05 25.31
C VAL A 160 15.53 11.72 24.56
N VAL A 161 14.62 12.67 24.40
CA VAL A 161 13.31 12.39 23.84
C VAL A 161 13.41 12.21 22.33
N PRO A 162 14.14 13.07 21.61
CA PRO A 162 14.30 12.83 20.16
C PRO A 162 14.95 11.50 19.84
N GLU A 163 15.95 11.08 20.63
CA GLU A 163 16.59 9.80 20.38
C GLU A 163 15.62 8.65 20.60
N LEU A 164 14.73 8.77 21.58
CA LEU A 164 13.80 7.68 21.88
C LEU A 164 12.67 7.63 20.89
N GLN A 165 12.19 8.77 20.41
CA GLN A 165 11.04 8.76 19.52
C GLN A 165 11.40 8.48 18.07
N ARG A 166 12.68 8.25 17.76
CA ARG A 166 13.07 7.75 16.46
C ARG A 166 13.64 6.34 16.54
N ILE A 167 13.12 5.55 17.48
CA ILE A 167 13.41 4.13 17.59
C ILE A 167 12.31 3.37 16.87
N GLU A 168 12.62 2.18 16.37
CA GLU A 168 11.66 1.39 15.62
C GLU A 168 10.67 0.76 16.61
N GLY A 169 9.42 1.23 16.57
CA GLY A 169 8.37 0.73 17.42
C GLY A 169 7.75 1.77 18.33
N VAL A 170 8.46 2.87 18.62
CA VAL A 170 7.93 3.90 19.50
C VAL A 170 6.85 4.67 18.75
N GLY A 171 5.66 4.72 19.33
CA GLY A 171 4.55 5.41 18.72
C GLY A 171 4.52 6.87 19.10
N GLN A 172 4.86 7.16 20.36
CA GLN A 172 5.07 8.54 20.79
C GLN A 172 5.60 8.57 22.22
N VAL A 173 6.42 9.57 22.53
CA VAL A 173 6.98 9.75 23.86
C VAL A 173 6.35 10.98 24.48
N ARG A 174 5.96 10.88 25.75
CA ARG A 174 5.34 11.98 26.46
C ARG A 174 6.19 12.34 27.67
N LEU A 175 6.65 13.58 27.73
CA LEU A 175 7.38 14.08 28.88
C LEU A 175 6.40 14.64 29.89
N PHE A 176 6.50 14.17 31.14
CA PHE A 176 5.67 14.68 32.23
C PHE A 176 6.31 15.98 32.72
N GLY A 177 6.15 17.02 31.93
CA GLY A 177 6.79 18.29 32.19
C GLY A 177 6.79 19.12 30.92
N ALA A 178 7.68 20.12 30.89
CA ALA A 178 7.78 20.98 29.73
C ALA A 178 9.20 21.51 29.61
N GLN A 179 9.60 21.82 28.38
CA GLN A 179 10.88 22.44 28.15
C GLN A 179 10.83 23.91 28.59
N ARG A 180 11.98 24.56 28.57
CA ARG A 180 12.10 25.88 29.15
C ARG A 180 11.52 26.95 28.24
N ALA A 181 11.29 28.11 28.84
CA ALA A 181 10.80 29.28 28.12
C ALA A 181 11.15 30.51 28.95
N MET A 182 11.07 31.67 28.32
CA MET A 182 11.29 32.94 29.00
C MET A 182 9.94 33.45 29.47
N ARG A 183 9.73 33.45 30.78
CA ARG A 183 8.46 33.82 31.38
C ARG A 183 8.53 35.25 31.90
N ILE A 184 7.67 36.11 31.39
CA ILE A 184 7.53 37.48 31.89
C ILE A 184 6.27 37.53 32.75
N TRP A 185 6.44 37.85 34.02
CA TRP A 185 5.34 37.83 35.00
C TRP A 185 4.91 39.27 35.25
N VAL A 186 3.95 39.74 34.45
CA VAL A 186 3.54 41.14 34.52
C VAL A 186 2.77 41.40 35.81
N ASP A 187 2.79 42.66 36.24
CA ASP A 187 2.06 43.09 37.42
C ASP A 187 1.08 44.19 37.01
N PRO A 188 -0.23 43.99 37.15
CA PRO A 188 -1.18 44.99 36.65
C PRO A 188 -1.13 46.32 37.38
N LYS A 189 -0.86 46.32 38.69
CA LYS A 189 -0.80 47.60 39.40
C LYS A 189 0.35 48.48 38.92
N LYS A 190 1.47 47.86 38.53
CA LYS A 190 2.57 48.63 37.97
C LYS A 190 2.22 49.13 36.58
N LEU A 191 1.51 48.33 35.81
CA LEU A 191 1.08 48.79 34.51
C LEU A 191 0.31 50.08 34.74
N GLN A 192 -0.63 50.08 35.68
CA GLN A 192 -1.43 51.28 35.97
C GLN A 192 -0.65 52.50 36.48
N ASN A 193 0.36 52.29 37.32
CA ASN A 193 1.17 53.39 37.83
C ASN A 193 1.79 54.15 36.67
N TYR A 194 2.10 53.48 35.57
CA TYR A 194 2.67 54.12 34.39
C TYR A 194 1.67 54.28 33.26
N ASN A 195 0.46 53.74 33.39
CA ASN A 195 -0.56 53.84 32.35
C ASN A 195 -0.12 53.08 31.09
N LEU A 196 0.28 51.83 31.29
CA LEU A 196 0.64 50.93 30.20
C LEU A 196 -0.42 49.83 30.07
N SER A 197 -0.20 48.92 29.12
CA SER A 197 -1.15 47.84 28.88
C SER A 197 -0.46 46.50 28.80
N PHE A 198 -1.20 45.45 28.42
CA PHE A 198 -0.60 44.16 28.13
C PHE A 198 -0.19 44.05 26.67
N ALA A 199 -0.98 44.65 25.77
CA ALA A 199 -0.56 44.74 24.38
C ALA A 199 0.68 45.61 24.24
N ASP A 200 0.86 46.58 25.13
CA ASP A 200 2.09 47.35 25.12
C ASP A 200 3.31 46.45 25.34
N VAL A 201 3.24 45.57 26.34
CA VAL A 201 4.34 44.65 26.59
C VAL A 201 4.50 43.69 25.42
N GLY A 202 3.39 43.14 24.92
CA GLY A 202 3.48 42.23 23.80
C GLY A 202 4.19 42.84 22.61
N SER A 203 3.81 44.07 22.24
CA SER A 203 4.39 44.70 21.06
C SER A 203 5.84 45.12 21.32
N ALA A 204 6.12 45.66 22.50
CA ALA A 204 7.50 46.01 22.83
C ALA A 204 8.41 44.79 22.74
N LEU A 205 7.90 43.62 23.14
CA LEU A 205 8.71 42.41 23.04
C LEU A 205 8.84 41.95 21.61
N SER A 206 7.75 41.97 20.85
CA SER A 206 7.80 41.45 19.48
C SER A 206 8.65 42.32 18.57
N ALA A 207 8.75 43.61 18.86
CA ALA A 207 9.44 44.54 17.97
C ALA A 207 10.92 44.74 18.31
N GLN A 208 11.37 44.29 19.48
CA GLN A 208 12.75 44.46 19.89
C GLN A 208 13.51 43.14 19.97
N ASN A 209 12.88 42.02 19.65
CA ASN A 209 13.48 40.70 19.73
C ASN A 209 13.33 39.97 18.40
N ILE A 210 13.69 40.66 17.33
CA ILE A 210 13.48 40.15 15.98
C ILE A 210 14.83 39.71 15.41
N GLN A 211 14.74 38.91 14.33
CA GLN A 211 15.91 38.40 13.63
C GLN A 211 16.22 39.29 12.43
N ILE A 212 17.47 39.73 12.31
CA ILE A 212 17.89 40.61 11.23
C ILE A 212 18.67 39.79 10.21
N SER A 213 18.10 39.65 9.01
CA SER A 213 18.76 39.00 7.90
C SER A 213 19.33 40.09 7.01
N ALA A 214 20.62 40.41 7.20
CA ALA A 214 21.19 41.61 6.63
C ALA A 214 21.45 41.48 5.13
N GLY A 215 22.31 40.55 4.73
CA GLY A 215 22.61 40.39 3.33
C GLY A 215 24.05 40.02 3.05
N SER A 216 24.71 40.78 2.17
CA SER A 216 26.07 40.48 1.76
C SER A 216 26.60 41.65 0.95
N ILE A 217 27.91 41.87 1.05
CA ILE A 217 28.58 42.96 0.35
C ILE A 217 29.15 42.42 -0.96
N GLY A 218 28.82 43.04 -2.09
CA GLY A 218 29.27 42.49 -3.36
C GLY A 218 28.35 41.36 -3.78
N SER A 219 27.09 41.68 -4.03
CA SER A 219 26.11 40.68 -4.41
C SER A 219 26.24 40.27 -5.87
N LEU A 220 25.48 39.28 -6.32
CA LEU A 220 25.68 38.75 -7.67
C LEU A 220 25.54 39.68 -8.87
N PRO A 221 24.55 40.59 -8.86
CA PRO A 221 24.54 41.53 -10.00
C PRO A 221 25.50 42.66 -9.67
N ALA A 222 26.80 42.47 -9.88
CA ALA A 222 27.78 43.47 -9.46
C ALA A 222 28.42 44.35 -10.54
N VAL A 223 29.10 45.42 -10.12
CA VAL A 223 29.79 46.28 -11.08
C VAL A 223 31.11 45.65 -11.49
N ARG A 224 31.60 46.05 -12.66
CA ARG A 224 32.84 45.49 -13.18
C ARG A 224 34.00 45.88 -12.28
N GLY A 225 34.80 44.90 -11.88
CA GLY A 225 35.97 45.14 -11.08
C GLY A 225 35.83 44.84 -9.61
N GLN A 226 34.75 44.18 -9.20
CA GLN A 226 34.58 43.81 -7.81
C GLN A 226 35.44 42.58 -7.50
N THR A 227 36.24 42.68 -6.44
CA THR A 227 37.19 41.64 -6.09
C THR A 227 36.79 40.81 -4.89
N VAL A 228 36.18 41.42 -3.87
CA VAL A 228 35.88 40.71 -2.63
C VAL A 228 34.39 40.76 -2.36
N THR A 229 33.89 39.68 -1.77
CA THR A 229 32.56 39.59 -1.20
C THR A 229 32.68 39.48 0.32
N ALA A 230 31.55 39.63 1.01
CA ALA A 230 31.57 39.52 2.45
C ALA A 230 30.15 39.49 2.97
N THR A 231 29.91 38.68 3.99
CA THR A 231 28.60 38.55 4.59
C THR A 231 28.45 39.56 5.72
N VAL A 232 27.25 40.14 5.83
CA VAL A 232 26.92 41.08 6.88
C VAL A 232 26.14 40.35 7.95
N THR A 233 26.30 40.77 9.20
CA THR A 233 25.76 40.04 10.33
C THR A 233 25.38 41.01 11.44
N ALA A 234 24.11 41.03 11.82
CA ALA A 234 23.62 41.82 12.94
C ALA A 234 22.74 40.94 13.80
N GLN A 235 22.96 40.95 15.11
CA GLN A 235 22.29 40.03 16.01
C GLN A 235 20.78 40.23 16.03
N GLY A 236 20.32 41.36 16.57
CA GLY A 236 18.90 41.66 16.65
C GLY A 236 18.14 40.98 17.75
N GLN A 237 18.53 39.77 18.17
CA GLN A 237 17.76 38.97 19.11
C GLN A 237 18.35 39.03 20.51
N LEU A 238 17.51 38.69 21.49
CA LEU A 238 17.87 38.69 22.90
C LEU A 238 17.98 37.25 23.41
N GLY A 239 18.86 37.04 24.37
CA GLY A 239 19.15 35.69 24.81
C GLY A 239 19.24 35.44 26.30
N THR A 240 19.19 36.49 27.11
CA THR A 240 19.29 36.36 28.57
C THR A 240 18.12 37.08 29.22
N ALA A 241 17.96 36.83 30.53
CA ALA A 241 16.89 37.47 31.28
C ALA A 241 17.23 38.92 31.59
N GLU A 242 18.50 39.25 31.80
CA GLU A 242 18.90 40.63 31.99
C GLU A 242 18.71 41.45 30.72
N GLU A 243 18.90 40.83 29.55
CA GLU A 243 18.64 41.54 28.30
C GLU A 243 17.16 41.79 28.10
N PHE A 244 16.32 40.80 28.43
CA PHE A 244 14.88 40.99 28.33
C PHE A 244 14.39 42.03 29.32
N GLY A 245 15.00 42.12 30.50
CA GLY A 245 14.60 43.11 31.47
C GLY A 245 14.85 44.54 31.06
N ASN A 246 15.53 44.77 29.93
CA ASN A 246 15.88 46.11 29.48
C ASN A 246 15.11 46.55 28.24
N VAL A 247 14.02 45.85 27.91
CA VAL A 247 13.22 46.25 26.76
C VAL A 247 12.57 47.59 27.03
N ILE A 248 12.59 48.47 26.04
CA ILE A 248 12.06 49.81 26.19
C ILE A 248 10.55 49.77 25.99
N LEU A 249 9.79 50.10 27.03
CA LEU A 249 8.34 50.09 26.96
C LEU A 249 7.76 51.44 26.57
N ARG A 250 8.31 52.52 27.13
CA ARG A 250 7.97 53.87 26.70
C ARG A 250 9.20 54.75 26.89
N ALA A 251 9.73 55.27 25.77
CA ALA A 251 10.95 56.06 25.80
C ALA A 251 10.68 57.56 25.67
N ASN A 252 9.49 57.96 25.27
CA ASN A 252 9.16 59.35 25.00
C ASN A 252 8.72 60.10 26.25
N THR A 253 9.06 59.62 27.45
CA THR A 253 8.63 60.28 28.67
C THR A 253 9.18 61.71 28.74
N ASP A 254 10.50 61.83 28.97
CA ASP A 254 11.18 63.12 28.81
C ASP A 254 12.57 62.93 28.22
N GLY A 255 12.77 61.85 27.47
CA GLY A 255 14.08 61.35 27.17
C GLY A 255 14.51 60.19 28.04
N SER A 256 13.83 59.97 29.16
CA SER A 256 14.03 58.80 29.99
C SER A 256 13.11 57.67 29.53
N ASN A 257 13.45 56.45 29.93
CA ASN A 257 12.80 55.27 29.43
C ASN A 257 12.11 54.50 30.56
N ILE A 258 11.10 53.73 30.20
CA ILE A 258 10.41 52.82 31.09
C ILE A 258 10.74 51.41 30.63
N TYR A 259 11.54 50.69 31.41
CA TYR A 259 12.02 49.38 31.01
C TYR A 259 10.99 48.30 31.35
N LEU A 260 11.24 47.10 30.84
CA LEU A 260 10.38 45.96 31.13
C LEU A 260 10.58 45.43 32.54
N LYS A 261 11.73 45.66 33.15
CA LYS A 261 12.00 45.22 34.51
C LYS A 261 11.32 46.08 35.56
N ASP A 262 10.64 47.14 35.15
CA ASP A 262 9.96 48.02 36.09
C ASP A 262 8.52 47.59 36.36
N VAL A 263 7.94 46.77 35.50
CA VAL A 263 6.54 46.38 35.64
C VAL A 263 6.38 44.87 35.50
N ALA A 264 7.48 44.12 35.59
CA ALA A 264 7.40 42.69 35.39
C ALA A 264 8.60 42.01 36.05
N LYS A 265 8.61 40.69 35.99
CA LYS A 265 9.72 39.87 36.47
C LYS A 265 10.08 38.88 35.37
N VAL A 266 11.34 38.88 34.95
CA VAL A 266 11.81 38.08 33.83
C VAL A 266 12.76 37.02 34.37
N GLY A 267 12.53 35.77 33.95
CA GLY A 267 13.41 34.69 34.33
C GLY A 267 13.03 33.41 33.62
N LEU A 268 14.01 32.52 33.48
CA LEU A 268 13.79 31.27 32.78
C LEU A 268 12.83 30.38 33.54
N GLY A 269 11.83 29.86 32.84
CA GLY A 269 10.88 28.94 33.43
C GLY A 269 10.48 27.88 32.43
N MET A 270 9.38 27.18 32.70
CA MET A 270 8.83 26.21 31.77
C MET A 270 7.67 26.84 30.99
N GLU A 271 7.40 26.28 29.82
CA GLU A 271 6.33 26.80 28.98
C GLU A 271 4.96 26.23 29.33
N ASP A 272 4.90 25.27 30.24
CA ASP A 272 3.63 24.72 30.69
C ASP A 272 3.87 24.06 32.04
N TYR A 273 2.90 24.21 32.95
CA TYR A 273 3.07 23.80 34.34
C TYR A 273 2.04 22.78 34.78
N SER A 274 1.55 21.96 33.84
CA SER A 274 0.39 21.12 34.12
C SER A 274 0.75 19.89 34.97
N SER A 275 1.62 19.04 34.44
CA SER A 275 1.88 17.73 35.05
C SER A 275 3.24 17.70 35.74
N SER A 276 3.47 16.63 36.48
CA SER A 276 4.71 16.41 37.20
C SER A 276 4.76 14.94 37.60
N THR A 277 5.92 14.53 38.13
CA THR A 277 6.16 13.12 38.45
C THR A 277 7.00 13.04 39.71
N ARG A 278 6.91 11.90 40.39
CA ARG A 278 7.74 11.59 41.54
C ARG A 278 7.94 10.09 41.62
N LEU A 279 9.18 9.67 41.83
CA LEU A 279 9.50 8.27 42.07
C LEU A 279 9.74 8.07 43.56
N ASN A 280 8.87 7.28 44.19
CA ASN A 280 8.97 6.93 45.60
C ASN A 280 8.82 8.13 46.52
N GLY A 281 8.38 9.27 46.01
CA GLY A 281 8.15 10.44 46.82
C GLY A 281 9.11 11.60 46.60
N VAL A 282 10.01 11.51 45.63
CA VAL A 282 10.99 12.55 45.35
C VAL A 282 10.79 13.07 43.93
N ASN A 283 10.87 14.38 43.78
CA ASN A 283 10.66 14.99 42.47
C ASN A 283 11.65 14.43 41.46
N THR A 284 11.13 13.91 40.35
CA THR A 284 11.95 13.26 39.34
C THR A 284 11.38 13.58 37.97
N THR A 285 12.19 13.34 36.95
CA THR A 285 11.81 13.60 35.56
C THR A 285 11.39 12.29 34.90
N GLY A 286 10.19 12.27 34.32
CA GLY A 286 9.62 11.07 33.75
C GLY A 286 9.21 11.26 32.30
N MET A 287 9.37 10.20 31.52
CA MET A 287 8.90 10.13 30.14
C MET A 287 8.08 8.86 29.97
N ALA A 288 6.93 8.98 29.33
CA ALA A 288 6.10 7.82 29.02
C ALA A 288 6.32 7.41 27.57
N VAL A 289 6.46 6.12 27.35
CA VAL A 289 6.75 5.58 26.02
C VAL A 289 5.54 4.75 25.60
N MET A 290 4.67 5.34 24.79
CA MET A 290 3.58 4.58 24.20
C MET A 290 4.11 3.76 23.03
N LEU A 291 3.32 2.78 22.61
CA LEU A 291 3.66 1.93 21.48
C LEU A 291 2.91 2.39 20.24
N SER A 292 3.13 1.69 19.14
CA SER A 292 2.46 1.99 17.88
C SER A 292 1.75 0.76 17.37
N ASN A 293 0.62 0.97 16.72
CA ASN A 293 -0.06 -0.14 16.06
C ASN A 293 0.92 -0.87 15.16
N SER A 294 1.03 -2.18 15.37
CA SER A 294 2.00 -3.04 14.70
C SER A 294 3.40 -2.93 15.30
N GLY A 295 3.51 -2.51 16.56
CA GLY A 295 4.77 -2.49 17.26
C GLY A 295 4.90 -3.67 18.21
N ASN A 296 6.15 -4.00 18.52
CA ASN A 296 6.45 -5.07 19.46
C ASN A 296 6.84 -4.49 20.81
N ALA A 297 6.50 -5.22 21.87
CA ALA A 297 6.79 -4.75 23.22
C ALA A 297 8.21 -5.13 23.64
N MET A 298 8.57 -6.40 23.49
CA MET A 298 9.89 -6.84 23.94
C MET A 298 11.00 -6.20 23.12
N ALA A 299 10.85 -6.19 21.80
CA ALA A 299 11.86 -5.57 20.94
C ALA A 299 12.02 -4.09 21.24
N THR A 300 10.90 -3.38 21.39
CA THR A 300 10.95 -1.95 21.64
C THR A 300 11.55 -1.64 22.99
N ALA A 301 11.19 -2.41 24.03
CA ALA A 301 11.76 -2.20 25.34
C ALA A 301 13.26 -2.44 25.33
N LYS A 302 13.71 -3.53 24.70
CA LYS A 302 15.14 -3.79 24.62
C LYS A 302 15.87 -2.68 23.88
N ALA A 303 15.32 -2.23 22.75
CA ALA A 303 15.95 -1.17 21.98
C ALA A 303 16.04 0.12 22.79
N VAL A 304 14.97 0.46 23.51
CA VAL A 304 14.98 1.68 24.31
C VAL A 304 16.05 1.60 25.39
N LYS A 305 16.14 0.45 26.08
CA LYS A 305 17.11 0.34 27.16
C LYS A 305 18.54 0.35 26.64
N GLU A 306 18.78 -0.25 25.47
CA GLU A 306 20.12 -0.20 24.89
C GLU A 306 20.50 1.22 24.48
N ARG A 307 19.58 1.92 23.82
CA ARG A 307 19.86 3.30 23.44
C ARG A 307 20.10 4.17 24.66
N LEU A 308 19.38 3.91 25.76
CA LEU A 308 19.61 4.67 26.98
C LEU A 308 20.97 4.37 27.59
N ALA A 309 21.36 3.10 27.59
CA ALA A 309 22.71 2.76 28.05
C ALA A 309 23.77 3.48 27.23
N VAL A 310 23.53 3.63 25.93
CA VAL A 310 24.50 4.34 25.09
C VAL A 310 24.48 5.84 25.36
N LEU A 311 23.29 6.41 25.52
CA LEU A 311 23.16 7.85 25.74
C LEU A 311 23.69 8.29 27.08
N GLU A 312 23.72 7.39 28.06
CA GLU A 312 24.21 7.75 29.39
C GLU A 312 25.65 8.25 29.39
N LYS A 313 26.40 8.04 28.31
CA LYS A 313 27.79 8.48 28.28
C LYS A 313 27.91 9.99 28.28
N TYR A 314 26.91 10.69 27.75
CA TYR A 314 26.95 12.13 27.59
C TYR A 314 26.11 12.87 28.62
N PHE A 315 25.59 12.16 29.63
CA PHE A 315 24.82 12.83 30.66
C PHE A 315 25.69 13.84 31.39
N PRO A 316 25.09 14.89 31.95
CA PRO A 316 25.85 15.78 32.82
C PRO A 316 26.29 15.06 34.10
N GLN A 317 26.98 15.77 34.99
CA GLN A 317 27.46 15.14 36.21
C GLN A 317 26.33 14.94 37.20
N GLY A 318 26.16 13.70 37.66
CA GLY A 318 25.20 13.37 38.68
C GLY A 318 23.89 12.80 38.19
N MET A 319 23.64 12.80 36.89
CA MET A 319 22.37 12.36 36.34
C MET A 319 22.41 10.88 36.02
N SER A 320 21.37 10.15 36.45
CA SER A 320 21.25 8.72 36.22
C SER A 320 19.87 8.44 35.63
N TRP A 321 19.67 7.21 35.16
CA TRP A 321 18.40 6.82 34.57
C TRP A 321 17.98 5.46 35.09
N LYS A 322 16.68 5.19 35.01
CA LYS A 322 16.14 3.91 35.41
C LYS A 322 14.69 3.83 34.97
N THR A 323 14.28 2.63 34.56
CA THR A 323 12.91 2.36 34.13
C THR A 323 12.23 1.49 35.18
N PRO A 324 11.63 2.08 36.21
CA PRO A 324 11.01 1.25 37.25
C PRO A 324 9.74 0.58 36.80
N TYR A 325 9.05 1.11 35.79
CA TYR A 325 7.83 0.52 35.26
C TYR A 325 8.11 0.06 33.84
N ASP A 326 8.10 -1.25 33.63
CA ASP A 326 8.40 -1.83 32.33
C ASP A 326 7.46 -3.00 32.10
N THR A 327 6.78 -3.00 30.95
CA THR A 327 5.72 -3.97 30.68
C THR A 327 6.21 -5.20 29.92
N SER A 328 7.51 -5.32 29.65
CA SER A 328 8.02 -6.46 28.91
C SER A 328 8.60 -7.55 29.78
N LYS A 329 9.00 -7.22 31.02
CA LYS A 329 9.52 -8.24 31.91
C LYS A 329 8.53 -9.36 32.12
N PHE A 330 7.24 -9.02 32.22
CA PHE A 330 6.22 -10.05 32.38
C PHE A 330 6.16 -10.95 31.16
N VAL A 331 6.20 -10.37 29.96
CA VAL A 331 6.14 -11.17 28.75
C VAL A 331 7.31 -12.14 28.70
N GLU A 332 8.50 -11.65 29.02
CA GLU A 332 9.68 -12.52 28.93
C GLU A 332 9.65 -13.62 29.98
N ILE A 333 9.25 -13.28 31.21
CA ILE A 333 9.19 -14.31 32.25
C ILE A 333 8.11 -15.33 31.94
N SER A 334 7.00 -14.90 31.34
CA SER A 334 5.94 -15.83 30.98
C SER A 334 6.39 -16.79 29.90
N ILE A 335 7.06 -16.28 28.87
CA ILE A 335 7.56 -17.17 27.81
C ILE A 335 8.58 -18.15 28.38
N GLU A 336 9.45 -17.68 29.28
CA GLU A 336 10.42 -18.58 29.89
C GLU A 336 9.73 -19.70 30.68
N LYS A 337 8.72 -19.34 31.47
CA LYS A 337 8.01 -20.36 32.25
C LYS A 337 7.31 -21.36 31.34
N VAL A 338 6.71 -20.89 30.25
CA VAL A 338 6.02 -21.79 29.34
C VAL A 338 7.00 -22.75 28.67
N ILE A 339 8.17 -22.24 28.28
CA ILE A 339 9.17 -23.09 27.64
C ILE A 339 9.65 -24.14 28.61
N HIS A 340 9.79 -23.79 29.88
CA HIS A 340 10.16 -24.76 30.90
C HIS A 340 9.13 -25.85 31.12
N THR A 341 7.85 -25.49 31.11
CA THR A 341 6.80 -26.50 31.26
C THR A 341 6.74 -27.35 30.02
N LEU A 342 7.13 -26.81 28.87
CA LEU A 342 7.20 -27.63 27.66
C LEU A 342 8.29 -28.68 27.79
N ILE A 343 9.48 -28.29 28.25
CA ILE A 343 10.56 -29.25 28.39
C ILE A 343 10.22 -30.28 29.45
N GLU A 344 9.57 -29.86 30.54
CA GLU A 344 9.16 -30.83 31.56
C GLU A 344 8.17 -31.83 31.00
N ALA A 345 7.24 -31.38 30.17
CA ALA A 345 6.28 -32.30 29.57
C ALA A 345 6.97 -33.28 28.63
N MET A 346 7.95 -32.79 27.85
CA MET A 346 8.72 -33.69 27.00
C MET A 346 9.40 -34.77 27.82
N VAL A 347 10.04 -34.39 28.92
CA VAL A 347 10.73 -35.37 29.75
C VAL A 347 9.75 -36.38 30.33
N LEU A 348 8.60 -35.90 30.80
CA LEU A 348 7.62 -36.82 31.39
C LEU A 348 7.10 -37.80 30.36
N VAL A 349 6.85 -37.36 29.14
CA VAL A 349 6.37 -38.26 28.09
C VAL A 349 7.39 -39.35 27.82
N PHE A 350 8.67 -38.99 27.78
CA PHE A 350 9.72 -39.96 27.52
C PHE A 350 9.80 -41.04 28.58
N VAL A 351 9.66 -40.66 29.84
CA VAL A 351 9.70 -41.65 30.91
C VAL A 351 8.53 -42.63 30.82
N VAL A 352 7.35 -42.16 30.47
CA VAL A 352 6.20 -43.05 30.30
C VAL A 352 6.45 -44.02 29.17
N MET A 353 7.01 -43.53 28.07
CA MET A 353 7.33 -44.39 26.95
C MET A 353 8.41 -45.41 27.32
N TYR A 354 9.41 -45.01 28.09
CA TYR A 354 10.43 -45.95 28.55
C TYR A 354 9.82 -47.00 29.43
N LEU A 355 8.87 -46.62 30.28
CA LEU A 355 8.21 -47.57 31.14
C LEU A 355 7.54 -48.66 30.31
N PHE A 356 6.89 -48.31 29.21
CA PHE A 356 6.16 -49.32 28.46
C PHE A 356 7.06 -50.05 27.45
N LEU A 357 7.70 -49.31 26.55
CA LEU A 357 8.55 -49.97 25.56
C LEU A 357 9.70 -50.72 26.22
N GLN A 358 10.18 -50.24 27.37
CA GLN A 358 11.20 -50.97 28.15
C GLN A 358 12.58 -51.11 27.53
N ASN A 359 12.90 -50.28 26.54
CA ASN A 359 14.23 -50.32 25.97
C ASN A 359 14.66 -48.88 25.67
N ILE A 360 15.78 -48.74 24.96
CA ILE A 360 16.33 -47.43 24.61
C ILE A 360 16.22 -47.16 23.12
N ARG A 361 16.62 -48.12 22.28
CA ARG A 361 16.50 -47.93 20.84
C ARG A 361 15.05 -47.89 20.39
N TYR A 362 14.12 -48.39 21.21
CA TYR A 362 12.71 -48.23 20.91
C TYR A 362 12.23 -46.83 21.24
N THR A 363 12.62 -46.30 22.40
CA THR A 363 12.21 -44.96 22.80
C THR A 363 12.97 -43.87 22.06
N LEU A 364 14.01 -44.21 21.30
CA LEU A 364 14.76 -43.20 20.58
C LEU A 364 14.09 -42.72 19.31
N ILE A 365 13.06 -43.42 18.82
CA ILE A 365 12.38 -43.02 17.59
C ILE A 365 11.45 -41.83 17.89
N PRO A 366 10.49 -41.96 18.80
CA PRO A 366 9.65 -40.80 19.12
C PRO A 366 10.44 -39.62 19.66
N THR A 367 11.48 -39.88 20.44
CA THR A 367 12.33 -38.82 20.94
C THR A 367 12.94 -37.99 19.82
N ILE A 368 13.03 -38.55 18.62
CA ILE A 368 13.61 -37.86 17.47
C ILE A 368 12.49 -37.30 16.61
N VAL A 369 11.31 -37.93 16.67
CA VAL A 369 10.22 -37.53 15.79
C VAL A 369 9.47 -36.32 16.34
N VAL A 370 9.46 -36.12 17.65
CA VAL A 370 8.70 -35.01 18.24
C VAL A 370 9.33 -33.66 17.91
N PRO A 371 10.61 -33.45 18.24
CA PRO A 371 11.23 -32.15 17.96
C PRO A 371 11.10 -31.70 16.50
N ILE A 372 11.18 -32.63 15.55
CA ILE A 372 11.11 -32.26 14.15
C ILE A 372 9.72 -31.74 13.82
N SER A 373 8.67 -32.36 14.37
CA SER A 373 7.32 -31.87 14.14
C SER A 373 7.13 -30.49 14.77
N LEU A 374 7.66 -30.29 15.98
CA LEU A 374 7.56 -28.97 16.59
C LEU A 374 8.28 -27.91 15.74
N LEU A 375 9.44 -28.24 15.19
CA LEU A 375 10.19 -27.28 14.39
C LEU A 375 9.46 -27.00 13.08
N GLY A 376 8.83 -28.01 12.49
CA GLY A 376 8.02 -27.77 11.30
C GLY A 376 6.85 -26.85 11.59
N GLY A 377 6.21 -27.03 12.76
CA GLY A 377 5.17 -26.10 13.15
C GLY A 377 5.68 -24.69 13.32
N PHE A 378 6.87 -24.54 13.91
CA PHE A 378 7.51 -23.23 14.00
C PHE A 378 7.69 -22.61 12.63
N ALA A 379 8.22 -23.40 11.68
CA ALA A 379 8.43 -22.89 10.33
C ALA A 379 7.12 -22.45 9.70
N PHE A 380 6.06 -23.24 9.85
CA PHE A 380 4.80 -22.89 9.23
C PHE A 380 4.21 -21.61 9.84
N ILE A 381 4.22 -21.50 11.17
CA ILE A 381 3.66 -20.30 11.78
C ILE A 381 4.55 -19.08 11.54
N SER A 382 5.82 -19.30 11.18
CA SER A 382 6.65 -18.18 10.75
C SER A 382 6.31 -17.74 9.34
N TYR A 383 6.13 -18.69 8.43
CA TYR A 383 5.73 -18.36 7.07
C TYR A 383 4.41 -17.58 7.05
N MET A 384 3.50 -17.91 7.97
CA MET A 384 2.18 -17.29 7.99
C MET A 384 2.16 -15.92 8.65
N GLY A 385 3.30 -15.44 9.15
CA GLY A 385 3.36 -14.12 9.75
C GLY A 385 2.80 -14.02 11.15
N MET A 386 2.86 -15.09 11.92
CA MET A 386 2.39 -15.08 13.29
C MET A 386 3.54 -14.73 14.23
N SER A 387 3.33 -14.93 15.53
CA SER A 387 4.37 -14.67 16.52
C SER A 387 4.43 -15.81 17.53
N ILE A 388 5.25 -15.67 18.58
CA ILE A 388 5.36 -16.70 19.60
C ILE A 388 4.53 -16.29 20.81
N ASN A 389 3.22 -16.43 20.70
CA ASN A 389 2.33 -16.06 21.77
C ASN A 389 2.22 -17.17 22.79
N VAL A 390 1.56 -16.91 23.92
CA VAL A 390 1.33 -17.97 24.90
C VAL A 390 0.46 -19.05 24.27
N LEU A 391 -0.47 -18.68 23.40
CA LEU A 391 -1.34 -19.64 22.74
C LEU A 391 -0.62 -20.65 21.85
N THR A 392 0.36 -20.23 21.05
CA THR A 392 1.15 -21.16 20.26
C THR A 392 1.96 -22.09 21.14
N MET A 393 2.45 -21.59 22.27
CA MET A 393 3.23 -22.43 23.16
C MET A 393 2.35 -23.48 23.84
N PHE A 394 1.13 -23.10 24.23
CA PHE A 394 0.19 -24.09 24.76
C PHE A 394 -0.19 -25.09 23.69
N ALA A 395 -0.28 -24.66 22.44
CA ALA A 395 -0.53 -25.60 21.35
C ALA A 395 0.59 -26.61 21.22
N MET A 396 1.85 -26.15 21.29
CA MET A 396 2.97 -27.07 21.28
C MET A 396 2.88 -28.07 22.42
N ILE A 397 2.62 -27.58 23.64
CA ILE A 397 2.57 -28.45 24.80
C ILE A 397 1.46 -29.48 24.66
N LEU A 398 0.32 -29.07 24.10
CA LEU A 398 -0.81 -29.99 23.96
C LEU A 398 -0.62 -30.96 22.81
N VAL A 399 0.14 -30.58 21.78
CA VAL A 399 0.34 -31.45 20.62
C VAL A 399 1.51 -32.39 20.80
N ILE A 400 2.34 -32.19 21.82
CA ILE A 400 3.39 -33.18 22.13
C ILE A 400 2.80 -34.59 22.19
N GLY A 401 1.70 -34.74 22.94
CA GLY A 401 1.12 -36.06 23.16
C GLY A 401 0.34 -36.62 21.99
N ILE A 402 -0.09 -35.77 21.06
CA ILE A 402 -0.70 -36.26 19.83
C ILE A 402 0.37 -36.63 18.82
N VAL A 403 1.51 -35.94 18.85
CA VAL A 403 2.59 -36.23 17.92
C VAL A 403 3.27 -37.54 18.28
N VAL A 404 3.51 -37.78 19.57
CA VAL A 404 4.23 -39.00 19.96
C VAL A 404 3.49 -40.25 19.51
N ASP A 405 2.16 -40.16 19.36
CA ASP A 405 1.35 -41.36 19.20
C ASP A 405 1.60 -42.05 17.87
N ASP A 406 1.86 -41.29 16.80
CA ASP A 406 2.04 -41.92 15.49
C ASP A 406 3.34 -42.72 15.43
N ALA A 407 4.43 -42.14 15.92
CA ALA A 407 5.68 -42.89 16.02
C ALA A 407 5.50 -44.10 16.92
N ILE A 408 4.81 -43.94 18.05
CA ILE A 408 4.56 -45.07 18.93
C ILE A 408 3.84 -46.18 18.17
N VAL A 409 2.79 -45.81 17.42
CA VAL A 409 2.01 -46.79 16.67
C VAL A 409 2.92 -47.55 15.71
N VAL A 410 3.65 -46.83 14.87
CA VAL A 410 4.49 -47.47 13.87
C VAL A 410 5.49 -48.41 14.53
N VAL A 411 6.23 -47.90 15.52
CA VAL A 411 7.30 -48.66 16.14
C VAL A 411 6.76 -49.92 16.80
N GLU A 412 5.72 -49.75 17.62
CA GLU A 412 5.22 -50.90 18.39
C GLU A 412 4.54 -51.91 17.48
N ASN A 413 3.83 -51.44 16.45
CA ASN A 413 3.22 -52.34 15.47
C ASN A 413 4.29 -53.21 14.81
N VAL A 414 5.31 -52.58 14.23
CA VAL A 414 6.34 -53.33 13.55
C VAL A 414 7.03 -54.28 14.53
N GLU A 415 7.41 -53.76 15.70
CA GLU A 415 8.06 -54.58 16.72
C GLU A 415 7.24 -55.82 17.03
N ARG A 416 5.96 -55.66 17.36
CA ARG A 416 5.13 -56.80 17.73
C ARG A 416 4.90 -57.74 16.56
N ILE A 417 4.47 -57.20 15.43
CA ILE A 417 4.15 -58.05 14.29
C ILE A 417 5.37 -58.81 13.80
N MET A 418 6.54 -58.20 13.77
CA MET A 418 7.74 -58.85 13.24
C MET A 418 8.24 -59.94 14.19
N ALA A 419 8.01 -59.78 15.48
CA ALA A 419 8.38 -60.84 16.42
C ALA A 419 7.52 -62.08 16.22
N GLY A 420 6.21 -61.89 16.09
CA GLY A 420 5.32 -63.01 15.86
C GLY A 420 5.58 -63.64 14.50
N GLU A 421 5.75 -62.81 13.49
CA GLU A 421 6.00 -63.30 12.14
C GLU A 421 7.32 -64.02 11.99
N GLY A 422 8.35 -63.56 12.69
CA GLY A 422 9.68 -64.13 12.48
C GLY A 422 10.30 -63.42 11.30
N LEU A 423 9.66 -62.36 10.82
CA LEU A 423 10.14 -61.63 9.64
C LEU A 423 11.38 -60.79 9.93
N PRO A 424 12.17 -60.51 8.88
CA PRO A 424 13.34 -59.62 9.04
C PRO A 424 12.86 -58.19 9.26
N PRO A 425 13.71 -57.31 9.80
CA PRO A 425 13.26 -55.95 10.11
C PRO A 425 12.75 -55.15 8.92
N LYS A 426 13.38 -55.27 7.75
CA LYS A 426 12.92 -54.57 6.56
C LYS A 426 11.51 -54.96 6.13
N GLU A 427 11.23 -56.27 6.02
CA GLU A 427 9.92 -56.75 5.61
C GLU A 427 8.86 -56.45 6.65
N ALA A 428 9.24 -56.45 7.93
CA ALA A 428 8.29 -56.07 8.97
C ALA A 428 7.84 -54.62 8.81
N THR A 429 8.78 -53.72 8.54
CA THR A 429 8.43 -52.32 8.31
C THR A 429 7.58 -52.17 7.06
N LYS A 430 7.92 -52.90 5.99
CA LYS A 430 7.11 -52.88 4.78
C LYS A 430 5.67 -53.28 5.08
N LYS A 431 5.49 -54.39 5.80
CA LYS A 431 4.16 -54.86 6.16
C LYS A 431 3.42 -53.80 6.98
N ALA A 432 4.06 -53.30 8.02
CA ALA A 432 3.41 -52.33 8.89
C ALA A 432 2.96 -51.09 8.13
N MET A 433 3.83 -50.58 7.24
CA MET A 433 3.47 -49.39 6.48
C MET A 433 2.32 -49.68 5.52
N GLY A 434 2.44 -50.76 4.75
CA GLY A 434 1.37 -51.12 3.84
C GLY A 434 0.05 -51.38 4.53
N GLN A 435 0.08 -51.70 5.83
CA GLN A 435 -1.15 -51.97 6.56
C GLN A 435 -1.67 -50.78 7.36
N ILE A 436 -0.85 -49.75 7.58
CA ILE A 436 -1.26 -48.63 8.43
C ILE A 436 -1.30 -47.29 7.69
N SER A 437 -0.86 -47.22 6.43
CA SER A 437 -0.81 -45.93 5.74
C SER A 437 -2.20 -45.29 5.65
N GLY A 438 -3.21 -46.07 5.25
CA GLY A 438 -4.54 -45.51 5.11
C GLY A 438 -5.12 -45.03 6.42
N ALA A 439 -4.94 -45.81 7.49
CA ALA A 439 -5.42 -45.39 8.80
C ALA A 439 -4.72 -44.12 9.25
N VAL A 440 -3.43 -43.99 8.96
CA VAL A 440 -2.71 -42.77 9.31
C VAL A 440 -3.30 -41.57 8.59
N ILE A 441 -3.52 -41.71 7.28
CA ILE A 441 -4.09 -40.61 6.50
C ILE A 441 -5.46 -40.24 7.05
N GLY A 442 -6.28 -41.24 7.38
CA GLY A 442 -7.61 -40.96 7.88
C GLY A 442 -7.61 -40.26 9.23
N ILE A 443 -6.76 -40.73 10.15
CA ILE A 443 -6.65 -40.08 11.46
C ILE A 443 -6.20 -38.64 11.30
N THR A 444 -5.20 -38.41 10.45
CA THR A 444 -4.73 -37.04 10.23
C THR A 444 -5.84 -36.16 9.66
N ALA A 445 -6.62 -36.70 8.72
CA ALA A 445 -7.72 -35.91 8.15
C ALA A 445 -8.77 -35.60 9.20
N VAL A 446 -9.07 -36.57 10.06
CA VAL A 446 -10.04 -36.34 11.13
C VAL A 446 -9.57 -35.21 12.05
N LEU A 447 -8.29 -35.27 12.45
CA LEU A 447 -7.76 -34.23 13.33
C LEU A 447 -7.79 -32.86 12.66
N ILE A 448 -7.37 -32.80 11.40
CA ILE A 448 -7.40 -31.53 10.68
C ILE A 448 -8.83 -30.99 10.62
N SER A 449 -9.80 -31.86 10.36
CA SER A 449 -11.19 -31.43 10.32
C SER A 449 -11.65 -30.93 11.68
N VAL A 450 -11.14 -31.53 12.76
CA VAL A 450 -11.55 -31.09 14.10
C VAL A 450 -10.96 -29.73 14.42
N PHE A 451 -9.74 -29.43 13.96
CA PHE A 451 -9.03 -28.24 14.40
C PHE A 451 -9.20 -27.03 13.49
N VAL A 452 -9.55 -27.22 12.23
CA VAL A 452 -9.65 -26.10 11.29
C VAL A 452 -10.83 -25.19 11.66
N PRO A 453 -12.03 -25.74 11.90
CA PRO A 453 -13.17 -24.90 12.26
C PRO A 453 -12.89 -23.93 13.41
N LEU A 454 -11.89 -24.21 14.23
CA LEU A 454 -11.52 -23.27 15.29
C LEU A 454 -11.01 -21.96 14.71
N ALA A 455 -10.38 -22.00 13.54
CA ALA A 455 -9.81 -20.80 12.95
C ALA A 455 -10.81 -19.97 12.15
N MET A 456 -11.88 -20.60 11.66
CA MET A 456 -12.81 -19.88 10.79
C MET A 456 -13.57 -18.79 11.51
N PHE A 457 -14.14 -19.10 12.67
CA PHE A 457 -14.96 -18.09 13.32
C PHE A 457 -14.13 -16.89 13.74
N SER A 458 -14.69 -15.71 13.56
CA SER A 458 -13.94 -14.50 13.84
C SER A 458 -14.65 -13.55 14.77
N GLY A 459 -13.89 -12.70 15.44
CA GLY A 459 -14.47 -11.78 16.40
C GLY A 459 -13.26 -11.27 17.14
N ALA A 460 -13.46 -10.70 18.32
CA ALA A 460 -12.32 -10.26 19.12
C ALA A 460 -11.32 -11.40 19.33
N ALA A 461 -11.79 -12.63 19.56
CA ALA A 461 -10.86 -13.72 19.85
C ALA A 461 -10.67 -14.67 18.67
N GLY A 462 -11.28 -14.36 17.52
CA GLY A 462 -11.14 -15.23 16.38
C GLY A 462 -9.69 -15.48 16.01
N ASN A 463 -8.85 -14.45 16.13
CA ASN A 463 -7.44 -14.64 15.77
C ASN A 463 -6.69 -15.43 16.83
N ILE A 464 -7.13 -15.37 18.09
CA ILE A 464 -6.56 -16.24 19.12
C ILE A 464 -6.85 -17.70 18.78
N TYR A 465 -8.12 -18.01 18.52
CA TYR A 465 -8.47 -19.36 18.10
C TYR A 465 -7.71 -19.77 16.85
N LYS A 466 -7.50 -18.82 15.93
CA LYS A 466 -6.79 -19.12 14.70
C LYS A 466 -5.35 -19.49 14.97
N GLN A 467 -4.67 -18.71 15.83
CA GLN A 467 -3.30 -19.04 16.20
C GLN A 467 -3.22 -20.46 16.76
N PHE A 468 -4.05 -20.76 17.76
CA PHE A 468 -4.03 -22.09 18.35
C PHE A 468 -4.26 -23.17 17.31
N ALA A 469 -5.33 -23.03 16.52
CA ALA A 469 -5.70 -24.09 15.58
C ALA A 469 -4.65 -24.29 14.50
N LEU A 470 -4.07 -23.19 14.00
CA LEU A 470 -3.10 -23.31 12.92
C LEU A 470 -1.81 -23.94 13.42
N THR A 471 -1.34 -23.55 14.61
CA THR A 471 -0.16 -24.22 15.17
C THR A 471 -0.41 -25.71 15.33
N MET A 472 -1.56 -26.08 15.90
CA MET A 472 -1.84 -27.50 16.11
C MET A 472 -1.90 -28.25 14.78
N ALA A 473 -2.60 -27.68 13.78
CA ALA A 473 -2.78 -28.38 12.52
C ALA A 473 -1.46 -28.56 11.78
N SER A 474 -0.63 -27.52 11.76
CA SER A 474 0.68 -27.65 11.13
C SER A 474 1.52 -28.72 11.80
N SER A 475 1.53 -28.73 13.14
CA SER A 475 2.31 -29.73 13.84
C SER A 475 1.81 -31.13 13.55
N ILE A 476 0.48 -31.30 13.47
CA ILE A 476 -0.08 -32.63 13.19
C ILE A 476 0.26 -33.08 11.79
N ALA A 477 0.16 -32.18 10.81
CA ALA A 477 0.50 -32.56 9.44
C ALA A 477 1.96 -32.97 9.32
N PHE A 478 2.86 -32.19 9.92
CA PHE A 478 4.28 -32.56 9.90
C PHE A 478 4.51 -33.89 10.60
N SER A 479 3.76 -34.15 11.68
CA SER A 479 3.93 -35.40 12.40
C SER A 479 3.53 -36.58 11.52
N ALA A 480 2.41 -36.45 10.79
CA ALA A 480 1.99 -37.51 9.88
C ALA A 480 3.04 -37.74 8.79
N PHE A 481 3.52 -36.66 8.18
CA PHE A 481 4.52 -36.76 7.13
C PHE A 481 5.74 -37.51 7.59
N LEU A 482 6.26 -37.16 8.77
CA LEU A 482 7.41 -37.86 9.32
C LEU A 482 7.07 -39.31 9.62
N ALA A 483 5.86 -39.56 10.10
CA ALA A 483 5.43 -40.92 10.38
C ALA A 483 5.51 -41.80 9.15
N LEU A 484 5.16 -41.26 7.98
CA LEU A 484 5.32 -42.06 6.76
C LEU A 484 6.73 -42.02 6.20
N THR A 485 7.43 -40.89 6.35
CA THR A 485 8.73 -40.73 5.70
C THR A 485 9.88 -41.33 6.51
N LEU A 486 10.12 -40.81 7.71
CA LEU A 486 11.35 -41.10 8.45
C LEU A 486 11.21 -42.22 9.46
N THR A 487 10.04 -42.37 10.08
CA THR A 487 9.86 -43.44 11.05
C THR A 487 10.05 -44.83 10.45
N PRO A 488 9.53 -45.14 9.26
CA PRO A 488 9.83 -46.45 8.67
C PRO A 488 11.32 -46.68 8.45
N ALA A 489 12.01 -45.70 7.86
CA ALA A 489 13.45 -45.84 7.65
C ALA A 489 14.17 -46.10 8.97
N LEU A 490 13.80 -45.36 10.02
CA LEU A 490 14.44 -45.57 11.32
C LEU A 490 14.17 -46.99 11.83
N CYS A 491 12.91 -47.35 12.01
CA CYS A 491 12.59 -48.67 12.54
C CYS A 491 13.13 -49.79 11.66
N ALA A 492 13.51 -49.49 10.42
CA ALA A 492 14.16 -50.50 9.59
C ALA A 492 15.65 -50.60 9.87
N THR A 493 16.34 -49.44 9.92
CA THR A 493 17.78 -49.44 10.07
C THR A 493 18.23 -49.41 11.54
N MET A 494 17.54 -48.66 12.40
CA MET A 494 17.96 -48.51 13.81
C MET A 494 17.27 -49.48 14.74
N LEU A 495 16.82 -50.62 14.24
CA LEU A 495 16.22 -51.65 15.07
C LEU A 495 16.94 -52.98 14.82
N LYS A 496 17.14 -53.74 15.88
CA LYS A 496 17.84 -55.02 15.82
C LYS A 496 16.85 -56.17 15.88
N THR A 497 17.27 -57.32 15.34
CA THR A 497 16.44 -58.51 15.35
C THR A 497 16.41 -59.12 16.74
N ILE A 498 15.23 -59.60 17.14
CA ILE A 498 15.04 -60.18 18.46
C ILE A 498 15.14 -61.70 18.36
N PRO A 499 15.76 -62.37 19.33
CA PRO A 499 15.81 -63.84 19.28
C PRO A 499 14.46 -64.45 19.60
N LYS A 500 14.42 -65.77 19.78
CA LYS A 500 13.17 -66.44 20.14
C LYS A 500 12.86 -66.20 21.62
N GLY A 501 12.81 -64.94 22.01
CA GLY A 501 12.65 -64.54 23.39
C GLY A 501 11.72 -63.35 23.55
N HIS A 502 10.65 -63.32 22.76
CA HIS A 502 9.75 -62.17 22.68
C HIS A 502 9.42 -61.56 24.04
N HIS A 503 9.45 -62.36 25.10
CA HIS A 503 9.25 -61.85 26.45
C HIS A 503 10.50 -61.92 27.30
N GLU A 504 11.07 -63.11 27.49
CA GLU A 504 12.26 -63.31 28.32
C GLU A 504 12.15 -62.53 29.62
N GLU A 505 11.18 -62.93 30.44
CA GLU A 505 10.90 -62.23 31.70
C GLU A 505 12.18 -62.00 32.49
N LYS A 506 12.54 -60.74 32.67
CA LYS A 506 13.82 -60.36 33.24
C LYS A 506 13.65 -59.82 34.65
N LYS A 507 14.71 -59.99 35.46
CA LYS A 507 14.65 -59.51 36.83
C LYS A 507 14.66 -58.00 36.88
N GLY A 508 13.59 -57.42 37.41
CA GLY A 508 13.50 -55.98 37.54
C GLY A 508 12.08 -55.53 37.81
N PHE A 509 11.94 -54.21 37.92
CA PHE A 509 10.64 -53.60 38.13
C PHE A 509 9.69 -53.92 36.99
N PHE A 510 10.23 -54.13 35.79
CA PHE A 510 9.39 -54.38 34.62
C PHE A 510 8.55 -55.64 34.79
N GLY A 511 9.05 -56.65 35.50
CA GLY A 511 8.29 -57.86 35.69
C GLY A 511 7.05 -57.64 36.52
N TRP A 512 7.21 -57.01 37.69
CA TRP A 512 6.06 -56.67 38.52
C TRP A 512 5.09 -55.79 37.75
N PHE A 513 5.61 -54.78 37.04
CA PHE A 513 4.77 -53.88 36.27
C PHE A 513 3.97 -54.67 35.26
N ASN A 514 4.62 -55.59 34.58
CA ASN A 514 3.92 -56.40 33.57
C ASN A 514 2.84 -57.27 34.17
N LYS A 515 3.12 -57.87 35.32
CA LYS A 515 2.14 -58.77 35.95
C LYS A 515 0.93 -57.98 36.43
N LYS A 516 1.17 -56.81 37.03
CA LYS A 516 0.06 -55.96 37.47
C LYS A 516 -0.79 -55.52 36.29
N PHE A 517 -0.16 -55.14 35.18
CA PHE A 517 -0.92 -54.71 34.01
C PHE A 517 -1.74 -55.85 33.45
N ASP A 518 -1.22 -57.08 33.50
CA ASP A 518 -1.99 -58.22 33.00
C ASP A 518 -3.21 -58.47 33.89
N SER A 519 -3.07 -58.27 35.20
CA SER A 519 -4.23 -58.39 36.13
C SER A 519 -5.27 -57.32 35.77
N TRP A 520 -4.84 -56.13 35.36
CA TRP A 520 -5.75 -55.00 35.00
C TRP A 520 -6.35 -55.25 33.61
N THR A 521 -5.66 -55.95 32.71
CA THR A 521 -6.17 -56.27 31.34
C THR A 521 -7.16 -57.43 31.43
N HIS A 522 -7.06 -58.29 32.46
CA HIS A 522 -7.96 -59.46 32.63
C HIS A 522 -9.16 -59.09 33.51
N GLY A 523 -9.05 -58.05 34.34
CA GLY A 523 -10.18 -57.56 35.16
C GLY A 523 -11.05 -56.66 34.32
N TYR A 524 -10.46 -55.92 33.37
CA TYR A 524 -11.18 -55.07 32.43
C TYR A 524 -11.92 -55.91 31.39
N GLU A 525 -11.29 -56.98 30.91
CA GLU A 525 -11.97 -57.91 30.01
C GLU A 525 -13.24 -58.44 30.65
N GLY A 526 -13.13 -58.90 31.90
CA GLY A 526 -14.31 -59.39 32.58
C GLY A 526 -15.42 -58.36 32.66
N ARG A 527 -15.05 -57.13 33.04
CA ARG A 527 -16.04 -56.03 33.24
C ARG A 527 -16.64 -55.62 31.89
N VAL A 528 -15.89 -55.65 30.79
CA VAL A 528 -16.41 -55.19 29.50
C VAL A 528 -17.36 -56.23 28.92
N ALA A 529 -17.10 -57.51 29.16
CA ALA A 529 -17.95 -58.56 28.66
C ALA A 529 -19.32 -58.41 29.28
N LYS A 530 -19.36 -58.06 30.56
CA LYS A 530 -20.64 -57.86 31.25
C LYS A 530 -21.41 -56.71 30.63
N VAL A 531 -20.71 -55.64 30.28
CA VAL A 531 -21.37 -54.50 29.65
C VAL A 531 -21.93 -54.88 28.29
N LEU A 532 -21.17 -55.67 27.52
CA LEU A 532 -21.66 -56.14 26.23
C LEU A 532 -22.89 -57.03 26.39
N ARG A 533 -22.89 -57.87 27.42
CA ARG A 533 -24.01 -58.76 27.66
C ARG A 533 -25.34 -58.03 27.83
N LYS A 534 -25.37 -56.94 28.61
CA LYS A 534 -26.61 -56.18 28.71
C LYS A 534 -26.38 -54.80 28.12
N THR A 535 -27.09 -54.47 27.05
CA THR A 535 -26.81 -53.21 26.37
C THR A 535 -27.94 -52.20 26.36
N PHE A 536 -28.92 -52.35 27.25
CA PHE A 536 -29.98 -51.33 27.32
C PHE A 536 -29.82 -50.43 28.53
N ARG A 537 -29.66 -51.02 29.72
CA ARG A 537 -29.36 -50.23 30.90
C ARG A 537 -28.06 -49.46 30.72
N MET A 538 -27.08 -50.06 30.03
CA MET A 538 -25.82 -49.36 29.81
C MET A 538 -25.99 -48.19 28.85
N MET A 539 -26.86 -48.34 27.85
CA MET A 539 -27.09 -47.22 26.94
C MET A 539 -27.85 -46.10 27.65
N VAL A 540 -28.80 -46.44 28.52
CA VAL A 540 -29.47 -45.38 29.27
C VAL A 540 -28.51 -44.73 30.25
N VAL A 541 -27.56 -45.50 30.80
CA VAL A 541 -26.55 -44.92 31.67
C VAL A 541 -25.67 -43.94 30.89
N TYR A 542 -25.29 -44.31 29.67
CA TYR A 542 -24.51 -43.39 28.84
C TYR A 542 -25.31 -42.13 28.54
N ILE A 543 -26.60 -42.27 28.27
CA ILE A 543 -27.43 -41.09 28.02
C ILE A 543 -27.47 -40.20 29.26
N GLY A 544 -27.62 -40.80 30.44
CA GLY A 544 -27.61 -40.03 31.66
C GLY A 544 -26.30 -39.31 31.88
N LEU A 545 -25.18 -39.99 31.64
CA LEU A 545 -23.87 -39.36 31.75
C LEU A 545 -23.76 -38.17 30.81
N ALA A 546 -24.15 -38.36 29.55
CA ALA A 546 -24.06 -37.28 28.58
C ALA A 546 -24.91 -36.08 29.00
N VAL A 547 -26.12 -36.34 29.48
CA VAL A 547 -27.01 -35.23 29.84
C VAL A 547 -26.50 -34.51 31.09
N VAL A 548 -25.99 -35.26 32.06
CA VAL A 548 -25.44 -34.62 33.26
C VAL A 548 -24.21 -33.80 32.90
N GLY A 549 -23.41 -34.29 31.95
CA GLY A 549 -22.25 -33.51 31.51
C GLY A 549 -22.64 -32.23 30.81
N VAL A 550 -23.62 -32.31 29.90
CA VAL A 550 -24.05 -31.09 29.22
C VAL A 550 -24.69 -30.11 30.20
N PHE A 551 -25.35 -30.62 31.24
CA PHE A 551 -25.89 -29.73 32.26
C PHE A 551 -24.78 -29.05 33.05
N LEU A 552 -23.84 -29.84 33.58
CA LEU A 552 -22.70 -29.26 34.30
C LEU A 552 -21.95 -28.26 33.44
N PHE A 553 -21.96 -28.44 32.12
CA PHE A 553 -21.30 -27.50 31.23
C PHE A 553 -22.11 -26.22 31.08
N MET A 554 -23.43 -26.34 30.93
CA MET A 554 -24.26 -25.16 30.75
C MET A 554 -24.26 -24.27 31.98
N ARG A 555 -24.04 -24.85 33.16
CA ARG A 555 -24.00 -24.09 34.40
C ARG A 555 -22.54 -23.85 34.76
N LEU A 556 -21.93 -22.89 34.07
CA LEU A 556 -20.53 -22.56 34.24
C LEU A 556 -20.33 -21.11 33.85
N PRO A 557 -19.60 -20.34 34.66
CA PRO A 557 -19.45 -18.91 34.37
C PRO A 557 -18.70 -18.68 33.08
N THR A 558 -19.20 -17.76 32.27
CA THR A 558 -18.52 -17.38 31.04
C THR A 558 -17.43 -16.35 31.35
N SER A 559 -16.47 -16.24 30.43
CA SER A 559 -15.33 -15.34 30.60
C SER A 559 -14.61 -15.26 29.25
N PHE A 560 -13.54 -14.47 29.22
CA PHE A 560 -12.66 -14.40 28.06
C PHE A 560 -11.24 -14.81 28.38
N LEU A 561 -10.63 -14.23 29.41
CA LEU A 561 -9.28 -14.56 29.82
C LEU A 561 -9.16 -14.30 31.32
N PRO A 562 -8.60 -15.23 32.07
CA PRO A 562 -8.45 -15.01 33.51
C PRO A 562 -7.52 -13.82 33.78
N THR A 563 -7.86 -13.05 34.81
CA THR A 563 -7.08 -11.86 35.15
C THR A 563 -5.75 -12.30 35.76
N GLU A 564 -4.66 -12.00 35.06
CA GLU A 564 -3.33 -12.37 35.51
C GLU A 564 -2.82 -11.41 36.56
N ASP A 565 -1.79 -11.85 37.29
CA ASP A 565 -1.09 -11.02 38.27
C ASP A 565 0.20 -10.56 37.59
N GLN A 566 0.09 -9.49 36.82
CA GLN A 566 1.19 -9.03 35.98
C GLN A 566 2.30 -8.33 36.75
N GLY A 567 2.19 -8.21 38.07
CA GLY A 567 3.25 -7.67 38.88
C GLY A 567 3.16 -6.20 39.21
N PHE A 568 2.02 -5.55 38.98
CA PHE A 568 1.87 -4.16 39.33
C PHE A 568 0.40 -3.83 39.55
N VAL A 569 0.17 -2.72 40.25
CA VAL A 569 -1.17 -2.27 40.62
C VAL A 569 -1.29 -0.79 40.25
N MET A 570 -2.44 -0.41 39.73
CA MET A 570 -2.65 0.94 39.21
C MET A 570 -3.58 1.71 40.15
N VAL A 571 -3.10 2.77 40.78
CA VAL A 571 -3.92 3.56 41.69
C VAL A 571 -4.42 4.83 40.99
N SER A 572 -5.61 5.30 41.33
CA SER A 572 -6.10 6.56 40.77
C SER A 572 -6.59 7.46 41.89
N VAL A 573 -6.20 8.73 41.88
CA VAL A 573 -6.68 9.66 42.89
C VAL A 573 -7.70 10.60 42.24
N GLN A 574 -8.62 11.14 43.04
CA GLN A 574 -9.67 12.01 42.50
C GLN A 574 -10.18 12.89 43.64
N LEU A 575 -9.98 14.18 43.54
CA LEU A 575 -10.41 15.10 44.58
C LEU A 575 -11.66 15.85 44.16
N PRO A 576 -12.35 16.48 45.11
CA PRO A 576 -13.58 17.21 44.77
C PRO A 576 -13.30 18.31 43.75
N ALA A 577 -14.36 18.71 43.06
CA ALA A 577 -14.24 19.70 42.00
C ALA A 577 -13.73 21.02 42.55
N GLY A 578 -12.82 21.66 41.82
CA GLY A 578 -12.22 22.89 42.25
C GLY A 578 -10.97 22.74 43.08
N ALA A 579 -10.51 21.52 43.34
CA ALA A 579 -9.29 21.33 44.09
C ALA A 579 -8.09 21.91 43.33
N THR A 580 -7.03 22.17 44.07
CA THR A 580 -5.79 22.71 43.50
C THR A 580 -4.70 21.64 43.54
N LYS A 581 -3.56 21.97 42.93
CA LYS A 581 -2.48 21.01 42.83
C LYS A 581 -1.84 20.73 44.19
N GLU A 582 -1.89 21.69 45.11
CA GLU A 582 -1.32 21.47 46.44
C GLU A 582 -2.07 20.38 47.19
N ARG A 583 -3.41 20.40 47.11
CA ARG A 583 -4.21 19.41 47.83
C ARG A 583 -4.05 18.03 47.20
N THR A 584 -4.04 17.96 45.87
CA THR A 584 -3.76 16.71 45.20
C THR A 584 -2.39 16.17 45.59
N ASP A 585 -1.41 17.06 45.73
CA ASP A 585 -0.07 16.61 46.10
C ASP A 585 -0.03 16.09 47.52
N ALA A 586 -0.78 16.72 48.44
CA ALA A 586 -0.84 16.21 49.80
C ALA A 586 -1.49 14.84 49.85
N THR A 587 -2.58 14.66 49.11
CA THR A 587 -3.23 13.35 49.08
C THR A 587 -2.34 12.30 48.44
N LEU A 588 -1.56 12.67 47.43
CA LEU A 588 -0.62 11.73 46.83
C LEU A 588 0.50 11.38 47.79
N ALA A 589 0.94 12.32 48.62
CA ALA A 589 1.94 11.99 49.63
C ALA A 589 1.38 11.01 50.65
N GLN A 590 0.12 11.19 51.04
CA GLN A 590 -0.53 10.21 51.90
C GLN A 590 -0.57 8.84 51.23
N VAL A 591 -0.97 8.79 49.97
CA VAL A 591 -1.04 7.52 49.24
C VAL A 591 0.33 6.87 49.18
N THR A 592 1.39 7.66 49.02
CA THR A 592 2.74 7.11 48.93
C THR A 592 3.20 6.49 50.24
N GLN A 593 2.89 7.12 51.37
CA GLN A 593 3.23 6.53 52.66
C GLN A 593 2.50 5.23 52.92
N LEU A 594 1.23 5.16 52.55
CA LEU A 594 0.47 3.93 52.71
C LEU A 594 1.03 2.80 51.87
N ALA A 595 1.47 3.10 50.65
CA ALA A 595 2.04 2.07 49.77
C ALA A 595 3.34 1.53 50.32
N LYS A 596 4.14 2.38 50.93
CA LYS A 596 5.41 1.95 51.50
C LYS A 596 5.20 0.97 52.62
N SER A 597 4.17 1.17 53.44
CA SER A 597 3.93 0.29 54.57
C SER A 597 3.64 -1.13 54.13
N ILE A 598 2.92 -1.29 53.02
CA ILE A 598 2.68 -2.64 52.50
C ILE A 598 4.03 -3.22 52.12
N PRO A 599 4.32 -4.46 52.55
CA PRO A 599 5.63 -5.05 52.31
C PRO A 599 5.77 -5.68 50.94
N GLU A 600 4.69 -5.78 50.18
CA GLU A 600 4.71 -6.41 48.87
C GLU A 600 4.86 -5.42 47.73
N ILE A 601 5.10 -4.15 48.02
CA ILE A 601 5.24 -3.12 47.00
C ILE A 601 6.66 -2.57 47.07
N GLU A 602 7.35 -2.57 45.93
CA GLU A 602 8.75 -2.15 45.87
C GLU A 602 8.87 -0.65 45.57
N ASN A 603 8.35 -0.23 44.43
CA ASN A 603 8.41 1.16 43.99
C ASN A 603 7.01 1.71 43.82
N ILE A 604 6.93 3.02 43.60
CA ILE A 604 5.67 3.67 43.27
C ILE A 604 5.97 4.95 42.49
N ILE A 605 5.29 5.13 41.36
CA ILE A 605 5.44 6.31 40.52
C ILE A 605 4.09 7.02 40.47
N THR A 606 4.05 8.26 40.95
CA THR A 606 2.83 9.04 41.00
C THR A 606 2.98 10.25 40.08
N VAL A 607 2.04 10.40 39.15
CA VAL A 607 2.00 11.57 38.26
C VAL A 607 0.80 12.42 38.67
N SER A 608 1.01 13.73 38.72
CA SER A 608 0.01 14.67 39.19
C SER A 608 -0.54 15.47 38.04
N GLY A 609 -1.85 15.67 38.03
CA GLY A 609 -2.51 16.45 37.01
C GLY A 609 -2.88 15.71 35.75
N PHE A 610 -2.74 14.38 35.75
CA PHE A 610 -3.08 13.56 34.59
C PHE A 610 -3.71 12.28 35.08
N SER A 611 -4.67 11.77 34.32
CA SER A 611 -5.33 10.52 34.66
C SER A 611 -5.96 9.95 33.40
N PHE A 612 -6.03 8.62 33.34
CA PHE A 612 -6.70 7.97 32.22
C PHE A 612 -8.18 8.30 32.15
N SER A 613 -8.74 8.87 33.22
CA SER A 613 -10.11 9.38 33.18
C SER A 613 -10.15 10.77 32.55
N GLY A 614 -9.44 11.72 33.14
CA GLY A 614 -9.38 13.07 32.60
C GLY A 614 -8.26 13.85 33.27
N SER A 615 -7.85 14.93 32.63
CA SER A 615 -6.75 15.75 33.09
C SER A 615 -7.27 16.97 33.84
N GLY A 616 -6.72 17.20 35.03
CA GLY A 616 -7.10 18.36 35.82
C GLY A 616 -6.23 18.44 37.05
N GLN A 617 -6.31 19.56 37.77
CA GLN A 617 -5.50 19.74 38.96
C GLN A 617 -5.96 18.82 40.07
N ASN A 618 -7.25 18.48 40.11
CA ASN A 618 -7.78 17.66 41.19
C ASN A 618 -7.59 16.16 40.96
N MET A 619 -7.03 15.76 39.83
CA MET A 619 -6.84 14.36 39.51
C MET A 619 -5.37 13.99 39.49
N ALA A 620 -5.11 12.69 39.62
CA ALA A 620 -3.75 12.15 39.64
C ALA A 620 -3.86 10.64 39.50
N MET A 621 -2.72 9.97 39.59
CA MET A 621 -2.69 8.51 39.52
C MET A 621 -1.27 8.04 39.72
N GLY A 622 -1.13 6.77 40.10
CA GLY A 622 0.18 6.20 40.39
C GLY A 622 0.31 4.80 39.84
N PHE A 623 1.53 4.27 39.96
CA PHE A 623 1.86 2.91 39.53
C PHE A 623 2.63 2.24 40.65
N ALA A 624 2.05 1.19 41.23
CA ALA A 624 2.67 0.45 42.32
C ALA A 624 3.29 -0.83 41.76
N ILE A 625 4.61 -0.92 41.83
CA ILE A 625 5.33 -2.07 41.31
C ILE A 625 5.62 -3.03 42.45
N LEU A 626 5.21 -4.28 42.28
CA LEU A 626 5.29 -5.27 43.35
C LEU A 626 6.60 -6.05 43.26
N LYS A 627 6.92 -6.73 44.36
CA LYS A 627 8.13 -7.53 44.43
C LYS A 627 8.07 -8.68 43.41
N ASP A 628 9.20 -9.35 43.25
CA ASP A 628 9.27 -10.47 42.34
C ASP A 628 8.33 -11.59 42.77
N TRP A 629 7.86 -12.37 41.80
CA TRP A 629 6.93 -13.45 42.11
C TRP A 629 7.52 -14.43 43.12
N ASN A 630 8.85 -14.59 43.11
CA ASN A 630 9.49 -15.54 44.02
C ASN A 630 9.28 -15.15 45.49
N GLU A 631 9.05 -13.87 45.77
CA GLU A 631 8.85 -13.42 47.13
C GLU A 631 7.38 -13.24 47.50
N ARG A 632 6.48 -13.27 46.53
CA ARG A 632 5.06 -13.12 46.80
C ARG A 632 4.40 -14.50 46.84
N THR A 633 4.77 -15.26 47.87
CA THR A 633 4.26 -16.61 48.10
C THR A 633 3.51 -16.61 49.43
N ALA A 634 2.21 -16.37 49.37
CA ALA A 634 1.36 -16.37 50.55
C ALA A 634 -0.07 -16.13 50.09
N SER A 635 -1.02 -16.26 51.02
CA SER A 635 -2.42 -16.09 50.68
C SER A 635 -2.75 -14.62 50.40
N GLY A 636 -2.10 -13.71 51.11
CA GLY A 636 -2.35 -12.30 50.92
C GLY A 636 -1.21 -11.59 50.23
N SER A 637 -0.63 -12.21 49.19
CA SER A 637 0.49 -11.62 48.49
C SER A 637 0.30 -11.57 46.98
N ASP A 638 -0.85 -11.94 46.46
CA ASP A 638 -1.11 -11.76 45.04
C ASP A 638 -1.41 -10.30 44.73
N ALA A 639 -1.78 -10.02 43.48
CA ALA A 639 -2.01 -8.64 43.09
C ALA A 639 -3.35 -8.14 43.59
N VAL A 640 -4.40 -8.98 43.55
CA VAL A 640 -5.71 -8.51 43.99
C VAL A 640 -5.74 -8.31 45.50
N ALA A 641 -5.00 -9.12 46.25
CA ALA A 641 -4.92 -8.90 47.69
C ALA A 641 -4.27 -7.57 48.00
N VAL A 642 -3.17 -7.25 47.30
CA VAL A 642 -2.50 -5.97 47.52
C VAL A 642 -3.40 -4.81 47.11
N ALA A 643 -4.13 -4.97 46.02
CA ALA A 643 -5.06 -3.93 45.59
C ALA A 643 -6.12 -3.68 46.64
N GLY A 644 -6.72 -4.74 47.18
CA GLY A 644 -7.72 -4.58 48.21
C GLY A 644 -7.16 -3.97 49.48
N LYS A 645 -5.95 -4.35 49.85
CA LYS A 645 -5.32 -3.82 51.04
C LYS A 645 -5.14 -2.34 50.89
N LEU A 646 -4.55 -1.91 49.79
CA LEU A 646 -4.31 -0.50 49.57
C LEU A 646 -5.60 0.29 49.47
N THR A 647 -6.62 -0.27 48.84
CA THR A 647 -7.90 0.40 48.72
C THR A 647 -8.55 0.62 50.07
N GLY A 648 -8.44 -0.37 50.96
CA GLY A 648 -9.02 -0.25 52.29
C GLY A 648 -8.26 0.73 53.15
N MET A 649 -6.93 0.75 53.04
CA MET A 649 -6.14 1.75 53.75
C MET A 649 -6.47 3.16 53.29
N MET A 650 -6.64 3.34 51.97
CA MET A 650 -7.05 4.63 51.44
C MET A 650 -8.39 5.06 52.01
N MET A 651 -9.40 4.19 51.92
CA MET A 651 -10.70 4.51 52.48
C MET A 651 -10.58 4.89 53.95
N GLY A 652 -9.64 4.28 54.67
CA GLY A 652 -9.49 4.58 56.08
C GLY A 652 -8.79 5.89 56.38
N THR A 653 -7.83 6.29 55.55
CA THR A 653 -6.98 7.43 55.89
C THR A 653 -7.12 8.63 54.98
N LEU A 654 -7.45 8.44 53.69
CA LEU A 654 -7.52 9.56 52.78
C LEU A 654 -8.59 10.55 53.18
N LYS A 655 -8.19 11.76 53.60
CA LYS A 655 -9.12 12.77 54.08
C LYS A 655 -9.66 13.64 52.95
N ASP A 656 -8.79 14.10 52.06
CA ASP A 656 -9.18 14.94 50.93
C ASP A 656 -9.25 14.07 49.69
N GLY A 657 -10.46 13.86 49.17
CA GLY A 657 -10.62 13.04 47.99
C GLY A 657 -10.57 11.56 48.31
N PHE A 658 -10.48 10.77 47.25
CA PHE A 658 -10.48 9.32 47.37
C PHE A 658 -9.65 8.72 46.26
N GLY A 659 -9.13 7.53 46.52
CA GLY A 659 -8.35 6.81 45.52
C GLY A 659 -8.76 5.35 45.45
N ILE A 660 -8.63 4.74 44.27
CA ILE A 660 -8.99 3.34 44.09
C ILE A 660 -7.82 2.58 43.49
N ALA A 661 -7.52 1.39 44.01
CA ALA A 661 -6.45 0.58 43.45
C ALA A 661 -7.03 -0.60 42.71
N VAL A 662 -6.60 -0.80 41.47
CA VAL A 662 -7.13 -1.88 40.64
C VAL A 662 -6.04 -2.65 39.91
N VAL A 663 -6.33 -3.88 39.53
CA VAL A 663 -5.38 -4.66 38.75
C VAL A 663 -5.87 -4.67 37.31
N PRO A 664 -5.09 -4.15 36.36
CA PRO A 664 -5.55 -4.05 34.98
C PRO A 664 -5.74 -5.42 34.36
N PRO A 665 -6.59 -5.55 33.35
CA PRO A 665 -6.81 -6.83 32.72
C PRO A 665 -5.68 -7.18 31.76
N PRO A 666 -5.56 -8.45 31.37
CA PRO A 666 -4.49 -8.83 30.44
C PRO A 666 -4.64 -8.13 29.10
N ILE A 667 -5.79 -8.27 28.47
CA ILE A 667 -6.12 -7.59 27.22
C ILE A 667 -7.06 -6.44 27.54
N LEU A 668 -6.71 -5.22 27.14
CA LEU A 668 -7.57 -4.08 27.42
C LEU A 668 -8.88 -4.15 26.65
N GLU A 669 -8.84 -4.63 25.42
CA GLU A 669 -10.04 -4.70 24.59
C GLU A 669 -11.11 -5.63 25.14
N LEU A 670 -10.74 -6.81 25.59
CA LEU A 670 -11.69 -7.71 26.22
C LEU A 670 -12.14 -7.01 27.48
N GLY A 671 -11.21 -6.44 28.20
CA GLY A 671 -11.56 -5.65 29.38
C GLY A 671 -11.84 -6.36 30.68
N ASN A 672 -11.97 -5.58 31.75
CA ASN A 672 -12.33 -6.16 33.05
C ASN A 672 -13.73 -6.75 32.94
N GLY A 673 -14.60 -6.09 32.20
CA GLY A 673 -15.97 -6.54 32.06
C GLY A 673 -16.89 -5.59 32.77
N SER A 674 -17.58 -4.75 31.99
CA SER A 674 -18.54 -3.82 32.58
C SER A 674 -19.82 -4.29 31.94
N GLY A 675 -20.92 -4.25 32.67
CA GLY A 675 -22.15 -4.80 32.13
C GLY A 675 -22.55 -4.10 30.86
N LEU A 676 -22.46 -2.78 30.86
CA LEU A 676 -22.80 -2.03 29.67
C LEU A 676 -22.04 -0.73 29.67
N SER A 677 -21.87 -0.14 28.49
CA SER A 677 -21.24 1.15 28.42
C SER A 677 -22.15 1.95 27.51
N ILE A 678 -23.01 2.79 28.06
CA ILE A 678 -23.98 3.51 27.26
C ILE A 678 -23.59 4.94 27.01
N ASN A 679 -23.79 5.43 25.79
CA ASN A 679 -23.55 6.83 25.50
C ASN A 679 -24.91 7.38 25.13
N LEU A 680 -25.34 8.44 25.78
CA LEU A 680 -26.65 9.00 25.51
C LEU A 680 -26.44 10.20 24.63
N GLN A 681 -27.10 10.27 23.49
CA GLN A 681 -26.85 11.34 22.55
C GLN A 681 -27.95 12.36 22.46
N ASP A 682 -27.58 13.64 22.55
CA ASP A 682 -28.55 14.71 22.42
C ASP A 682 -28.64 14.94 20.93
N ARG A 683 -29.70 14.44 20.29
CA ARG A 683 -29.78 14.52 18.84
C ARG A 683 -30.17 15.91 18.35
N ASN A 684 -31.01 16.63 19.09
CA ASN A 684 -31.55 17.91 18.64
C ASN A 684 -30.85 19.11 19.28
N ASN A 685 -29.77 18.89 20.03
CA ASN A 685 -29.02 19.96 20.66
C ASN A 685 -29.92 20.80 21.57
N THR A 686 -30.55 20.11 22.53
CA THR A 686 -31.36 20.81 23.52
C THR A 686 -30.48 21.56 24.51
N GLY A 687 -29.41 20.94 24.96
CA GLY A 687 -28.49 21.59 25.87
C GLY A 687 -27.81 20.57 26.77
N HIS A 688 -27.01 21.09 27.69
CA HIS A 688 -26.33 20.23 28.65
C HIS A 688 -27.24 19.84 29.80
N THR A 689 -28.02 20.79 30.32
CA THR A 689 -28.88 20.51 31.46
C THR A 689 -29.96 19.49 31.13
N ALA A 690 -30.51 19.51 29.91
CA ALA A 690 -31.50 18.52 29.51
C ALA A 690 -30.89 17.13 29.39
N LEU A 691 -29.70 17.03 28.78
CA LEU A 691 -29.05 15.74 28.62
C LEU A 691 -28.63 15.18 29.95
N LEU A 692 -28.16 16.02 30.86
CA LEU A 692 -27.81 15.55 32.21
C LEU A 692 -29.05 15.06 32.93
N ALA A 693 -30.17 15.77 32.79
CA ALA A 693 -31.42 15.37 33.41
C ALA A 693 -31.94 14.05 32.86
N LYS A 694 -31.81 13.86 31.55
CA LYS A 694 -32.27 12.62 30.93
C LYS A 694 -31.36 11.47 31.31
N ARG A 695 -30.06 11.70 31.47
CA ARG A 695 -29.15 10.67 31.95
C ARG A 695 -29.51 10.25 33.36
N ASN A 696 -29.91 11.19 34.20
CA ASN A 696 -30.33 10.84 35.55
C ASN A 696 -31.63 10.03 35.53
N GLU A 697 -32.55 10.38 34.64
CA GLU A 697 -33.75 9.57 34.46
C GLU A 697 -33.39 8.14 34.09
N LEU A 698 -32.48 7.97 33.14
CA LEU A 698 -32.08 6.64 32.71
C LEU A 698 -31.40 5.89 33.84
N ILE A 699 -30.60 6.58 34.65
CA ILE A 699 -29.96 5.93 35.79
C ILE A 699 -31.03 5.45 36.79
N GLN A 700 -32.03 6.30 37.05
CA GLN A 700 -33.11 5.90 37.94
C GLN A 700 -33.82 4.67 37.42
N LYS A 701 -34.13 4.64 36.13
CA LYS A 701 -34.81 3.48 35.57
C LYS A 701 -33.93 2.23 35.63
N MET A 702 -32.65 2.37 35.31
CA MET A 702 -31.73 1.24 35.43
C MET A 702 -31.74 0.69 36.84
N ARG A 703 -31.76 1.56 37.85
CA ARG A 703 -31.72 1.10 39.23
C ARG A 703 -33.06 0.54 39.69
N ALA A 704 -34.17 1.01 39.11
CA ALA A 704 -35.49 0.60 39.57
C ALA A 704 -36.06 -0.58 38.81
N SER A 705 -35.49 -0.95 37.66
CA SER A 705 -36.04 -2.06 36.88
C SER A 705 -35.61 -3.41 37.42
N GLY A 706 -34.52 -3.48 38.18
CA GLY A 706 -34.08 -4.72 38.78
C GLY A 706 -33.16 -5.57 37.92
N LEU A 707 -33.07 -5.27 36.63
CA LEU A 707 -32.18 -6.05 35.76
C LEU A 707 -30.72 -5.78 36.04
N PHE A 708 -30.40 -4.70 36.75
CA PHE A 708 -29.03 -4.36 37.12
C PHE A 708 -28.92 -4.27 38.63
N ASP A 709 -27.82 -4.76 39.17
CA ASP A 709 -27.54 -4.55 40.59
C ASP A 709 -27.29 -3.08 40.82
N PRO A 710 -28.16 -2.38 41.58
CA PRO A 710 -28.09 -0.92 41.61
C PRO A 710 -26.77 -0.36 42.12
N SER A 711 -25.93 -1.13 42.80
CA SER A 711 -24.65 -0.61 43.22
C SER A 711 -23.84 -0.14 42.03
N THR A 712 -23.78 -0.95 40.99
CA THR A 712 -22.98 -0.63 39.80
C THR A 712 -23.38 0.56 38.93
N VAL A 713 -24.67 0.81 38.73
CA VAL A 713 -25.08 1.86 37.82
C VAL A 713 -24.52 3.18 38.31
N ARG A 714 -23.91 3.95 37.42
CA ARG A 714 -23.27 5.20 37.82
C ARG A 714 -22.85 6.05 36.62
N ALA A 715 -22.84 7.37 36.78
CA ALA A 715 -22.40 8.23 35.70
C ALA A 715 -20.93 7.96 35.37
N GLY A 716 -20.53 8.40 34.18
CA GLY A 716 -19.21 8.07 33.67
C GLY A 716 -18.13 9.08 33.95
N GLY A 717 -18.36 10.34 33.58
CA GLY A 717 -17.35 11.37 33.68
C GLY A 717 -17.42 12.16 34.97
N LEU A 718 -16.75 13.31 34.96
CA LEU A 718 -16.70 14.18 36.13
C LEU A 718 -18.07 14.81 36.37
N GLU A 719 -18.15 15.65 37.39
CA GLU A 719 -19.36 16.37 37.72
C GLU A 719 -19.14 17.87 37.56
N ASP A 720 -20.23 18.62 37.65
CA ASP A 720 -20.18 20.05 37.43
C ASP A 720 -19.42 20.76 38.56
N SER A 721 -18.60 21.73 38.18
CA SER A 721 -17.85 22.55 39.11
C SER A 721 -18.31 24.00 38.99
N PRO A 722 -18.13 24.79 40.04
CA PRO A 722 -18.53 26.21 39.98
C PRO A 722 -17.64 26.98 39.02
N GLN A 723 -18.24 27.97 38.36
CA GLN A 723 -17.53 28.79 37.38
C GLN A 723 -17.99 30.23 37.51
N LEU A 724 -17.12 31.13 37.06
CA LEU A 724 -17.43 32.56 37.04
C LEU A 724 -17.95 32.94 35.66
N LYS A 725 -19.05 33.69 35.63
CA LYS A 725 -19.73 34.05 34.40
C LYS A 725 -19.83 35.57 34.32
N ILE A 726 -19.28 36.15 33.26
CA ILE A 726 -19.17 37.60 33.15
C ILE A 726 -20.48 38.19 32.64
N ASP A 727 -20.95 37.74 31.48
CA ASP A 727 -22.22 38.19 30.91
C ASP A 727 -22.21 39.70 30.67
N ILE A 728 -21.36 40.10 29.73
CA ILE A 728 -21.22 41.51 29.34
C ILE A 728 -22.58 42.09 28.96
N ASN A 729 -22.76 43.38 29.23
CA ASN A 729 -23.99 44.10 28.88
C ASN A 729 -23.63 45.06 27.75
N ARG A 730 -24.00 44.69 26.53
CA ARG A 730 -23.60 45.48 25.36
C ARG A 730 -24.32 46.81 25.30
N ALA A 731 -25.54 46.90 25.84
CA ALA A 731 -26.27 48.16 25.82
C ALA A 731 -25.62 49.17 26.76
N ALA A 732 -25.24 48.74 27.96
CA ALA A 732 -24.57 49.65 28.90
C ALA A 732 -23.12 49.87 28.54
N ALA A 733 -22.47 48.91 27.88
CA ALA A 733 -21.13 49.13 27.36
C ALA A 733 -21.11 50.39 26.49
N ALA A 734 -21.93 50.40 25.45
CA ALA A 734 -22.23 51.66 24.78
C ALA A 734 -22.94 52.59 25.75
N ALA A 735 -22.90 53.88 25.44
CA ALA A 735 -23.33 54.97 26.32
C ALA A 735 -22.24 55.31 27.33
N GLN A 736 -21.13 54.57 27.33
CA GLN A 736 -19.94 54.95 28.10
C GLN A 736 -18.68 54.97 27.27
N GLY A 737 -18.74 54.55 26.01
CA GLY A 737 -17.57 54.54 25.16
C GLY A 737 -16.73 53.28 25.24
N VAL A 738 -17.21 52.25 25.93
CA VAL A 738 -16.46 51.01 26.11
C VAL A 738 -16.78 50.11 24.93
N SER A 739 -15.85 50.05 23.96
CA SER A 739 -16.01 49.15 22.84
C SER A 739 -15.86 47.70 23.30
N PHE A 740 -16.40 46.78 22.50
CA PHE A 740 -16.34 45.38 22.86
C PHE A 740 -14.94 44.80 22.69
N ALA A 741 -14.14 45.38 21.80
CA ALA A 741 -12.77 44.89 21.62
C ALA A 741 -11.95 45.12 22.89
N ASP A 742 -12.16 46.25 23.56
CA ASP A 742 -11.43 46.51 24.80
C ASP A 742 -11.82 45.51 25.88
N ILE A 743 -13.11 45.22 26.01
CA ILE A 743 -13.56 44.20 26.96
C ILE A 743 -12.91 42.86 26.65
N ARG A 744 -12.93 42.47 25.38
CA ARG A 744 -12.33 41.21 24.98
C ARG A 744 -10.85 41.16 25.37
N THR A 745 -10.12 42.24 25.08
CA THR A 745 -8.68 42.24 25.37
C THR A 745 -8.43 42.17 26.86
N ALA A 746 -9.15 42.98 27.65
CA ALA A 746 -8.95 42.96 29.09
C ALA A 746 -9.22 41.57 29.67
N LEU A 747 -10.33 40.94 29.30
CA LEU A 747 -10.68 39.65 29.88
C LEU A 747 -9.63 38.60 29.60
N ALA A 748 -9.21 38.49 28.35
CA ALA A 748 -8.21 37.49 27.99
C ALA A 748 -6.88 37.73 28.67
N SER A 749 -6.45 38.98 28.74
CA SER A 749 -5.15 39.30 29.33
C SER A 749 -4.97 39.02 30.81
N ALA A 750 -5.99 39.26 31.61
CA ALA A 750 -5.84 39.13 33.06
C ALA A 750 -5.48 37.75 33.61
N LEU A 751 -6.12 36.70 33.11
CA LEU A 751 -5.86 35.37 33.66
C LEU A 751 -5.22 34.40 32.69
N SER A 752 -4.70 34.85 31.56
CA SER A 752 -4.19 33.92 30.56
C SER A 752 -2.78 34.18 30.07
N SER A 753 -2.11 33.14 29.56
CA SER A 753 -0.72 33.28 29.14
C SER A 753 -0.47 33.47 27.67
N SER A 754 -0.40 34.71 27.20
CA SER A 754 -0.03 34.94 25.79
C SER A 754 1.33 34.40 25.34
N TYR A 755 1.47 34.03 24.07
CA TYR A 755 2.75 33.56 23.53
C TYR A 755 3.19 34.64 22.57
N VAL A 756 4.25 35.38 22.89
CA VAL A 756 4.64 36.52 22.05
C VAL A 756 5.69 36.35 20.97
N SER A 757 6.82 35.72 21.29
CA SER A 757 7.92 35.63 20.33
C SER A 757 8.88 34.51 20.70
N ASP A 758 9.84 34.21 19.85
CA ASP A 758 10.85 33.20 20.18
C ASP A 758 12.21 33.82 20.48
N PHE A 759 13.07 33.12 21.22
CA PHE A 759 14.40 33.62 21.52
C PHE A 759 15.37 32.45 21.52
N PRO A 760 16.65 32.69 21.27
CA PRO A 760 17.63 31.60 21.25
C PRO A 760 18.16 31.25 22.61
N ASN A 761 17.93 30.04 23.12
CA ASN A 761 18.49 29.68 24.40
C ASN A 761 19.46 28.60 24.11
N GLN A 762 20.75 28.85 24.30
CA GLN A 762 21.73 27.78 24.16
C GLN A 762 21.65 27.00 22.86
N GLY A 763 21.45 27.67 21.74
CA GLY A 763 21.33 26.98 20.46
C GLY A 763 19.98 26.47 20.01
N ARG A 764 18.93 26.74 20.77
CA ARG A 764 17.58 26.33 20.36
C ARG A 764 16.63 27.51 20.46
N LEU A 765 15.66 27.58 19.58
CA LEU A 765 14.67 28.64 19.67
C LEU A 765 13.53 28.20 20.58
N GLN A 766 13.27 28.97 21.63
CA GLN A 766 12.24 28.63 22.59
C GLN A 766 11.33 29.84 22.81
N ARG A 767 10.23 29.60 23.50
CA ARG A 767 9.13 30.55 23.50
C ARG A 767 9.32 31.66 24.52
N VAL A 768 8.64 32.78 24.29
CA VAL A 768 8.58 33.90 25.21
C VAL A 768 7.10 34.15 25.51
N MET A 769 6.70 33.95 26.75
CA MET A 769 5.30 34.00 27.15
C MET A 769 5.07 35.07 28.21
N VAL A 770 3.98 35.81 28.06
CA VAL A 770 3.59 36.86 28.99
C VAL A 770 2.37 36.40 29.77
N GLN A 771 2.33 36.74 31.05
CA GLN A 771 1.20 36.39 31.91
C GLN A 771 1.30 37.20 33.20
N ALA A 772 0.15 37.44 33.82
CA ALA A 772 0.13 38.16 35.08
C ALA A 772 0.76 37.31 36.17
N ASP A 773 1.46 37.97 37.10
CA ASP A 773 2.12 37.23 38.15
C ASP A 773 1.10 36.48 39.00
N GLY A 774 1.60 35.52 39.77
CA GLY A 774 0.76 34.65 40.56
C GLY A 774 -0.28 35.35 41.40
N ASP A 775 0.16 36.27 42.26
CA ASP A 775 -0.72 36.89 43.25
C ASP A 775 -1.63 37.96 42.67
N ALA A 776 -1.72 38.09 41.35
CA ALA A 776 -2.67 38.99 40.71
C ALA A 776 -3.79 38.25 40.02
N ARG A 777 -3.77 36.92 40.02
CA ARG A 777 -4.76 36.12 39.33
C ARG A 777 -5.15 34.92 40.18
N MET A 778 -5.38 35.14 41.47
CA MET A 778 -5.70 34.05 42.39
C MET A 778 -7.12 34.05 42.90
N GLN A 779 -7.75 35.21 43.07
CA GLN A 779 -9.07 35.32 43.65
C GLN A 779 -10.04 35.97 42.68
N PRO A 780 -11.35 35.80 42.89
CA PRO A 780 -12.32 36.34 41.92
C PRO A 780 -12.39 37.85 41.88
N ALA A 781 -11.87 38.55 42.90
CA ALA A 781 -11.78 40.01 42.80
C ALA A 781 -10.90 40.42 41.63
N ASP A 782 -9.91 39.58 41.28
CA ASP A 782 -9.05 39.86 40.14
C ASP A 782 -9.83 39.98 38.84
N ILE A 783 -11.06 39.48 38.80
CA ILE A 783 -11.97 39.71 37.68
C ILE A 783 -13.01 40.76 38.04
N LEU A 784 -13.47 40.78 39.28
CA LEU A 784 -14.50 41.72 39.68
C LEU A 784 -14.04 43.18 39.60
N ASN A 785 -12.74 43.43 39.52
CA ASN A 785 -12.21 44.78 39.55
C ASN A 785 -11.34 45.06 38.33
N LEU A 786 -11.86 44.77 37.13
CA LEU A 786 -11.06 44.90 35.92
C LEU A 786 -10.90 46.35 35.47
N THR A 787 -12.01 47.09 35.36
CA THR A 787 -11.99 48.50 34.97
C THR A 787 -11.38 48.68 33.57
N VAL A 788 -12.10 48.17 32.59
CA VAL A 788 -11.77 48.36 31.18
C VAL A 788 -11.69 49.85 30.86
N PRO A 789 -10.86 50.26 29.90
CA PRO A 789 -10.81 51.68 29.50
C PRO A 789 -12.03 52.05 28.67
N ASN A 790 -12.09 53.31 28.26
CA ASN A 790 -13.20 53.81 27.44
C ASN A 790 -12.70 54.70 26.30
N SER A 791 -13.62 55.40 25.64
CA SER A 791 -13.28 56.19 24.46
C SER A 791 -12.08 57.09 24.70
N SER A 792 -12.18 57.98 25.68
CA SER A 792 -11.17 59.01 25.91
C SER A 792 -10.14 58.61 26.98
N GLY A 793 -9.85 57.32 27.11
CA GLY A 793 -8.82 56.85 28.01
C GLY A 793 -9.26 56.59 29.43
N ILE A 794 -10.19 57.37 29.96
CA ILE A 794 -10.64 57.17 31.35
C ILE A 794 -11.18 55.77 31.51
N ALA A 795 -10.68 55.06 32.52
CA ALA A 795 -11.06 53.66 32.74
C ALA A 795 -12.39 53.56 33.47
N VAL A 796 -13.26 52.69 32.98
CA VAL A 796 -14.58 52.47 33.54
C VAL A 796 -14.58 51.14 34.28
N PRO A 797 -15.13 51.06 35.49
CA PRO A 797 -15.17 49.78 36.19
C PRO A 797 -15.89 48.72 35.37
N LEU A 798 -15.47 47.47 35.56
CA LEU A 798 -16.09 46.34 34.87
C LEU A 798 -17.42 45.93 35.50
N SER A 799 -17.72 46.40 36.71
CA SER A 799 -18.95 46.02 37.39
C SER A 799 -20.17 46.71 36.81
N SER A 800 -19.98 47.79 36.05
CA SER A 800 -21.10 48.53 35.48
C SER A 800 -21.49 48.04 34.09
N ILE A 801 -20.50 47.63 33.29
CA ILE A 801 -20.75 47.17 31.93
C ILE A 801 -20.79 45.66 31.88
N ALA A 802 -21.01 44.99 33.02
CA ALA A 802 -21.13 43.54 33.06
C ALA A 802 -21.49 43.06 34.45
N THR A 803 -22.17 41.92 34.56
CA THR A 803 -22.50 41.38 35.87
C THR A 803 -21.86 40.02 36.17
N VAL A 804 -20.89 40.00 37.08
CA VAL A 804 -20.18 38.76 37.39
C VAL A 804 -20.98 37.94 38.39
N SER A 805 -20.88 36.60 38.33
CA SER A 805 -21.67 35.75 39.21
C SER A 805 -21.11 34.34 39.13
N TRP A 806 -21.54 33.51 40.07
CA TRP A 806 -21.13 32.12 40.15
C TRP A 806 -22.23 31.23 39.58
N GLN A 807 -21.87 30.41 38.61
CA GLN A 807 -22.78 29.40 38.07
C GLN A 807 -22.06 28.06 38.06
N MET A 808 -22.85 26.99 38.01
CA MET A 808 -22.32 25.63 38.04
C MET A 808 -22.35 25.07 36.62
N GLY A 809 -21.18 24.86 36.04
CA GLY A 809 -21.07 24.37 34.68
C GLY A 809 -20.23 23.11 34.62
N THR A 810 -20.08 22.61 33.39
CA THR A 810 -19.37 21.37 33.16
C THR A 810 -17.90 21.64 32.90
N GLU A 811 -17.05 20.71 33.37
CA GLU A 811 -15.61 20.83 33.18
C GLU A 811 -15.09 19.97 32.04
N GLN A 812 -15.91 19.07 31.50
CA GLN A 812 -15.50 18.18 30.43
C GLN A 812 -16.65 18.00 29.45
N SER A 813 -16.35 18.07 28.17
CA SER A 813 -17.35 17.97 27.11
C SER A 813 -16.95 16.86 26.16
N VAL A 814 -17.91 16.02 25.77
CA VAL A 814 -17.65 14.86 24.94
C VAL A 814 -18.69 14.80 23.83
N ARG A 815 -18.28 14.24 22.69
CA ARG A 815 -19.17 13.96 21.58
C ARG A 815 -18.90 12.55 21.08
N PHE A 816 -19.92 11.90 20.55
CA PHE A 816 -19.80 10.55 20.05
C PHE A 816 -20.56 10.44 18.75
N ASN A 817 -19.84 10.39 17.63
CA ASN A 817 -20.42 10.24 16.30
C ASN A 817 -21.19 11.49 15.87
N GLY A 818 -20.77 12.66 16.35
CA GLY A 818 -21.28 13.93 15.88
C GLY A 818 -22.23 14.62 16.82
N TYR A 819 -22.78 13.93 17.81
CA TYR A 819 -23.74 14.52 18.71
C TYR A 819 -23.20 14.55 20.13
N PRO A 820 -23.59 15.55 20.93
CA PRO A 820 -23.17 15.57 22.33
C PRO A 820 -23.62 14.31 23.05
N ALA A 821 -22.69 13.70 23.78
CA ALA A 821 -22.94 12.43 24.43
C ALA A 821 -22.54 12.51 25.89
N MET A 822 -23.05 11.55 26.66
CA MET A 822 -22.70 11.40 28.07
C MET A 822 -22.60 9.93 28.40
N GLU A 823 -21.55 9.55 29.11
CA GLU A 823 -21.25 8.16 29.39
C GLU A 823 -21.99 7.68 30.64
N LEU A 824 -22.21 6.37 30.69
CA LEU A 824 -22.93 5.75 31.79
C LEU A 824 -22.73 4.24 31.70
N SER A 825 -22.35 3.62 32.81
CA SER A 825 -22.10 2.19 32.85
C SER A 825 -23.11 1.50 33.77
N GLY A 826 -23.23 0.19 33.58
CA GLY A 826 -24.15 -0.60 34.38
C GLY A 826 -23.65 -2.01 34.63
N SER A 827 -24.48 -2.84 35.25
CA SER A 827 -24.11 -4.22 35.53
C SER A 827 -25.36 -5.07 35.66
N PRO A 828 -25.51 -6.12 34.85
CA PRO A 828 -26.74 -6.92 34.90
C PRO A 828 -26.82 -7.74 36.18
N ALA A 829 -28.02 -7.84 36.72
CA ALA A 829 -28.25 -8.57 37.97
C ALA A 829 -27.94 -10.04 37.80
N THR A 830 -28.03 -10.80 38.88
CA THR A 830 -27.72 -12.22 38.85
C THR A 830 -28.73 -12.97 37.99
N GLY A 831 -28.23 -13.76 37.04
CA GLY A 831 -29.08 -14.60 36.23
C GLY A 831 -29.65 -13.95 34.99
N VAL A 832 -29.32 -12.68 34.72
CA VAL A 832 -29.81 -11.97 33.54
C VAL A 832 -28.68 -11.92 32.52
N SER A 833 -29.00 -12.23 31.27
CA SER A 833 -28.01 -12.24 30.21
C SER A 833 -27.75 -10.82 29.70
N THR A 834 -26.60 -10.64 29.06
CA THR A 834 -26.26 -9.32 28.52
C THR A 834 -27.26 -8.89 27.46
N GLY A 835 -27.74 -9.82 26.64
CA GLY A 835 -28.71 -9.46 25.62
C GLY A 835 -30.00 -8.94 26.19
N GLN A 836 -30.48 -9.55 27.28
CA GLN A 836 -31.71 -9.10 27.92
C GLN A 836 -31.56 -7.71 28.52
N ALA A 837 -30.48 -7.45 29.24
CA ALA A 837 -30.22 -6.12 29.78
C ALA A 837 -30.07 -5.10 28.65
N MET A 838 -29.45 -5.51 27.53
CA MET A 838 -29.24 -4.59 26.43
C MET A 838 -30.56 -4.19 25.78
N GLU A 839 -31.44 -5.18 25.53
CA GLU A 839 -32.75 -4.84 24.99
C GLU A 839 -33.57 -4.02 25.98
N ALA A 840 -33.40 -4.27 27.28
CA ALA A 840 -34.09 -3.45 28.28
C ALA A 840 -33.62 -2.01 28.22
N VAL A 841 -32.31 -1.80 28.12
CA VAL A 841 -31.78 -0.44 28.05
C VAL A 841 -32.23 0.24 26.78
N GLN A 842 -32.28 -0.50 25.66
CA GLN A 842 -32.74 0.08 24.41
C GLN A 842 -34.20 0.50 24.52
N LYS A 843 -35.04 -0.34 25.13
CA LYS A 843 -36.44 0.03 25.31
C LYS A 843 -36.59 1.22 26.24
N MET A 844 -35.78 1.28 27.30
CA MET A 844 -35.81 2.45 28.19
C MET A 844 -35.46 3.71 27.43
N VAL A 845 -34.39 3.68 26.65
CA VAL A 845 -33.97 4.85 25.89
C VAL A 845 -35.04 5.25 24.89
N ASP A 846 -35.75 4.27 24.32
CA ASP A 846 -36.85 4.61 23.41
C ASP A 846 -38.04 5.18 24.16
N GLU A 847 -38.20 4.83 25.44
CA GLU A 847 -39.31 5.37 26.21
C GLU A 847 -39.10 6.84 26.56
N LEU A 848 -37.85 7.26 26.74
CA LEU A 848 -37.57 8.69 26.80
C LEU A 848 -38.02 9.35 25.50
N GLY A 849 -38.12 10.67 25.52
CA GLY A 849 -38.53 11.39 24.34
C GLY A 849 -37.65 11.08 23.15
N SER A 850 -38.10 11.51 21.98
CA SER A 850 -37.26 11.43 20.80
C SER A 850 -36.17 12.49 20.91
N GLY A 851 -35.25 12.48 19.94
CA GLY A 851 -34.10 13.36 20.04
C GLY A 851 -33.07 12.91 21.05
N TYR A 852 -33.22 11.72 21.63
CA TYR A 852 -32.22 11.13 22.51
C TYR A 852 -32.02 9.69 22.10
N SER A 853 -30.82 9.36 21.64
CA SER A 853 -30.49 8.03 21.16
C SER A 853 -29.43 7.40 22.07
N LEU A 854 -28.92 6.24 21.66
CA LEU A 854 -28.00 5.48 22.48
C LEU A 854 -26.99 4.77 21.60
N GLU A 855 -25.71 4.95 21.91
CA GLU A 855 -24.63 4.22 21.26
C GLU A 855 -23.90 3.39 22.29
N TRP A 856 -23.37 2.25 21.87
CA TRP A 856 -22.65 1.35 22.75
C TRP A 856 -21.15 1.66 22.69
N GLY A 857 -20.44 1.38 23.78
CA GLY A 857 -19.03 1.66 23.81
C GLY A 857 -18.22 0.47 24.24
N GLY A 858 -17.00 0.33 23.71
CA GLY A 858 -16.13 -0.75 24.10
C GLY A 858 -16.61 -2.15 23.83
N GLN A 859 -16.68 -2.96 24.87
CA GLN A 859 -17.11 -4.35 24.73
C GLN A 859 -18.53 -4.42 24.20
N SER A 860 -19.36 -3.48 24.60
CA SER A 860 -20.77 -3.51 24.21
C SER A 860 -20.96 -3.46 22.70
N ARG A 861 -20.15 -2.66 21.99
CA ARG A 861 -20.24 -2.59 20.52
C ARG A 861 -20.05 -3.95 19.86
N GLU A 862 -19.22 -4.82 20.43
CA GLU A 862 -19.01 -6.15 19.89
C GLU A 862 -20.13 -7.09 20.25
N GLU A 863 -20.53 -7.07 21.52
CA GLU A 863 -21.59 -7.96 21.99
C GLU A 863 -22.92 -7.70 21.32
N ALA A 864 -23.26 -6.44 21.10
CA ALA A 864 -24.55 -6.10 20.52
C ALA A 864 -24.74 -6.65 19.12
N LYS A 865 -23.71 -6.57 18.29
CA LYS A 865 -23.81 -7.04 16.91
C LYS A 865 -23.29 -8.46 16.75
N GLY A 866 -22.77 -9.06 17.82
CA GLY A 866 -22.17 -10.37 17.71
C GLY A 866 -22.83 -11.49 18.48
N GLY A 867 -23.09 -12.60 17.80
CA GLY A 867 -23.66 -13.76 18.47
C GLY A 867 -22.65 -14.88 18.35
N SER A 868 -22.38 -15.56 19.45
CA SER A 868 -21.35 -16.60 19.43
C SER A 868 -21.76 -17.70 18.47
N GLN A 869 -20.80 -18.19 17.69
CA GLN A 869 -21.10 -19.22 16.72
C GLN A 869 -20.49 -20.56 17.12
N THR A 870 -20.30 -20.79 18.41
CA THR A 870 -19.80 -22.09 18.85
C THR A 870 -20.65 -23.22 18.31
N ILE A 871 -21.97 -23.04 18.27
CA ILE A 871 -22.86 -24.14 17.91
C ILE A 871 -22.67 -24.53 16.45
N ALA A 872 -22.75 -23.56 15.54
CA ALA A 872 -22.65 -23.88 14.12
C ALA A 872 -21.29 -24.47 13.78
N LEU A 873 -20.22 -23.94 14.38
CA LEU A 873 -18.89 -24.44 14.06
C LEU A 873 -18.66 -25.82 14.65
N TYR A 874 -19.13 -26.08 15.87
CA TYR A 874 -19.05 -27.43 16.42
C TYR A 874 -19.81 -28.41 15.55
N ALA A 875 -20.99 -28.01 15.06
CA ALA A 875 -21.77 -28.89 14.21
C ALA A 875 -21.04 -29.17 12.90
N LEU A 876 -20.45 -28.15 12.29
CA LEU A 876 -19.68 -28.35 11.07
C LEU A 876 -18.50 -29.29 11.31
N ALA A 877 -17.82 -29.13 12.44
CA ALA A 877 -16.71 -30.01 12.75
C ALA A 877 -17.16 -31.45 12.90
N ALA A 878 -18.28 -31.66 13.59
CA ALA A 878 -18.81 -33.02 13.74
C ALA A 878 -19.21 -33.61 12.40
N VAL A 879 -19.80 -32.80 11.53
CA VAL A 879 -20.21 -33.31 10.22
C VAL A 879 -18.98 -33.69 9.38
N ALA A 880 -17.93 -32.86 9.43
CA ALA A 880 -16.71 -33.18 8.70
C ALA A 880 -16.07 -34.46 9.23
N VAL A 881 -16.04 -34.61 10.57
CA VAL A 881 -15.50 -35.84 11.15
C VAL A 881 -16.28 -37.05 10.67
N PHE A 882 -17.62 -36.95 10.68
CA PHE A 882 -18.45 -38.07 10.24
C PHE A 882 -18.19 -38.41 8.79
N LEU A 883 -18.07 -37.38 7.94
CA LEU A 883 -17.85 -37.64 6.51
C LEU A 883 -16.50 -38.32 6.28
N VAL A 884 -15.45 -37.81 6.91
CA VAL A 884 -14.13 -38.42 6.73
C VAL A 884 -14.13 -39.85 7.24
N LEU A 885 -14.82 -40.11 8.35
CA LEU A 885 -14.85 -41.47 8.89
C LEU A 885 -15.64 -42.40 7.99
N ALA A 886 -16.70 -41.90 7.35
CA ALA A 886 -17.46 -42.72 6.42
C ALA A 886 -16.62 -43.04 5.19
N ALA A 887 -15.83 -42.08 4.72
CA ALA A 887 -14.93 -42.35 3.60
C ALA A 887 -13.87 -43.37 3.99
N LEU A 888 -13.40 -43.31 5.24
CA LEU A 888 -12.36 -44.23 5.68
C LEU A 888 -12.88 -45.65 5.84
N TYR A 889 -13.98 -45.81 6.60
CA TYR A 889 -14.52 -47.13 6.88
C TYR A 889 -15.33 -47.71 5.73
N GLU A 890 -15.75 -46.89 4.78
CA GLU A 890 -16.61 -47.33 3.69
C GLU A 890 -17.98 -47.76 4.21
N SER A 891 -18.53 -46.96 5.11
CA SER A 891 -19.82 -47.24 5.73
C SER A 891 -20.45 -45.92 6.15
N TRP A 892 -21.78 -45.89 6.12
CA TRP A 892 -22.52 -44.73 6.59
C TRP A 892 -22.90 -44.82 8.06
N SER A 893 -22.77 -46.00 8.68
CA SER A 893 -23.29 -46.23 10.02
C SER A 893 -22.21 -46.28 11.10
N ILE A 894 -21.02 -46.77 10.76
CA ILE A 894 -19.97 -46.99 11.76
C ILE A 894 -19.46 -45.67 12.34
N PRO A 895 -19.30 -44.61 11.54
CA PRO A 895 -18.86 -43.33 12.11
C PRO A 895 -19.68 -42.85 13.30
N LEU A 896 -20.91 -43.36 13.44
CA LEU A 896 -21.71 -43.02 14.60
C LEU A 896 -21.08 -43.54 15.89
N ALA A 897 -20.51 -44.74 15.83
CA ALA A 897 -19.86 -45.31 17.01
C ALA A 897 -18.66 -44.48 17.44
N VAL A 898 -18.04 -43.74 16.52
CA VAL A 898 -16.92 -42.89 16.87
C VAL A 898 -17.39 -41.50 17.30
N LEU A 899 -18.51 -41.02 16.77
CA LEU A 899 -19.05 -39.74 17.19
C LEU A 899 -19.76 -39.81 18.53
N LEU A 900 -20.12 -41.01 18.99
CA LEU A 900 -20.77 -41.17 20.28
C LEU A 900 -19.82 -41.06 21.47
N VAL A 901 -18.59 -40.60 21.28
CA VAL A 901 -17.61 -40.49 22.37
C VAL A 901 -17.23 -39.06 22.65
N MET A 902 -17.95 -38.08 22.12
CA MET A 902 -17.71 -36.68 22.41
C MET A 902 -18.33 -36.31 23.76
N PRO A 903 -19.59 -36.70 24.00
CA PRO A 903 -20.20 -36.42 25.30
C PRO A 903 -19.36 -36.85 26.49
N LEU A 904 -18.66 -37.98 26.37
CA LEU A 904 -17.82 -38.44 27.48
C LEU A 904 -16.74 -37.42 27.82
N GLY A 905 -16.03 -36.93 26.80
CA GLY A 905 -15.00 -35.94 27.05
C GLY A 905 -15.56 -34.63 27.56
N LEU A 906 -16.69 -34.18 27.00
CA LEU A 906 -17.32 -32.96 27.48
C LEU A 906 -17.68 -33.07 28.95
N ALA A 907 -18.28 -34.20 29.33
CA ALA A 907 -18.66 -34.42 30.72
C ALA A 907 -17.43 -34.44 31.61
N GLY A 908 -16.38 -35.15 31.20
CA GLY A 908 -15.16 -35.17 31.99
C GLY A 908 -14.60 -33.79 32.23
N ALA A 909 -14.53 -32.98 31.17
CA ALA A 909 -13.97 -31.64 31.29
C ALA A 909 -14.81 -30.77 32.23
N ALA A 910 -16.12 -30.74 32.01
CA ALA A 910 -16.98 -29.90 32.84
C ALA A 910 -16.96 -30.35 34.30
N ALA A 911 -16.99 -31.67 34.54
CA ALA A 911 -16.93 -32.17 35.90
C ALA A 911 -15.62 -31.78 36.57
N GLY A 912 -14.51 -31.91 35.87
CA GLY A 912 -13.24 -31.52 36.46
C GLY A 912 -13.19 -30.05 36.79
N VAL A 913 -13.69 -29.20 35.89
CA VAL A 913 -13.69 -27.77 36.14
C VAL A 913 -14.51 -27.43 37.38
N THR A 914 -15.74 -27.96 37.44
CA THR A 914 -16.60 -27.64 38.59
C THR A 914 -16.07 -28.23 39.88
N GLY A 915 -15.43 -29.40 39.82
CA GLY A 915 -14.88 -29.98 41.03
C GLY A 915 -13.68 -29.21 41.55
N ARG A 916 -12.83 -28.74 40.64
CA ARG A 916 -11.74 -27.87 41.07
C ARG A 916 -12.27 -26.57 41.64
N ASN A 917 -13.30 -26.00 41.03
CA ASN A 917 -13.92 -24.80 41.59
C ASN A 917 -14.43 -25.05 43.00
N LEU A 918 -15.11 -26.18 43.22
CA LEU A 918 -15.60 -26.52 44.55
C LEU A 918 -14.44 -26.62 45.54
N PHE A 919 -13.49 -27.52 45.27
CA PHE A 919 -12.40 -27.77 46.20
C PHE A 919 -11.45 -26.57 46.35
N GLU A 920 -11.56 -25.56 45.49
CA GLU A 920 -10.80 -24.34 45.68
C GLU A 920 -11.57 -23.32 46.53
N GLY A 921 -12.84 -23.09 46.21
CA GLY A 921 -13.66 -22.22 47.03
C GLY A 921 -13.92 -22.74 48.42
N LEU A 922 -13.69 -24.02 48.67
CA LEU A 922 -13.82 -24.55 50.02
C LEU A 922 -12.64 -24.20 50.92
N LEU A 923 -11.50 -23.84 50.33
CA LEU A 923 -10.33 -23.42 51.09
C LEU A 923 -10.18 -21.91 51.16
N GLY A 924 -11.19 -21.17 50.71
CA GLY A 924 -11.16 -19.72 50.79
C GLY A 924 -10.95 -19.05 49.45
N SER A 925 -10.07 -19.60 48.63
CA SER A 925 -9.76 -18.99 47.34
C SER A 925 -11.02 -18.86 46.50
N VAL A 926 -11.17 -17.72 45.85
CA VAL A 926 -12.37 -17.46 45.05
C VAL A 926 -12.39 -18.40 43.85
N PRO A 927 -13.55 -18.90 43.44
CA PRO A 927 -13.61 -19.71 42.22
C PRO A 927 -13.09 -18.93 41.02
N SER A 928 -12.22 -19.57 40.26
CA SER A 928 -11.54 -18.92 39.14
C SER A 928 -11.87 -19.54 37.79
N PHE A 929 -11.81 -20.87 37.69
CA PHE A 929 -11.98 -21.54 36.42
C PHE A 929 -13.39 -21.36 35.89
N ALA A 930 -13.50 -20.94 34.62
CA ALA A 930 -14.77 -20.60 34.02
C ALA A 930 -14.82 -21.18 32.61
N ASN A 931 -15.80 -20.75 31.84
CA ASN A 931 -15.95 -21.20 30.46
C ASN A 931 -15.33 -20.16 29.51
N ASP A 932 -14.02 -20.06 29.60
CA ASP A 932 -13.24 -19.06 28.88
C ASP A 932 -12.56 -19.70 27.66
N ILE A 933 -11.66 -18.94 27.04
CA ILE A 933 -10.97 -19.42 25.84
C ILE A 933 -10.22 -20.72 26.13
N TYR A 934 -9.53 -20.77 27.26
CA TYR A 934 -8.72 -21.94 27.59
C TYR A 934 -9.58 -23.19 27.67
N PHE A 935 -10.76 -23.08 28.30
CA PHE A 935 -11.65 -24.23 28.36
C PHE A 935 -12.01 -24.73 26.97
N GLN A 936 -12.34 -23.80 26.07
CA GLN A 936 -12.77 -24.21 24.73
C GLN A 936 -11.65 -24.92 23.99
N VAL A 937 -10.45 -24.35 24.02
CA VAL A 937 -9.35 -24.97 23.29
C VAL A 937 -8.99 -26.33 23.90
N GLY A 938 -8.95 -26.41 25.23
CA GLY A 938 -8.64 -27.69 25.87
C GLY A 938 -9.69 -28.74 25.58
N PHE A 939 -10.96 -28.34 25.51
CA PHE A 939 -12.00 -29.31 25.21
C PHE A 939 -11.92 -29.79 23.77
N VAL A 940 -11.64 -28.89 22.83
CA VAL A 940 -11.45 -29.32 21.45
C VAL A 940 -10.30 -30.31 21.37
N THR A 941 -9.20 -30.03 22.07
CA THR A 941 -8.07 -30.95 22.06
C THR A 941 -8.45 -32.31 22.62
N VAL A 942 -9.17 -32.33 23.75
CA VAL A 942 -9.51 -33.61 24.38
C VAL A 942 -10.47 -34.40 23.51
N MET A 943 -11.40 -33.73 22.85
CA MET A 943 -12.32 -34.45 21.96
C MET A 943 -11.57 -35.02 20.76
N GLY A 944 -10.64 -34.26 20.20
CA GLY A 944 -9.81 -34.80 19.13
C GLY A 944 -9.05 -36.03 19.55
N LEU A 945 -8.43 -35.99 20.72
CA LEU A 945 -7.66 -37.13 21.19
C LEU A 945 -8.55 -38.34 21.46
N SER A 946 -9.73 -38.13 22.04
CA SER A 946 -10.63 -39.25 22.31
C SER A 946 -11.10 -39.89 21.02
N ALA A 947 -11.46 -39.08 20.02
CA ALA A 947 -11.85 -39.64 18.73
C ALA A 947 -10.71 -40.41 18.10
N LYS A 948 -9.49 -39.86 18.17
CA LYS A 948 -8.33 -40.56 17.63
C LYS A 948 -8.09 -41.88 18.33
N ASN A 949 -8.43 -41.96 19.61
CA ASN A 949 -8.29 -43.24 20.32
C ASN A 949 -9.35 -44.23 19.86
N ALA A 950 -10.60 -43.79 19.73
CA ALA A 950 -11.68 -44.72 19.40
C ALA A 950 -11.60 -45.20 17.96
N ILE A 951 -10.99 -44.42 17.07
CA ILE A 951 -10.95 -44.77 15.65
C ILE A 951 -10.36 -46.16 15.46
N LEU A 952 -9.22 -46.43 16.09
CA LEU A 952 -8.51 -47.67 15.82
C LEU A 952 -9.20 -48.87 16.44
N ILE A 953 -9.79 -48.69 17.62
CA ILE A 953 -10.59 -49.76 18.21
C ILE A 953 -11.72 -50.14 17.27
N ILE A 954 -12.46 -49.15 16.77
CA ILE A 954 -13.59 -49.46 15.91
C ILE A 954 -13.12 -50.04 14.58
N GLU A 955 -11.96 -49.61 14.09
CA GLU A 955 -11.42 -50.21 12.86
C GLU A 955 -11.11 -51.68 13.07
N PHE A 956 -10.39 -52.00 14.14
CA PHE A 956 -10.07 -53.41 14.40
C PHE A 956 -11.33 -54.24 14.61
N ALA A 957 -12.36 -53.66 15.21
CA ALA A 957 -13.61 -54.39 15.40
C ALA A 957 -14.45 -54.47 14.14
N LYS A 958 -14.10 -53.71 13.08
CA LYS A 958 -14.79 -53.81 11.77
C LYS A 958 -14.19 -54.98 10.97
N ASP A 959 -12.91 -55.31 11.16
CA ASP A 959 -12.22 -56.37 10.40
C ASP A 959 -12.55 -57.76 10.96
N LEU A 960 -12.70 -57.90 12.27
CA LEU A 960 -13.01 -59.19 12.87
C LEU A 960 -14.41 -59.65 12.49
N GLN A 961 -15.38 -58.74 12.42
CA GLN A 961 -16.72 -59.13 11.99
C GLN A 961 -16.71 -59.54 10.53
N ALA A 962 -15.83 -58.95 9.72
CA ALA A 962 -15.70 -59.35 8.31
C ALA A 962 -14.78 -60.55 8.11
N GLN A 963 -14.48 -61.30 9.16
CA GLN A 963 -13.66 -62.54 9.02
C GLN A 963 -14.51 -63.72 9.47
N GLY A 964 -14.66 -63.94 10.79
CA GLY A 964 -15.51 -65.03 11.33
C GLY A 964 -15.97 -64.75 12.75
N LYS A 965 -16.35 -63.51 13.07
CA LYS A 965 -16.75 -63.12 14.45
C LYS A 965 -18.13 -62.48 14.44
N SER A 966 -18.78 -62.34 15.60
CA SER A 966 -20.10 -61.68 15.73
C SER A 966 -19.86 -60.21 16.08
N ALA A 967 -20.89 -59.46 16.48
CA ALA A 967 -20.72 -58.05 16.91
C ALA A 967 -20.15 -58.03 18.33
N VAL A 968 -20.39 -59.06 19.15
CA VAL A 968 -19.96 -59.09 20.58
C VAL A 968 -18.54 -59.68 20.72
N GLU A 969 -18.17 -60.72 19.96
CA GLU A 969 -16.85 -61.35 20.07
C GLU A 969 -15.80 -60.51 19.35
N ALA A 970 -16.15 -59.91 18.22
CA ALA A 970 -15.21 -59.04 17.53
C ALA A 970 -14.87 -57.83 18.39
N ALA A 971 -15.89 -57.24 19.04
CA ALA A 971 -15.66 -56.09 19.89
C ALA A 971 -14.80 -56.45 21.08
N LEU A 972 -15.11 -57.56 21.74
CA LEU A 972 -14.35 -57.96 22.92
C LEU A 972 -12.91 -58.26 22.60
N GLU A 973 -12.66 -58.97 21.51
CA GLU A 973 -11.30 -59.24 21.09
C GLU A 973 -10.57 -57.96 20.73
N ALA A 974 -11.26 -57.05 20.05
CA ALA A 974 -10.64 -55.78 19.65
C ALA A 974 -10.27 -54.96 20.87
N ALA A 975 -11.14 -54.93 21.87
CA ALA A 975 -10.85 -54.20 23.09
C ALA A 975 -9.65 -54.82 23.81
N ARG A 976 -9.59 -56.15 23.82
CA ARG A 976 -8.49 -56.84 24.47
C ARG A 976 -7.17 -56.57 23.76
N LEU A 977 -7.20 -56.42 22.44
CA LEU A 977 -5.97 -56.18 21.70
C LEU A 977 -5.55 -54.71 21.70
N ARG A 978 -6.47 -53.79 21.96
CA ARG A 978 -6.15 -52.37 21.96
C ARG A 978 -6.04 -51.76 23.35
N PHE A 979 -6.30 -52.54 24.40
CA PHE A 979 -6.25 -52.00 25.76
C PHE A 979 -4.89 -51.37 26.07
N ARG A 980 -3.80 -52.00 25.63
CA ARG A 980 -2.49 -51.51 26.05
C ARG A 980 -2.10 -50.21 25.37
N PRO A 981 -2.16 -50.09 24.04
CA PRO A 981 -1.72 -48.82 23.42
C PRO A 981 -2.58 -47.63 23.81
N ILE A 982 -3.89 -47.84 23.94
CA ILE A 982 -4.77 -46.78 24.40
C ILE A 982 -4.33 -46.28 25.77
N ILE A 983 -4.08 -47.21 26.69
CA ILE A 983 -3.66 -46.83 28.04
C ILE A 983 -2.33 -46.12 27.99
N MET A 984 -1.39 -46.62 27.19
CA MET A 984 -0.08 -45.97 27.10
C MET A 984 -0.19 -44.53 26.64
N THR A 985 -0.93 -44.30 25.54
CA THR A 985 -1.04 -42.95 25.00
C THR A 985 -1.77 -42.03 25.97
N SER A 986 -2.91 -42.49 26.51
CA SER A 986 -3.66 -41.65 27.42
C SER A 986 -2.86 -41.31 28.66
N PHE A 987 -2.09 -42.27 29.18
CA PHE A 987 -1.30 -42.01 30.37
C PHE A 987 -0.16 -41.05 30.07
N ALA A 988 0.51 -41.21 28.93
CA ALA A 988 1.55 -40.26 28.56
C ALA A 988 1.00 -38.85 28.46
N PHE A 989 -0.14 -38.69 27.79
CA PHE A 989 -0.74 -37.37 27.66
C PHE A 989 -1.11 -36.80 29.03
N ILE A 990 -1.80 -37.58 29.87
CA ILE A 990 -2.26 -37.08 31.17
C ILE A 990 -1.13 -36.71 32.12
N LEU A 991 -0.10 -37.53 32.21
CA LEU A 991 1.05 -37.21 33.05
C LEU A 991 1.73 -35.95 32.53
N GLY A 992 1.81 -35.81 31.21
CA GLY A 992 2.44 -34.65 30.62
C GLY A 992 1.75 -33.30 30.85
N VAL A 993 0.47 -33.29 31.20
CA VAL A 993 -0.21 -32.04 31.50
C VAL A 993 -0.27 -31.77 33.00
N VAL A 994 0.60 -32.39 33.78
CA VAL A 994 0.67 -32.13 35.22
C VAL A 994 1.42 -30.81 35.45
N PRO A 995 2.54 -30.55 34.76
CA PRO A 995 3.20 -29.25 34.92
C PRO A 995 2.28 -28.06 34.67
N LEU A 996 1.22 -28.28 33.90
CA LEU A 996 0.21 -27.25 33.68
C LEU A 996 -0.91 -27.29 34.72
N TYR A 997 -1.07 -28.41 35.42
CA TYR A 997 -2.14 -28.54 36.40
C TYR A 997 -1.77 -27.96 37.75
N ILE A 998 -0.47 -27.91 38.06
CA ILE A 998 0.00 -27.41 39.34
C ILE A 998 0.96 -26.25 39.11
N ALA A 999 0.72 -25.49 38.04
CA ALA A 999 1.58 -24.38 37.71
C ALA A 999 1.60 -23.35 38.84
N GLY A 1000 2.73 -22.65 38.97
CA GLY A 1000 2.88 -21.64 39.99
C GLY A 1000 3.86 -20.58 39.53
N GLY A 1001 3.63 -19.35 39.99
CA GLY A 1001 4.51 -18.25 39.64
C GLY A 1001 3.95 -17.35 38.55
N ALA A 1002 4.82 -16.84 37.68
CA ALA A 1002 4.42 -15.88 36.68
C ALA A 1002 3.54 -16.53 35.62
N SER A 1003 2.34 -16.00 35.44
CA SER A 1003 1.42 -16.47 34.40
C SER A 1003 0.94 -17.88 34.68
N SER A 1004 0.62 -18.18 35.94
CA SER A 1004 0.15 -19.51 36.32
C SER A 1004 -1.35 -19.68 36.20
N ALA A 1005 -2.11 -18.57 36.13
CA ALA A 1005 -3.56 -18.70 36.03
C ALA A 1005 -3.96 -19.39 34.73
N SER A 1006 -3.35 -18.99 33.60
CA SER A 1006 -3.71 -19.59 32.32
C SER A 1006 -3.23 -21.03 32.23
N GLN A 1007 -2.02 -21.31 32.73
CA GLN A 1007 -1.54 -22.67 32.75
C GLN A 1007 -2.48 -23.57 33.53
N ARG A 1008 -2.89 -23.13 34.73
CA ARG A 1008 -3.82 -23.92 35.51
C ARG A 1008 -5.15 -24.08 34.79
N ALA A 1009 -5.65 -23.01 34.18
CA ALA A 1009 -6.95 -23.07 33.51
C ALA A 1009 -6.94 -24.13 32.41
N ILE A 1010 -5.91 -24.15 31.58
CA ILE A 1010 -5.90 -25.12 30.49
C ILE A 1010 -5.55 -26.51 30.99
N GLY A 1011 -4.65 -26.61 31.97
CA GLY A 1011 -4.26 -27.91 32.47
C GLY A 1011 -5.40 -28.65 33.14
N THR A 1012 -6.22 -27.94 33.92
CA THR A 1012 -7.36 -28.59 34.56
C THR A 1012 -8.27 -29.22 33.53
N THR A 1013 -8.69 -28.42 32.54
CA THR A 1013 -9.56 -28.92 31.49
C THR A 1013 -8.96 -30.14 30.81
N VAL A 1014 -7.73 -30.01 30.31
CA VAL A 1014 -7.15 -31.12 29.55
C VAL A 1014 -7.03 -32.37 30.42
N PHE A 1015 -6.46 -32.21 31.61
CA PHE A 1015 -6.23 -33.36 32.49
C PHE A 1015 -7.53 -34.10 32.79
N TRP A 1016 -8.52 -33.38 33.31
CA TRP A 1016 -9.73 -34.06 33.75
C TRP A 1016 -10.53 -34.60 32.57
N GLY A 1017 -10.67 -33.81 31.51
CA GLY A 1017 -11.32 -34.31 30.31
C GLY A 1017 -10.70 -35.60 29.83
N MET A 1018 -9.38 -35.61 29.65
CA MET A 1018 -8.72 -36.81 29.14
C MET A 1018 -8.92 -38.00 30.09
N LEU A 1019 -8.66 -37.80 31.38
CA LEU A 1019 -8.79 -38.90 32.32
C LEU A 1019 -10.19 -39.50 32.29
N ILE A 1020 -11.20 -38.67 32.57
CA ILE A 1020 -12.57 -39.18 32.66
C ILE A 1020 -13.01 -39.77 31.33
N GLY A 1021 -12.83 -39.02 30.24
CA GLY A 1021 -13.27 -39.50 28.95
C GLY A 1021 -12.62 -40.81 28.55
N THR A 1022 -11.33 -40.96 28.81
CA THR A 1022 -10.64 -42.18 28.43
C THR A 1022 -11.11 -43.36 29.26
N LEU A 1023 -11.26 -43.16 30.57
CA LEU A 1023 -11.74 -44.26 31.42
C LEU A 1023 -13.15 -44.68 31.01
N LEU A 1024 -14.01 -43.73 30.69
CA LEU A 1024 -15.36 -44.07 30.25
C LEU A 1024 -15.33 -44.70 28.88
N SER A 1025 -14.51 -44.19 27.96
CA SER A 1025 -14.46 -44.70 26.60
C SER A 1025 -13.93 -46.13 26.49
N VAL A 1026 -12.89 -46.47 27.24
CA VAL A 1026 -12.32 -47.81 27.12
C VAL A 1026 -13.39 -48.85 27.43
N PHE A 1027 -14.42 -48.48 28.17
CA PHE A 1027 -15.51 -49.38 28.51
C PHE A 1027 -16.71 -49.23 27.59
N LEU A 1028 -17.01 -48.02 27.13
CA LEU A 1028 -18.26 -47.75 26.42
C LEU A 1028 -18.13 -47.75 24.90
N VAL A 1029 -16.93 -47.89 24.36
CA VAL A 1029 -16.77 -47.87 22.90
C VAL A 1029 -17.26 -49.18 22.30
N PRO A 1030 -16.83 -50.33 22.81
CA PRO A 1030 -17.39 -51.60 22.33
C PRO A 1030 -18.92 -51.64 22.40
N LEU A 1031 -19.49 -51.04 23.45
CA LEU A 1031 -20.95 -50.97 23.52
C LEU A 1031 -21.51 -50.18 22.34
N PHE A 1032 -20.89 -49.06 22.00
CA PHE A 1032 -21.35 -48.27 20.86
C PHE A 1032 -21.27 -49.08 19.58
N TYR A 1033 -20.14 -49.78 19.38
CA TYR A 1033 -19.99 -50.58 18.17
C TYR A 1033 -21.08 -51.63 18.07
N VAL A 1034 -21.27 -52.41 19.13
CA VAL A 1034 -22.25 -53.48 19.09
C VAL A 1034 -23.65 -52.92 18.90
N VAL A 1035 -23.94 -51.76 19.50
CA VAL A 1035 -25.27 -51.18 19.38
C VAL A 1035 -25.54 -50.74 17.94
N VAL A 1036 -24.58 -50.04 17.32
CA VAL A 1036 -24.79 -49.59 15.95
C VAL A 1036 -24.87 -50.78 15.01
N ARG A 1037 -24.08 -51.81 15.25
CA ARG A 1037 -24.16 -53.01 14.43
C ARG A 1037 -25.55 -53.65 14.53
N LYS A 1038 -26.03 -53.88 15.74
CA LYS A 1038 -27.32 -54.52 15.91
C LYS A 1038 -28.46 -53.65 15.40
N PHE A 1039 -28.26 -52.33 15.34
CA PHE A 1039 -29.35 -51.44 14.97
C PHE A 1039 -29.41 -51.15 13.48
N PHE A 1040 -28.28 -51.15 12.77
CA PHE A 1040 -28.27 -50.79 11.36
C PHE A 1040 -28.06 -51.98 10.44
N LYS A 1041 -27.01 -52.75 10.66
CA LYS A 1041 -26.69 -53.88 9.78
C LYS A 1041 -26.34 -53.39 8.39
N MET B 1 11.24 -38.95 -15.91
CA MET B 1 10.90 -37.74 -16.71
C MET B 1 11.64 -37.72 -18.03
N ALA B 2 12.69 -38.54 -18.15
CA ALA B 2 13.45 -38.63 -19.40
C ALA B 2 12.90 -39.69 -20.32
N LYS B 3 12.51 -40.85 -19.79
CA LYS B 3 11.92 -41.89 -20.62
C LYS B 3 10.52 -41.49 -21.10
N PHE B 4 9.79 -40.72 -20.30
CA PHE B 4 8.50 -40.22 -20.73
C PHE B 4 8.60 -39.40 -22.00
N PHE B 5 9.62 -38.54 -22.08
CA PHE B 5 9.75 -37.61 -23.19
C PHE B 5 10.57 -38.18 -24.34
N ILE B 6 11.44 -39.15 -24.10
CA ILE B 6 12.12 -39.82 -25.21
C ILE B 6 11.11 -40.48 -26.12
N ASP B 7 9.95 -40.86 -25.59
CA ASP B 7 8.89 -41.50 -26.34
C ASP B 7 7.80 -40.53 -26.76
N ARG B 8 7.92 -39.25 -26.45
CA ARG B 8 6.91 -38.27 -26.77
C ARG B 8 7.58 -36.98 -27.21
N PRO B 9 8.20 -36.98 -28.40
CA PRO B 9 8.88 -35.80 -28.91
C PRO B 9 7.98 -34.59 -29.14
N ILE B 10 6.78 -34.80 -29.66
CA ILE B 10 5.85 -33.70 -29.92
C ILE B 10 5.43 -33.01 -28.63
N PHE B 11 5.21 -33.76 -27.57
CA PHE B 11 4.87 -33.16 -26.28
C PHE B 11 6.01 -32.29 -25.78
N ALA B 12 7.24 -32.74 -25.95
CA ALA B 12 8.39 -31.94 -25.56
C ALA B 12 8.47 -30.64 -26.35
N TRP B 13 8.21 -30.70 -27.65
CA TRP B 13 8.25 -29.51 -28.49
C TRP B 13 7.16 -28.51 -28.15
N VAL B 14 6.01 -28.98 -27.67
CA VAL B 14 4.94 -28.09 -27.26
C VAL B 14 5.34 -27.31 -26.01
N ILE B 15 5.93 -27.99 -25.03
CA ILE B 15 6.37 -27.28 -23.83
C ILE B 15 7.44 -26.25 -24.17
N SER B 16 8.34 -26.58 -25.10
CA SER B 16 9.36 -25.62 -25.51
C SER B 16 8.74 -24.43 -26.23
N ILE B 17 7.70 -24.66 -27.01
CA ILE B 17 7.00 -23.56 -27.66
C ILE B 17 6.38 -22.63 -26.61
N PHE B 18 5.80 -23.21 -25.57
CA PHE B 18 5.23 -22.39 -24.51
C PHE B 18 6.32 -21.58 -23.80
N ILE B 19 7.48 -22.19 -23.54
CA ILE B 19 8.57 -21.47 -22.91
C ILE B 19 9.05 -20.34 -23.81
N ILE B 20 9.15 -20.59 -25.12
CA ILE B 20 9.60 -19.56 -26.05
C ILE B 20 8.62 -18.38 -26.06
N ALA B 21 7.32 -18.68 -26.12
CA ALA B 21 6.33 -17.61 -26.13
C ALA B 21 6.38 -16.81 -24.84
N ALA B 22 6.49 -17.48 -23.69
CA ALA B 22 6.60 -16.76 -22.43
C ALA B 22 7.84 -15.88 -22.40
N GLY B 23 8.97 -16.39 -22.89
CA GLY B 23 10.18 -15.59 -22.89
C GLY B 23 10.09 -14.37 -23.77
N ILE B 24 9.44 -14.51 -24.94
CA ILE B 24 9.30 -13.37 -25.84
C ILE B 24 8.36 -12.33 -25.25
N PHE B 25 7.23 -12.78 -24.70
CA PHE B 25 6.30 -11.85 -24.07
C PHE B 25 6.95 -11.16 -22.86
N GLY B 26 7.89 -11.84 -22.21
CA GLY B 26 8.63 -11.18 -21.14
C GLY B 26 9.62 -10.16 -21.65
N ILE B 27 10.35 -10.49 -22.72
CA ILE B 27 11.28 -9.54 -23.31
C ILE B 27 10.57 -8.29 -23.80
N LYS B 28 9.32 -8.44 -24.25
CA LYS B 28 8.60 -7.29 -24.80
C LYS B 28 7.93 -6.42 -23.74
N SER B 29 8.05 -6.76 -22.46
CA SER B 29 7.44 -5.96 -21.40
C SER B 29 8.40 -5.78 -20.24
N LEU B 30 9.68 -5.59 -20.55
CA LEU B 30 10.70 -5.40 -19.54
C LEU B 30 11.26 -3.99 -19.62
N PRO B 31 11.35 -3.27 -18.50
CA PRO B 31 11.95 -1.93 -18.54
C PRO B 31 13.43 -2.02 -18.85
N VAL B 32 13.89 -1.13 -19.73
CA VAL B 32 15.29 -1.07 -20.12
C VAL B 32 15.89 0.19 -19.54
N SER B 33 16.96 0.03 -18.76
CA SER B 33 17.66 1.16 -18.17
C SER B 33 19.13 0.77 -18.05
N GLN B 34 19.95 1.71 -17.56
CA GLN B 34 21.37 1.43 -17.42
C GLN B 34 21.67 0.66 -16.14
N TYR B 35 21.13 1.12 -15.02
CA TYR B 35 21.35 0.50 -13.73
C TYR B 35 20.02 0.37 -13.01
N PRO B 36 19.92 -0.50 -12.02
CA PRO B 36 18.75 -0.53 -11.15
C PRO B 36 18.90 0.53 -10.05
N SER B 37 17.93 0.55 -9.14
CA SER B 37 17.97 1.46 -8.00
C SER B 37 18.52 0.69 -6.80
N VAL B 38 19.71 1.07 -6.36
CA VAL B 38 20.37 0.41 -5.25
C VAL B 38 20.32 1.23 -3.97
N ALA B 39 20.36 2.57 -4.06
CA ALA B 39 20.35 3.39 -2.87
C ALA B 39 19.01 3.33 -2.17
N ALA B 40 19.01 3.74 -0.90
CA ALA B 40 17.81 3.73 -0.08
C ALA B 40 17.05 5.04 -0.22
N PRO B 41 15.76 5.04 0.12
CA PRO B 41 14.95 6.24 -0.08
C PRO B 41 15.51 7.44 0.67
N THR B 42 15.52 8.58 -0.01
CA THR B 42 15.97 9.83 0.57
C THR B 42 14.99 10.93 0.18
N ILE B 43 14.69 11.86 1.09
CA ILE B 43 13.78 12.96 0.80
C ILE B 43 14.48 14.25 1.22
N THR B 44 14.19 15.37 0.56
CA THR B 44 14.85 16.63 0.87
C THR B 44 13.87 17.79 0.96
N LEU B 45 14.20 18.85 1.71
CA LEU B 45 13.28 19.98 1.91
C LEU B 45 13.54 21.24 1.06
N HIS B 46 14.75 21.73 0.96
CA HIS B 46 15.05 22.85 0.06
C HIS B 46 14.19 24.08 0.36
N ALA B 47 14.45 24.68 1.51
CA ALA B 47 13.88 25.99 1.81
C ALA B 47 14.74 27.10 1.20
N ILE B 48 14.16 28.28 1.10
CA ILE B 48 14.83 29.46 0.54
C ILE B 48 14.60 30.64 1.46
N TYR B 49 15.67 31.36 1.77
CA TYR B 49 15.63 32.52 2.67
C TYR B 49 16.64 33.53 2.19
N PRO B 50 16.27 34.38 1.23
CA PRO B 50 17.27 35.22 0.58
C PRO B 50 17.86 36.24 1.54
N GLY B 51 19.18 36.31 1.58
CA GLY B 51 19.89 37.23 2.45
C GLY B 51 20.31 36.66 3.79
N ALA B 52 19.85 35.46 4.13
CA ALA B 52 20.18 34.85 5.41
C ALA B 52 21.54 34.18 5.34
N SER B 53 22.27 34.23 6.44
CA SER B 53 23.57 33.59 6.51
C SER B 53 23.40 32.12 6.90
N ALA B 54 24.52 31.41 7.03
CA ALA B 54 24.45 30.02 7.44
C ALA B 54 23.83 29.89 8.83
N GLN B 55 24.22 30.78 9.74
CA GLN B 55 23.71 30.69 11.11
C GLN B 55 22.24 31.04 11.18
N VAL B 56 21.85 32.18 10.59
CA VAL B 56 20.45 32.58 10.61
C VAL B 56 19.58 31.52 9.95
N MET B 57 19.94 31.14 8.72
CA MET B 57 19.19 30.12 7.99
C MET B 57 19.04 28.86 8.84
N GLU B 58 20.16 28.27 9.24
CA GLU B 58 20.11 27.05 10.04
C GLU B 58 19.20 27.23 11.24
N GLY B 59 19.58 28.13 12.15
CA GLY B 59 18.90 28.22 13.43
C GLY B 59 17.43 28.56 13.34
N SER B 60 17.02 29.33 12.34
CA SER B 60 15.64 29.78 12.29
C SER B 60 14.76 28.97 11.34
N VAL B 61 15.34 28.13 10.47
CA VAL B 61 14.52 27.37 9.53
C VAL B 61 14.80 25.89 9.63
N LEU B 62 16.08 25.51 9.51
CA LEU B 62 16.39 24.11 9.28
C LEU B 62 16.29 23.30 10.57
N SER B 63 16.75 23.85 11.69
CA SER B 63 16.58 23.16 12.97
C SER B 63 15.10 23.02 13.30
N VAL B 64 14.32 24.05 13.04
CA VAL B 64 12.88 24.00 13.33
C VAL B 64 12.20 22.94 12.48
N ILE B 65 12.58 22.83 11.21
CA ILE B 65 12.00 21.81 10.35
C ILE B 65 12.44 20.42 10.81
N GLU B 66 13.72 20.27 11.18
CA GLU B 66 14.25 18.95 11.46
C GLU B 66 13.72 18.38 12.78
N ARG B 67 13.59 19.22 13.80
CA ARG B 67 13.17 18.64 15.07
C ARG B 67 11.70 18.26 15.09
N ASN B 68 10.98 18.37 13.99
CA ASN B 68 9.64 17.81 13.86
C ASN B 68 9.62 16.53 13.06
N MET B 69 10.78 16.03 12.63
CA MET B 69 10.85 14.88 11.75
C MET B 69 11.17 13.58 12.47
N ASN B 70 11.66 13.63 13.72
CA ASN B 70 11.86 12.41 14.47
C ASN B 70 10.51 11.72 14.68
N GLY B 71 10.41 10.48 14.25
CA GLY B 71 9.17 9.74 14.36
C GLY B 71 8.54 9.39 13.03
N VAL B 72 8.98 10.01 11.94
CA VAL B 72 8.57 9.56 10.62
C VAL B 72 9.02 8.12 10.47
N GLU B 73 8.07 7.21 10.29
CA GLU B 73 8.36 5.79 10.36
C GLU B 73 9.35 5.38 9.30
N GLY B 74 10.43 4.74 9.72
CA GLY B 74 11.46 4.25 8.83
C GLY B 74 12.71 5.08 8.76
N LEU B 75 12.83 6.12 9.58
CA LEU B 75 13.96 7.03 9.47
C LEU B 75 15.25 6.34 9.88
N ASP B 76 16.23 6.35 8.99
CA ASP B 76 17.55 5.83 9.31
C ASP B 76 18.40 6.88 10.01
N TYR B 77 18.70 7.97 9.33
CA TYR B 77 19.39 9.10 9.94
C TYR B 77 18.92 10.37 9.25
N MET B 78 19.52 11.50 9.61
CA MET B 78 19.01 12.81 9.24
C MET B 78 20.16 13.80 9.20
N SER B 79 20.20 14.63 8.17
CA SER B 79 21.27 15.58 7.97
C SER B 79 20.69 16.94 7.60
N THR B 80 21.53 17.96 7.74
CA THR B 80 21.12 19.34 7.49
C THR B 80 22.36 20.11 7.03
N SER B 81 22.18 21.01 6.07
CA SER B 81 23.29 21.77 5.53
C SER B 81 22.80 23.11 5.03
N ALA B 82 23.41 24.19 5.53
CA ALA B 82 23.10 25.55 5.11
C ALA B 82 24.38 26.26 4.74
N ASP B 83 24.27 27.19 3.79
CA ASP B 83 25.41 27.99 3.36
C ASP B 83 24.99 29.45 3.28
N SER B 84 25.92 30.30 2.85
CA SER B 84 25.71 31.74 2.82
C SER B 84 25.10 32.23 1.51
N SER B 85 24.38 31.37 0.80
CA SER B 85 23.75 31.74 -0.46
C SER B 85 22.26 31.95 -0.35
N GLY B 86 21.65 31.66 0.80
CA GLY B 86 20.23 31.80 0.97
C GLY B 86 19.41 30.55 0.76
N SER B 87 20.02 29.38 0.73
CA SER B 87 19.31 28.13 0.52
C SER B 87 19.85 27.06 1.46
N GLY B 88 18.95 26.25 1.99
CA GLY B 88 19.34 25.17 2.88
C GLY B 88 18.46 23.96 2.65
N SER B 89 18.96 22.81 3.04
CA SER B 89 18.27 21.55 2.80
C SER B 89 18.32 20.68 4.04
N VAL B 90 17.23 19.93 4.24
CA VAL B 90 17.17 18.83 5.20
C VAL B 90 17.04 17.55 4.39
N SER B 91 17.84 16.55 4.74
CA SER B 91 17.95 15.32 3.94
C SER B 91 17.73 14.12 4.84
N LEU B 92 16.57 13.48 4.71
CA LEU B 92 16.21 12.33 5.53
C LEU B 92 16.43 11.05 4.72
N THR B 93 17.24 10.14 5.27
CA THR B 93 17.48 8.84 4.67
C THR B 93 16.68 7.79 5.43
N PHE B 94 15.97 6.94 4.69
CA PHE B 94 15.10 5.94 5.27
C PHE B 94 15.70 4.56 5.08
N THR B 95 15.36 3.65 5.99
CA THR B 95 15.85 2.28 5.87
C THR B 95 15.28 1.63 4.62
N PRO B 96 15.92 0.60 4.10
CA PRO B 96 15.32 -0.17 3.01
C PRO B 96 14.00 -0.76 3.46
N ASP B 97 13.27 -1.33 2.51
CA ASP B 97 11.92 -1.85 2.69
C ASP B 97 10.90 -0.72 2.75
N THR B 98 11.33 0.54 2.74
CA THR B 98 10.41 1.66 2.87
C THR B 98 9.89 2.09 1.50
N ASP B 99 8.65 2.55 1.48
CA ASP B 99 8.01 3.02 0.26
C ASP B 99 8.34 4.49 0.06
N GLU B 100 9.00 4.82 -1.04
CA GLU B 100 9.43 6.19 -1.28
C GLU B 100 8.26 7.15 -1.29
N ASN B 101 7.12 6.72 -1.86
CA ASN B 101 5.99 7.62 -1.98
C ASN B 101 5.33 7.86 -0.63
N LEU B 102 5.10 6.81 0.15
CA LEU B 102 4.57 6.99 1.49
C LEU B 102 5.54 7.78 2.37
N ALA B 103 6.83 7.57 2.18
CA ALA B 103 7.82 8.34 2.93
C ALA B 103 7.71 9.82 2.61
N GLN B 104 7.59 10.17 1.33
CA GLN B 104 7.50 11.56 0.94
C GLN B 104 6.19 12.18 1.37
N VAL B 105 5.12 11.41 1.33
CA VAL B 105 3.82 11.91 1.79
C VAL B 105 3.83 12.19 3.29
N GLU B 106 4.51 11.34 4.07
CA GLU B 106 4.59 11.54 5.51
C GLU B 106 5.49 12.70 5.86
N VAL B 107 6.59 12.88 5.15
CA VAL B 107 7.45 14.04 5.37
C VAL B 107 6.70 15.33 5.08
N GLN B 108 5.93 15.37 4.00
CA GLN B 108 5.16 16.57 3.70
C GLN B 108 4.12 16.85 4.77
N ASN B 109 3.43 15.82 5.25
CA ASN B 109 2.40 15.99 6.28
C ASN B 109 3.00 16.45 7.60
N LYS B 110 4.23 16.06 7.90
CA LYS B 110 4.89 16.57 9.10
C LYS B 110 5.34 18.01 8.90
N LEU B 111 5.85 18.33 7.72
CA LEU B 111 6.27 19.71 7.45
C LEU B 111 5.11 20.68 7.55
N SER B 112 3.91 20.25 7.15
CA SER B 112 2.76 21.13 7.18
C SER B 112 2.44 21.59 8.60
N GLU B 113 2.80 20.81 9.62
CA GLU B 113 2.47 21.17 10.99
C GLU B 113 3.26 22.37 11.48
N VAL B 114 4.47 22.57 10.97
CA VAL B 114 5.34 23.66 11.38
C VAL B 114 5.51 24.72 10.31
N LEU B 115 4.92 24.60 9.12
CA LEU B 115 5.16 25.61 8.10
C LEU B 115 4.84 27.01 8.58
N SER B 116 3.82 27.14 9.43
CA SER B 116 3.44 28.45 9.97
C SER B 116 4.49 29.11 10.85
N THR B 117 5.24 28.33 11.61
CA THR B 117 6.23 28.89 12.52
C THR B 117 7.49 29.47 11.85
N LEU B 118 7.73 29.21 10.57
CA LEU B 118 8.94 29.71 9.93
C LEU B 118 8.77 31.19 9.60
N PRO B 119 9.84 31.87 9.21
CA PRO B 119 9.73 33.28 8.86
C PRO B 119 8.74 33.49 7.72
N ALA B 120 8.30 34.75 7.58
CA ALA B 120 7.33 35.07 6.54
C ALA B 120 7.90 34.90 5.14
N THR B 121 9.19 35.17 4.97
CA THR B 121 9.81 35.04 3.65
C THR B 121 9.92 33.57 3.24
N VAL B 122 10.39 32.73 4.16
CA VAL B 122 10.46 31.29 3.89
C VAL B 122 9.09 30.75 3.52
N GLN B 123 8.03 31.33 4.07
CA GLN B 123 6.68 30.89 3.74
C GLN B 123 6.25 31.43 2.39
N GLN B 124 6.62 32.66 2.06
CA GLN B 124 6.35 33.21 0.73
C GLN B 124 6.94 32.32 -0.35
N TYR B 125 8.21 31.97 -0.23
CA TYR B 125 8.84 31.16 -1.26
C TYR B 125 8.33 29.73 -1.24
N GLY B 126 8.12 29.17 -0.06
CA GLY B 126 7.63 27.80 0.04
C GLY B 126 8.74 26.78 0.15
N VAL B 127 8.46 25.73 0.91
CA VAL B 127 9.40 24.62 1.10
C VAL B 127 9.00 23.49 0.16
N THR B 128 9.99 22.86 -0.46
CA THR B 128 9.77 21.91 -1.54
C THR B 128 10.29 20.53 -1.14
N VAL B 129 9.40 19.67 -0.67
CA VAL B 129 9.76 18.28 -0.39
C VAL B 129 9.87 17.53 -1.71
N SER B 130 10.84 16.63 -1.79
CA SER B 130 11.07 15.86 -3.00
C SER B 130 12.00 14.70 -2.70
N LYS B 131 11.93 13.66 -3.54
CA LYS B 131 12.77 12.49 -3.36
C LYS B 131 14.08 12.69 -4.08
N ALA B 132 15.19 12.32 -3.44
CA ALA B 132 16.50 12.45 -4.05
C ALA B 132 16.72 11.54 -5.24
N ARG B 133 16.17 10.34 -5.21
CA ARG B 133 16.43 9.38 -6.27
C ARG B 133 16.11 9.89 -7.65
N SER B 134 17.02 9.66 -8.59
CA SER B 134 16.80 10.09 -9.95
C SER B 134 17.14 8.96 -10.89
N ASN B 135 16.38 8.84 -11.98
CA ASN B 135 16.71 7.84 -12.98
C ASN B 135 17.21 8.66 -14.15
N PHE B 136 18.41 9.23 -14.05
CA PHE B 136 18.90 10.12 -15.10
C PHE B 136 18.95 9.43 -16.45
N LEU B 137 18.54 10.15 -17.49
CA LEU B 137 18.58 9.62 -18.86
C LEU B 137 19.44 10.46 -19.80
N MET B 138 19.17 11.75 -19.95
CA MET B 138 19.90 12.56 -20.93
C MET B 138 20.07 14.01 -20.53
N ILE B 139 20.88 14.76 -21.27
CA ILE B 139 21.03 16.18 -21.03
C ILE B 139 20.81 16.90 -22.34
N VAL B 140 19.98 17.94 -22.35
CA VAL B 140 19.79 18.72 -23.57
C VAL B 140 20.45 20.09 -23.35
N MET B 141 20.99 20.70 -24.40
CA MET B 141 21.67 21.98 -24.27
C MET B 141 21.29 22.86 -25.45
N LEU B 142 20.86 24.09 -25.15
CA LEU B 142 20.57 25.10 -26.17
C LEU B 142 21.62 26.19 -26.08
N SER B 143 22.45 26.31 -27.10
CA SER B 143 23.49 27.32 -27.16
C SER B 143 23.18 28.32 -28.26
N SER B 144 23.38 29.61 -27.97
CA SER B 144 23.04 30.66 -28.93
C SER B 144 24.25 31.47 -29.39
N ASP B 145 25.00 32.06 -28.45
CA ASP B 145 26.07 33.01 -28.74
C ASP B 145 25.54 34.36 -29.19
N VAL B 146 24.24 34.50 -29.46
CA VAL B 146 23.67 35.77 -29.92
C VAL B 146 22.63 36.36 -28.96
N GLN B 147 22.10 35.57 -28.05
CA GLN B 147 21.06 36.04 -27.16
C GLN B 147 21.41 35.71 -25.74
N SER B 148 20.92 36.48 -24.78
CA SER B 148 21.27 36.29 -23.38
C SER B 148 20.84 34.95 -22.82
N THR B 149 21.26 34.64 -21.59
CA THR B 149 20.78 33.40 -21.00
C THR B 149 19.35 33.50 -20.51
N GLU B 150 18.84 34.71 -20.29
CA GLU B 150 17.45 34.86 -19.85
C GLU B 150 16.49 34.57 -20.99
N GLU B 151 16.76 35.10 -22.17
CA GLU B 151 15.90 34.82 -23.31
C GLU B 151 15.90 33.35 -23.64
N MET B 152 17.06 32.69 -23.57
CA MET B 152 17.14 31.27 -23.85
C MET B 152 16.41 30.46 -22.78
N ASN B 153 16.58 30.81 -21.51
CA ASN B 153 15.85 30.13 -20.45
C ASN B 153 14.35 30.27 -20.65
N ASP B 154 13.88 31.47 -21.01
CA ASP B 154 12.45 31.68 -21.20
C ASP B 154 11.93 30.89 -22.38
N TYR B 155 12.65 30.92 -23.51
CA TYR B 155 12.23 30.14 -24.67
C TYR B 155 12.17 28.66 -24.32
N ALA B 156 13.19 28.15 -23.65
CA ALA B 156 13.17 26.75 -23.23
C ALA B 156 11.91 26.47 -22.41
N GLN B 157 11.74 27.17 -21.30
CA GLN B 157 10.64 26.89 -20.39
C GLN B 157 9.28 27.02 -21.06
N ARG B 158 9.16 27.87 -22.09
CA ARG B 158 7.88 28.09 -22.72
C ARG B 158 7.60 27.17 -23.89
N ASN B 159 8.63 26.68 -24.59
CA ASN B 159 8.43 25.98 -25.84
C ASN B 159 9.04 24.58 -25.88
N VAL B 160 10.18 24.34 -25.23
CA VAL B 160 10.91 23.10 -25.38
C VAL B 160 10.63 22.13 -24.24
N VAL B 161 10.46 22.65 -23.02
CA VAL B 161 10.28 21.80 -21.84
C VAL B 161 8.89 21.17 -21.87
N PRO B 162 7.81 21.95 -22.04
CA PRO B 162 6.47 21.37 -21.98
C PRO B 162 6.18 20.35 -23.07
N GLU B 163 7.05 20.20 -24.06
CA GLU B 163 6.88 19.20 -25.11
C GLU B 163 7.71 17.96 -24.88
N LEU B 164 8.81 18.05 -24.13
CA LEU B 164 9.56 16.87 -23.74
C LEU B 164 8.87 16.12 -22.61
N GLN B 165 8.16 16.84 -21.73
CA GLN B 165 7.40 16.18 -20.68
C GLN B 165 6.33 15.27 -21.26
N ARG B 166 5.84 15.57 -22.46
CA ARG B 166 4.74 14.84 -23.06
C ARG B 166 5.18 13.54 -23.71
N ILE B 167 6.48 13.36 -23.97
CA ILE B 167 6.96 12.17 -24.66
C ILE B 167 6.78 10.95 -23.77
N GLU B 168 6.45 9.82 -24.40
CA GLU B 168 6.21 8.60 -23.64
C GLU B 168 7.51 8.07 -23.06
N GLY B 169 7.51 7.79 -21.77
CA GLY B 169 8.66 7.28 -21.08
C GLY B 169 9.36 8.31 -20.22
N VAL B 170 9.13 9.59 -20.47
CA VAL B 170 9.76 10.65 -19.68
C VAL B 170 9.03 10.77 -18.35
N GLY B 171 9.79 10.71 -17.26
CA GLY B 171 9.21 10.81 -15.94
C GLY B 171 9.41 12.16 -15.30
N GLN B 172 10.32 12.98 -15.82
CA GLN B 172 10.52 14.35 -15.31
C GLN B 172 11.55 15.12 -16.11
N VAL B 173 11.29 16.38 -16.42
CA VAL B 173 12.28 17.20 -17.10
C VAL B 173 12.61 18.41 -16.23
N ARG B 174 13.89 18.65 -15.99
CA ARG B 174 14.31 19.77 -15.15
C ARG B 174 15.14 20.80 -15.87
N LEU B 175 14.75 22.06 -15.78
CA LEU B 175 15.52 23.13 -16.39
C LEU B 175 16.44 23.77 -15.37
N PHE B 176 17.75 23.78 -15.65
CA PHE B 176 18.71 24.41 -14.75
C PHE B 176 18.84 25.87 -15.12
N GLY B 177 18.16 26.74 -14.38
CA GLY B 177 18.25 28.16 -14.63
C GLY B 177 17.15 28.94 -13.93
N ALA B 178 17.38 30.22 -13.70
CA ALA B 178 16.42 31.07 -13.00
C ALA B 178 15.41 31.65 -13.99
N GLN B 179 14.15 31.68 -13.57
CA GLN B 179 13.09 32.17 -14.43
C GLN B 179 13.17 33.68 -14.56
N ARG B 180 12.26 34.25 -15.36
CA ARG B 180 12.24 35.67 -15.53
C ARG B 180 11.55 36.31 -14.35
N ALA B 181 11.66 37.62 -14.23
CA ALA B 181 11.05 38.37 -13.14
C ALA B 181 11.17 39.85 -13.46
N MET B 182 10.17 40.62 -13.01
CA MET B 182 10.22 42.07 -13.14
C MET B 182 11.13 42.61 -12.05
N ARG B 183 12.26 43.17 -12.46
CA ARG B 183 13.28 43.64 -11.53
C ARG B 183 13.21 45.15 -11.38
N ILE B 184 13.31 45.62 -10.14
CA ILE B 184 13.30 47.04 -9.83
C ILE B 184 14.59 47.36 -9.09
N TRP B 185 15.40 48.24 -9.66
CA TRP B 185 16.73 48.54 -9.14
C TRP B 185 16.69 49.93 -8.52
N VAL B 186 16.32 49.98 -7.24
CA VAL B 186 16.12 51.25 -6.56
C VAL B 186 17.45 51.95 -6.33
N ASP B 187 17.41 53.28 -6.33
CA ASP B 187 18.59 54.10 -6.06
C ASP B 187 18.38 54.83 -4.75
N PRO B 188 19.11 54.50 -3.68
CA PRO B 188 18.81 55.10 -2.37
C PRO B 188 19.04 56.60 -2.31
N LYS B 189 19.98 57.12 -3.08
CA LYS B 189 20.20 58.57 -3.10
C LYS B 189 18.96 59.30 -3.61
N LYS B 190 18.43 58.86 -4.74
CA LYS B 190 17.20 59.44 -5.26
C LYS B 190 16.05 59.23 -4.29
N LEU B 191 16.02 58.09 -3.62
CA LEU B 191 14.97 57.85 -2.63
C LEU B 191 15.00 58.90 -1.53
N GLN B 192 16.19 59.16 -0.97
CA GLN B 192 16.28 60.15 0.09
C GLN B 192 16.14 61.58 -0.43
N ASN B 193 16.33 61.78 -1.74
CA ASN B 193 16.05 63.10 -2.31
C ASN B 193 14.58 63.48 -2.10
N TYR B 194 13.67 62.55 -2.32
CA TYR B 194 12.24 62.78 -2.15
C TYR B 194 11.75 62.40 -0.76
N ASN B 195 12.60 61.84 0.09
CA ASN B 195 12.21 61.44 1.44
C ASN B 195 11.31 60.21 1.44
N LEU B 196 11.56 59.29 0.51
CA LEU B 196 10.84 58.02 0.45
C LEU B 196 11.69 56.92 1.05
N SER B 197 11.16 55.70 1.03
CA SER B 197 11.86 54.55 1.59
C SER B 197 11.46 53.30 0.82
N PHE B 198 12.24 52.22 1.02
CA PHE B 198 11.95 50.96 0.35
C PHE B 198 10.55 50.45 0.69
N ALA B 199 10.08 50.71 1.91
CA ALA B 199 8.73 50.30 2.28
C ALA B 199 7.70 51.00 1.41
N ASP B 200 7.95 52.24 1.03
CA ASP B 200 7.04 52.93 0.12
C ASP B 200 6.93 52.19 -1.21
N VAL B 201 8.08 51.81 -1.78
CA VAL B 201 8.06 51.10 -3.04
C VAL B 201 7.31 49.78 -2.90
N GLY B 202 7.61 49.02 -1.86
CA GLY B 202 6.96 47.74 -1.67
C GLY B 202 5.45 47.87 -1.54
N SER B 203 5.01 48.81 -0.69
CA SER B 203 3.58 48.96 -0.44
C SER B 203 2.86 49.48 -1.68
N ALA B 204 3.47 50.43 -2.41
CA ALA B 204 2.85 50.93 -3.63
C ALA B 204 2.72 49.83 -4.66
N LEU B 205 3.76 49.04 -4.86
CA LEU B 205 3.69 47.96 -5.84
C LEU B 205 2.69 46.89 -5.43
N SER B 206 2.52 46.66 -4.13
CA SER B 206 1.51 45.70 -3.69
C SER B 206 0.10 46.27 -3.77
N ALA B 207 -0.06 47.58 -3.71
CA ALA B 207 -1.38 48.21 -3.75
C ALA B 207 -1.86 48.52 -5.16
N GLN B 208 -0.97 48.65 -6.13
CA GLN B 208 -1.36 49.02 -7.48
C GLN B 208 -1.25 47.88 -8.48
N ASN B 209 -0.73 46.73 -8.09
CA ASN B 209 -0.69 45.55 -8.95
C ASN B 209 -1.45 44.44 -8.21
N ILE B 210 -2.76 44.42 -8.37
CA ILE B 210 -3.63 43.52 -7.62
C ILE B 210 -4.68 42.95 -8.55
N GLN B 211 -5.21 41.78 -8.19
CA GLN B 211 -6.22 41.10 -8.97
C GLN B 211 -7.60 41.42 -8.42
N ILE B 212 -8.52 41.78 -9.31
CA ILE B 212 -9.87 42.19 -8.94
C ILE B 212 -10.85 41.11 -9.35
N SER B 213 -11.71 40.70 -8.42
CA SER B 213 -12.81 39.78 -8.69
C SER B 213 -14.09 40.59 -8.57
N ALA B 214 -14.66 40.99 -9.71
CA ALA B 214 -15.77 41.94 -9.71
C ALA B 214 -17.06 41.28 -9.24
N GLY B 215 -17.38 40.10 -9.77
CA GLY B 215 -18.60 39.42 -9.39
C GLY B 215 -19.48 39.10 -10.58
N SER B 216 -20.79 39.19 -10.39
CA SER B 216 -21.72 38.91 -11.48
C SER B 216 -22.96 39.78 -11.38
N ILE B 217 -23.65 39.96 -12.49
CA ILE B 217 -24.88 40.73 -12.51
C ILE B 217 -26.00 39.72 -12.69
N GLY B 218 -27.05 39.79 -11.90
CA GLY B 218 -28.09 38.79 -11.97
C GLY B 218 -27.72 37.58 -11.14
N SER B 219 -27.24 37.78 -9.92
CA SER B 219 -26.79 36.66 -9.08
C SER B 219 -27.94 35.81 -8.57
N LEU B 220 -27.65 34.75 -7.83
CA LEU B 220 -28.69 33.80 -7.43
C LEU B 220 -29.87 34.24 -6.57
N PRO B 221 -29.64 35.06 -5.53
CA PRO B 221 -30.83 35.53 -4.82
C PRO B 221 -31.31 36.73 -5.59
N ALA B 222 -32.05 36.52 -6.68
CA ALA B 222 -32.44 37.62 -7.55
C ALA B 222 -33.86 38.14 -7.42
N VAL B 223 -34.15 39.28 -8.05
CA VAL B 223 -35.49 39.85 -8.00
C VAL B 223 -36.34 39.22 -9.09
N ARG B 224 -37.63 39.09 -8.82
CA ARG B 224 -38.55 38.49 -9.78
C ARG B 224 -38.62 39.35 -11.04
N GLY B 225 -38.32 38.74 -12.18
CA GLY B 225 -38.27 39.44 -13.45
C GLY B 225 -36.90 39.56 -14.07
N GLN B 226 -35.85 39.11 -13.38
CA GLN B 226 -34.52 39.17 -13.94
C GLN B 226 -34.38 38.17 -15.08
N THR B 227 -33.96 38.65 -16.25
CA THR B 227 -33.86 37.82 -17.44
C THR B 227 -32.44 37.58 -17.91
N VAL B 228 -31.47 38.40 -17.51
CA VAL B 228 -30.11 38.31 -18.01
C VAL B 228 -29.15 38.13 -16.84
N THR B 229 -28.09 37.37 -17.10
CA THR B 229 -26.96 37.22 -16.18
C THR B 229 -25.68 37.52 -16.95
N ALA B 230 -24.66 38.00 -16.23
CA ALA B 230 -23.40 38.36 -16.87
C ALA B 230 -22.30 38.55 -15.85
N THR B 231 -21.13 37.98 -16.11
CA THR B 231 -20.00 38.12 -15.21
C THR B 231 -19.26 39.40 -15.53
N VAL B 232 -18.98 40.19 -14.50
CA VAL B 232 -18.27 41.45 -14.66
C VAL B 232 -16.78 41.18 -14.58
N THR B 233 -16.00 42.01 -15.27
CA THR B 233 -14.56 41.80 -15.41
C THR B 233 -13.83 43.11 -15.22
N ALA B 234 -12.66 43.04 -14.58
CA ALA B 234 -11.80 44.19 -14.40
C ALA B 234 -10.35 43.72 -14.33
N GLN B 235 -9.46 44.48 -14.92
CA GLN B 235 -8.03 44.16 -14.97
C GLN B 235 -7.28 45.15 -14.11
N GLY B 236 -6.80 44.69 -12.95
CA GLY B 236 -6.03 45.52 -12.05
C GLY B 236 -4.57 45.13 -11.92
N GLN B 237 -4.03 44.36 -12.85
CA GLN B 237 -2.64 43.92 -12.80
C GLN B 237 -1.85 44.59 -13.91
N LEU B 238 -0.58 44.86 -13.64
CA LEU B 238 0.33 45.42 -14.62
C LEU B 238 1.06 44.32 -15.35
N GLY B 239 1.49 44.61 -16.57
CA GLY B 239 2.06 43.57 -17.42
C GLY B 239 3.37 43.89 -18.10
N THR B 240 3.77 45.15 -18.12
CA THR B 240 4.98 45.57 -18.83
C THR B 240 5.84 46.42 -17.91
N ALA B 241 7.04 46.74 -18.40
CA ALA B 241 7.97 47.55 -17.63
C ALA B 241 7.57 49.01 -17.62
N GLU B 242 6.85 49.47 -18.65
CA GLU B 242 6.38 50.85 -18.67
C GLU B 242 5.28 51.08 -17.63
N GLU B 243 4.32 50.16 -17.56
CA GLU B 243 3.27 50.27 -16.56
C GLU B 243 3.84 50.21 -15.15
N PHE B 244 4.85 49.36 -14.94
CA PHE B 244 5.48 49.31 -13.63
C PHE B 244 6.24 50.60 -13.34
N GLY B 245 6.89 51.17 -14.35
CA GLY B 245 7.57 52.44 -14.16
C GLY B 245 6.64 53.60 -13.94
N ASN B 246 5.36 53.46 -14.31
CA ASN B 246 4.37 54.51 -14.13
C ASN B 246 3.65 54.44 -12.79
N VAL B 247 4.01 53.49 -11.92
CA VAL B 247 3.37 53.39 -10.62
C VAL B 247 3.60 54.67 -9.83
N ILE B 248 2.59 55.10 -9.08
CA ILE B 248 2.63 56.35 -8.35
C ILE B 248 3.08 56.07 -6.92
N LEU B 249 4.19 56.70 -6.51
CA LEU B 249 4.72 56.52 -5.16
C LEU B 249 4.19 57.55 -4.19
N ARG B 250 3.87 58.75 -4.66
CA ARG B 250 3.32 59.79 -3.80
C ARG B 250 2.55 60.78 -4.63
N ALA B 251 1.30 61.02 -4.26
CA ALA B 251 0.50 62.01 -4.95
C ALA B 251 0.47 63.24 -4.08
N ASN B 252 0.96 64.36 -4.59
CA ASN B 252 1.05 65.56 -3.79
C ASN B 252 -0.26 66.34 -3.84
N THR B 253 -0.45 67.29 -2.93
CA THR B 253 -1.63 68.15 -3.00
C THR B 253 -1.48 68.97 -4.27
N ASP B 254 -0.24 69.34 -4.64
CA ASP B 254 0.01 70.07 -5.88
C ASP B 254 -0.37 69.28 -7.15
N GLY B 255 -0.48 67.95 -7.05
CA GLY B 255 -0.77 67.14 -8.23
C GLY B 255 0.44 66.69 -9.02
N SER B 256 1.64 66.87 -8.48
CA SER B 256 2.86 66.48 -9.19
C SER B 256 3.00 64.99 -9.48
N ASN B 257 2.54 64.13 -8.55
CA ASN B 257 2.60 62.68 -8.77
C ASN B 257 3.97 62.12 -9.08
N ILE B 258 4.89 62.10 -8.11
CA ILE B 258 6.18 61.44 -8.32
C ILE B 258 5.96 59.95 -8.59
N TYR B 259 6.68 59.40 -9.56
CA TYR B 259 6.46 58.01 -9.95
C TYR B 259 7.56 57.05 -9.55
N LEU B 260 7.39 55.78 -9.87
CA LEU B 260 8.40 54.78 -9.56
C LEU B 260 9.59 54.84 -10.51
N LYS B 261 9.49 55.52 -11.65
CA LYS B 261 10.63 55.66 -12.54
C LYS B 261 11.57 56.74 -12.07
N ASP B 262 11.08 57.65 -11.23
CA ASP B 262 11.92 58.71 -10.69
C ASP B 262 13.04 58.16 -9.82
N VAL B 263 12.74 57.12 -9.03
CA VAL B 263 13.73 56.59 -8.10
C VAL B 263 14.32 55.20 -8.41
N ALA B 264 14.00 54.58 -9.55
CA ALA B 264 14.50 53.26 -9.88
C ALA B 264 14.46 53.08 -11.39
N LYS B 265 14.94 51.94 -11.85
CA LYS B 265 14.86 51.56 -13.26
C LYS B 265 14.28 50.15 -13.34
N VAL B 266 13.22 50.00 -14.13
CA VAL B 266 12.43 48.78 -14.15
C VAL B 266 12.67 48.06 -15.46
N GLY B 267 13.02 46.78 -15.37
CA GLY B 267 13.20 45.94 -16.54
C GLY B 267 13.06 44.49 -16.18
N LEU B 268 12.84 43.66 -17.20
CA LEU B 268 12.75 42.22 -17.00
C LEU B 268 14.14 41.65 -16.77
N GLY B 269 14.29 40.88 -15.71
CA GLY B 269 15.58 40.29 -15.35
C GLY B 269 15.42 38.83 -15.01
N MET B 270 16.17 38.39 -14.01
CA MET B 270 16.15 37.02 -13.54
C MET B 270 15.79 36.98 -12.06
N GLU B 271 15.67 35.77 -11.53
CA GLU B 271 15.32 35.59 -10.13
C GLU B 271 16.52 35.63 -9.19
N ASP B 272 17.62 34.96 -9.55
CA ASP B 272 18.73 34.80 -8.62
C ASP B 272 20.02 35.44 -9.09
N TYR B 273 20.46 35.17 -10.32
CA TYR B 273 21.74 35.64 -10.86
C TYR B 273 22.93 34.87 -10.31
N SER B 274 22.71 33.72 -9.69
CA SER B 274 23.79 33.03 -8.99
C SER B 274 24.64 32.18 -9.93
N SER B 275 24.01 31.30 -10.69
CA SER B 275 24.71 30.36 -11.54
C SER B 275 24.78 30.84 -12.99
N SER B 276 25.71 30.26 -13.73
CA SER B 276 25.90 30.63 -15.14
C SER B 276 26.62 29.48 -15.83
N THR B 277 25.99 28.92 -16.85
CA THR B 277 26.52 27.76 -17.57
C THR B 277 27.06 28.17 -18.92
N ARG B 278 27.98 27.36 -19.44
CA ARG B 278 28.58 27.59 -20.75
C ARG B 278 29.03 26.26 -21.32
N LEU B 279 28.83 26.09 -22.63
CA LEU B 279 29.26 24.89 -23.34
C LEU B 279 30.32 25.28 -24.35
N ASN B 280 31.56 24.91 -24.08
CA ASN B 280 32.69 25.25 -24.95
C ASN B 280 32.88 26.75 -25.07
N GLY B 281 32.54 27.49 -24.03
CA GLY B 281 32.76 28.92 -23.98
C GLY B 281 31.54 29.77 -24.27
N VAL B 282 30.54 29.21 -24.94
CA VAL B 282 29.36 29.98 -25.36
C VAL B 282 28.23 29.71 -24.38
N ASN B 283 27.37 30.72 -24.21
CA ASN B 283 26.24 30.59 -23.29
C ASN B 283 25.39 29.38 -23.65
N THR B 284 24.82 28.75 -22.62
CA THR B 284 23.90 27.65 -22.83
C THR B 284 22.82 27.66 -21.76
N THR B 285 21.75 26.91 -22.03
CA THR B 285 20.73 26.60 -21.06
C THR B 285 20.44 25.12 -21.15
N GLY B 286 20.70 24.40 -20.06
CA GLY B 286 20.65 22.95 -20.07
C GLY B 286 19.40 22.40 -19.38
N MET B 287 18.88 21.31 -19.93
CA MET B 287 17.80 20.54 -19.33
C MET B 287 18.33 19.19 -18.89
N ALA B 288 17.50 18.46 -18.15
CA ALA B 288 17.87 17.13 -17.65
C ALA B 288 16.65 16.23 -17.76
N VAL B 289 16.61 15.41 -18.80
CA VAL B 289 15.55 14.44 -18.99
C VAL B 289 15.81 13.24 -18.10
N MET B 290 14.78 12.78 -17.40
CA MET B 290 14.91 11.68 -16.46
C MET B 290 13.83 10.64 -16.75
N LEU B 291 14.24 9.39 -16.79
CA LEU B 291 13.34 8.31 -17.16
C LEU B 291 12.38 7.98 -16.02
N SER B 292 11.26 7.37 -16.38
CA SER B 292 10.27 6.92 -15.41
C SER B 292 10.42 5.43 -15.17
N ASN B 293 10.19 5.01 -13.93
CA ASN B 293 10.21 3.59 -13.60
C ASN B 293 9.30 2.83 -14.56
N SER B 294 9.80 1.73 -15.09
CA SER B 294 9.07 0.94 -16.08
C SER B 294 9.02 1.65 -17.44
N GLY B 295 10.10 2.33 -17.80
CA GLY B 295 10.22 2.97 -19.10
C GLY B 295 11.45 2.46 -19.82
N ASN B 296 11.36 2.43 -21.15
CA ASN B 296 12.46 1.99 -22.00
C ASN B 296 13.36 3.19 -22.30
N ALA B 297 14.67 3.00 -22.16
CA ALA B 297 15.59 4.12 -22.27
C ALA B 297 15.95 4.43 -23.72
N MET B 298 16.17 3.39 -24.53
CA MET B 298 16.57 3.62 -25.91
C MET B 298 15.43 4.26 -26.71
N ALA B 299 14.20 3.78 -26.51
CA ALA B 299 13.06 4.37 -27.19
C ALA B 299 12.86 5.82 -26.78
N THR B 300 13.06 6.12 -25.50
CA THR B 300 12.85 7.49 -25.04
C THR B 300 13.93 8.42 -25.56
N ALA B 301 15.18 7.95 -25.64
CA ALA B 301 16.22 8.79 -26.24
C ALA B 301 15.93 9.04 -27.71
N LYS B 302 15.52 8.02 -28.44
CA LYS B 302 15.19 8.18 -29.83
C LYS B 302 14.06 9.19 -30.00
N ALA B 303 13.02 9.09 -29.18
CA ALA B 303 11.88 9.99 -29.28
C ALA B 303 12.27 11.42 -28.93
N VAL B 304 13.11 11.60 -27.90
CA VAL B 304 13.53 12.95 -27.53
C VAL B 304 14.32 13.59 -28.67
N LYS B 305 15.26 12.84 -29.26
CA LYS B 305 16.06 13.41 -30.33
C LYS B 305 15.21 13.75 -31.55
N GLU B 306 14.23 12.90 -31.88
CA GLU B 306 13.36 13.18 -33.02
C GLU B 306 12.49 14.41 -32.74
N ARG B 307 11.93 14.51 -31.54
CA ARG B 307 11.11 15.68 -31.22
C ARG B 307 11.93 16.95 -31.26
N LEU B 308 13.18 16.90 -30.79
CA LEU B 308 14.01 18.09 -30.85
C LEU B 308 14.35 18.47 -32.28
N ALA B 309 14.65 17.47 -33.12
CA ALA B 309 14.92 17.76 -34.53
C ALA B 309 13.70 18.37 -35.21
N VAL B 310 12.50 17.99 -34.77
CA VAL B 310 11.29 18.59 -35.32
C VAL B 310 11.14 20.03 -34.83
N LEU B 311 11.33 20.24 -33.53
CA LEU B 311 11.17 21.57 -32.95
C LEU B 311 12.21 22.56 -33.47
N GLU B 312 13.37 22.08 -33.93
CA GLU B 312 14.45 22.99 -34.29
C GLU B 312 14.08 23.95 -35.43
N LYS B 313 13.03 23.66 -36.18
CA LYS B 313 12.69 24.54 -37.30
C LYS B 313 12.07 25.86 -36.86
N TYR B 314 11.76 26.02 -35.58
CA TYR B 314 11.21 27.26 -35.06
C TYR B 314 12.16 27.98 -34.11
N PHE B 315 13.38 27.48 -33.94
CA PHE B 315 14.34 28.14 -33.08
C PHE B 315 14.67 29.52 -33.63
N PRO B 316 14.83 30.52 -32.76
CA PRO B 316 15.33 31.81 -33.23
C PRO B 316 16.70 31.67 -33.86
N GLN B 317 17.12 32.73 -34.55
CA GLN B 317 18.40 32.68 -35.25
C GLN B 317 19.55 32.56 -34.27
N GLY B 318 20.44 31.61 -34.53
CA GLY B 318 21.64 31.41 -33.74
C GLY B 318 21.54 30.26 -32.74
N MET B 319 20.33 29.88 -32.35
CA MET B 319 20.16 28.85 -31.34
C MET B 319 20.24 27.46 -31.96
N SER B 320 20.74 26.51 -31.18
CA SER B 320 20.90 25.14 -31.64
C SER B 320 20.87 24.21 -30.43
N TRP B 321 20.45 22.97 -30.66
CA TRP B 321 20.33 21.99 -29.59
C TRP B 321 21.46 20.96 -29.69
N LYS B 322 21.68 20.25 -28.58
CA LYS B 322 22.77 19.30 -28.48
C LYS B 322 22.61 18.43 -27.24
N THR B 323 22.73 17.12 -27.39
CA THR B 323 22.69 16.18 -26.27
C THR B 323 24.08 15.62 -26.03
N PRO B 324 24.93 16.30 -25.24
CA PRO B 324 26.30 15.82 -25.11
C PRO B 324 26.41 14.46 -24.43
N TYR B 325 25.67 14.23 -23.35
CA TYR B 325 25.76 12.99 -22.60
C TYR B 325 24.41 12.27 -22.59
N ASP B 326 24.45 10.96 -22.76
CA ASP B 326 23.25 10.14 -22.87
C ASP B 326 23.57 8.76 -22.30
N THR B 327 22.78 8.33 -21.32
CA THR B 327 23.04 7.08 -20.62
C THR B 327 22.21 5.91 -21.17
N SER B 328 21.88 5.95 -22.45
CA SER B 328 21.25 4.81 -23.12
C SER B 328 22.20 4.05 -24.03
N LYS B 329 23.29 4.69 -24.44
CA LYS B 329 24.28 4.04 -25.28
C LYS B 329 24.97 2.95 -24.48
N PHE B 330 24.92 3.02 -23.16
CA PHE B 330 25.53 1.99 -22.32
C PHE B 330 24.73 0.70 -22.38
N VAL B 331 23.42 0.78 -22.13
CA VAL B 331 22.60 -0.42 -22.18
C VAL B 331 22.49 -0.94 -23.61
N GLU B 332 22.53 -0.05 -24.60
CA GLU B 332 22.54 -0.50 -25.98
C GLU B 332 23.79 -1.32 -26.29
N ILE B 333 24.95 -0.85 -25.82
CA ILE B 333 26.19 -1.59 -26.02
C ILE B 333 26.15 -2.92 -25.28
N SER B 334 25.55 -2.93 -24.09
CA SER B 334 25.45 -4.18 -23.34
C SER B 334 24.60 -5.20 -24.10
N ILE B 335 23.49 -4.75 -24.68
CA ILE B 335 22.65 -5.68 -25.45
C ILE B 335 23.40 -6.19 -26.68
N GLU B 336 24.11 -5.30 -27.38
CA GLU B 336 24.88 -5.74 -28.53
C GLU B 336 25.94 -6.76 -28.13
N LYS B 337 26.57 -6.56 -26.96
CA LYS B 337 27.58 -7.50 -26.50
C LYS B 337 26.96 -8.85 -26.18
N VAL B 338 25.79 -8.86 -25.55
CA VAL B 338 25.09 -10.11 -25.29
C VAL B 338 24.86 -10.86 -26.59
N ILE B 339 24.35 -10.16 -27.61
CA ILE B 339 24.05 -10.82 -28.88
C ILE B 339 25.32 -11.36 -29.53
N HIS B 340 26.39 -10.57 -29.53
CA HIS B 340 27.62 -11.01 -30.16
C HIS B 340 28.21 -12.23 -29.44
N THR B 341 28.15 -12.24 -28.11
CA THR B 341 28.68 -13.39 -27.38
C THR B 341 27.82 -14.63 -27.63
N LEU B 342 26.51 -14.46 -27.74
CA LEU B 342 25.67 -15.61 -28.08
C LEU B 342 26.07 -16.20 -29.43
N ILE B 343 26.28 -15.34 -30.43
CA ILE B 343 26.60 -15.84 -31.76
C ILE B 343 27.97 -16.51 -31.77
N GLU B 344 28.97 -15.90 -31.12
CA GLU B 344 30.30 -16.50 -31.11
C GLU B 344 30.31 -17.80 -30.29
N ALA B 345 29.49 -17.88 -29.25
CA ALA B 345 29.38 -19.13 -28.51
C ALA B 345 28.77 -20.22 -29.38
N MET B 346 27.75 -19.88 -30.17
CA MET B 346 27.20 -20.86 -31.10
C MET B 346 28.27 -21.35 -32.06
N VAL B 347 29.07 -20.44 -32.60
CA VAL B 347 30.12 -20.85 -33.54
C VAL B 347 31.14 -21.76 -32.85
N LEU B 348 31.54 -21.41 -31.63
CA LEU B 348 32.53 -22.21 -30.92
C LEU B 348 32.01 -23.60 -30.62
N VAL B 349 30.77 -23.71 -30.15
CA VAL B 349 30.23 -25.03 -29.82
C VAL B 349 30.04 -25.85 -31.09
N PHE B 350 29.64 -25.21 -32.20
CA PHE B 350 29.57 -25.93 -33.45
C PHE B 350 30.93 -26.51 -33.82
N VAL B 351 31.97 -25.69 -33.75
CA VAL B 351 33.30 -26.17 -34.12
C VAL B 351 33.73 -27.33 -33.23
N VAL B 352 33.51 -27.21 -31.93
CA VAL B 352 33.96 -28.24 -31.00
C VAL B 352 33.20 -29.54 -31.23
N MET B 353 31.88 -29.46 -31.32
CA MET B 353 31.08 -30.66 -31.54
C MET B 353 31.46 -31.33 -32.85
N TYR B 354 31.69 -30.57 -33.91
CA TYR B 354 32.05 -31.20 -35.18
C TYR B 354 33.45 -31.79 -35.13
N LEU B 355 34.37 -31.13 -34.43
CA LEU B 355 35.73 -31.65 -34.35
C LEU B 355 35.77 -32.97 -33.59
N PHE B 356 35.03 -33.07 -32.49
CA PHE B 356 35.10 -34.26 -31.65
C PHE B 356 34.11 -35.34 -32.09
N LEU B 357 32.82 -35.02 -32.12
CA LEU B 357 31.81 -36.01 -32.49
C LEU B 357 31.80 -36.30 -33.99
N GLN B 358 32.37 -35.42 -34.81
CA GLN B 358 32.66 -35.70 -36.20
C GLN B 358 31.40 -35.90 -37.04
N ASN B 359 30.35 -35.13 -36.78
CA ASN B 359 29.14 -35.18 -37.58
C ASN B 359 28.37 -33.89 -37.38
N ILE B 360 27.52 -33.57 -38.35
CA ILE B 360 26.85 -32.27 -38.36
C ILE B 360 25.56 -32.29 -37.54
N ARG B 361 24.81 -33.39 -37.56
CA ARG B 361 23.55 -33.42 -36.83
C ARG B 361 23.74 -33.49 -35.33
N TYR B 362 24.99 -33.44 -34.84
CA TYR B 362 25.24 -33.28 -33.41
C TYR B 362 25.30 -31.81 -33.01
N THR B 363 25.67 -30.93 -33.94
CA THR B 363 25.84 -29.52 -33.65
C THR B 363 24.54 -28.73 -33.75
N LEU B 364 23.39 -29.40 -33.88
CA LEU B 364 22.11 -28.72 -33.99
C LEU B 364 21.30 -28.74 -32.71
N ILE B 365 21.68 -29.58 -31.75
CA ILE B 365 20.91 -29.74 -30.51
C ILE B 365 21.23 -28.60 -29.54
N PRO B 366 22.51 -28.31 -29.28
CA PRO B 366 22.81 -27.14 -28.44
C PRO B 366 22.29 -25.84 -29.03
N THR B 367 22.46 -25.66 -30.33
CA THR B 367 21.95 -24.48 -31.01
C THR B 367 20.47 -24.29 -30.78
N ILE B 368 19.74 -25.38 -30.54
CA ILE B 368 18.30 -25.27 -30.30
C ILE B 368 17.97 -25.12 -28.82
N VAL B 369 18.75 -25.72 -27.93
CA VAL B 369 18.36 -25.75 -26.52
C VAL B 369 18.97 -24.64 -25.67
N VAL B 370 19.96 -23.92 -26.18
CA VAL B 370 20.56 -22.83 -25.41
C VAL B 370 19.66 -21.58 -25.45
N PRO B 371 19.28 -21.12 -26.64
CA PRO B 371 18.37 -19.97 -26.71
C PRO B 371 17.10 -20.15 -25.91
N ILE B 372 16.54 -21.36 -25.86
CA ILE B 372 15.34 -21.59 -25.08
C ILE B 372 15.61 -21.38 -23.59
N SER B 373 16.78 -21.79 -23.13
CA SER B 373 17.15 -21.55 -21.74
C SER B 373 17.22 -20.05 -21.45
N LEU B 374 17.89 -19.29 -22.32
CA LEU B 374 17.98 -17.85 -22.09
C LEU B 374 16.61 -17.19 -22.17
N LEU B 375 15.72 -17.70 -23.02
CA LEU B 375 14.38 -17.13 -23.10
C LEU B 375 13.59 -17.40 -21.83
N GLY B 376 13.68 -18.60 -21.29
CA GLY B 376 13.05 -18.87 -20.00
C GLY B 376 13.61 -18.00 -18.90
N GLY B 377 14.92 -17.74 -18.94
CA GLY B 377 15.51 -16.80 -17.99
C GLY B 377 14.91 -15.41 -18.10
N PHE B 378 14.75 -14.93 -19.34
CA PHE B 378 14.10 -13.63 -19.54
C PHE B 378 12.68 -13.63 -19.01
N ALA B 379 11.95 -14.72 -19.23
CA ALA B 379 10.59 -14.82 -18.71
C ALA B 379 10.57 -14.70 -17.19
N PHE B 380 11.44 -15.44 -16.51
CA PHE B 380 11.49 -15.37 -15.06
C PHE B 380 11.87 -13.97 -14.59
N ILE B 381 12.88 -13.36 -15.22
CA ILE B 381 13.25 -11.98 -14.90
C ILE B 381 12.03 -11.08 -14.97
N SER B 382 11.28 -11.17 -16.07
CA SER B 382 10.11 -10.31 -16.23
C SER B 382 9.08 -10.56 -15.15
N TYR B 383 8.86 -11.83 -14.78
CA TYR B 383 7.87 -12.13 -13.75
C TYR B 383 8.22 -11.47 -12.42
N MET B 384 9.49 -11.55 -12.01
CA MET B 384 9.90 -11.01 -10.72
C MET B 384 9.95 -9.48 -10.70
N GLY B 385 9.66 -8.81 -11.81
CA GLY B 385 9.64 -7.37 -11.81
C GLY B 385 10.97 -6.69 -11.91
N MET B 386 11.96 -7.32 -12.53
CA MET B 386 13.26 -6.71 -12.71
C MET B 386 13.29 -5.93 -14.03
N SER B 387 14.49 -5.53 -14.47
CA SER B 387 14.61 -4.80 -15.72
C SER B 387 15.76 -5.34 -16.55
N ILE B 388 15.97 -4.78 -17.74
CA ILE B 388 17.11 -5.18 -18.55
C ILE B 388 18.12 -4.08 -18.28
N ASN B 389 19.27 -4.45 -17.76
CA ASN B 389 20.26 -3.45 -17.37
C ASN B 389 21.63 -4.05 -17.50
N VAL B 390 22.66 -3.22 -17.43
CA VAL B 390 24.04 -3.69 -17.59
C VAL B 390 24.37 -4.95 -16.79
N LEU B 391 23.88 -5.08 -15.55
CA LEU B 391 24.18 -6.25 -14.72
C LEU B 391 23.43 -7.51 -15.16
N THR B 392 22.17 -7.40 -15.56
CA THR B 392 21.41 -8.53 -16.07
C THR B 392 22.05 -9.11 -17.33
N MET B 393 22.59 -8.24 -18.18
CA MET B 393 23.20 -8.73 -19.41
C MET B 393 24.54 -9.40 -19.15
N PHE B 394 25.32 -8.88 -18.19
CA PHE B 394 26.52 -9.58 -17.78
C PHE B 394 26.17 -10.96 -17.21
N ALA B 395 25.06 -11.05 -16.48
CA ALA B 395 24.63 -12.34 -15.95
C ALA B 395 24.30 -13.31 -17.07
N MET B 396 23.61 -12.83 -18.11
CA MET B 396 23.34 -13.69 -19.26
C MET B 396 24.63 -14.17 -19.90
N ILE B 397 25.57 -13.25 -20.11
CA ILE B 397 26.86 -13.60 -20.71
C ILE B 397 27.55 -14.67 -19.89
N LEU B 398 27.45 -14.59 -18.56
CA LEU B 398 28.08 -15.60 -17.71
C LEU B 398 27.37 -16.94 -17.80
N VAL B 399 26.04 -16.93 -17.80
CA VAL B 399 25.28 -18.18 -17.74
C VAL B 399 25.32 -18.95 -19.05
N ILE B 400 25.67 -18.28 -20.16
CA ILE B 400 25.77 -18.97 -21.44
C ILE B 400 26.69 -20.19 -21.35
N GLY B 401 27.77 -20.07 -20.58
CA GLY B 401 28.72 -21.17 -20.49
C GLY B 401 28.13 -22.42 -19.86
N ILE B 402 27.43 -22.26 -18.74
CA ILE B 402 26.80 -23.40 -18.09
C ILE B 402 25.71 -23.99 -18.97
N VAL B 403 24.94 -23.12 -19.62
CA VAL B 403 23.85 -23.63 -20.45
C VAL B 403 24.38 -24.39 -21.66
N VAL B 404 25.59 -24.09 -22.12
CA VAL B 404 26.16 -24.92 -23.19
C VAL B 404 26.80 -26.18 -22.63
N ASP B 405 27.32 -26.12 -21.41
CA ASP B 405 27.91 -27.32 -20.80
C ASP B 405 26.86 -28.42 -20.62
N ASP B 406 25.64 -28.05 -20.23
CA ASP B 406 24.59 -29.04 -20.09
C ASP B 406 24.40 -29.85 -21.38
N ALA B 407 24.17 -29.15 -22.49
CA ALA B 407 23.95 -29.82 -23.76
C ALA B 407 25.16 -30.64 -24.18
N ILE B 408 26.37 -30.09 -24.01
CA ILE B 408 27.55 -30.85 -24.39
C ILE B 408 27.61 -32.16 -23.62
N VAL B 409 27.34 -32.12 -22.32
CA VAL B 409 27.34 -33.33 -21.50
C VAL B 409 26.40 -34.37 -22.08
N VAL B 410 25.13 -33.98 -22.27
CA VAL B 410 24.12 -34.96 -22.67
C VAL B 410 24.47 -35.56 -24.04
N VAL B 411 24.82 -34.71 -25.00
CA VAL B 411 25.05 -35.20 -26.35
C VAL B 411 26.30 -36.07 -26.41
N GLU B 412 27.34 -35.70 -25.65
CA GLU B 412 28.55 -36.49 -25.66
C GLU B 412 28.30 -37.88 -25.07
N ASN B 413 27.53 -37.95 -23.98
CA ASN B 413 27.20 -39.26 -23.43
C ASN B 413 26.44 -40.12 -24.45
N VAL B 414 25.42 -39.53 -25.07
CA VAL B 414 24.62 -40.30 -26.02
C VAL B 414 25.48 -40.81 -27.17
N GLU B 415 26.35 -39.95 -27.70
CA GLU B 415 27.20 -40.36 -28.82
C GLU B 415 28.19 -41.44 -28.39
N ARG B 416 28.75 -41.32 -27.18
CA ARG B 416 29.66 -42.35 -26.70
C ARG B 416 28.96 -43.70 -26.67
N ILE B 417 27.75 -43.75 -26.12
CA ILE B 417 27.02 -45.02 -26.08
C ILE B 417 26.77 -45.54 -27.49
N MET B 418 26.23 -44.67 -28.36
CA MET B 418 25.88 -45.10 -29.72
C MET B 418 27.09 -45.67 -30.45
N ALA B 419 28.26 -45.04 -30.29
CA ALA B 419 29.43 -45.49 -31.02
C ALA B 419 30.04 -46.73 -30.40
N GLY B 420 30.04 -46.82 -29.07
CA GLY B 420 30.70 -47.95 -28.42
C GLY B 420 29.90 -49.23 -28.53
N GLU B 421 28.57 -49.15 -28.46
CA GLU B 421 27.73 -50.34 -28.46
C GLU B 421 26.91 -50.49 -29.73
N GLY B 422 27.09 -49.62 -30.72
CA GLY B 422 26.34 -49.76 -31.97
C GLY B 422 24.84 -49.82 -31.77
N LEU B 423 24.34 -49.08 -30.83
CA LEU B 423 22.91 -49.08 -30.55
C LEU B 423 22.20 -48.00 -31.35
N PRO B 424 20.92 -48.20 -31.64
CA PRO B 424 20.14 -47.15 -32.31
C PRO B 424 20.01 -45.93 -31.42
N PRO B 425 19.49 -44.83 -31.94
CA PRO B 425 19.42 -43.60 -31.13
C PRO B 425 18.48 -43.70 -29.94
N LYS B 426 17.37 -44.44 -30.06
CA LYS B 426 16.41 -44.52 -28.97
C LYS B 426 16.99 -45.27 -27.77
N GLU B 427 17.56 -46.46 -28.02
CA GLU B 427 18.13 -47.24 -26.93
C GLU B 427 19.33 -46.54 -26.33
N ALA B 428 20.19 -45.97 -27.17
CA ALA B 428 21.35 -45.24 -26.67
C ALA B 428 20.93 -44.07 -25.80
N THR B 429 19.90 -43.34 -26.23
CA THR B 429 19.42 -42.20 -25.44
C THR B 429 18.82 -42.67 -24.12
N LYS B 430 18.06 -43.77 -24.14
CA LYS B 430 17.50 -44.29 -22.90
C LYS B 430 18.60 -44.66 -21.92
N LYS B 431 19.64 -45.34 -22.40
CA LYS B 431 20.74 -45.75 -21.53
C LYS B 431 21.48 -44.54 -20.96
N ALA B 432 21.84 -43.59 -21.84
CA ALA B 432 22.54 -42.39 -21.37
C ALA B 432 21.72 -41.63 -20.34
N MET B 433 20.43 -41.50 -20.56
CA MET B 433 19.60 -40.78 -19.60
C MET B 433 19.51 -41.55 -18.28
N GLY B 434 19.35 -42.86 -18.34
CA GLY B 434 19.39 -43.65 -17.12
C GLY B 434 20.69 -43.47 -16.37
N GLN B 435 21.77 -43.17 -17.07
CA GLN B 435 23.05 -42.95 -16.41
C GLN B 435 23.16 -41.57 -15.78
N ILE B 436 22.64 -40.53 -16.44
CA ILE B 436 22.97 -39.16 -16.05
C ILE B 436 21.79 -38.38 -15.46
N SER B 437 20.60 -38.96 -15.33
CA SER B 437 19.45 -38.18 -14.91
C SER B 437 19.57 -37.72 -13.46
N GLY B 438 19.81 -38.65 -12.55
CA GLY B 438 19.97 -38.28 -11.15
C GLY B 438 21.11 -37.30 -10.94
N ALA B 439 22.21 -37.50 -11.68
CA ALA B 439 23.33 -36.57 -11.58
C ALA B 439 22.94 -35.18 -12.04
N VAL B 440 22.13 -35.08 -13.09
CA VAL B 440 21.70 -33.77 -13.57
C VAL B 440 20.82 -33.10 -12.52
N ILE B 441 19.91 -33.85 -11.90
CA ILE B 441 19.06 -33.28 -10.85
C ILE B 441 19.91 -32.79 -9.68
N GLY B 442 20.88 -33.60 -9.27
CA GLY B 442 21.74 -33.19 -8.16
C GLY B 442 22.59 -31.97 -8.49
N ILE B 443 23.10 -31.90 -9.72
CA ILE B 443 23.88 -30.74 -10.13
C ILE B 443 23.03 -29.49 -10.11
N THR B 444 21.78 -29.58 -10.58
CA THR B 444 20.90 -28.43 -10.54
C THR B 444 20.63 -28.00 -9.10
N ALA B 445 20.39 -28.96 -8.21
CA ALA B 445 20.15 -28.60 -6.81
C ALA B 445 21.37 -27.91 -6.21
N VAL B 446 22.57 -28.42 -6.51
CA VAL B 446 23.79 -27.84 -5.95
C VAL B 446 24.01 -26.43 -6.48
N LEU B 447 23.76 -26.22 -7.77
CA LEU B 447 23.94 -24.89 -8.35
C LEU B 447 22.95 -23.90 -7.74
N ILE B 448 21.70 -24.31 -7.58
CA ILE B 448 20.73 -23.43 -6.92
C ILE B 448 21.18 -23.11 -5.50
N SER B 449 21.68 -24.11 -4.78
CA SER B 449 22.12 -23.89 -3.41
C SER B 449 23.25 -22.88 -3.36
N VAL B 450 24.20 -22.97 -4.29
CA VAL B 450 25.34 -22.06 -4.26
C VAL B 450 25.00 -20.68 -4.79
N PHE B 451 23.96 -20.53 -5.60
CA PHE B 451 23.60 -19.23 -6.13
C PHE B 451 22.56 -18.49 -5.30
N VAL B 452 21.82 -19.18 -4.44
CA VAL B 452 20.79 -18.54 -3.62
C VAL B 452 21.40 -17.47 -2.72
N PRO B 453 22.39 -17.80 -1.89
CA PRO B 453 22.90 -16.81 -0.93
C PRO B 453 23.28 -15.46 -1.53
N LEU B 454 23.60 -15.40 -2.83
CA LEU B 454 23.88 -14.12 -3.45
C LEU B 454 22.68 -13.19 -3.43
N ALA B 455 21.47 -13.73 -3.33
CA ALA B 455 20.27 -12.92 -3.30
C ALA B 455 19.82 -12.56 -1.89
N MET B 456 20.41 -13.17 -0.86
CA MET B 456 20.01 -12.94 0.52
C MET B 456 20.97 -12.01 1.26
N PHE B 457 21.64 -11.12 0.54
CA PHE B 457 22.53 -10.14 1.14
C PHE B 457 21.74 -8.91 1.55
N SER B 458 22.45 -7.90 2.07
CA SER B 458 21.81 -6.70 2.58
C SER B 458 22.56 -5.47 2.11
N GLY B 459 21.83 -4.38 1.92
CA GLY B 459 22.40 -3.12 1.50
C GLY B 459 22.27 -2.88 0.01
N ALA B 460 23.17 -2.05 -0.50
CA ALA B 460 23.23 -1.80 -1.94
C ALA B 460 23.92 -2.95 -2.66
N ALA B 461 25.03 -3.44 -2.11
CA ALA B 461 25.67 -4.62 -2.66
C ALA B 461 24.69 -5.79 -2.74
N GLY B 462 23.72 -5.85 -1.84
CA GLY B 462 22.69 -6.87 -1.94
C GLY B 462 21.87 -6.73 -3.20
N ASN B 463 21.45 -5.51 -3.51
CA ASN B 463 20.70 -5.27 -4.74
C ASN B 463 21.55 -5.55 -5.97
N ILE B 464 22.86 -5.33 -5.89
CA ILE B 464 23.71 -5.61 -7.03
C ILE B 464 23.93 -7.11 -7.20
N TYR B 465 23.98 -7.86 -6.10
CA TYR B 465 24.11 -9.31 -6.18
C TYR B 465 22.83 -9.97 -6.66
N LYS B 466 21.68 -9.40 -6.30
CA LYS B 466 20.41 -10.03 -6.63
C LYS B 466 20.24 -10.20 -8.13
N GLN B 467 20.74 -9.24 -8.92
CA GLN B 467 20.62 -9.34 -10.36
C GLN B 467 21.25 -10.64 -10.87
N PHE B 468 22.54 -10.81 -10.61
CA PHE B 468 23.24 -12.01 -11.05
C PHE B 468 22.59 -13.25 -10.47
N ALA B 469 22.31 -13.25 -9.17
CA ALA B 469 21.77 -14.44 -8.53
C ALA B 469 20.49 -14.89 -9.23
N LEU B 470 19.50 -14.01 -9.35
CA LEU B 470 18.23 -14.42 -9.90
C LEU B 470 18.34 -14.79 -11.38
N THR B 471 19.03 -13.95 -12.16
CA THR B 471 19.16 -14.26 -13.59
C THR B 471 19.81 -15.61 -13.80
N MET B 472 20.98 -15.84 -13.19
CA MET B 472 21.70 -17.09 -13.40
C MET B 472 20.92 -18.28 -12.87
N ALA B 473 20.31 -18.16 -11.69
CA ALA B 473 19.58 -19.30 -11.13
C ALA B 473 18.41 -19.69 -12.01
N SER B 474 17.65 -18.69 -12.50
CA SER B 474 16.53 -19.00 -13.39
C SER B 474 17.01 -19.65 -14.68
N SER B 475 18.04 -19.08 -15.30
CA SER B 475 18.55 -19.66 -16.54
C SER B 475 19.02 -21.09 -16.32
N ILE B 476 19.65 -21.37 -15.17
CA ILE B 476 20.20 -22.70 -14.92
C ILE B 476 19.08 -23.71 -14.67
N ALA B 477 18.04 -23.29 -13.94
CA ALA B 477 16.90 -24.19 -13.73
C ALA B 477 16.23 -24.53 -15.06
N PHE B 478 16.04 -23.52 -15.92
CA PHE B 478 15.43 -23.80 -17.22
C PHE B 478 16.33 -24.69 -18.08
N SER B 479 17.65 -24.50 -17.98
CA SER B 479 18.56 -25.35 -18.73
C SER B 479 18.47 -26.80 -18.26
N ALA B 480 18.37 -27.01 -16.94
CA ALA B 480 18.23 -28.37 -16.43
C ALA B 480 16.94 -29.00 -16.93
N PHE B 481 15.84 -28.26 -16.85
CA PHE B 481 14.57 -28.77 -17.36
C PHE B 481 14.70 -29.17 -18.83
N LEU B 482 15.22 -28.27 -19.65
CA LEU B 482 15.37 -28.58 -21.07
C LEU B 482 16.32 -29.75 -21.29
N ALA B 483 17.26 -29.97 -20.37
CA ALA B 483 18.16 -31.10 -20.50
C ALA B 483 17.47 -32.41 -20.18
N LEU B 484 16.44 -32.38 -19.35
CA LEU B 484 15.72 -33.60 -19.02
C LEU B 484 14.53 -33.89 -19.93
N THR B 485 14.07 -32.93 -20.73
CA THR B 485 12.90 -33.14 -21.58
C THR B 485 13.22 -33.06 -23.07
N LEU B 486 13.77 -31.94 -23.55
CA LEU B 486 13.89 -31.71 -24.98
C LEU B 486 15.17 -32.27 -25.57
N THR B 487 16.28 -32.20 -24.84
CA THR B 487 17.54 -32.74 -25.36
C THR B 487 17.46 -34.25 -25.59
N PRO B 488 16.93 -35.05 -24.68
CA PRO B 488 16.80 -36.48 -24.95
C PRO B 488 15.98 -36.80 -26.19
N ALA B 489 14.82 -36.16 -26.35
CA ALA B 489 13.99 -36.42 -27.51
C ALA B 489 14.67 -35.96 -28.79
N LEU B 490 15.34 -34.81 -28.76
CA LEU B 490 16.09 -34.36 -29.93
C LEU B 490 17.17 -35.36 -30.31
N CYS B 491 17.90 -35.88 -29.32
CA CYS B 491 18.93 -36.87 -29.61
C CYS B 491 18.30 -38.15 -30.16
N ALA B 492 17.14 -38.54 -29.65
CA ALA B 492 16.52 -39.79 -30.07
C ALA B 492 15.97 -39.70 -31.50
N THR B 493 15.51 -38.51 -31.92
CA THR B 493 14.87 -38.36 -33.21
C THR B 493 15.79 -37.84 -34.30
N MET B 494 16.82 -37.06 -33.96
CA MET B 494 17.68 -36.49 -34.99
C MET B 494 18.87 -37.39 -35.31
N LEU B 495 19.50 -37.96 -34.28
CA LEU B 495 20.71 -38.73 -34.47
C LEU B 495 20.42 -39.99 -35.28
N LYS B 496 21.42 -40.43 -36.04
CA LYS B 496 21.32 -41.61 -36.89
C LYS B 496 22.26 -42.71 -36.40
N THR B 497 21.91 -43.95 -36.72
CA THR B 497 22.68 -45.09 -36.26
C THR B 497 24.10 -45.04 -36.81
N ILE B 498 25.03 -45.60 -36.03
CA ILE B 498 26.44 -45.67 -36.40
C ILE B 498 26.73 -47.10 -36.84
N PRO B 499 27.11 -47.34 -38.09
CA PRO B 499 27.32 -48.72 -38.54
C PRO B 499 28.44 -49.39 -37.77
N LYS B 500 28.22 -50.65 -37.40
CA LYS B 500 29.19 -51.39 -36.62
C LYS B 500 30.53 -51.45 -37.36
N GLY B 501 31.57 -50.90 -36.74
CA GLY B 501 32.85 -50.77 -37.40
C GLY B 501 32.97 -49.55 -38.28
N HIS B 502 32.09 -48.56 -38.10
CA HIS B 502 32.17 -47.34 -38.90
C HIS B 502 33.46 -46.58 -38.60
N HIS B 503 33.69 -46.27 -37.34
CA HIS B 503 34.91 -45.57 -36.95
C HIS B 503 36.10 -46.54 -37.03
N GLU B 504 37.29 -45.98 -36.84
CA GLU B 504 38.56 -46.65 -37.09
C GLU B 504 38.83 -46.82 -38.58
N GLU B 505 37.96 -46.32 -39.45
CA GLU B 505 38.14 -46.40 -40.89
C GLU B 505 38.30 -45.03 -41.54
N LYS B 506 38.23 -43.95 -40.76
CA LYS B 506 38.38 -42.62 -41.33
C LYS B 506 39.79 -42.44 -41.89
N LYS B 507 39.87 -41.82 -43.07
CA LYS B 507 41.13 -41.60 -43.78
C LYS B 507 41.22 -40.12 -44.13
N GLY B 508 41.77 -39.34 -43.21
CA GLY B 508 41.89 -37.91 -43.44
C GLY B 508 42.30 -37.22 -42.16
N PHE B 509 42.02 -35.91 -42.11
CA PHE B 509 42.28 -35.16 -40.89
C PHE B 509 41.55 -35.77 -39.69
N PHE B 510 40.36 -36.34 -39.93
CA PHE B 510 39.59 -36.90 -38.83
C PHE B 510 40.28 -38.12 -38.23
N GLY B 511 40.82 -39.01 -39.06
CA GLY B 511 41.55 -40.14 -38.54
C GLY B 511 42.79 -39.73 -37.76
N TRP B 512 43.51 -38.74 -38.28
CA TRP B 512 44.69 -38.25 -37.57
C TRP B 512 44.32 -37.69 -36.21
N PHE B 513 43.25 -36.89 -36.15
CA PHE B 513 42.84 -36.34 -34.86
C PHE B 513 42.36 -37.44 -33.92
N ASN B 514 41.67 -38.45 -34.45
CA ASN B 514 41.22 -39.55 -33.62
C ASN B 514 42.41 -40.27 -33.00
N LYS B 515 43.43 -40.58 -33.80
CA LYS B 515 44.62 -41.23 -33.27
C LYS B 515 45.31 -40.35 -32.23
N LYS B 516 45.41 -39.05 -32.50
CA LYS B 516 46.07 -38.16 -31.56
C LYS B 516 45.35 -38.12 -30.23
N PHE B 517 44.01 -37.99 -30.25
CA PHE B 517 43.26 -37.95 -29.00
C PHE B 517 43.31 -39.29 -28.29
N ASP B 518 43.34 -40.40 -29.03
CA ASP B 518 43.51 -41.70 -28.39
C ASP B 518 44.82 -41.77 -27.61
N SER B 519 45.92 -41.35 -28.24
CA SER B 519 47.20 -41.31 -27.54
C SER B 519 47.19 -40.38 -26.33
N TRP B 520 46.59 -39.19 -26.47
CA TRP B 520 46.50 -38.28 -25.34
C TRP B 520 45.72 -38.86 -24.18
N THR B 521 44.60 -39.53 -24.46
CA THR B 521 43.83 -40.16 -23.39
C THR B 521 44.60 -41.28 -22.73
N HIS B 522 45.33 -42.09 -23.52
CA HIS B 522 46.15 -43.13 -22.91
C HIS B 522 47.19 -42.53 -21.97
N GLY B 523 47.90 -41.50 -22.43
CA GLY B 523 48.86 -40.85 -21.55
C GLY B 523 48.22 -40.27 -20.30
N TYR B 524 47.04 -39.69 -20.45
CA TYR B 524 46.36 -39.11 -19.30
C TYR B 524 46.01 -40.16 -18.27
N GLU B 525 45.46 -41.29 -18.72
CA GLU B 525 45.11 -42.33 -17.75
C GLU B 525 46.34 -42.95 -17.12
N GLY B 526 47.44 -43.04 -17.87
CA GLY B 526 48.69 -43.46 -17.24
C GLY B 526 49.12 -42.51 -16.13
N ARG B 527 49.05 -41.20 -16.39
CA ARG B 527 49.44 -40.24 -15.37
C ARG B 527 48.53 -40.32 -14.15
N VAL B 528 47.22 -40.52 -14.37
CA VAL B 528 46.32 -40.61 -13.22
C VAL B 528 46.56 -41.90 -12.44
N ALA B 529 46.92 -42.98 -13.13
CA ALA B 529 47.29 -44.20 -12.40
C ALA B 529 48.52 -43.98 -11.54
N LYS B 530 49.52 -43.28 -12.08
CA LYS B 530 50.69 -42.93 -11.28
C LYS B 530 50.29 -42.11 -10.06
N VAL B 531 49.44 -41.09 -10.27
CA VAL B 531 49.00 -40.24 -9.16
C VAL B 531 48.30 -41.08 -8.10
N LEU B 532 47.48 -42.04 -8.51
CA LEU B 532 46.78 -42.88 -7.56
C LEU B 532 47.72 -43.87 -6.86
N ARG B 533 48.85 -44.19 -7.47
CA ARG B 533 49.78 -45.14 -6.86
C ARG B 533 50.29 -44.64 -5.52
N LYS B 534 50.69 -43.36 -5.47
CA LYS B 534 51.20 -42.75 -4.25
C LYS B 534 50.17 -41.74 -3.74
N THR B 535 49.53 -42.06 -2.62
CA THR B 535 48.40 -41.29 -2.13
C THR B 535 48.79 -40.25 -1.09
N PHE B 536 49.64 -40.60 -0.14
CA PHE B 536 50.00 -39.65 0.92
C PHE B 536 50.73 -38.44 0.35
N ARG B 537 51.66 -38.66 -0.58
CA ARG B 537 52.41 -37.55 -1.14
C ARG B 537 51.50 -36.58 -1.88
N MET B 538 50.61 -37.10 -2.71
CA MET B 538 49.70 -36.23 -3.45
C MET B 538 48.70 -35.56 -2.52
N MET B 539 48.32 -36.21 -1.42
CA MET B 539 47.38 -35.59 -0.50
C MET B 539 48.04 -34.44 0.26
N VAL B 540 49.31 -34.61 0.65
CA VAL B 540 50.01 -33.51 1.30
C VAL B 540 50.26 -32.38 0.31
N VAL B 541 50.57 -32.72 -0.95
CA VAL B 541 50.70 -31.70 -1.98
C VAL B 541 49.40 -30.92 -2.12
N TYR B 542 48.27 -31.61 -2.07
CA TYR B 542 46.98 -30.95 -2.19
C TYR B 542 46.72 -30.04 -1.00
N ILE B 543 47.04 -30.49 0.21
CA ILE B 543 46.86 -29.63 1.37
C ILE B 543 47.70 -28.37 1.25
N GLY B 544 48.95 -28.53 0.78
CA GLY B 544 49.78 -27.36 0.55
C GLY B 544 49.18 -26.41 -0.46
N LEU B 545 48.69 -26.95 -1.58
CA LEU B 545 48.10 -26.10 -2.61
C LEU B 545 46.88 -25.35 -2.08
N ALA B 546 46.04 -26.04 -1.31
CA ALA B 546 44.85 -25.40 -0.76
C ALA B 546 45.22 -24.29 0.20
N VAL B 547 46.17 -24.54 1.10
CA VAL B 547 46.56 -23.51 2.06
C VAL B 547 47.20 -22.32 1.35
N VAL B 548 48.00 -22.58 0.31
CA VAL B 548 48.60 -21.49 -0.44
C VAL B 548 47.54 -20.67 -1.15
N GLY B 549 46.53 -21.33 -1.70
CA GLY B 549 45.44 -20.60 -2.33
C GLY B 549 44.69 -19.71 -1.35
N VAL B 550 44.38 -20.25 -0.17
CA VAL B 550 43.71 -19.45 0.85
C VAL B 550 44.58 -18.26 1.25
N PHE B 551 45.89 -18.49 1.39
CA PHE B 551 46.79 -17.39 1.72
C PHE B 551 46.75 -16.31 0.65
N LEU B 552 46.99 -16.66 -0.60
CA LEU B 552 46.93 -15.69 -1.68
C LEU B 552 45.58 -14.98 -1.72
N PHE B 553 44.51 -15.66 -1.31
CA PHE B 553 43.20 -15.04 -1.33
C PHE B 553 43.08 -13.98 -0.25
N MET B 554 43.49 -14.30 0.99
CA MET B 554 43.35 -13.35 2.07
C MET B 554 44.20 -12.11 1.85
N ARG B 555 45.38 -12.27 1.24
CA ARG B 555 46.26 -11.15 0.98
C ARG B 555 45.86 -10.44 -0.31
N LEU B 556 44.59 -10.02 -0.40
CA LEU B 556 44.04 -9.43 -1.62
C LEU B 556 43.24 -8.19 -1.22
N PRO B 557 43.45 -7.06 -1.89
CA PRO B 557 42.70 -5.85 -1.55
C PRO B 557 41.20 -6.06 -1.67
N THR B 558 40.45 -5.07 -1.21
CA THR B 558 39.00 -5.09 -1.25
C THR B 558 38.49 -3.87 -2.01
N SER B 559 37.24 -3.95 -2.47
CA SER B 559 36.62 -2.87 -3.20
C SER B 559 35.15 -3.23 -3.41
N PHE B 560 34.44 -2.40 -4.17
CA PHE B 560 33.00 -2.61 -4.49
C PHE B 560 32.85 -2.72 -6.01
N LEU B 561 33.34 -1.75 -6.80
CA LEU B 561 33.23 -1.75 -8.23
C LEU B 561 34.37 -0.88 -8.76
N PRO B 562 35.12 -1.35 -9.76
CA PRO B 562 36.21 -0.54 -10.30
C PRO B 562 35.69 0.65 -11.09
N THR B 563 36.44 1.74 -11.04
CA THR B 563 36.07 2.92 -11.81
C THR B 563 36.17 2.61 -13.29
N GLU B 564 35.19 3.08 -14.05
CA GLU B 564 35.08 2.77 -15.47
C GLU B 564 35.14 4.05 -16.30
N ASP B 565 35.64 3.91 -17.52
CA ASP B 565 35.73 5.02 -18.46
C ASP B 565 34.35 5.19 -19.09
N GLN B 566 33.51 5.98 -18.43
CA GLN B 566 32.15 6.21 -18.91
C GLN B 566 32.06 7.39 -19.87
N GLY B 567 33.18 7.97 -20.27
CA GLY B 567 33.21 8.97 -21.33
C GLY B 567 33.44 10.39 -20.87
N PHE B 568 33.29 10.69 -19.59
CA PHE B 568 33.38 12.06 -19.11
C PHE B 568 34.28 12.13 -17.89
N VAL B 569 34.77 13.35 -17.63
CA VAL B 569 35.62 13.66 -16.49
C VAL B 569 35.03 14.87 -15.78
N MET B 570 35.10 14.87 -14.46
CA MET B 570 34.54 15.96 -13.66
C MET B 570 35.65 16.84 -13.12
N VAL B 571 35.36 18.12 -12.98
CA VAL B 571 36.34 19.11 -12.55
C VAL B 571 35.72 19.98 -11.46
N SER B 572 36.56 20.42 -10.52
CA SER B 572 36.10 21.18 -9.36
C SER B 572 37.08 22.33 -9.11
N VAL B 573 36.70 23.53 -9.51
CA VAL B 573 37.49 24.72 -9.25
C VAL B 573 37.10 25.30 -7.90
N GLN B 574 38.07 25.94 -7.24
CA GLN B 574 37.82 26.57 -5.95
C GLN B 574 38.84 27.66 -5.73
N LEU B 575 38.37 28.88 -5.53
CA LEU B 575 39.20 30.05 -5.35
C LEU B 575 39.31 30.39 -3.87
N PRO B 576 40.21 31.29 -3.51
CA PRO B 576 40.35 31.69 -2.11
C PRO B 576 39.04 32.24 -1.57
N ALA B 577 38.87 32.15 -0.25
CA ALA B 577 37.65 32.64 0.38
C ALA B 577 37.52 34.13 0.17
N GLY B 578 36.33 34.56 -0.25
CA GLY B 578 36.05 35.96 -0.49
C GLY B 578 36.10 36.37 -1.95
N ALA B 579 36.48 35.47 -2.85
CA ALA B 579 36.51 35.80 -4.26
C ALA B 579 35.11 36.14 -4.76
N THR B 580 35.06 36.71 -5.96
CA THR B 580 33.80 37.06 -6.61
C THR B 580 33.58 36.18 -7.83
N LYS B 581 32.40 36.32 -8.42
CA LYS B 581 32.05 35.53 -9.60
C LYS B 581 32.86 35.91 -10.82
N GLU B 582 33.46 37.10 -10.83
CA GLU B 582 34.24 37.53 -11.99
C GLU B 582 35.58 36.80 -12.06
N ARG B 583 36.28 36.69 -10.92
CA ARG B 583 37.51 35.92 -10.88
C ARG B 583 37.23 34.45 -11.15
N THR B 584 36.12 33.93 -10.63
CA THR B 584 35.75 32.55 -10.90
C THR B 584 35.49 32.33 -12.38
N ASP B 585 34.85 33.31 -13.04
CA ASP B 585 34.61 33.19 -14.47
C ASP B 585 35.91 33.23 -15.26
N ALA B 586 36.85 34.09 -14.85
CA ALA B 586 38.15 34.12 -15.52
C ALA B 586 38.87 32.78 -15.38
N THR B 587 38.86 32.20 -14.18
CA THR B 587 39.50 30.91 -13.97
C THR B 587 38.81 29.81 -14.77
N LEU B 588 37.49 29.87 -14.86
CA LEU B 588 36.77 28.89 -15.66
C LEU B 588 37.11 29.02 -17.14
N ALA B 589 37.31 30.25 -17.61
CA ALA B 589 37.72 30.43 -19.00
C ALA B 589 39.12 29.86 -19.24
N GLN B 590 40.02 30.02 -18.28
CA GLN B 590 41.32 29.37 -18.37
C GLN B 590 41.17 27.86 -18.46
N VAL B 591 40.35 27.28 -17.59
CA VAL B 591 40.13 25.84 -17.61
C VAL B 591 39.56 25.40 -18.94
N THR B 592 38.65 26.18 -19.51
CA THR B 592 38.06 25.83 -20.80
C THR B 592 39.12 25.84 -21.91
N GLN B 593 39.94 26.88 -21.95
CA GLN B 593 40.98 26.93 -22.97
C GLN B 593 42.00 25.82 -22.78
N LEU B 594 42.19 25.35 -21.55
CA LEU B 594 43.05 24.19 -21.32
C LEU B 594 42.41 22.93 -21.88
N ALA B 595 41.20 22.62 -21.42
CA ALA B 595 40.51 21.42 -21.89
C ALA B 595 40.31 21.42 -23.40
N LYS B 596 40.36 22.57 -24.08
CA LYS B 596 40.29 22.57 -25.54
C LYS B 596 41.52 21.90 -26.13
N SER B 597 42.69 22.12 -25.52
CA SER B 597 43.93 21.53 -26.02
C SER B 597 43.99 20.02 -26.01
N ILE B 598 43.48 19.39 -24.96
CA ILE B 598 43.47 17.92 -24.88
C ILE B 598 42.64 17.34 -26.02
N PRO B 599 43.26 16.57 -26.94
CA PRO B 599 42.48 16.10 -28.10
C PRO B 599 41.49 15.00 -27.79
N GLU B 600 41.49 14.43 -26.59
CA GLU B 600 40.51 13.43 -26.23
C GLU B 600 39.22 14.02 -25.68
N ILE B 601 39.21 15.29 -25.32
CA ILE B 601 38.03 15.96 -24.79
C ILE B 601 37.29 16.62 -25.95
N GLU B 602 36.01 16.29 -26.11
CA GLU B 602 35.21 16.85 -27.19
C GLU B 602 34.43 18.09 -26.74
N ASN B 603 33.63 17.95 -25.68
CA ASN B 603 32.84 19.04 -25.14
C ASN B 603 33.26 19.31 -23.70
N ILE B 604 32.96 20.53 -23.24
CA ILE B 604 33.22 20.93 -21.87
C ILE B 604 32.09 21.86 -21.42
N ILE B 605 31.40 21.47 -20.36
CA ILE B 605 30.36 22.30 -19.75
C ILE B 605 30.94 22.94 -18.50
N THR B 606 30.57 24.20 -18.26
CA THR B 606 31.12 24.98 -17.17
C THR B 606 29.97 25.58 -16.37
N VAL B 607 29.98 25.36 -15.06
CA VAL B 607 28.96 25.88 -14.15
C VAL B 607 29.65 26.71 -13.09
N SER B 608 29.15 27.92 -12.89
CA SER B 608 29.74 28.87 -11.96
C SER B 608 28.89 28.98 -10.71
N GLY B 609 29.54 29.27 -9.59
CA GLY B 609 28.83 29.47 -8.35
C GLY B 609 28.14 28.25 -7.80
N PHE B 610 28.59 27.06 -8.16
CA PHE B 610 28.03 25.83 -7.61
C PHE B 610 29.08 24.74 -7.66
N SER B 611 29.09 23.90 -6.64
CA SER B 611 29.96 22.72 -6.61
C SER B 611 29.34 21.71 -5.67
N PHE B 612 29.69 20.44 -5.87
CA PHE B 612 29.18 19.40 -4.98
C PHE B 612 29.71 19.60 -3.56
N SER B 613 30.88 20.25 -3.43
CA SER B 613 31.48 20.53 -2.12
C SER B 613 31.08 21.93 -1.64
N GLY B 614 29.79 22.24 -1.64
CA GLY B 614 29.32 23.54 -1.25
C GLY B 614 28.96 24.42 -2.44
N SER B 615 28.16 25.44 -2.17
CA SER B 615 27.69 26.37 -3.19
C SER B 615 28.06 27.78 -2.76
N GLY B 616 28.96 28.42 -3.51
CA GLY B 616 29.40 29.76 -3.21
C GLY B 616 29.86 30.47 -4.46
N GLN B 617 29.98 31.79 -4.34
CA GLN B 617 30.42 32.61 -5.46
C GLN B 617 31.82 32.26 -5.91
N ASN B 618 32.64 31.67 -5.04
CA ASN B 618 34.01 31.31 -5.37
C ASN B 618 34.17 29.84 -5.69
N MET B 619 33.10 29.18 -6.13
CA MET B 619 33.13 27.78 -6.51
C MET B 619 32.68 27.63 -7.95
N ALA B 620 32.95 26.46 -8.51
CA ALA B 620 32.56 26.15 -9.89
C ALA B 620 32.88 24.69 -10.14
N MET B 621 32.49 24.20 -11.32
CA MET B 621 32.79 22.84 -11.71
C MET B 621 32.49 22.65 -13.19
N GLY B 622 33.26 21.76 -13.82
CA GLY B 622 33.11 21.50 -15.23
C GLY B 622 32.82 20.04 -15.48
N PHE B 623 32.53 19.73 -16.74
CA PHE B 623 32.21 18.37 -17.17
C PHE B 623 32.86 18.17 -18.54
N ALA B 624 34.06 17.56 -18.55
CA ALA B 624 34.76 17.29 -19.79
C ALA B 624 34.26 15.96 -20.35
N ILE B 625 33.65 16.02 -21.53
CA ILE B 625 33.02 14.87 -22.17
C ILE B 625 33.92 14.41 -23.31
N LEU B 626 34.34 13.14 -23.25
CA LEU B 626 35.36 12.62 -24.15
C LEU B 626 34.73 11.98 -25.39
N LYS B 627 35.58 11.75 -26.38
CA LYS B 627 35.13 11.14 -27.63
C LYS B 627 34.69 9.69 -27.39
N ASP B 628 34.20 9.07 -28.45
CA ASP B 628 33.81 7.67 -28.37
C ASP B 628 35.05 6.79 -28.24
N TRP B 629 34.91 5.69 -27.49
CA TRP B 629 36.04 4.82 -27.22
C TRP B 629 36.76 4.40 -28.50
N ASN B 630 36.03 4.29 -29.62
CA ASN B 630 36.64 3.89 -30.87
C ASN B 630 37.84 4.77 -31.22
N GLU B 631 37.74 6.06 -30.92
CA GLU B 631 38.84 6.99 -31.18
C GLU B 631 39.86 7.03 -30.07
N ARG B 632 39.48 6.65 -28.85
CA ARG B 632 40.38 6.68 -27.70
C ARG B 632 40.94 5.28 -27.41
N THR B 633 41.73 4.78 -28.36
CA THR B 633 42.42 3.50 -28.23
C THR B 633 43.92 3.79 -28.25
N ALA B 634 44.47 4.08 -27.07
CA ALA B 634 45.89 4.38 -26.93
C ALA B 634 46.24 4.29 -25.45
N SER B 635 47.50 4.53 -25.14
CA SER B 635 47.95 4.41 -23.75
C SER B 635 47.37 5.52 -22.88
N GLY B 636 47.59 6.77 -23.27
CA GLY B 636 47.16 7.89 -22.47
C GLY B 636 45.88 8.55 -22.96
N SER B 637 44.88 7.76 -23.35
CA SER B 637 43.62 8.30 -23.82
C SER B 637 42.41 7.71 -23.10
N ASP B 638 42.60 7.16 -21.91
CA ASP B 638 41.47 6.71 -21.11
C ASP B 638 41.08 7.80 -20.13
N ALA B 639 40.00 7.57 -19.38
CA ALA B 639 39.47 8.60 -18.50
C ALA B 639 40.49 9.01 -17.45
N VAL B 640 41.20 8.03 -16.87
CA VAL B 640 42.12 8.35 -15.79
C VAL B 640 43.33 9.11 -16.31
N ALA B 641 43.83 8.74 -17.50
CA ALA B 641 44.96 9.45 -18.06
C ALA B 641 44.60 10.88 -18.43
N VAL B 642 43.38 11.08 -18.94
CA VAL B 642 42.93 12.44 -19.25
C VAL B 642 42.77 13.25 -17.97
N ALA B 643 42.23 12.63 -16.92
CA ALA B 643 42.13 13.31 -15.63
C ALA B 643 43.51 13.74 -15.14
N GLY B 644 44.50 12.86 -15.25
CA GLY B 644 45.83 13.22 -14.81
C GLY B 644 46.44 14.34 -15.61
N LYS B 645 46.32 14.26 -16.94
CA LYS B 645 46.85 15.33 -17.79
C LYS B 645 46.19 16.66 -17.47
N LEU B 646 44.88 16.66 -17.25
CA LEU B 646 44.18 17.91 -16.97
C LEU B 646 44.56 18.48 -15.63
N THR B 647 44.67 17.64 -14.60
CA THR B 647 45.12 18.14 -13.30
C THR B 647 46.53 18.71 -13.38
N GLY B 648 47.40 18.07 -14.15
CA GLY B 648 48.74 18.60 -14.33
C GLY B 648 48.72 19.97 -14.98
N MET B 649 48.00 20.10 -16.10
CA MET B 649 47.92 21.39 -16.78
C MET B 649 47.33 22.46 -15.86
N MET B 650 46.31 22.10 -15.09
CA MET B 650 45.70 23.06 -14.16
C MET B 650 46.73 23.55 -13.16
N MET B 651 47.36 22.63 -12.43
CA MET B 651 48.40 23.03 -11.49
C MET B 651 49.49 23.85 -12.16
N GLY B 652 49.70 23.64 -13.46
CA GLY B 652 50.72 24.40 -14.15
C GLY B 652 50.33 25.84 -14.43
N THR B 653 49.09 26.07 -14.87
CA THR B 653 48.73 27.38 -15.42
C THR B 653 47.76 28.18 -14.58
N LEU B 654 46.93 27.56 -13.76
CA LEU B 654 45.88 28.30 -13.04
C LEU B 654 46.51 29.34 -12.11
N LYS B 655 46.17 30.62 -12.33
CA LYS B 655 46.74 31.70 -11.53
C LYS B 655 46.01 31.90 -10.22
N ASP B 656 44.69 31.97 -10.28
CA ASP B 656 43.89 32.18 -9.07
C ASP B 656 43.12 30.92 -8.78
N GLY B 657 43.28 30.40 -7.58
CA GLY B 657 42.57 29.20 -7.19
C GLY B 657 43.17 27.93 -7.76
N PHE B 658 42.67 26.77 -7.33
CA PHE B 658 43.15 25.51 -7.85
C PHE B 658 41.98 24.69 -8.38
N GLY B 659 42.30 23.65 -9.13
CA GLY B 659 41.28 22.77 -9.68
C GLY B 659 41.83 21.37 -9.83
N ILE B 660 40.94 20.39 -9.69
CA ILE B 660 41.31 18.99 -9.74
C ILE B 660 40.26 18.23 -10.55
N ALA B 661 40.72 17.39 -11.47
CA ALA B 661 39.84 16.53 -12.26
C ALA B 661 39.87 15.13 -11.69
N VAL B 662 38.70 14.47 -11.69
CA VAL B 662 38.57 13.12 -11.17
C VAL B 662 37.59 12.34 -12.03
N VAL B 663 37.72 11.02 -11.99
CA VAL B 663 36.80 10.10 -12.65
C VAL B 663 35.84 9.57 -11.60
N PRO B 664 34.55 9.90 -11.65
CA PRO B 664 33.64 9.50 -10.59
C PRO B 664 33.41 8.00 -10.59
N PRO B 665 32.79 7.46 -9.55
CA PRO B 665 32.55 6.02 -9.49
C PRO B 665 31.40 5.62 -10.38
N PRO B 666 31.22 4.31 -10.61
CA PRO B 666 30.16 3.86 -11.53
C PRO B 666 28.77 4.19 -11.01
N ILE B 667 28.46 3.73 -9.80
CA ILE B 667 27.13 3.95 -9.26
C ILE B 667 27.17 5.27 -8.54
N LEU B 668 26.50 6.27 -9.09
CA LEU B 668 26.56 7.60 -8.52
C LEU B 668 25.97 7.69 -7.12
N GLU B 669 24.88 6.96 -6.86
CA GLU B 669 24.21 7.02 -5.56
C GLU B 669 25.00 6.27 -4.49
N LEU B 670 25.08 4.95 -4.64
CA LEU B 670 25.81 4.14 -3.68
C LEU B 670 26.81 3.34 -4.47
N GLY B 671 27.92 3.97 -4.83
CA GLY B 671 28.92 3.30 -5.65
C GLY B 671 30.22 3.35 -4.89
N ASN B 672 31.18 2.52 -5.26
CA ASN B 672 32.39 2.44 -4.47
C ASN B 672 33.04 3.80 -4.31
N GLY B 673 33.39 4.13 -3.08
CA GLY B 673 34.02 5.39 -2.80
C GLY B 673 34.98 5.02 -1.70
N SER B 674 36.05 5.78 -1.53
CA SER B 674 37.04 5.41 -0.54
C SER B 674 37.07 6.31 0.66
N GLY B 675 37.40 5.77 1.83
CA GLY B 675 37.56 6.61 3.00
C GLY B 675 36.72 6.30 4.22
N LEU B 676 37.20 6.69 5.40
CA LEU B 676 36.39 6.53 6.64
C LEU B 676 35.70 7.86 6.92
N SER B 677 34.55 8.13 6.28
CA SER B 677 33.79 9.36 6.52
C SER B 677 33.36 9.43 7.98
N ILE B 678 33.53 10.61 8.58
CA ILE B 678 33.22 10.81 9.99
C ILE B 678 32.40 12.08 10.14
N ASN B 679 31.60 12.13 11.21
CA ASN B 679 30.74 13.27 11.51
C ASN B 679 30.85 13.52 13.01
N LEU B 680 31.78 14.38 13.41
CA LEU B 680 32.02 14.67 14.81
C LEU B 680 30.98 15.63 15.33
N GLN B 681 30.18 15.20 16.30
CA GLN B 681 29.11 16.00 16.88
C GLN B 681 29.49 16.47 18.27
N ASP B 682 28.75 17.45 18.76
CA ASP B 682 28.87 17.90 20.14
C ASP B 682 27.48 17.93 20.77
N ARG B 683 27.30 17.14 21.82
CA ARG B 683 25.99 16.97 22.42
C ARG B 683 25.55 18.14 23.29
N ASN B 684 26.49 18.96 23.76
CA ASN B 684 26.21 19.98 24.77
C ASN B 684 26.07 21.38 24.20
N ASN B 685 26.09 21.53 22.88
CA ASN B 685 26.03 22.84 22.24
C ASN B 685 27.06 23.79 22.85
N THR B 686 28.33 23.37 22.75
CA THR B 686 29.40 24.18 23.32
C THR B 686 29.79 25.34 22.43
N GLY B 687 29.62 25.22 21.12
CA GLY B 687 29.94 26.30 20.21
C GLY B 687 30.67 25.84 18.97
N HIS B 688 30.98 26.77 18.07
CA HIS B 688 31.65 26.42 16.82
C HIS B 688 33.18 26.45 16.94
N THR B 689 33.73 27.39 17.70
CA THR B 689 35.18 27.39 17.89
C THR B 689 35.63 26.16 18.67
N ALA B 690 34.83 25.73 19.67
CA ALA B 690 35.19 24.57 20.46
C ALA B 690 35.13 23.29 19.63
N LEU B 691 34.07 23.14 18.84
CA LEU B 691 33.96 21.95 17.99
C LEU B 691 35.04 21.94 16.92
N LEU B 692 35.43 23.12 16.42
CA LEU B 692 36.53 23.17 15.45
C LEU B 692 37.85 22.80 16.11
N ALA B 693 38.09 23.27 17.34
CA ALA B 693 39.31 22.90 18.04
C ALA B 693 39.35 21.40 18.31
N LYS B 694 38.22 20.82 18.70
CA LYS B 694 38.16 19.37 18.89
C LYS B 694 38.37 18.61 17.59
N ARG B 695 37.78 19.06 16.49
CA ARG B 695 38.03 18.46 15.19
C ARG B 695 39.49 18.50 14.81
N ASN B 696 40.18 19.61 15.08
CA ASN B 696 41.59 19.70 14.74
C ASN B 696 42.44 18.82 15.65
N GLU B 697 42.09 18.75 16.93
CA GLU B 697 42.80 17.83 17.83
C GLU B 697 42.63 16.39 17.38
N LEU B 698 41.43 16.02 16.93
CA LEU B 698 41.22 14.67 16.42
C LEU B 698 42.00 14.44 15.13
N ILE B 699 42.00 15.42 14.22
CA ILE B 699 42.81 15.31 13.01
C ILE B 699 44.27 15.11 13.37
N GLN B 700 44.74 15.77 14.42
CA GLN B 700 46.14 15.62 14.82
C GLN B 700 46.40 14.23 15.39
N LYS B 701 45.54 13.79 16.31
CA LYS B 701 45.65 12.43 16.83
C LYS B 701 45.70 11.42 15.70
N MET B 702 44.94 11.64 14.64
CA MET B 702 44.85 10.66 13.57
C MET B 702 46.05 10.74 12.62
N ARG B 703 46.49 11.94 12.27
CA ARG B 703 47.44 12.14 11.19
C ARG B 703 48.75 11.38 11.41
N ALA B 704 49.47 11.72 12.49
CA ALA B 704 50.75 11.07 12.74
C ALA B 704 50.67 9.94 13.75
N SER B 705 50.01 10.16 14.88
CA SER B 705 49.93 9.15 15.93
C SER B 705 49.22 7.90 15.44
N GLY B 706 48.19 8.07 14.64
CA GLY B 706 47.45 6.94 14.12
C GLY B 706 48.07 6.36 12.87
N LEU B 707 47.32 5.49 12.18
CA LEU B 707 47.84 4.85 10.98
C LEU B 707 46.87 5.11 9.84
N PHE B 708 46.85 6.34 9.36
CA PHE B 708 45.88 6.70 8.32
C PHE B 708 46.46 7.44 7.12
N ASP B 709 47.71 7.18 6.72
CA ASP B 709 48.25 7.82 5.52
C ASP B 709 48.03 9.31 5.63
N PRO B 710 48.82 10.02 6.45
CA PRO B 710 48.48 11.40 6.82
C PRO B 710 48.20 12.35 5.65
N SER B 711 48.55 11.98 4.41
CA SER B 711 48.17 12.80 3.26
C SER B 711 46.67 12.74 3.01
N THR B 712 46.10 11.55 2.99
CA THR B 712 44.67 11.39 2.71
C THR B 712 43.73 12.03 3.72
N VAL B 713 44.06 11.97 5.01
CA VAL B 713 43.18 12.52 6.02
C VAL B 713 42.97 13.99 5.75
N ARG B 714 41.72 14.45 5.79
CA ARG B 714 41.43 15.86 5.54
C ARG B 714 40.11 16.32 6.13
N ALA B 715 39.97 17.61 6.40
CA ALA B 715 38.70 18.15 6.85
C ALA B 715 37.82 18.29 5.63
N GLY B 716 36.51 18.14 5.80
CA GLY B 716 35.63 18.15 4.63
C GLY B 716 34.55 19.21 4.59
N GLY B 717 34.81 20.40 5.12
CA GLY B 717 33.78 21.41 5.17
C GLY B 717 34.02 22.56 4.22
N LEU B 718 34.23 23.75 4.79
CA LEU B 718 34.47 24.96 4.00
C LEU B 718 35.13 25.98 4.92
N GLU B 719 36.36 26.36 4.61
CA GLU B 719 37.13 27.20 5.50
C GLU B 719 36.41 28.52 5.77
N ASP B 720 36.57 29.03 6.99
CA ASP B 720 35.93 30.28 7.39
C ASP B 720 36.49 31.45 6.59
N SER B 721 35.61 32.40 6.28
CA SER B 721 35.96 33.61 5.57
C SER B 721 35.71 34.82 6.46
N PRO B 722 36.34 35.96 6.17
CA PRO B 722 36.04 37.17 6.91
C PRO B 722 34.61 37.65 6.63
N GLN B 723 33.98 38.19 7.67
CA GLN B 723 32.63 38.70 7.57
C GLN B 723 32.59 40.12 8.09
N LEU B 724 31.43 40.74 7.98
CA LEU B 724 31.22 42.11 8.44
C LEU B 724 30.04 42.10 9.41
N LYS B 725 30.31 42.35 10.68
CA LYS B 725 29.29 42.25 11.72
C LYS B 725 28.95 43.63 12.28
N ILE B 726 27.69 43.84 12.64
CA ILE B 726 27.24 45.15 13.08
C ILE B 726 26.61 45.03 14.43
N ASP B 727 27.38 45.26 15.49
CA ASP B 727 26.80 45.27 16.81
C ASP B 727 25.84 46.43 16.83
N ILE B 728 24.70 46.30 17.47
CA ILE B 728 23.83 47.45 17.56
C ILE B 728 23.73 47.79 19.02
N ASN B 729 24.10 49.00 19.37
CA ASN B 729 24.08 49.39 20.75
C ASN B 729 22.66 49.82 20.95
N ARG B 730 21.96 49.15 21.86
CA ARG B 730 20.57 49.48 22.10
C ARG B 730 20.50 50.63 23.08
N ALA B 731 21.47 50.72 23.98
CA ALA B 731 21.50 51.82 24.94
C ALA B 731 21.67 53.15 24.22
N ALA B 732 22.67 53.26 23.35
CA ALA B 732 22.87 54.49 22.60
C ALA B 732 21.80 54.68 21.53
N ALA B 733 21.32 53.59 20.94
CA ALA B 733 20.24 53.70 19.97
C ALA B 733 18.97 54.23 20.60
N ALA B 734 18.81 54.08 21.91
CA ALA B 734 17.66 54.61 22.62
C ALA B 734 17.92 55.96 23.25
N ALA B 735 19.18 56.28 23.58
CA ALA B 735 19.52 57.64 23.97
C ALA B 735 19.03 58.63 22.93
N GLN B 736 19.25 58.32 21.65
CA GLN B 736 18.66 59.07 20.55
C GLN B 736 17.24 58.57 20.32
N GLY B 737 16.61 59.01 19.24
CA GLY B 737 15.26 58.61 18.93
C GLY B 737 15.13 57.41 18.04
N VAL B 738 16.19 56.64 17.84
CA VAL B 738 16.18 55.52 16.91
C VAL B 738 15.57 54.31 17.61
N SER B 739 14.51 53.76 17.01
CA SER B 739 13.90 52.54 17.52
C SER B 739 14.67 51.33 16.99
N PHE B 740 14.11 50.14 17.17
CA PHE B 740 14.74 48.93 16.66
C PHE B 740 14.03 48.33 15.46
N ALA B 741 12.83 48.80 15.13
CA ALA B 741 12.19 48.36 13.89
C ALA B 741 12.85 49.03 12.69
N ASP B 742 13.21 50.31 12.82
CA ASP B 742 13.82 51.02 11.71
C ASP B 742 15.23 50.51 11.44
N ILE B 743 15.96 50.10 12.47
CA ILE B 743 17.31 49.56 12.26
C ILE B 743 17.22 48.27 11.44
N ARG B 744 16.34 47.36 11.84
CA ARG B 744 16.15 46.13 11.08
C ARG B 744 15.71 46.44 9.66
N THR B 745 14.78 47.38 9.50
CA THR B 745 14.31 47.74 8.15
C THR B 745 15.47 48.22 7.28
N ALA B 746 16.24 49.19 7.77
CA ALA B 746 17.35 49.74 7.00
C ALA B 746 18.36 48.65 6.65
N LEU B 747 18.76 47.84 7.64
CA LEU B 747 19.79 46.85 7.39
C LEU B 747 19.31 45.79 6.40
N ALA B 748 18.06 45.33 6.53
CA ALA B 748 17.56 44.31 5.64
C ALA B 748 17.22 44.84 4.25
N SER B 749 17.03 46.15 4.11
CA SER B 749 16.73 46.71 2.80
C SER B 749 17.98 47.18 2.05
N ALA B 750 19.06 47.50 2.75
CA ALA B 750 20.22 48.07 2.08
C ALA B 750 20.91 47.09 1.15
N LEU B 751 20.85 45.78 1.41
CA LEU B 751 21.71 44.83 0.72
C LEU B 751 21.02 43.60 0.15
N SER B 752 19.78 43.31 0.53
CA SER B 752 19.14 42.07 0.12
C SER B 752 17.96 42.34 -0.80
N SER B 753 17.44 41.26 -1.37
CA SER B 753 16.33 41.32 -2.31
C SER B 753 14.99 41.22 -1.58
N SER B 754 13.92 41.58 -2.29
CA SER B 754 12.60 41.63 -1.70
C SER B 754 11.57 41.14 -2.71
N TYR B 755 10.79 40.14 -2.31
CA TYR B 755 9.71 39.59 -3.13
C TYR B 755 8.42 40.26 -2.72
N VAL B 756 7.85 41.08 -3.61
CA VAL B 756 6.72 41.94 -3.27
C VAL B 756 5.41 41.40 -3.83
N SER B 757 5.36 41.07 -5.11
CA SER B 757 4.11 40.63 -5.72
C SER B 757 4.42 39.79 -6.95
N ASP B 758 3.37 39.40 -7.67
CA ASP B 758 3.47 38.68 -8.92
C ASP B 758 2.77 39.47 -10.02
N PHE B 759 3.14 39.18 -11.27
CA PHE B 759 2.52 39.82 -12.41
C PHE B 759 2.43 38.81 -13.55
N PRO B 760 1.44 38.96 -14.43
CA PRO B 760 1.28 38.01 -15.52
C PRO B 760 2.12 38.38 -16.74
N ASN B 761 3.03 37.51 -17.14
CA ASN B 761 3.94 37.78 -18.25
C ASN B 761 3.55 36.90 -19.43
N GLN B 762 2.67 37.40 -20.30
CA GLN B 762 2.30 36.68 -21.52
C GLN B 762 1.87 35.24 -21.30
N GLY B 763 1.09 34.98 -20.27
CA GLY B 763 0.59 33.64 -20.08
C GLY B 763 0.87 33.03 -18.72
N ARG B 764 2.03 33.32 -18.14
CA ARG B 764 2.44 32.73 -16.88
C ARG B 764 2.80 33.83 -15.88
N LEU B 765 2.53 33.55 -14.61
CA LEU B 765 2.85 34.50 -13.55
C LEU B 765 4.34 34.46 -13.24
N GLN B 766 4.85 35.58 -12.73
CA GLN B 766 6.25 35.70 -12.38
C GLN B 766 6.38 36.63 -11.18
N ARG B 767 7.58 36.69 -10.62
CA ARG B 767 7.80 37.44 -9.40
C ARG B 767 8.21 38.87 -9.70
N VAL B 768 7.99 39.74 -8.71
CA VAL B 768 8.42 41.14 -8.76
C VAL B 768 9.34 41.36 -7.56
N MET B 769 10.58 41.76 -7.82
CA MET B 769 11.58 41.84 -6.78
C MET B 769 12.22 43.22 -6.76
N VAL B 770 12.35 43.79 -5.56
CA VAL B 770 12.99 45.08 -5.36
C VAL B 770 14.36 44.86 -4.76
N GLN B 771 15.36 45.64 -5.19
CA GLN B 771 16.71 45.53 -4.64
C GLN B 771 17.43 46.78 -5.04
N ALA B 772 18.46 47.16 -4.30
CA ALA B 772 19.20 48.38 -4.60
C ALA B 772 20.00 48.25 -5.85
N ASP B 773 20.46 49.36 -6.40
CA ASP B 773 21.29 49.34 -7.58
C ASP B 773 22.66 48.83 -7.16
N GLY B 774 23.39 48.24 -8.09
CA GLY B 774 24.70 47.70 -7.78
C GLY B 774 25.67 48.68 -7.16
N ASP B 775 25.63 49.95 -7.55
CA ASP B 775 26.61 50.91 -7.04
C ASP B 775 26.42 51.22 -5.56
N ALA B 776 25.27 50.88 -4.99
CA ALA B 776 25.00 51.08 -3.57
C ALA B 776 25.10 49.80 -2.77
N ARG B 777 25.86 48.82 -3.26
CA ARG B 777 25.84 47.47 -2.70
C ARG B 777 27.23 46.85 -2.69
N MET B 778 28.28 47.65 -2.86
CA MET B 778 29.58 47.11 -3.22
C MET B 778 30.65 47.30 -2.14
N GLN B 779 30.69 48.46 -1.49
CA GLN B 779 31.77 48.69 -0.54
C GLN B 779 31.25 48.61 0.89
N PRO B 780 32.12 48.27 1.85
CA PRO B 780 31.70 48.25 3.26
C PRO B 780 31.22 49.59 3.78
N ALA B 781 31.51 50.69 3.07
CA ALA B 781 31.01 52.00 3.46
C ALA B 781 29.54 52.18 3.10
N ASP B 782 29.02 51.37 2.18
CA ASP B 782 27.60 51.42 1.86
C ASP B 782 26.73 50.93 2.99
N ILE B 783 27.31 50.25 3.98
CA ILE B 783 26.58 49.82 5.16
C ILE B 783 26.90 50.68 6.38
N LEU B 784 28.06 51.32 6.43
CA LEU B 784 28.44 52.11 7.59
C LEU B 784 27.83 53.50 7.56
N ASN B 785 27.61 54.07 6.38
CA ASN B 785 26.97 55.36 6.25
C ASN B 785 25.46 55.25 6.11
N LEU B 786 24.87 54.17 6.59
CA LEU B 786 23.43 53.96 6.50
C LEU B 786 22.74 54.73 7.62
N THR B 787 22.27 55.94 7.30
CA THR B 787 21.54 56.73 8.28
C THR B 787 20.17 56.11 8.53
N VAL B 788 19.74 56.12 9.79
CA VAL B 788 18.44 55.60 10.17
C VAL B 788 17.60 56.76 10.70
N PRO B 789 16.31 56.81 10.38
CA PRO B 789 15.47 57.92 10.86
C PRO B 789 15.09 57.72 12.32
N ASN B 790 15.29 58.77 13.12
CA ASN B 790 14.95 58.72 14.53
C ASN B 790 13.45 58.97 14.69
N SER B 791 13.00 59.21 15.93
CA SER B 791 11.59 59.42 16.18
C SER B 791 11.09 60.72 15.56
N SER B 792 11.97 61.69 15.37
CA SER B 792 11.60 62.97 14.78
C SER B 792 11.71 62.98 13.26
N GLY B 793 11.85 61.82 12.63
CA GLY B 793 11.90 61.75 11.18
C GLY B 793 13.27 62.00 10.60
N ILE B 794 14.09 62.79 11.30
CA ILE B 794 15.41 63.10 10.78
C ILE B 794 16.27 61.85 10.72
N ALA B 795 17.37 61.94 9.98
CA ALA B 795 18.29 60.82 9.85
C ALA B 795 19.38 60.90 10.91
N VAL B 796 19.98 59.75 11.18
CA VAL B 796 21.07 59.64 12.16
C VAL B 796 22.12 58.69 11.60
N PRO B 797 23.40 59.02 11.70
CA PRO B 797 24.44 58.11 11.20
C PRO B 797 24.42 56.81 11.98
N LEU B 798 24.63 55.69 11.29
CA LEU B 798 24.67 54.40 11.95
C LEU B 798 26.02 54.10 12.59
N SER B 799 26.99 54.99 12.46
CA SER B 799 28.27 54.80 13.13
C SER B 799 28.12 55.11 14.61
N SER B 800 27.19 56.00 14.96
CA SER B 800 26.93 56.36 16.35
C SER B 800 26.05 55.34 17.05
N ILE B 801 25.72 54.22 16.40
CA ILE B 801 24.87 53.19 16.97
C ILE B 801 25.59 51.85 16.92
N ALA B 802 26.06 51.48 15.73
CA ALA B 802 26.46 50.11 15.44
C ALA B 802 27.94 49.84 15.70
N THR B 803 28.83 50.61 15.06
CA THR B 803 30.27 50.31 15.08
C THR B 803 30.56 48.97 14.39
N VAL B 804 30.30 48.96 13.09
CA VAL B 804 30.63 47.79 12.27
C VAL B 804 32.12 47.46 12.40
N SER B 805 32.45 46.20 12.12
CA SER B 805 33.82 45.72 12.27
C SER B 805 33.97 44.38 11.55
N TRP B 806 35.21 44.06 11.20
CA TRP B 806 35.53 42.83 10.50
C TRP B 806 35.77 41.70 11.49
N GLN B 807 35.39 40.48 11.10
CA GLN B 807 35.61 39.31 11.91
C GLN B 807 35.56 38.07 11.03
N MET B 808 36.20 37.01 11.48
CA MET B 808 36.21 35.74 10.78
C MET B 808 35.06 34.88 11.28
N GLY B 809 34.26 34.36 10.34
CA GLY B 809 33.08 33.59 10.69
C GLY B 809 32.90 32.41 9.76
N THR B 810 31.89 31.61 10.07
CA THR B 810 31.63 30.37 9.35
C THR B 810 30.76 30.64 8.12
N GLU B 811 31.12 30.00 7.01
CA GLU B 811 30.40 30.12 5.75
C GLU B 811 29.57 28.88 5.43
N GLN B 812 29.33 28.03 6.42
CA GLN B 812 28.60 26.80 6.19
C GLN B 812 28.29 26.14 7.53
N SER B 813 27.10 25.56 7.64
CA SER B 813 26.69 24.82 8.82
C SER B 813 26.28 23.41 8.42
N VAL B 814 26.29 22.51 9.40
CA VAL B 814 25.91 21.12 9.18
C VAL B 814 25.44 20.54 10.51
N ARG B 815 24.32 19.84 10.47
CA ARG B 815 23.85 19.06 11.60
C ARG B 815 23.71 17.61 11.16
N PHE B 816 23.92 16.69 12.10
CA PHE B 816 23.75 15.27 11.83
C PHE B 816 22.99 14.67 13.00
N ASN B 817 21.75 14.22 12.77
CA ASN B 817 20.92 13.62 13.81
C ASN B 817 20.57 14.60 14.92
N GLY B 818 20.53 15.90 14.61
CA GLY B 818 20.10 16.87 15.58
C GLY B 818 21.19 17.55 16.37
N TYR B 819 22.46 17.28 16.07
CA TYR B 819 23.57 17.89 16.79
C TYR B 819 24.52 18.55 15.80
N PRO B 820 25.07 19.71 16.14
CA PRO B 820 26.08 20.34 15.27
C PRO B 820 27.23 19.39 14.99
N ALA B 821 27.55 19.21 13.72
CA ALA B 821 28.53 18.23 13.30
C ALA B 821 29.59 18.89 12.43
N MET B 822 30.73 18.20 12.25
CA MET B 822 31.80 18.72 11.41
C MET B 822 32.43 17.53 10.73
N GLU B 823 32.39 17.48 9.41
CA GLU B 823 32.89 16.31 8.67
C GLU B 823 34.40 16.13 8.62
N LEU B 824 34.87 14.88 8.69
CA LEU B 824 36.29 14.58 8.59
C LEU B 824 36.43 13.40 7.63
N SER B 825 37.60 13.22 7.06
CA SER B 825 37.83 12.08 6.16
C SER B 825 39.16 11.40 6.48
N GLY B 826 39.36 10.18 5.98
CA GLY B 826 40.64 9.52 6.18
C GLY B 826 40.78 8.23 5.38
N SER B 827 41.87 7.50 5.55
CA SER B 827 42.03 6.21 4.90
C SER B 827 43.20 5.45 5.52
N PRO B 828 43.00 4.19 5.93
CA PRO B 828 44.13 3.40 6.44
C PRO B 828 45.07 3.05 5.29
N ALA B 829 46.37 3.25 5.53
CA ALA B 829 47.36 3.18 4.46
C ALA B 829 47.40 1.81 3.80
N THR B 830 47.87 0.80 4.52
CA THR B 830 47.99 -0.55 3.98
C THR B 830 48.39 -1.49 5.10
N GLY B 831 47.84 -2.71 5.08
CA GLY B 831 48.04 -3.65 6.15
C GLY B 831 47.10 -3.47 7.33
N VAL B 832 46.63 -2.25 7.57
CA VAL B 832 45.56 -1.99 8.54
C VAL B 832 44.26 -1.91 7.78
N SER B 833 43.27 -2.69 8.24
CA SER B 833 41.99 -2.73 7.56
C SER B 833 41.02 -1.76 8.20
N THR B 834 39.87 -1.56 7.57
CA THR B 834 38.90 -0.58 8.05
C THR B 834 38.42 -0.90 9.46
N GLY B 835 38.38 -2.18 9.82
CA GLY B 835 37.88 -2.57 11.13
C GLY B 835 38.64 -1.96 12.29
N GLN B 836 39.93 -2.28 12.40
CA GLN B 836 40.72 -1.77 13.52
C GLN B 836 40.96 -0.27 13.40
N ALA B 837 41.02 0.26 12.17
CA ALA B 837 41.11 1.70 12.01
C ALA B 837 39.89 2.40 12.59
N MET B 838 38.70 1.87 12.33
CA MET B 838 37.48 2.47 12.85
C MET B 838 37.40 2.29 14.36
N GLU B 839 37.84 1.15 14.88
CA GLU B 839 37.91 0.99 16.33
C GLU B 839 38.84 2.02 16.95
N ALA B 840 39.98 2.27 16.31
CA ALA B 840 40.94 3.25 16.81
C ALA B 840 40.33 4.64 16.82
N VAL B 841 39.67 5.04 15.74
CA VAL B 841 39.09 6.39 15.71
C VAL B 841 37.96 6.50 16.72
N GLN B 842 37.20 5.43 16.93
CA GLN B 842 36.15 5.47 17.93
C GLN B 842 36.74 5.67 19.33
N LYS B 843 37.84 4.97 19.63
CA LYS B 843 38.49 5.18 20.92
C LYS B 843 39.07 6.59 21.03
N MET B 844 39.62 7.10 19.92
CA MET B 844 40.09 8.49 19.89
C MET B 844 38.98 9.44 20.31
N VAL B 845 37.86 9.39 19.60
CA VAL B 845 36.72 10.25 19.93
C VAL B 845 36.25 9.99 21.36
N ASP B 846 36.45 8.77 21.86
CA ASP B 846 36.13 8.49 23.26
C ASP B 846 37.04 9.28 24.20
N GLU B 847 38.31 9.44 23.82
CA GLU B 847 39.25 10.20 24.64
C GLU B 847 38.74 11.61 24.88
N LEU B 848 38.31 12.29 23.82
CA LEU B 848 37.64 13.57 23.98
C LEU B 848 36.44 13.40 24.90
N GLY B 849 36.32 14.28 25.89
CA GLY B 849 35.35 14.10 26.95
C GLY B 849 33.92 13.98 26.47
N SER B 850 33.00 13.79 27.41
CA SER B 850 31.58 13.76 27.06
C SER B 850 31.18 15.05 26.36
N GLY B 851 30.05 14.99 25.66
CA GLY B 851 29.63 16.10 24.84
C GLY B 851 30.20 16.11 23.45
N TYR B 852 31.00 15.10 23.08
CA TYR B 852 31.52 14.98 21.71
C TYR B 852 31.42 13.53 21.29
N SER B 853 30.83 13.26 20.12
CA SER B 853 30.63 11.88 19.69
C SER B 853 30.98 11.67 18.23
N LEU B 854 31.14 10.41 17.83
CA LEU B 854 31.44 10.11 16.44
C LEU B 854 30.28 9.42 15.77
N GLU B 855 29.86 9.90 14.61
CA GLU B 855 28.82 9.23 13.86
C GLU B 855 29.38 8.90 12.48
N TRP B 856 29.21 7.66 12.04
CA TRP B 856 29.78 7.27 10.76
C TRP B 856 29.03 7.90 9.62
N GLY B 857 29.67 8.03 8.48
CA GLY B 857 29.03 8.67 7.36
C GLY B 857 29.18 7.90 6.06
N GLY B 858 28.21 8.05 5.15
CA GLY B 858 28.32 7.41 3.87
C GLY B 858 28.42 5.91 3.94
N GLN B 859 29.42 5.35 3.28
CA GLN B 859 29.60 3.91 3.25
C GLN B 859 30.09 3.31 4.58
N SER B 860 30.69 4.09 5.46
CA SER B 860 31.10 3.56 6.76
C SER B 860 29.91 3.08 7.58
N ARG B 861 28.70 3.56 7.29
CA ARG B 861 27.52 3.03 7.97
C ARG B 861 27.27 1.59 7.57
N GLU B 862 27.55 1.24 6.31
CA GLU B 862 27.42 -0.15 5.88
C GLU B 862 28.60 -0.97 6.39
N GLU B 863 29.81 -0.43 6.28
CA GLU B 863 31.01 -1.14 6.71
C GLU B 863 31.11 -1.30 8.23
N ALA B 864 30.29 -0.58 9.01
CA ALA B 864 30.37 -0.67 10.45
C ALA B 864 29.88 -2.04 10.92
N LYS B 865 28.75 -2.49 10.40
CA LYS B 865 28.25 -3.81 10.74
C LYS B 865 29.23 -4.87 10.26
N GLY B 866 29.50 -5.85 11.12
CA GLY B 866 30.48 -6.87 10.79
C GLY B 866 30.13 -7.61 9.52
N GLY B 867 31.16 -8.22 8.93
CA GLY B 867 30.98 -9.03 7.74
C GLY B 867 30.64 -10.46 8.04
N SER B 868 29.91 -10.67 9.14
CA SER B 868 29.52 -12.02 9.55
C SER B 868 28.45 -12.60 8.64
N GLN B 869 27.67 -11.76 7.96
CA GLN B 869 26.62 -12.27 7.09
C GLN B 869 27.22 -13.09 5.95
N THR B 870 28.33 -12.64 5.39
CA THR B 870 28.95 -13.37 4.28
C THR B 870 29.41 -14.75 4.73
N ILE B 871 30.12 -14.82 5.86
CA ILE B 871 30.61 -16.11 6.35
C ILE B 871 29.44 -17.02 6.69
N ALA B 872 28.41 -16.48 7.34
CA ALA B 872 27.25 -17.30 7.70
C ALA B 872 26.58 -17.86 6.46
N LEU B 873 26.35 -17.02 5.45
CA LEU B 873 25.70 -17.47 4.23
C LEU B 873 26.53 -18.52 3.52
N TYR B 874 27.85 -18.32 3.46
CA TYR B 874 28.70 -19.28 2.75
C TYR B 874 28.76 -20.61 3.49
N ALA B 875 28.80 -20.59 4.82
CA ALA B 875 28.80 -21.84 5.57
C ALA B 875 27.48 -22.57 5.41
N LEU B 876 26.37 -21.84 5.42
CA LEU B 876 25.08 -22.49 5.22
C LEU B 876 24.96 -23.07 3.82
N ALA B 877 25.51 -22.37 2.83
CA ALA B 877 25.50 -22.91 1.47
C ALA B 877 26.33 -24.18 1.37
N ALA B 878 27.48 -24.21 2.05
CA ALA B 878 28.30 -25.41 2.04
C ALA B 878 27.56 -26.57 2.70
N VAL B 879 26.86 -26.31 3.80
CA VAL B 879 26.10 -27.37 4.46
C VAL B 879 24.99 -27.88 3.56
N ALA B 880 24.32 -26.97 2.85
CA ALA B 880 23.25 -27.38 1.96
C ALA B 880 23.77 -28.22 0.79
N VAL B 881 24.93 -27.82 0.24
CA VAL B 881 25.53 -28.60 -0.83
C VAL B 881 25.89 -29.99 -0.33
N PHE B 882 26.45 -30.09 0.87
CA PHE B 882 26.77 -31.41 1.42
C PHE B 882 25.52 -32.25 1.59
N LEU B 883 24.43 -31.65 2.09
CA LEU B 883 23.19 -32.41 2.28
C LEU B 883 22.66 -32.92 0.95
N VAL B 884 22.63 -32.06 -0.06
CA VAL B 884 22.13 -32.48 -1.37
C VAL B 884 22.98 -33.60 -1.94
N LEU B 885 24.29 -33.48 -1.82
CA LEU B 885 25.16 -34.53 -2.36
C LEU B 885 25.00 -35.83 -1.60
N ALA B 886 24.74 -35.76 -0.29
CA ALA B 886 24.50 -36.98 0.48
C ALA B 886 23.19 -37.64 0.07
N ALA B 887 22.18 -36.83 -0.22
CA ALA B 887 20.93 -37.39 -0.71
C ALA B 887 21.12 -38.04 -2.08
N LEU B 888 21.97 -37.44 -2.92
CA LEU B 888 22.19 -37.99 -4.26
C LEU B 888 22.99 -39.28 -4.21
N TYR B 889 24.09 -39.32 -3.46
CA TYR B 889 24.95 -40.51 -3.44
C TYR B 889 24.56 -41.56 -2.43
N GLU B 890 23.61 -41.26 -1.55
CA GLU B 890 23.22 -42.19 -0.48
C GLU B 890 24.38 -42.54 0.44
N SER B 891 25.25 -41.58 0.70
CA SER B 891 26.35 -41.80 1.61
C SER B 891 26.67 -40.51 2.36
N TRP B 892 27.16 -40.60 3.59
CA TRP B 892 27.58 -39.41 4.31
C TRP B 892 29.05 -39.12 4.08
N SER B 893 29.79 -40.06 3.45
CA SER B 893 31.21 -39.88 3.26
C SER B 893 31.58 -39.41 1.86
N ILE B 894 30.84 -39.81 0.84
CA ILE B 894 31.21 -39.50 -0.54
C ILE B 894 31.14 -38.00 -0.82
N PRO B 895 30.13 -37.28 -0.32
CA PRO B 895 30.10 -35.82 -0.55
C PRO B 895 31.39 -35.12 -0.21
N LEU B 896 32.20 -35.67 0.70
CA LEU B 896 33.50 -35.09 1.00
C LEU B 896 34.44 -35.17 -0.20
N ALA B 897 34.20 -36.09 -1.13
CA ALA B 897 35.03 -36.16 -2.32
C ALA B 897 34.77 -35.01 -3.27
N VAL B 898 33.54 -34.48 -3.26
CA VAL B 898 33.19 -33.35 -4.11
C VAL B 898 33.40 -32.01 -3.38
N LEU B 899 33.36 -32.01 -2.06
CA LEU B 899 33.58 -30.78 -1.31
C LEU B 899 35.05 -30.39 -1.22
N LEU B 900 35.96 -31.22 -1.72
CA LEU B 900 37.39 -30.93 -1.65
C LEU B 900 37.93 -30.25 -2.90
N VAL B 901 37.07 -29.89 -3.84
CA VAL B 901 37.50 -29.22 -5.07
C VAL B 901 37.22 -27.73 -5.03
N MET B 902 36.81 -27.19 -3.89
CA MET B 902 36.60 -25.77 -3.74
C MET B 902 37.96 -25.07 -3.55
N PRO B 903 38.83 -25.59 -2.68
CA PRO B 903 40.18 -25.03 -2.60
C PRO B 903 40.88 -24.92 -3.94
N LEU B 904 40.65 -25.86 -4.86
CA LEU B 904 41.33 -25.80 -6.14
C LEU B 904 40.90 -24.59 -6.96
N GLY B 905 39.59 -24.37 -7.08
CA GLY B 905 39.11 -23.22 -7.82
C GLY B 905 39.49 -21.91 -7.15
N LEU B 906 39.43 -21.88 -5.81
CA LEU B 906 39.81 -20.66 -5.10
C LEU B 906 41.28 -20.33 -5.34
N ALA B 907 42.15 -21.33 -5.20
CA ALA B 907 43.57 -21.12 -5.47
C ALA B 907 43.79 -20.65 -6.89
N GLY B 908 43.12 -21.27 -7.86
CA GLY B 908 43.30 -20.86 -9.24
C GLY B 908 42.91 -19.41 -9.47
N ALA B 909 41.73 -19.03 -8.99
CA ALA B 909 41.26 -17.66 -9.20
C ALA B 909 42.18 -16.65 -8.52
N ALA B 910 42.54 -16.91 -7.25
CA ALA B 910 43.41 -15.99 -6.54
C ALA B 910 44.77 -15.87 -7.21
N ALA B 911 45.34 -16.99 -7.64
CA ALA B 911 46.65 -16.94 -8.29
C ALA B 911 46.58 -16.21 -9.62
N GLY B 912 45.50 -16.39 -10.37
CA GLY B 912 45.36 -15.66 -11.62
C GLY B 912 45.25 -14.16 -11.39
N VAL B 913 44.46 -13.75 -10.41
CA VAL B 913 44.32 -12.32 -10.11
C VAL B 913 45.67 -11.75 -9.67
N THR B 914 46.37 -12.45 -8.76
CA THR B 914 47.65 -11.97 -8.30
C THR B 914 48.67 -11.88 -9.43
N GLY B 915 48.70 -12.89 -10.31
CA GLY B 915 49.63 -12.86 -11.41
C GLY B 915 49.34 -11.72 -12.38
N ARG B 916 48.07 -11.42 -12.63
CA ARG B 916 47.72 -10.31 -13.50
C ARG B 916 48.14 -9.00 -12.84
N ASN B 917 47.93 -8.87 -11.53
CA ASN B 917 48.36 -7.66 -10.83
C ASN B 917 49.86 -7.48 -10.87
N LEU B 918 50.63 -8.56 -10.78
CA LEU B 918 52.07 -8.46 -10.90
C LEU B 918 52.49 -8.07 -12.32
N PHE B 919 51.94 -8.77 -13.31
CA PHE B 919 52.32 -8.52 -14.69
C PHE B 919 51.93 -7.11 -15.14
N GLU B 920 50.91 -6.53 -14.52
CA GLU B 920 50.50 -5.17 -14.86
C GLU B 920 51.08 -4.12 -13.92
N GLY B 921 51.75 -4.52 -12.86
CA GLY B 921 52.50 -3.59 -12.04
C GLY B 921 53.93 -3.45 -12.54
N LEU B 922 54.47 -4.54 -13.08
CA LEU B 922 55.82 -4.49 -13.64
C LEU B 922 55.87 -3.65 -14.90
N LEU B 923 54.94 -3.89 -15.83
CA LEU B 923 54.91 -3.16 -17.09
C LEU B 923 53.78 -2.14 -17.17
N GLY B 924 52.77 -2.25 -16.31
CA GLY B 924 51.63 -1.37 -16.34
C GLY B 924 51.68 -0.29 -15.28
N SER B 925 50.54 0.38 -15.09
CA SER B 925 50.48 1.53 -14.20
C SER B 925 50.26 1.12 -12.75
N VAL B 926 49.11 0.55 -12.44
CA VAL B 926 48.70 0.32 -11.06
C VAL B 926 47.94 -0.99 -10.94
N PRO B 927 48.03 -1.68 -9.79
CA PRO B 927 47.15 -2.84 -9.56
C PRO B 927 45.70 -2.46 -9.71
N SER B 928 45.03 -3.06 -10.71
CA SER B 928 43.66 -2.73 -11.03
C SER B 928 42.65 -3.75 -10.54
N PHE B 929 43.06 -4.98 -10.29
CA PHE B 929 42.16 -6.06 -9.91
C PHE B 929 42.25 -6.30 -8.41
N ALA B 930 41.08 -6.44 -7.78
CA ALA B 930 41.00 -6.63 -6.33
C ALA B 930 39.87 -7.61 -6.04
N ASN B 931 39.56 -7.77 -4.75
CA ASN B 931 38.50 -8.67 -4.31
C ASN B 931 37.23 -7.86 -4.15
N ASP B 932 36.50 -7.71 -5.25
CA ASP B 932 35.29 -6.90 -5.32
C ASP B 932 34.10 -7.79 -5.69
N ILE B 933 32.97 -7.14 -6.01
CA ILE B 933 31.75 -7.86 -6.33
C ILE B 933 31.96 -8.80 -7.52
N TYR B 934 32.63 -8.31 -8.56
CA TYR B 934 32.79 -9.13 -9.76
C TYR B 934 33.69 -10.32 -9.49
N PHE B 935 34.69 -10.16 -8.63
CA PHE B 935 35.48 -11.31 -8.20
C PHE B 935 34.59 -12.35 -7.53
N GLN B 936 33.69 -11.91 -6.65
CA GLN B 936 32.79 -12.84 -5.98
C GLN B 936 31.93 -13.59 -6.98
N VAL B 937 31.36 -12.88 -7.95
CA VAL B 937 30.48 -13.53 -8.92
C VAL B 937 31.25 -14.55 -9.75
N GLY B 938 32.40 -14.14 -10.30
CA GLY B 938 33.19 -15.07 -11.09
C GLY B 938 33.67 -16.27 -10.31
N PHE B 939 34.00 -16.07 -9.03
CA PHE B 939 34.44 -17.18 -8.21
C PHE B 939 33.30 -18.16 -7.95
N VAL B 940 32.10 -17.65 -7.67
CA VAL B 940 30.96 -18.54 -7.51
C VAL B 940 30.70 -19.31 -8.78
N THR B 941 30.87 -18.67 -9.94
CA THR B 941 30.65 -19.37 -11.20
C THR B 941 31.66 -20.50 -11.40
N VAL B 942 32.94 -20.22 -11.19
CA VAL B 942 33.96 -21.24 -11.37
C VAL B 942 33.75 -22.37 -10.37
N MET B 943 33.33 -22.03 -9.15
CA MET B 943 33.06 -23.06 -8.16
C MET B 943 31.91 -23.96 -8.60
N GLY B 944 30.85 -23.36 -9.15
CA GLY B 944 29.74 -24.17 -9.64
C GLY B 944 30.17 -25.13 -10.74
N LEU B 945 30.94 -24.62 -11.71
CA LEU B 945 31.37 -25.48 -12.81
C LEU B 945 32.26 -26.61 -12.33
N SER B 946 33.19 -26.33 -11.41
CA SER B 946 34.08 -27.36 -10.91
C SER B 946 33.31 -28.37 -10.09
N ALA B 947 32.32 -27.94 -9.31
CA ALA B 947 31.49 -28.89 -8.58
C ALA B 947 30.70 -29.77 -9.53
N LYS B 948 30.25 -29.22 -10.66
CA LYS B 948 29.51 -30.03 -11.62
C LYS B 948 30.40 -31.13 -12.22
N ASN B 949 31.59 -30.75 -12.67
CA ASN B 949 32.52 -31.75 -13.22
C ASN B 949 32.81 -32.83 -12.19
N ALA B 950 33.11 -32.44 -10.96
CA ALA B 950 33.46 -33.41 -9.93
C ALA B 950 32.28 -34.31 -9.60
N ILE B 951 31.07 -33.74 -9.56
CA ILE B 951 29.88 -34.55 -9.29
C ILE B 951 29.75 -35.64 -10.34
N LEU B 952 29.92 -35.27 -11.61
CA LEU B 952 29.78 -36.28 -12.65
C LEU B 952 30.85 -37.36 -12.54
N ILE B 953 32.10 -36.95 -12.30
CA ILE B 953 33.18 -37.93 -12.18
C ILE B 953 32.89 -38.90 -11.04
N ILE B 954 32.49 -38.37 -9.88
CA ILE B 954 32.30 -39.20 -8.71
C ILE B 954 31.12 -40.13 -8.88
N GLU B 955 30.03 -39.64 -9.48
CA GLU B 955 28.86 -40.49 -9.69
C GLU B 955 29.14 -41.56 -10.73
N PHE B 956 30.04 -41.30 -11.67
CA PHE B 956 30.42 -42.36 -12.60
C PHE B 956 31.31 -43.39 -11.94
N ALA B 957 32.19 -42.96 -11.04
CA ALA B 957 33.08 -43.89 -10.36
C ALA B 957 32.36 -44.73 -9.32
N LYS B 958 31.28 -44.20 -8.73
CA LYS B 958 30.56 -44.94 -7.71
C LYS B 958 29.73 -46.07 -8.28
N ASP B 959 29.22 -45.91 -9.50
CA ASP B 959 28.42 -46.94 -10.12
C ASP B 959 29.29 -48.07 -10.64
N LEU B 960 30.46 -47.74 -11.18
CA LEU B 960 31.39 -48.75 -11.67
C LEU B 960 31.90 -49.66 -10.57
N GLN B 961 32.19 -49.10 -9.39
CA GLN B 961 32.65 -49.91 -8.27
C GLN B 961 31.53 -50.81 -7.79
N ALA B 962 30.28 -50.36 -7.90
CA ALA B 962 29.17 -51.21 -7.50
C ALA B 962 29.07 -52.44 -8.40
N GLN B 963 29.44 -52.30 -9.68
CA GLN B 963 29.34 -53.41 -10.62
C GLN B 963 30.28 -54.55 -10.26
N GLY B 964 31.26 -54.29 -9.39
CA GLY B 964 32.14 -55.35 -8.95
C GLY B 964 33.62 -55.09 -9.18
N LYS B 965 33.99 -53.83 -9.30
CA LYS B 965 35.38 -53.44 -9.46
C LYS B 965 35.94 -52.96 -8.13
N SER B 966 37.23 -52.63 -8.14
CA SER B 966 37.89 -52.07 -6.98
C SER B 966 37.54 -50.58 -6.87
N ALA B 967 38.25 -49.85 -6.02
CA ALA B 967 38.12 -48.41 -6.00
C ALA B 967 39.07 -47.75 -6.99
N VAL B 968 40.29 -48.28 -7.10
CA VAL B 968 41.24 -47.74 -8.08
C VAL B 968 40.75 -48.00 -9.49
N GLU B 969 40.26 -49.21 -9.77
CA GLU B 969 39.73 -49.52 -11.09
C GLU B 969 38.56 -48.61 -11.43
N ALA B 970 37.65 -48.41 -10.47
CA ALA B 970 36.50 -47.55 -10.70
C ALA B 970 36.92 -46.12 -10.99
N ALA B 971 37.84 -45.58 -10.19
CA ALA B 971 38.29 -44.22 -10.42
C ALA B 971 38.98 -44.08 -11.77
N LEU B 972 39.79 -45.07 -12.15
CA LEU B 972 40.48 -45.01 -13.43
C LEU B 972 39.49 -45.01 -14.58
N GLU B 973 38.52 -45.92 -14.58
CA GLU B 973 37.58 -45.97 -15.69
C GLU B 973 36.67 -44.75 -15.72
N ALA B 974 36.32 -44.21 -14.55
CA ALA B 974 35.52 -43.00 -14.54
C ALA B 974 36.28 -41.82 -15.13
N ALA B 975 37.56 -41.68 -14.79
CA ALA B 975 38.37 -40.63 -15.39
C ALA B 975 38.47 -40.83 -16.90
N ARG B 976 38.71 -42.07 -17.34
CA ARG B 976 38.85 -42.32 -18.77
C ARG B 976 37.54 -42.06 -19.51
N LEU B 977 36.40 -42.23 -18.84
CA LEU B 977 35.13 -41.97 -19.50
C LEU B 977 34.79 -40.49 -19.52
N ARG B 978 35.16 -39.74 -18.48
CA ARG B 978 34.82 -38.33 -18.41
C ARG B 978 35.86 -37.43 -19.08
N PHE B 979 37.00 -37.97 -19.52
CA PHE B 979 38.05 -37.13 -20.08
C PHE B 979 37.55 -36.25 -21.23
N ARG B 980 36.81 -36.84 -22.17
CA ARG B 980 36.47 -36.10 -23.39
C ARG B 980 35.47 -34.98 -23.14
N PRO B 981 34.35 -35.20 -22.48
CA PRO B 981 33.41 -34.08 -22.26
C PRO B 981 33.99 -32.97 -21.42
N ILE B 982 34.88 -33.29 -20.47
CA ILE B 982 35.55 -32.25 -19.71
C ILE B 982 36.39 -31.38 -20.61
N ILE B 983 37.15 -32.00 -21.51
CA ILE B 983 37.99 -31.24 -22.44
C ILE B 983 37.12 -30.37 -23.35
N MET B 984 36.01 -30.91 -23.84
CA MET B 984 35.15 -30.14 -24.73
C MET B 984 34.55 -28.94 -24.01
N THR B 985 33.98 -29.16 -22.82
CA THR B 985 33.40 -28.07 -22.06
C THR B 985 34.45 -27.02 -21.72
N SER B 986 35.65 -27.45 -21.35
CA SER B 986 36.70 -26.49 -20.99
C SER B 986 37.10 -25.66 -22.20
N PHE B 987 37.37 -26.31 -23.32
CA PHE B 987 37.67 -25.59 -24.55
C PHE B 987 36.62 -24.52 -24.82
N ALA B 988 35.34 -24.93 -24.85
CA ALA B 988 34.28 -23.99 -25.20
C ALA B 988 34.23 -22.82 -24.21
N PHE B 989 34.12 -23.12 -22.91
CA PHE B 989 33.91 -22.07 -21.93
C PHE B 989 35.11 -21.12 -21.86
N ILE B 990 36.33 -21.64 -21.94
CA ILE B 990 37.51 -20.79 -21.83
C ILE B 990 37.65 -19.92 -23.07
N LEU B 991 37.50 -20.51 -24.26
CA LEU B 991 37.55 -19.70 -25.47
C LEU B 991 36.41 -18.70 -25.54
N GLY B 992 35.32 -18.94 -24.81
CA GLY B 992 34.22 -18.00 -24.77
C GLY B 992 34.46 -16.85 -23.81
N VAL B 993 35.09 -17.13 -22.68
CA VAL B 993 35.42 -16.06 -21.74
C VAL B 993 36.67 -15.31 -22.12
N VAL B 994 37.45 -15.81 -23.08
CA VAL B 994 38.64 -15.06 -23.53
C VAL B 994 38.28 -13.67 -24.02
N PRO B 995 37.18 -13.46 -24.75
CA PRO B 995 36.84 -12.09 -25.15
C PRO B 995 36.58 -11.15 -23.98
N LEU B 996 36.26 -11.68 -22.81
CA LEU B 996 36.15 -10.86 -21.61
C LEU B 996 37.51 -10.58 -20.98
N TYR B 997 38.53 -11.35 -21.34
CA TYR B 997 39.86 -11.19 -20.75
C TYR B 997 40.61 -10.00 -21.32
N ILE B 998 40.22 -9.50 -22.48
CA ILE B 998 40.91 -8.39 -23.13
C ILE B 998 39.90 -7.29 -23.46
N ALA B 999 38.84 -7.19 -22.66
CA ALA B 999 37.79 -6.23 -22.93
C ALA B 999 38.33 -4.81 -22.91
N GLY B 1000 38.03 -4.07 -23.97
CA GLY B 1000 38.42 -2.67 -24.06
C GLY B 1000 37.35 -1.80 -24.67
N GLY B 1001 36.90 -0.80 -23.93
CA GLY B 1001 35.82 0.05 -24.40
C GLY B 1001 34.81 0.37 -23.32
N ALA B 1002 33.52 0.18 -23.62
CA ALA B 1002 32.46 0.56 -22.70
C ALA B 1002 32.30 -0.53 -21.63
N SER B 1003 32.53 -0.17 -20.38
CA SER B 1003 32.34 -1.06 -19.24
C SER B 1003 33.34 -2.20 -19.21
N SER B 1004 34.52 -2.02 -19.81
CA SER B 1004 35.49 -3.09 -19.87
C SER B 1004 36.19 -3.35 -18.54
N ALA B 1005 35.95 -2.53 -17.52
CA ALA B 1005 36.59 -2.76 -16.22
C ALA B 1005 36.01 -4.00 -15.55
N SER B 1006 34.69 -4.03 -15.36
CA SER B 1006 34.05 -5.21 -14.78
C SER B 1006 34.20 -6.41 -15.69
N GLN B 1007 34.17 -6.18 -17.01
CA GLN B 1007 34.35 -7.28 -17.95
C GLN B 1007 35.74 -7.88 -17.82
N ARG B 1008 36.78 -7.06 -17.64
CA ARG B 1008 38.11 -7.58 -17.44
C ARG B 1008 38.26 -8.28 -16.10
N ALA B 1009 37.63 -7.73 -15.05
CA ALA B 1009 37.69 -8.37 -13.74
C ALA B 1009 37.11 -9.78 -13.80
N ILE B 1010 35.86 -9.90 -14.26
CA ILE B 1010 35.21 -11.21 -14.32
C ILE B 1010 35.95 -12.13 -15.27
N GLY B 1011 36.46 -11.59 -16.38
CA GLY B 1011 37.17 -12.43 -17.32
C GLY B 1011 38.43 -13.02 -16.73
N THR B 1012 39.23 -12.20 -16.06
CA THR B 1012 40.42 -12.70 -15.40
C THR B 1012 40.07 -13.80 -14.40
N THR B 1013 39.13 -13.48 -13.49
CA THR B 1013 38.76 -14.45 -12.47
C THR B 1013 38.32 -15.77 -13.10
N VAL B 1014 37.35 -15.71 -14.01
CA VAL B 1014 36.78 -16.93 -14.57
C VAL B 1014 37.82 -17.69 -15.37
N PHE B 1015 38.59 -16.99 -16.21
CA PHE B 1015 39.59 -17.66 -17.03
C PHE B 1015 40.57 -18.44 -16.18
N TRP B 1016 41.23 -17.78 -15.24
CA TRP B 1016 42.27 -18.46 -14.48
C TRP B 1016 41.67 -19.50 -13.55
N GLY B 1017 40.51 -19.21 -12.95
CA GLY B 1017 39.86 -20.21 -12.13
C GLY B 1017 39.55 -21.47 -12.89
N MET B 1018 38.88 -21.34 -14.03
CA MET B 1018 38.55 -22.51 -14.84
C MET B 1018 39.81 -23.27 -15.23
N LEU B 1019 40.80 -22.58 -15.79
CA LEU B 1019 42.00 -23.26 -16.25
C LEU B 1019 42.66 -24.04 -15.11
N ILE B 1020 43.04 -23.36 -14.04
CA ILE B 1020 43.79 -24.00 -12.97
C ILE B 1020 42.94 -25.08 -12.30
N GLY B 1021 41.69 -24.74 -11.96
CA GLY B 1021 40.85 -25.70 -11.27
C GLY B 1021 40.60 -26.95 -12.08
N THR B 1022 40.40 -26.81 -13.39
CA THR B 1022 40.23 -28.00 -14.22
C THR B 1022 41.50 -28.82 -14.29
N LEU B 1023 42.63 -28.17 -14.57
CA LEU B 1023 43.90 -28.91 -14.63
C LEU B 1023 44.16 -29.67 -13.34
N LEU B 1024 43.76 -29.10 -12.21
CA LEU B 1024 44.01 -29.78 -10.93
C LEU B 1024 42.99 -30.88 -10.68
N SER B 1025 41.70 -30.57 -10.85
CA SER B 1025 40.66 -31.53 -10.53
C SER B 1025 40.78 -32.77 -11.39
N VAL B 1026 41.11 -32.60 -12.68
CA VAL B 1026 41.22 -33.72 -13.62
C VAL B 1026 42.13 -34.82 -13.08
N PHE B 1027 43.08 -34.44 -12.21
CA PHE B 1027 43.99 -35.40 -11.60
C PHE B 1027 43.69 -35.69 -10.15
N LEU B 1028 43.07 -34.76 -9.44
CA LEU B 1028 42.89 -34.91 -8.00
C LEU B 1028 41.56 -35.55 -7.61
N VAL B 1029 40.50 -35.34 -8.39
CA VAL B 1029 39.19 -35.87 -8.00
C VAL B 1029 39.22 -37.39 -7.88
N PRO B 1030 39.78 -38.15 -8.83
CA PRO B 1030 39.97 -39.58 -8.59
C PRO B 1030 40.69 -39.88 -7.29
N LEU B 1031 41.70 -39.10 -6.95
CA LEU B 1031 42.43 -39.32 -5.70
C LEU B 1031 41.55 -39.02 -4.50
N PHE B 1032 40.75 -37.97 -4.57
CA PHE B 1032 39.81 -37.69 -3.49
C PHE B 1032 38.86 -38.87 -3.29
N TYR B 1033 38.33 -39.40 -4.39
CA TYR B 1033 37.43 -40.54 -4.27
C TYR B 1033 38.14 -41.72 -3.61
N VAL B 1034 39.36 -42.02 -4.07
CA VAL B 1034 40.08 -43.19 -3.55
C VAL B 1034 40.35 -43.04 -2.06
N VAL B 1035 40.82 -41.86 -1.64
CA VAL B 1035 41.17 -41.69 -0.23
C VAL B 1035 39.91 -41.61 0.63
N VAL B 1036 38.80 -41.10 0.09
CA VAL B 1036 37.59 -41.02 0.89
C VAL B 1036 36.94 -42.40 1.02
N ARG B 1037 37.18 -43.28 0.06
CA ARG B 1037 36.66 -44.64 0.17
C ARG B 1037 37.56 -45.53 1.00
N LYS B 1038 38.87 -45.25 1.02
CA LYS B 1038 39.78 -46.05 1.83
C LYS B 1038 39.81 -45.59 3.28
N PHE B 1039 39.55 -44.30 3.53
CA PHE B 1039 39.55 -43.79 4.90
C PHE B 1039 38.37 -44.30 5.70
N PHE B 1040 37.22 -44.51 5.05
CA PHE B 1040 36.03 -44.96 5.74
C PHE B 1040 35.72 -46.42 5.38
N MET C 1 -7.92 -44.62 -10.93
CA MET C 1 -8.80 -43.45 -10.69
C MET C 1 -10.27 -43.84 -10.81
N ALA C 2 -10.68 -44.29 -11.99
CA ALA C 2 -12.06 -44.73 -12.17
C ALA C 2 -12.30 -46.08 -11.52
N LYS C 3 -11.37 -47.02 -11.72
CA LYS C 3 -11.50 -48.33 -11.11
C LYS C 3 -11.18 -48.33 -9.62
N PHE C 4 -10.64 -47.23 -9.09
CA PHE C 4 -10.49 -47.10 -7.65
C PHE C 4 -11.81 -46.72 -7.00
N PHE C 5 -12.61 -45.89 -7.67
CA PHE C 5 -13.88 -45.44 -7.15
C PHE C 5 -15.03 -46.37 -7.52
N ILE C 6 -14.88 -47.20 -8.55
CA ILE C 6 -15.93 -48.15 -8.89
C ILE C 6 -16.19 -49.09 -7.72
N ASP C 7 -15.19 -49.32 -6.87
CA ASP C 7 -15.32 -50.26 -5.77
C ASP C 7 -15.77 -49.60 -4.47
N ARG C 8 -15.65 -48.28 -4.38
CA ARG C 8 -15.99 -47.56 -3.17
C ARG C 8 -16.90 -46.36 -3.43
N PRO C 9 -18.21 -46.59 -3.45
CA PRO C 9 -19.17 -45.50 -3.69
C PRO C 9 -19.16 -44.43 -2.61
N ILE C 10 -19.01 -44.78 -1.35
CA ILE C 10 -19.09 -43.80 -0.26
C ILE C 10 -17.99 -42.75 -0.35
N PHE C 11 -16.79 -43.15 -0.74
CA PHE C 11 -15.70 -42.20 -0.88
C PHE C 11 -16.04 -41.17 -1.95
N ALA C 12 -16.61 -41.62 -3.07
CA ALA C 12 -17.03 -40.71 -4.13
C ALA C 12 -18.11 -39.77 -3.65
N TRP C 13 -19.07 -40.29 -2.89
CA TRP C 13 -20.13 -39.46 -2.33
C TRP C 13 -19.61 -38.45 -1.36
N VAL C 14 -18.62 -38.80 -0.56
CA VAL C 14 -18.06 -37.90 0.43
C VAL C 14 -17.40 -36.72 -0.25
N ILE C 15 -16.65 -36.96 -1.32
CA ILE C 15 -16.02 -35.88 -2.08
C ILE C 15 -17.08 -34.96 -2.66
N SER C 16 -18.17 -35.53 -3.16
CA SER C 16 -19.24 -34.72 -3.74
C SER C 16 -19.89 -33.84 -2.68
N ILE C 17 -20.12 -34.38 -1.49
CA ILE C 17 -20.72 -33.58 -0.43
C ILE C 17 -19.79 -32.46 -0.01
N PHE C 18 -18.48 -32.71 -0.01
CA PHE C 18 -17.55 -31.63 0.31
C PHE C 18 -17.59 -30.53 -0.75
N ILE C 19 -17.68 -30.92 -2.03
CA ILE C 19 -17.80 -29.93 -3.09
C ILE C 19 -19.08 -29.12 -2.93
N ILE C 20 -20.18 -29.78 -2.59
CA ILE C 20 -21.46 -29.08 -2.40
C ILE C 20 -21.34 -28.07 -1.26
N ALA C 21 -20.74 -28.49 -0.15
CA ALA C 21 -20.61 -27.60 0.99
C ALA C 21 -19.75 -26.39 0.64
N ALA C 22 -18.64 -26.61 -0.06
CA ALA C 22 -17.80 -25.49 -0.49
C ALA C 22 -18.57 -24.55 -1.40
N GLY C 23 -19.36 -25.10 -2.32
CA GLY C 23 -20.12 -24.24 -3.22
C GLY C 23 -21.17 -23.42 -2.49
N ILE C 24 -21.82 -24.00 -1.49
CA ILE C 24 -22.84 -23.27 -0.74
C ILE C 24 -22.20 -22.18 0.10
N PHE C 25 -21.09 -22.50 0.79
CA PHE C 25 -20.40 -21.47 1.55
C PHE C 25 -19.81 -20.39 0.65
N GLY C 26 -19.58 -20.70 -0.63
CA GLY C 26 -19.16 -19.68 -1.56
C GLY C 26 -20.30 -18.81 -2.02
N ILE C 27 -21.47 -19.42 -2.24
CA ILE C 27 -22.66 -18.65 -2.59
C ILE C 27 -22.98 -17.66 -1.48
N LYS C 28 -22.95 -18.08 -0.22
CA LYS C 28 -23.33 -17.19 0.88
C LYS C 28 -22.34 -16.05 1.07
N SER C 29 -21.15 -16.11 0.46
CA SER C 29 -20.16 -15.05 0.60
C SER C 29 -19.81 -14.39 -0.73
N LEU C 30 -20.74 -14.33 -1.66
CA LEU C 30 -20.50 -13.74 -2.98
C LEU C 30 -21.36 -12.49 -3.14
N PRO C 31 -20.76 -11.30 -3.28
CA PRO C 31 -21.58 -10.11 -3.52
C PRO C 31 -22.30 -10.21 -4.85
N VAL C 32 -23.53 -9.68 -4.88
CA VAL C 32 -24.35 -9.68 -6.07
C VAL C 32 -24.28 -8.30 -6.71
N SER C 33 -24.28 -8.27 -8.05
CA SER C 33 -24.25 -7.01 -8.79
C SER C 33 -24.70 -7.30 -10.21
N GLN C 34 -24.78 -6.25 -11.02
CA GLN C 34 -25.28 -6.37 -12.38
C GLN C 34 -24.19 -6.73 -13.37
N TYR C 35 -23.08 -6.01 -13.34
CA TYR C 35 -21.92 -6.28 -14.18
C TYR C 35 -20.68 -6.34 -13.30
N PRO C 36 -19.62 -7.00 -13.76
CA PRO C 36 -18.33 -6.90 -13.06
C PRO C 36 -17.85 -5.46 -13.03
N SER C 37 -16.84 -5.22 -12.20
CA SER C 37 -16.22 -3.90 -12.16
C SER C 37 -15.42 -3.67 -13.42
N VAL C 38 -15.81 -2.65 -14.19
CA VAL C 38 -15.21 -2.40 -15.50
C VAL C 38 -14.68 -0.98 -15.64
N ALA C 39 -14.89 -0.11 -14.66
CA ALA C 39 -14.44 1.27 -14.74
C ALA C 39 -13.11 1.43 -14.02
N ALA C 40 -12.31 2.36 -14.53
CA ALA C 40 -10.98 2.59 -14.00
C ALA C 40 -11.00 3.69 -12.97
N PRO C 41 -9.96 3.73 -12.10
CA PRO C 41 -9.92 4.75 -11.05
C PRO C 41 -9.58 6.13 -11.59
N THR C 42 -10.32 7.15 -11.17
CA THR C 42 -10.03 8.51 -11.59
C THR C 42 -9.80 9.40 -10.39
N ILE C 43 -8.71 10.16 -10.41
CA ILE C 43 -8.43 11.08 -9.32
C ILE C 43 -8.61 12.48 -9.84
N THR C 44 -9.46 13.26 -9.19
CA THR C 44 -9.74 14.62 -9.62
C THR C 44 -9.14 15.68 -8.73
N LEU C 45 -8.69 16.77 -9.32
CA LEU C 45 -8.10 17.89 -8.58
C LEU C 45 -8.94 19.12 -8.82
N HIS C 46 -9.32 19.81 -7.75
CA HIS C 46 -10.14 21.01 -7.84
C HIS C 46 -9.37 22.18 -7.27
N ALA C 47 -9.20 23.25 -8.04
CA ALA C 47 -8.49 24.43 -7.57
C ALA C 47 -9.35 25.66 -7.74
N ILE C 48 -9.25 26.61 -6.82
CA ILE C 48 -10.02 27.82 -6.93
C ILE C 48 -9.14 29.07 -6.98
N TYR C 49 -9.27 29.86 -8.03
CA TYR C 49 -8.55 31.13 -8.10
C TYR C 49 -9.64 32.12 -8.39
N PRO C 50 -10.02 32.93 -7.40
CA PRO C 50 -11.14 33.85 -7.59
C PRO C 50 -10.88 34.99 -8.57
N GLY C 51 -11.86 35.30 -9.40
CA GLY C 51 -11.73 36.40 -10.34
C GLY C 51 -10.97 36.13 -11.61
N ALA C 52 -10.60 34.89 -11.86
CA ALA C 52 -9.80 34.56 -13.04
C ALA C 52 -10.68 33.98 -14.13
N SER C 53 -10.48 34.41 -15.38
CA SER C 53 -11.25 33.85 -16.48
C SER C 53 -10.87 32.39 -16.70
N ALA C 54 -11.57 31.75 -17.64
CA ALA C 54 -11.24 30.37 -17.99
C ALA C 54 -9.82 30.27 -18.53
N GLN C 55 -9.42 31.22 -19.38
CA GLN C 55 -8.11 31.15 -20.02
C GLN C 55 -6.98 31.38 -19.02
N VAL C 56 -7.13 32.40 -18.17
CA VAL C 56 -6.09 32.69 -17.19
C VAL C 56 -6.00 31.56 -16.18
N MET C 57 -7.13 31.14 -15.62
CA MET C 57 -7.14 30.01 -14.70
C MET C 57 -6.44 28.81 -15.34
N GLU C 58 -6.84 28.44 -16.55
CA GLU C 58 -6.22 27.29 -17.21
C GLU C 58 -4.72 27.48 -17.31
N GLY C 59 -4.27 28.47 -18.09
CA GLY C 59 -2.86 28.63 -18.37
C GLY C 59 -1.99 28.90 -17.16
N SER C 60 -2.58 29.29 -16.03
CA SER C 60 -1.79 29.60 -14.86
C SER C 60 -1.79 28.50 -13.81
N VAL C 61 -2.79 27.63 -13.79
CA VAL C 61 -2.86 26.59 -12.76
C VAL C 61 -2.98 25.21 -13.39
N LEU C 62 -3.96 25.06 -14.28
CA LEU C 62 -4.33 23.72 -14.71
C LEU C 62 -3.29 23.13 -15.65
N SER C 63 -2.76 23.94 -16.56
CA SER C 63 -1.67 23.47 -17.41
C SER C 63 -0.43 23.16 -16.59
N VAL C 64 -0.15 23.99 -15.58
CA VAL C 64 1.02 23.77 -14.74
C VAL C 64 0.93 22.40 -14.07
N ILE C 65 -0.24 22.10 -13.48
CA ILE C 65 -0.41 20.81 -12.83
C ILE C 65 -0.38 19.68 -13.84
N GLU C 66 -1.12 19.83 -14.94
CA GLU C 66 -1.25 18.75 -15.90
C GLU C 66 0.08 18.33 -16.48
N ARG C 67 0.91 19.30 -16.89
CA ARG C 67 2.20 18.96 -17.49
C ARG C 67 3.04 18.11 -16.54
N ASN C 68 3.05 18.47 -15.26
CA ASN C 68 3.80 17.68 -14.29
C ASN C 68 3.19 16.31 -14.08
N MET C 69 1.87 16.19 -14.21
CA MET C 69 1.23 14.91 -13.92
C MET C 69 1.51 13.86 -14.97
N ASN C 70 2.34 14.13 -15.98
CA ASN C 70 2.76 13.07 -16.89
C ASN C 70 3.73 12.12 -16.18
N GLY C 71 3.89 10.94 -16.76
CA GLY C 71 4.79 9.95 -16.21
C GLY C 71 4.32 9.23 -14.97
N VAL C 72 3.21 9.67 -14.36
CA VAL C 72 2.65 8.95 -13.22
C VAL C 72 2.38 7.52 -13.65
N GLU C 73 2.82 6.57 -12.83
CA GLU C 73 2.74 5.16 -13.22
C GLU C 73 1.28 4.73 -13.33
N GLY C 74 0.87 4.34 -14.53
CA GLY C 74 -0.46 3.81 -14.76
C GLY C 74 -1.47 4.80 -15.31
N LEU C 75 -1.03 5.97 -15.77
CA LEU C 75 -1.96 6.98 -16.28
C LEU C 75 -2.37 6.63 -17.70
N ASP C 76 -3.68 6.78 -17.97
CA ASP C 76 -4.24 6.49 -19.29
C ASP C 76 -4.43 7.76 -20.12
N TYR C 77 -5.19 8.71 -19.61
CA TYR C 77 -5.34 10.00 -20.28
C TYR C 77 -5.71 11.05 -19.25
N MET C 78 -5.51 12.31 -19.63
CA MET C 78 -5.81 13.45 -18.78
C MET C 78 -6.85 14.33 -19.44
N SER C 79 -7.44 15.22 -18.65
CA SER C 79 -8.43 16.16 -19.16
C SER C 79 -8.64 17.24 -18.12
N THR C 80 -8.57 18.49 -18.53
CA THR C 80 -8.80 19.63 -17.65
C THR C 80 -10.08 20.34 -18.05
N SER C 81 -10.52 21.30 -17.24
CA SER C 81 -11.71 22.07 -17.57
C SER C 81 -11.71 23.29 -16.69
N ALA C 82 -12.02 24.45 -17.26
CA ALA C 82 -12.01 25.68 -16.49
C ALA C 82 -13.28 26.46 -16.75
N ASP C 83 -13.68 27.30 -15.80
CA ASP C 83 -14.86 28.13 -15.97
C ASP C 83 -14.64 29.57 -15.55
N SER C 84 -15.51 30.47 -15.99
CA SER C 84 -15.39 31.87 -15.63
C SER C 84 -15.61 32.15 -14.14
N SER C 85 -16.12 31.18 -13.38
CA SER C 85 -16.27 31.35 -11.93
C SER C 85 -14.94 31.32 -11.19
N GLY C 86 -13.84 31.02 -11.88
CA GLY C 86 -12.56 30.87 -11.21
C GLY C 86 -12.36 29.53 -10.54
N SER C 87 -12.84 28.45 -11.15
CA SER C 87 -12.78 27.12 -10.55
C SER C 87 -12.61 26.10 -11.66
N GLY C 88 -11.46 25.42 -11.69
CA GLY C 88 -11.18 24.39 -12.66
C GLY C 88 -10.81 23.07 -11.99
N SER C 89 -10.63 22.06 -12.83
CA SER C 89 -10.30 20.73 -12.34
C SER C 89 -9.36 20.04 -13.32
N VAL C 90 -8.71 18.99 -12.84
CA VAL C 90 -7.86 18.13 -13.64
C VAL C 90 -8.21 16.69 -13.30
N SER C 91 -8.65 15.90 -14.28
CA SER C 91 -9.04 14.53 -14.04
C SER C 91 -8.07 13.58 -14.67
N LEU C 92 -7.55 12.65 -13.89
CA LEU C 92 -6.58 11.70 -14.40
C LEU C 92 -7.21 10.32 -14.36
N THR C 93 -7.28 9.66 -15.50
CA THR C 93 -7.90 8.35 -15.56
C THR C 93 -6.86 7.28 -15.75
N PHE C 94 -6.69 6.39 -14.77
CA PHE C 94 -5.69 5.33 -14.82
C PHE C 94 -6.27 4.09 -15.45
N THR C 95 -5.43 3.09 -15.62
CA THR C 95 -5.90 1.84 -16.17
C THR C 95 -6.57 1.01 -15.07
N PRO C 96 -7.63 0.26 -15.44
CA PRO C 96 -8.20 -0.65 -14.44
C PRO C 96 -7.08 -1.61 -14.12
N ASP C 97 -7.05 -2.19 -12.92
CA ASP C 97 -5.91 -3.02 -12.48
C ASP C 97 -4.80 -2.16 -11.90
N THR C 98 -5.05 -0.86 -11.74
CA THR C 98 -4.08 0.02 -11.10
C THR C 98 -4.76 0.41 -9.81
N ASP C 99 -4.08 0.19 -8.69
CA ASP C 99 -4.70 0.47 -7.39
C ASP C 99 -4.98 1.94 -7.12
N GLU C 100 -6.14 2.23 -6.56
CA GLU C 100 -6.53 3.60 -6.27
C GLU C 100 -5.63 4.29 -5.26
N ASN C 101 -5.17 3.56 -4.26
CA ASN C 101 -4.37 4.17 -3.19
C ASN C 101 -2.96 4.56 -3.62
N LEU C 102 -2.22 3.68 -4.26
CA LEU C 102 -0.91 4.03 -4.80
C LEU C 102 -1.02 5.15 -5.82
N ALA C 103 -2.05 5.11 -6.66
CA ALA C 103 -2.26 6.18 -7.65
C ALA C 103 -2.48 7.52 -6.95
N GLN C 104 -3.29 7.53 -5.89
CA GLN C 104 -3.56 8.78 -5.19
C GLN C 104 -2.32 9.32 -4.51
N VAL C 105 -1.50 8.44 -3.92
CA VAL C 105 -0.30 8.91 -3.23
C VAL C 105 0.68 9.50 -4.23
N GLU C 106 0.88 8.83 -5.36
CA GLU C 106 1.76 9.34 -6.39
C GLU C 106 1.28 10.65 -6.96
N VAL C 107 -0.02 10.80 -7.18
CA VAL C 107 -0.59 12.05 -7.67
C VAL C 107 -0.41 13.17 -6.65
N GLN C 108 -0.59 12.86 -5.37
CA GLN C 108 -0.38 13.86 -4.33
C GLN C 108 1.05 14.33 -4.29
N ASN C 109 2.00 13.42 -4.47
CA ASN C 109 3.40 13.78 -4.45
C ASN C 109 3.77 14.62 -5.66
N LYS C 110 3.27 14.26 -6.84
CA LYS C 110 3.52 15.08 -8.03
C LYS C 110 2.88 16.45 -7.90
N LEU C 111 1.77 16.58 -7.17
CA LEU C 111 1.10 17.87 -7.00
C LEU C 111 1.83 18.78 -6.03
N SER C 112 2.36 18.23 -4.95
CA SER C 112 3.06 19.02 -3.95
C SER C 112 4.29 19.70 -4.52
N GLU C 113 5.02 18.99 -5.37
CA GLU C 113 6.22 19.56 -5.98
C GLU C 113 5.90 20.77 -6.85
N VAL C 114 4.82 20.71 -7.61
CA VAL C 114 4.41 21.82 -8.47
C VAL C 114 3.61 22.88 -7.73
N LEU C 115 3.19 22.59 -6.51
CA LEU C 115 2.35 23.51 -5.75
C LEU C 115 3.02 24.83 -5.46
N SER C 116 4.32 24.82 -5.25
CA SER C 116 5.06 26.03 -4.90
C SER C 116 4.95 27.13 -5.94
N THR C 117 4.90 26.76 -7.21
CA THR C 117 4.76 27.75 -8.28
C THR C 117 3.35 28.31 -8.49
N LEU C 118 2.29 27.63 -8.06
CA LEU C 118 0.95 28.10 -8.35
C LEU C 118 0.71 29.45 -7.67
N PRO C 119 -0.33 30.17 -8.11
CA PRO C 119 -0.59 31.51 -7.56
C PRO C 119 -0.77 31.48 -6.05
N ALA C 120 -0.81 32.68 -5.47
CA ALA C 120 -0.92 32.80 -4.03
C ALA C 120 -2.33 32.49 -3.53
N THR C 121 -3.35 32.92 -4.27
CA THR C 121 -4.72 32.64 -3.86
C THR C 121 -5.03 31.16 -3.94
N VAL C 122 -4.45 30.46 -4.91
CA VAL C 122 -4.65 29.01 -5.02
C VAL C 122 -4.06 28.31 -3.80
N GLN C 123 -2.81 28.60 -3.48
CA GLN C 123 -2.19 27.98 -2.32
C GLN C 123 -2.99 28.27 -1.06
N GLN C 124 -3.54 29.48 -0.96
CA GLN C 124 -4.36 29.85 0.19
C GLN C 124 -5.64 29.03 0.32
N TYR C 125 -6.32 28.80 -0.79
CA TYR C 125 -7.53 27.98 -0.77
C TYR C 125 -7.17 26.50 -0.79
N GLY C 126 -6.12 26.15 -1.53
CA GLY C 126 -5.68 24.77 -1.58
C GLY C 126 -6.30 24.00 -2.72
N VAL C 127 -5.62 22.93 -3.12
CA VAL C 127 -6.07 22.02 -4.16
C VAL C 127 -6.48 20.72 -3.50
N THR C 128 -7.74 20.34 -3.67
CA THR C 128 -8.28 19.15 -3.03
C THR C 128 -8.29 17.98 -4.00
N VAL C 129 -8.18 16.77 -3.45
CA VAL C 129 -8.13 15.54 -4.24
C VAL C 129 -9.40 14.75 -3.99
N SER C 130 -9.86 14.05 -5.03
CA SER C 130 -11.10 13.30 -4.97
C SER C 130 -10.97 12.08 -5.87
N LYS C 131 -11.50 10.95 -5.42
CA LYS C 131 -11.44 9.72 -6.22
C LYS C 131 -12.76 8.97 -6.13
N ALA C 132 -13.87 9.69 -6.08
CA ALA C 132 -15.19 9.09 -6.01
C ALA C 132 -15.82 9.00 -7.40
N ARG C 133 -16.84 8.16 -7.50
CA ARG C 133 -17.58 8.03 -8.75
C ARG C 133 -18.28 9.33 -9.09
N SER C 134 -18.86 9.38 -10.28
CA SER C 134 -19.58 10.55 -10.75
C SER C 134 -21.01 10.25 -11.17
N ASN C 135 -21.44 8.99 -11.12
CA ASN C 135 -22.81 8.62 -11.45
C ASN C 135 -23.57 8.30 -10.16
N PHE C 136 -24.83 8.72 -10.12
CA PHE C 136 -25.63 8.60 -8.92
C PHE C 136 -26.02 7.14 -8.66
N LEU C 137 -26.27 6.83 -7.39
CA LEU C 137 -26.80 5.54 -6.98
C LEU C 137 -28.24 5.63 -6.51
N MET C 138 -28.54 6.59 -5.64
CA MET C 138 -29.90 6.86 -5.20
C MET C 138 -30.12 8.36 -5.18
N ILE C 139 -31.33 8.77 -4.82
CA ILE C 139 -31.66 10.17 -4.57
C ILE C 139 -32.67 10.18 -3.44
N VAL C 140 -32.26 10.65 -2.28
CA VAL C 140 -33.11 10.71 -1.09
C VAL C 140 -33.83 12.05 -1.08
N MET C 141 -35.16 12.02 -1.05
CA MET C 141 -35.97 13.23 -1.05
C MET C 141 -36.65 13.38 0.31
N LEU C 142 -36.30 14.44 1.03
CA LEU C 142 -36.99 14.80 2.26
C LEU C 142 -38.10 15.78 1.94
N SER C 143 -39.31 15.46 2.38
CA SER C 143 -40.47 16.31 2.11
C SER C 143 -41.20 16.60 3.41
N SER C 144 -41.94 17.70 3.41
CA SER C 144 -42.66 18.15 4.60
C SER C 144 -43.70 19.17 4.18
N ASP C 145 -44.67 19.38 5.07
CA ASP C 145 -45.72 20.36 4.85
C ASP C 145 -45.71 21.49 5.86
N VAL C 146 -44.85 21.44 6.88
CA VAL C 146 -44.83 22.45 7.91
C VAL C 146 -43.62 23.38 7.80
N GLN C 147 -42.47 22.89 7.35
CA GLN C 147 -41.27 23.70 7.25
C GLN C 147 -40.79 23.77 5.80
N SER C 148 -40.08 24.85 5.50
CA SER C 148 -39.68 25.16 4.14
C SER C 148 -38.49 24.31 3.73
N THR C 149 -37.90 24.62 2.58
CA THR C 149 -36.76 23.87 2.08
C THR C 149 -35.44 24.37 2.62
N GLU C 150 -35.39 25.59 3.15
CA GLU C 150 -34.18 26.05 3.82
C GLU C 150 -33.99 25.33 5.16
N GLU C 151 -35.07 25.27 5.95
CA GLU C 151 -35.01 24.54 7.21
C GLU C 151 -34.73 23.06 6.97
N MET C 152 -35.32 22.48 5.92
CA MET C 152 -35.11 21.07 5.63
C MET C 152 -33.69 20.83 5.11
N ASN C 153 -33.16 21.74 4.31
CA ASN C 153 -31.77 21.62 3.89
C ASN C 153 -30.83 21.68 5.09
N ASP C 154 -31.10 22.57 6.03
CA ASP C 154 -30.27 22.66 7.23
C ASP C 154 -30.36 21.37 8.04
N TYR C 155 -31.58 20.88 8.27
CA TYR C 155 -31.72 19.63 9.02
C TYR C 155 -31.00 18.49 8.34
N ALA C 156 -31.12 18.40 7.01
CA ALA C 156 -30.40 17.38 6.26
C ALA C 156 -28.91 17.48 6.51
N GLN C 157 -28.31 18.65 6.23
CA GLN C 157 -26.89 18.81 6.41
C GLN C 157 -26.44 18.52 7.84
N ARG C 158 -27.33 18.72 8.81
CA ARG C 158 -26.95 18.51 10.20
C ARG C 158 -27.04 17.04 10.61
N ASN C 159 -28.09 16.34 10.18
CA ASN C 159 -28.41 15.03 10.73
C ASN C 159 -28.35 13.88 9.75
N VAL C 160 -28.67 14.10 8.47
CA VAL C 160 -28.89 13.01 7.54
C VAL C 160 -27.67 12.77 6.65
N VAL C 161 -26.96 13.82 6.28
CA VAL C 161 -25.84 13.70 5.35
C VAL C 161 -24.65 13.04 6.06
N PRO C 162 -24.27 13.50 7.25
CA PRO C 162 -23.18 12.82 7.97
C PRO C 162 -23.41 11.34 8.18
N GLU C 163 -24.66 10.94 8.46
CA GLU C 163 -24.94 9.53 8.70
C GLU C 163 -24.76 8.71 7.43
N LEU C 164 -25.24 9.21 6.29
CA LEU C 164 -25.06 8.48 5.04
C LEU C 164 -23.59 8.46 4.62
N GLN C 165 -22.82 9.47 5.00
CA GLN C 165 -21.40 9.48 4.62
C GLN C 165 -20.64 8.35 5.30
N ARG C 166 -21.03 7.96 6.52
CA ARG C 166 -20.33 6.93 7.25
C ARG C 166 -20.69 5.52 6.80
N ILE C 167 -21.75 5.35 6.01
CA ILE C 167 -22.11 4.03 5.52
C ILE C 167 -20.98 3.50 4.66
N GLU C 168 -20.75 2.19 4.74
CA GLU C 168 -19.68 1.57 3.99
C GLU C 168 -20.08 1.42 2.52
N GLY C 169 -19.23 1.92 1.62
CA GLY C 169 -19.48 1.92 0.21
C GLY C 169 -19.87 3.27 -0.36
N VAL C 170 -20.40 4.17 0.46
CA VAL C 170 -20.71 5.52 0.01
C VAL C 170 -19.42 6.29 -0.21
N GLY C 171 -19.28 6.87 -1.39
CA GLY C 171 -18.06 7.58 -1.72
C GLY C 171 -18.21 9.08 -1.62
N GLN C 172 -19.43 9.58 -1.85
CA GLN C 172 -19.69 11.00 -1.74
C GLN C 172 -21.19 11.27 -1.73
N VAL C 173 -21.67 12.04 -0.76
CA VAL C 173 -23.05 12.50 -0.71
C VAL C 173 -23.09 13.95 -1.11
N ARG C 174 -24.05 14.32 -1.95
CA ARG C 174 -24.14 15.66 -2.51
C ARG C 174 -25.54 16.20 -2.30
N LEU C 175 -25.67 17.21 -1.43
CA LEU C 175 -26.96 17.84 -1.18
C LEU C 175 -27.22 18.94 -2.21
N PHE C 176 -28.43 18.96 -2.76
CA PHE C 176 -28.84 20.02 -3.67
C PHE C 176 -29.43 21.18 -2.86
N GLY C 177 -28.53 21.90 -2.22
CA GLY C 177 -28.92 22.97 -1.32
C GLY C 177 -27.72 23.39 -0.49
N ALA C 178 -28.01 24.03 0.65
CA ALA C 178 -26.93 24.48 1.50
C ALA C 178 -27.46 24.75 2.89
N GLN C 179 -26.61 24.52 3.89
CA GLN C 179 -26.95 24.85 5.27
C GLN C 179 -27.13 26.36 5.40
N ARG C 180 -27.54 26.79 6.59
CA ARG C 180 -27.96 28.17 6.77
C ARG C 180 -26.78 29.07 7.11
N ALA C 181 -27.06 30.37 7.06
CA ALA C 181 -26.09 31.41 7.37
C ALA C 181 -26.86 32.64 7.80
N MET C 182 -26.16 33.61 8.35
CA MET C 182 -26.74 34.88 8.73
C MET C 182 -26.49 35.87 7.60
N ARG C 183 -27.46 36.01 6.71
CA ARG C 183 -27.32 36.90 5.57
C ARG C 183 -27.56 38.35 6.00
N ILE C 184 -26.73 39.25 5.49
CA ILE C 184 -26.81 40.67 5.77
C ILE C 184 -26.91 41.36 4.42
N TRP C 185 -28.10 41.84 4.06
CA TRP C 185 -28.36 42.44 2.76
C TRP C 185 -28.23 43.96 2.89
N VAL C 186 -27.06 44.48 2.53
CA VAL C 186 -26.77 45.91 2.70
C VAL C 186 -27.45 46.72 1.61
N ASP C 187 -27.77 47.96 1.94
CA ASP C 187 -28.37 48.90 1.00
C ASP C 187 -27.39 50.03 0.74
N PRO C 188 -26.80 50.13 -0.46
CA PRO C 188 -25.72 51.11 -0.66
C PRO C 188 -26.18 52.56 -0.60
N LYS C 189 -27.46 52.85 -0.86
CA LYS C 189 -27.95 54.21 -0.71
C LYS C 189 -27.89 54.65 0.75
N LYS C 190 -28.44 53.83 1.65
CA LYS C 190 -28.36 54.15 3.07
C LYS C 190 -26.91 54.21 3.53
N LEU C 191 -26.04 53.40 2.92
CA LEU C 191 -24.61 53.51 3.23
C LEU C 191 -24.07 54.88 2.87
N GLN C 192 -24.40 55.38 1.68
CA GLN C 192 -23.90 56.69 1.27
C GLN C 192 -24.57 57.83 2.05
N ASN C 193 -25.73 57.57 2.67
CA ASN C 193 -26.35 58.58 3.51
C ASN C 193 -25.41 59.00 4.64
N TYR C 194 -25.04 58.05 5.49
CA TYR C 194 -24.17 58.31 6.62
C TYR C 194 -22.69 58.20 6.27
N ASN C 195 -22.35 58.18 4.99
CA ASN C 195 -20.95 58.17 4.55
C ASN C 195 -20.21 56.91 5.02
N LEU C 196 -20.94 55.82 5.22
CA LEU C 196 -20.32 54.56 5.62
C LEU C 196 -19.89 53.78 4.37
N SER C 197 -19.37 52.58 4.58
CA SER C 197 -18.89 51.75 3.48
C SER C 197 -19.08 50.28 3.84
N PHE C 198 -18.74 49.41 2.88
CA PHE C 198 -18.86 47.98 3.12
C PHE C 198 -17.78 47.48 4.07
N ALA C 199 -16.57 48.02 3.95
CA ALA C 199 -15.50 47.64 4.87
C ALA C 199 -15.86 48.03 6.30
N ASP C 200 -16.65 49.09 6.48
CA ASP C 200 -17.09 49.46 7.82
C ASP C 200 -17.98 48.37 8.41
N VAL C 201 -18.92 47.87 7.61
CA VAL C 201 -19.78 46.77 8.06
C VAL C 201 -18.94 45.56 8.41
N GLY C 202 -18.01 45.20 7.52
CA GLY C 202 -17.17 44.05 7.79
C GLY C 202 -16.36 44.19 9.07
N SER C 203 -15.77 45.37 9.28
CA SER C 203 -14.96 45.59 10.47
C SER C 203 -15.80 45.54 11.73
N ALA C 204 -16.95 46.21 11.73
CA ALA C 204 -17.83 46.16 12.89
C ALA C 204 -18.23 44.73 13.21
N LEU C 205 -18.61 43.96 12.20
CA LEU C 205 -19.02 42.57 12.45
C LEU C 205 -17.86 41.75 13.01
N SER C 206 -16.68 41.89 12.43
CA SER C 206 -15.55 41.10 12.89
C SER C 206 -15.10 41.51 14.28
N ALA C 207 -15.38 42.75 14.69
CA ALA C 207 -14.95 43.23 15.99
C ALA C 207 -15.95 42.97 17.10
N GLN C 208 -17.24 42.96 16.80
CA GLN C 208 -18.27 42.87 17.83
C GLN C 208 -18.87 41.48 17.96
N ASN C 209 -18.33 40.48 17.26
CA ASN C 209 -18.82 39.10 17.35
C ASN C 209 -17.62 38.17 17.26
N ILE C 210 -17.03 37.84 18.42
CA ILE C 210 -15.84 36.99 18.46
C ILE C 210 -15.73 36.25 19.79
N GLN C 211 -15.27 35.01 19.76
CA GLN C 211 -15.14 34.22 20.99
C GLN C 211 -14.13 34.80 21.97
N ILE C 212 -14.41 34.72 23.26
CA ILE C 212 -13.48 35.21 24.27
C ILE C 212 -13.05 34.08 25.18
N SER C 213 -11.74 33.86 25.33
CA SER C 213 -11.28 32.85 26.28
C SER C 213 -10.66 33.54 27.49
N ALA C 214 -11.42 33.65 28.57
CA ALA C 214 -10.93 34.33 29.76
C ALA C 214 -9.83 33.65 30.54
N GLY C 215 -9.92 32.36 30.82
CA GLY C 215 -8.91 31.71 31.64
C GLY C 215 -9.41 31.11 32.95
N SER C 216 -8.59 31.11 34.00
CA SER C 216 -8.98 30.52 35.29
C SER C 216 -8.53 31.25 36.56
N ILE C 217 -9.32 31.17 37.62
CA ILE C 217 -8.98 31.79 38.90
C ILE C 217 -7.76 31.22 39.59
N GLY C 218 -7.57 29.92 39.59
CA GLY C 218 -6.35 29.38 40.16
C GLY C 218 -5.64 28.72 39.00
N SER C 219 -4.43 29.15 38.69
CA SER C 219 -3.75 28.62 37.52
C SER C 219 -2.56 27.80 37.97
N LEU C 220 -1.93 27.08 37.05
CA LEU C 220 -0.86 26.17 37.44
C LEU C 220 0.35 26.74 38.16
N PRO C 221 0.86 27.89 37.73
CA PRO C 221 1.95 28.42 38.56
C PRO C 221 1.18 29.17 39.64
N ALA C 222 1.03 28.57 40.83
CA ALA C 222 0.17 29.19 41.83
C ALA C 222 0.82 29.57 43.14
N VAL C 223 0.48 30.75 43.64
CA VAL C 223 1.01 31.20 44.93
C VAL C 223 0.60 30.21 45.99
N ARG C 224 1.51 29.92 46.93
CA ARG C 224 1.17 29.03 48.04
C ARG C 224 -0.05 29.33 48.84
N GLY C 225 -0.74 28.29 49.24
CA GLY C 225 -1.94 28.46 50.03
C GLY C 225 -3.24 28.46 49.27
N GLN C 226 -3.23 28.13 47.98
CA GLN C 226 -4.42 28.18 47.15
C GLN C 226 -5.25 26.91 47.35
N THR C 227 -6.57 27.09 47.45
CA THR C 227 -7.49 26.00 47.72
C THR C 227 -8.50 25.73 46.61
N VAL C 228 -8.90 26.73 45.84
CA VAL C 228 -9.92 26.57 44.82
C VAL C 228 -9.45 27.16 43.50
N THR C 229 -9.97 26.61 42.41
CA THR C 229 -9.70 27.10 41.07
C THR C 229 -11.02 27.07 40.29
N ALA C 230 -11.38 28.21 39.70
CA ALA C 230 -12.63 28.33 38.97
C ALA C 230 -12.35 28.76 37.54
N THR C 231 -13.20 28.31 36.62
CA THR C 231 -13.09 28.68 35.22
C THR C 231 -13.93 29.92 34.95
N VAL C 232 -13.42 30.79 34.08
CA VAL C 232 -14.09 32.05 33.74
C VAL C 232 -14.57 31.97 32.30
N THR C 233 -15.77 32.49 32.06
CA THR C 233 -16.41 32.46 30.75
C THR C 233 -16.97 33.83 30.42
N ALA C 234 -16.97 34.17 29.12
CA ALA C 234 -17.37 35.49 28.68
C ALA C 234 -18.57 35.48 27.74
N GLN C 235 -18.56 34.64 26.71
CA GLN C 235 -19.65 34.60 25.72
C GLN C 235 -19.79 35.93 24.99
N GLY C 236 -18.79 36.24 24.17
CA GLY C 236 -18.83 37.42 23.34
C GLY C 236 -19.27 37.20 21.91
N GLN C 237 -20.29 36.38 21.70
CA GLN C 237 -20.79 36.07 20.37
C GLN C 237 -22.28 36.36 20.27
N LEU C 238 -22.76 36.50 19.04
CA LEU C 238 -24.15 36.81 18.75
C LEU C 238 -24.83 35.61 18.12
N GLY C 239 -26.12 35.44 18.41
CA GLY C 239 -26.81 34.24 17.99
C GLY C 239 -28.11 34.41 17.23
N THR C 240 -28.74 35.58 17.33
CA THR C 240 -30.02 35.83 16.69
C THR C 240 -29.90 36.99 15.71
N ALA C 241 -31.00 37.25 14.99
CA ALA C 241 -31.00 38.30 13.98
C ALA C 241 -31.13 39.68 14.61
N GLU C 242 -31.77 39.80 15.76
CA GLU C 242 -31.86 41.10 16.42
C GLU C 242 -30.55 41.47 17.08
N GLU C 243 -29.86 40.49 17.68
CA GLU C 243 -28.53 40.75 18.23
C GLU C 243 -27.58 41.26 17.15
N PHE C 244 -27.76 40.81 15.91
CA PHE C 244 -26.97 41.34 14.80
C PHE C 244 -27.48 42.69 14.34
N GLY C 245 -28.80 42.88 14.36
CA GLY C 245 -29.35 44.17 13.99
C GLY C 245 -28.87 45.30 14.87
N ASN C 246 -28.63 45.02 16.14
CA ASN C 246 -28.22 46.04 17.09
C ASN C 246 -26.71 46.24 17.16
N VAL C 247 -25.98 45.88 16.11
CA VAL C 247 -24.55 46.12 16.08
C VAL C 247 -24.29 47.61 15.86
N ILE C 248 -23.26 48.13 16.52
CA ILE C 248 -22.90 49.54 16.43
C ILE C 248 -21.99 49.74 15.23
N LEU C 249 -22.46 50.51 14.25
CA LEU C 249 -21.68 50.79 13.05
C LEU C 249 -20.74 51.98 13.22
N ARG C 250 -21.21 53.04 13.86
CA ARG C 250 -20.37 54.19 14.14
C ARG C 250 -20.79 54.79 15.48
N ALA C 251 -19.82 55.03 16.34
CA ALA C 251 -20.06 55.63 17.65
C ALA C 251 -20.01 57.14 17.51
N ASN C 252 -21.17 57.79 17.62
CA ASN C 252 -21.23 59.24 17.52
C ASN C 252 -20.76 59.90 18.81
N THR C 253 -20.66 61.23 18.77
CA THR C 253 -20.30 62.00 19.94
C THR C 253 -21.51 62.54 20.69
N ASP C 254 -22.65 62.73 20.01
CA ASP C 254 -23.82 63.30 20.67
C ASP C 254 -24.75 62.28 21.31
N GLY C 255 -24.20 61.30 22.02
CA GLY C 255 -25.02 60.27 22.66
C GLY C 255 -25.87 59.52 21.67
N SER C 256 -25.34 59.28 20.48
CA SER C 256 -26.10 58.60 19.44
C SER C 256 -25.20 57.61 18.75
N ASN C 257 -25.80 56.61 18.11
CA ASN C 257 -25.00 55.65 17.35
C ASN C 257 -25.77 55.09 16.17
N ILE C 258 -25.05 54.61 15.17
CA ILE C 258 -25.69 54.01 14.01
C ILE C 258 -25.72 52.53 14.29
N TYR C 259 -26.82 51.85 13.98
CA TYR C 259 -26.88 50.40 14.14
C TYR C 259 -26.88 49.71 12.78
N LEU C 260 -26.54 48.43 12.79
CA LEU C 260 -26.52 47.66 11.55
C LEU C 260 -27.92 47.48 10.97
N LYS C 261 -28.96 47.69 11.77
CA LYS C 261 -30.34 47.59 11.30
C LYS C 261 -30.81 48.83 10.56
N ASP C 262 -29.91 49.77 10.28
CA ASP C 262 -30.28 51.00 9.58
C ASP C 262 -29.77 51.03 8.14
N VAL C 263 -28.89 50.12 7.75
CA VAL C 263 -28.34 50.11 6.39
C VAL C 263 -28.39 48.71 5.81
N ALA C 264 -29.19 47.82 6.40
CA ALA C 264 -29.24 46.43 5.96
C ALA C 264 -30.40 45.73 6.65
N LYS C 265 -30.81 44.61 6.07
CA LYS C 265 -31.83 43.75 6.63
C LYS C 265 -31.23 42.38 6.91
N VAL C 266 -31.30 41.95 8.16
CA VAL C 266 -30.61 40.75 8.63
C VAL C 266 -31.61 39.63 8.81
N GLY C 267 -31.17 38.41 8.55
CA GLY C 267 -32.03 37.25 8.69
C GLY C 267 -31.31 36.01 8.23
N LEU C 268 -31.87 34.87 8.62
CA LEU C 268 -31.27 33.59 8.28
C LEU C 268 -31.54 33.24 6.82
N GLY C 269 -30.52 32.68 6.16
CA GLY C 269 -30.64 32.30 4.77
C GLY C 269 -29.89 31.03 4.48
N MET C 270 -29.23 30.96 3.33
CA MET C 270 -28.39 29.84 2.98
C MET C 270 -27.00 30.35 2.60
N GLU C 271 -26.03 29.44 2.63
CA GLU C 271 -24.67 29.81 2.26
C GLU C 271 -24.60 30.19 0.79
N ASP C 272 -25.13 29.35 -0.08
CA ASP C 272 -25.23 29.64 -1.50
C ASP C 272 -26.61 29.23 -1.99
N TYR C 273 -27.01 29.79 -3.13
CA TYR C 273 -28.36 29.62 -3.66
C TYR C 273 -28.37 28.95 -5.02
N SER C 274 -27.29 28.25 -5.41
CA SER C 274 -27.22 27.67 -6.75
C SER C 274 -28.20 26.54 -7.06
N SER C 275 -27.95 25.35 -6.54
CA SER C 275 -28.80 24.19 -6.85
C SER C 275 -30.17 24.14 -6.20
N SER C 276 -31.11 23.46 -6.83
CA SER C 276 -32.45 23.31 -6.29
C SER C 276 -32.93 21.94 -6.73
N THR C 277 -34.16 21.57 -6.39
CA THR C 277 -34.65 20.24 -6.72
C THR C 277 -36.14 20.16 -6.44
N ARG C 278 -36.85 19.43 -7.30
CA ARG C 278 -38.29 19.21 -7.15
C ARG C 278 -38.61 17.74 -7.36
N LEU C 279 -39.76 17.32 -6.84
CA LEU C 279 -40.27 15.96 -7.06
C LEU C 279 -41.71 16.10 -7.52
N ASN C 280 -41.94 15.91 -8.82
CA ASN C 280 -43.26 16.00 -9.42
C ASN C 280 -43.82 17.41 -9.41
N GLY C 281 -42.96 18.42 -9.21
CA GLY C 281 -43.38 19.80 -9.26
C GLY C 281 -43.39 20.52 -7.94
N VAL C 282 -43.14 19.85 -6.82
CA VAL C 282 -43.15 20.46 -5.50
C VAL C 282 -41.74 20.47 -4.95
N ASN C 283 -41.38 21.55 -4.27
CA ASN C 283 -40.04 21.72 -3.74
C ASN C 283 -39.78 20.72 -2.62
N THR C 284 -38.82 19.83 -2.82
CA THR C 284 -38.36 18.90 -1.81
C THR C 284 -36.86 19.09 -1.61
N THR C 285 -36.27 18.25 -0.75
CA THR C 285 -34.85 18.30 -0.44
C THR C 285 -34.20 17.05 -1.00
N GLY C 286 -33.18 17.23 -1.82
CA GLY C 286 -32.54 16.14 -2.55
C GLY C 286 -31.12 15.89 -2.09
N MET C 287 -30.73 14.63 -2.04
CA MET C 287 -29.38 14.21 -1.70
C MET C 287 -28.99 13.09 -2.65
N ALA C 288 -27.90 13.28 -3.38
CA ALA C 288 -27.45 12.31 -4.36
C ALA C 288 -26.32 11.48 -3.76
N VAL C 289 -26.57 10.20 -3.56
CA VAL C 289 -25.57 9.28 -3.03
C VAL C 289 -24.77 8.71 -4.18
N MET C 290 -23.46 8.64 -4.01
CA MET C 290 -22.55 8.17 -5.05
C MET C 290 -21.65 7.09 -4.48
N LEU C 291 -21.54 5.97 -5.19
CA LEU C 291 -20.69 4.90 -4.75
C LEU C 291 -19.22 5.32 -4.78
N SER C 292 -18.37 4.43 -4.31
CA SER C 292 -16.93 4.59 -4.40
C SER C 292 -16.34 3.42 -5.16
N ASN C 293 -15.13 3.60 -5.67
CA ASN C 293 -14.41 2.48 -6.25
C ASN C 293 -14.35 1.34 -5.23
N SER C 294 -14.70 0.14 -5.68
CA SER C 294 -14.81 -1.01 -4.77
C SER C 294 -15.97 -0.82 -3.80
N GLY C 295 -17.15 -0.56 -4.35
CA GLY C 295 -18.36 -0.46 -3.56
C GLY C 295 -19.52 -1.15 -4.26
N ASN C 296 -20.32 -1.90 -3.50
CA ASN C 296 -21.43 -2.65 -4.08
C ASN C 296 -22.70 -1.81 -4.10
N ALA C 297 -23.45 -1.92 -5.19
CA ALA C 297 -24.66 -1.12 -5.34
C ALA C 297 -25.78 -1.65 -4.45
N MET C 298 -26.05 -2.95 -4.50
CA MET C 298 -27.14 -3.50 -3.72
C MET C 298 -26.89 -3.38 -2.23
N ALA C 299 -25.68 -3.73 -1.79
CA ALA C 299 -25.36 -3.66 -0.37
C ALA C 299 -25.45 -2.24 0.15
N THR C 300 -24.88 -1.29 -0.59
CA THR C 300 -24.90 0.10 -0.15
C THR C 300 -26.30 0.67 -0.17
N ALA C 301 -27.10 0.32 -1.18
CA ALA C 301 -28.47 0.82 -1.25
C ALA C 301 -29.30 0.30 -0.09
N LYS C 302 -29.18 -0.98 0.23
CA LYS C 302 -29.96 -1.52 1.35
C LYS C 302 -29.46 -0.97 2.68
N ALA C 303 -28.14 -0.77 2.82
CA ALA C 303 -27.63 -0.17 4.04
C ALA C 303 -28.12 1.26 4.20
N VAL C 304 -28.22 2.00 3.10
CA VAL C 304 -28.73 3.36 3.17
C VAL C 304 -30.20 3.37 3.55
N LYS C 305 -30.99 2.49 2.96
CA LYS C 305 -32.42 2.44 3.30
C LYS C 305 -32.60 2.05 4.76
N GLU C 306 -31.79 1.14 5.28
CA GLU C 306 -31.91 0.72 6.66
C GLU C 306 -31.50 1.82 7.62
N ARG C 307 -30.50 2.61 7.25
CA ARG C 307 -30.07 3.71 8.09
C ARG C 307 -31.10 4.81 8.08
N LEU C 308 -31.78 5.01 6.96
CA LEU C 308 -32.85 6.01 6.90
C LEU C 308 -34.06 5.57 7.71
N ALA C 309 -34.43 4.28 7.63
CA ALA C 309 -35.52 3.77 8.44
C ALA C 309 -35.22 3.92 9.92
N VAL C 310 -33.96 3.81 10.31
CA VAL C 310 -33.59 4.01 11.71
C VAL C 310 -33.63 5.49 12.08
N LEU C 311 -33.11 6.34 11.19
CA LEU C 311 -33.02 7.76 11.49
C LEU C 311 -34.40 8.42 11.56
N GLU C 312 -35.37 7.89 10.83
CA GLU C 312 -36.69 8.51 10.82
C GLU C 312 -37.28 8.70 12.21
N LYS C 313 -36.81 7.96 13.20
CA LYS C 313 -37.37 8.07 14.55
C LYS C 313 -37.11 9.45 15.15
N TYR C 314 -36.14 10.20 14.64
CA TYR C 314 -35.77 11.50 15.19
C TYR C 314 -36.13 12.65 14.26
N PHE C 315 -36.82 12.39 13.16
CA PHE C 315 -37.21 13.47 12.26
C PHE C 315 -38.14 14.43 12.99
N PRO C 316 -38.10 15.72 12.65
CA PRO C 316 -39.08 16.65 13.21
C PRO C 316 -40.49 16.25 12.79
N GLN C 317 -41.47 16.95 13.35
CA GLN C 317 -42.87 16.60 13.13
C GLN C 317 -43.28 16.97 11.71
N GLY C 318 -43.73 15.97 10.96
CA GLY C 318 -44.25 16.19 9.63
C GLY C 318 -43.32 15.83 8.49
N MET C 319 -42.10 15.40 8.78
CA MET C 319 -41.13 15.08 7.74
C MET C 319 -41.21 13.61 7.35
N SER C 320 -40.86 13.32 6.11
CA SER C 320 -40.82 11.97 5.60
C SER C 320 -39.68 11.85 4.59
N TRP C 321 -39.34 10.61 4.25
CA TRP C 321 -38.28 10.33 3.28
C TRP C 321 -38.78 9.37 2.22
N LYS C 322 -38.05 9.31 1.12
CA LYS C 322 -38.32 8.37 0.05
C LYS C 322 -37.21 8.47 -0.98
N THR C 323 -36.92 7.34 -1.62
CA THR C 323 -35.90 7.26 -2.67
C THR C 323 -36.61 6.93 -3.98
N PRO C 324 -37.10 7.93 -4.70
CA PRO C 324 -37.80 7.61 -5.95
C PRO C 324 -36.88 7.12 -7.05
N TYR C 325 -35.60 7.51 -7.03
CA TYR C 325 -34.61 7.05 -7.99
C TYR C 325 -33.65 6.12 -7.27
N ASP C 326 -33.64 4.85 -7.66
CA ASP C 326 -32.79 3.84 -7.05
C ASP C 326 -32.35 2.86 -8.11
N THR C 327 -31.04 2.75 -8.34
CA THR C 327 -30.52 1.86 -9.37
C THR C 327 -30.40 0.41 -8.94
N SER C 328 -30.49 0.15 -7.65
CA SER C 328 -30.42 -1.22 -7.13
C SER C 328 -31.56 -2.12 -7.58
N LYS C 329 -32.74 -1.54 -7.81
CA LYS C 329 -33.91 -2.35 -8.15
C LYS C 329 -33.84 -3.17 -9.44
N PHE C 330 -33.26 -2.64 -10.50
CA PHE C 330 -33.10 -3.43 -11.72
C PHE C 330 -32.23 -4.66 -11.45
N VAL C 331 -31.20 -4.54 -10.64
CA VAL C 331 -30.30 -5.64 -10.28
C VAL C 331 -31.10 -6.83 -9.77
N GLU C 332 -32.00 -6.58 -8.81
CA GLU C 332 -32.78 -7.67 -8.24
C GLU C 332 -33.68 -8.31 -9.30
N ILE C 333 -34.33 -7.49 -10.13
CA ILE C 333 -35.22 -8.04 -11.14
C ILE C 333 -34.45 -8.91 -12.13
N SER C 334 -33.27 -8.44 -12.54
CA SER C 334 -32.47 -9.20 -13.50
C SER C 334 -31.98 -10.50 -12.88
N ILE C 335 -31.58 -10.48 -11.61
CA ILE C 335 -31.12 -11.69 -10.96
C ILE C 335 -32.26 -12.71 -10.90
N GLU C 336 -33.46 -12.26 -10.55
CA GLU C 336 -34.60 -13.16 -10.52
C GLU C 336 -34.86 -13.76 -11.90
N LYS C 337 -34.83 -12.92 -12.93
CA LYS C 337 -35.07 -13.42 -14.29
C LYS C 337 -34.05 -14.48 -14.68
N VAL C 338 -32.78 -14.23 -14.35
CA VAL C 338 -31.75 -15.19 -14.76
C VAL C 338 -31.87 -16.49 -13.97
N ILE C 339 -32.30 -16.42 -12.71
CA ILE C 339 -32.52 -17.66 -11.96
C ILE C 339 -33.68 -18.46 -12.56
N HIS C 340 -34.74 -17.77 -12.95
CA HIS C 340 -35.85 -18.46 -13.60
C HIS C 340 -35.40 -19.12 -14.90
N THR C 341 -34.57 -18.43 -15.67
CA THR C 341 -34.04 -19.02 -16.89
C THR C 341 -33.17 -20.23 -16.60
N LEU C 342 -32.40 -20.18 -15.52
CA LEU C 342 -31.59 -21.33 -15.13
C LEU C 342 -32.48 -22.54 -14.84
N ILE C 343 -33.57 -22.32 -14.11
CA ILE C 343 -34.49 -23.43 -13.81
C ILE C 343 -35.05 -24.01 -15.09
N GLU C 344 -35.50 -23.15 -16.01
CA GLU C 344 -36.07 -23.62 -17.25
C GLU C 344 -35.05 -24.43 -18.06
N ALA C 345 -33.81 -23.95 -18.10
CA ALA C 345 -32.77 -24.66 -18.84
C ALA C 345 -32.51 -26.04 -18.26
N MET C 346 -32.43 -26.13 -16.93
CA MET C 346 -32.24 -27.44 -16.30
C MET C 346 -33.38 -28.39 -16.65
N VAL C 347 -34.62 -27.89 -16.62
CA VAL C 347 -35.75 -28.75 -16.94
C VAL C 347 -35.65 -29.26 -18.37
N LEU C 348 -35.31 -28.38 -19.31
CA LEU C 348 -35.25 -28.78 -20.71
C LEU C 348 -34.13 -29.79 -20.95
N VAL C 349 -32.98 -29.59 -20.31
CA VAL C 349 -31.87 -30.54 -20.48
C VAL C 349 -32.26 -31.91 -19.93
N PHE C 350 -32.91 -31.93 -18.76
CA PHE C 350 -33.39 -33.21 -18.23
C PHE C 350 -34.35 -33.88 -19.19
N VAL C 351 -35.25 -33.11 -19.79
CA VAL C 351 -36.23 -33.70 -20.71
C VAL C 351 -35.53 -34.33 -21.90
N VAL C 352 -34.53 -33.65 -22.45
CA VAL C 352 -33.80 -34.19 -23.60
C VAL C 352 -33.09 -35.48 -23.21
N MET C 353 -32.37 -35.46 -22.09
CA MET C 353 -31.66 -36.65 -21.66
C MET C 353 -32.62 -37.82 -21.45
N TYR C 354 -33.77 -37.57 -20.85
CA TYR C 354 -34.73 -38.64 -20.64
C TYR C 354 -35.26 -39.17 -21.98
N LEU C 355 -35.56 -38.28 -22.91
CA LEU C 355 -36.01 -38.73 -24.22
C LEU C 355 -35.01 -39.68 -24.86
N PHE C 356 -33.72 -39.39 -24.67
CA PHE C 356 -32.70 -40.21 -25.35
C PHE C 356 -32.34 -41.47 -24.59
N LEU C 357 -32.49 -41.48 -23.27
CA LEU C 357 -32.12 -42.64 -22.45
C LEU C 357 -33.32 -43.52 -22.08
N GLN C 358 -34.49 -42.92 -21.85
CA GLN C 358 -35.75 -43.64 -21.70
C GLN C 358 -35.85 -44.43 -20.40
N ASN C 359 -35.13 -44.02 -19.35
CA ASN C 359 -35.19 -44.71 -18.08
C ASN C 359 -34.76 -43.73 -16.99
N ILE C 360 -35.65 -43.47 -16.04
CA ILE C 360 -35.36 -42.45 -15.03
C ILE C 360 -34.08 -42.77 -14.28
N ARG C 361 -33.79 -44.05 -14.07
CA ARG C 361 -32.58 -44.42 -13.34
C ARG C 361 -31.33 -44.16 -14.17
N TYR C 362 -31.43 -44.34 -15.49
CA TYR C 362 -30.31 -44.02 -16.36
C TYR C 362 -30.09 -42.51 -16.45
N THR C 363 -31.17 -41.74 -16.47
CA THR C 363 -31.09 -40.30 -16.67
C THR C 363 -30.97 -39.53 -15.36
N LEU C 364 -30.92 -40.21 -14.22
CA LEU C 364 -30.66 -39.54 -12.95
C LEU C 364 -29.17 -39.43 -12.65
N ILE C 365 -28.32 -40.15 -13.36
CA ILE C 365 -26.87 -40.10 -13.11
C ILE C 365 -26.29 -38.83 -13.73
N PRO C 366 -26.51 -38.57 -15.02
CA PRO C 366 -25.96 -37.33 -15.61
C PRO C 366 -26.58 -36.06 -15.07
N THR C 367 -27.76 -36.14 -14.45
CA THR C 367 -28.40 -34.94 -13.92
C THR C 367 -27.91 -34.58 -12.52
N ILE C 368 -27.27 -35.53 -11.82
CA ILE C 368 -26.71 -35.23 -10.51
C ILE C 368 -25.39 -34.48 -10.62
N VAL C 369 -24.73 -34.56 -11.77
CA VAL C 369 -23.46 -33.90 -11.95
C VAL C 369 -23.66 -32.40 -12.11
N VAL C 370 -24.77 -31.98 -12.71
CA VAL C 370 -24.99 -30.56 -12.96
C VAL C 370 -25.05 -29.72 -11.69
N PRO C 371 -25.80 -30.17 -10.68
CA PRO C 371 -25.79 -29.37 -9.46
C PRO C 371 -24.42 -29.32 -8.78
N ILE C 372 -23.74 -30.45 -8.69
CA ILE C 372 -22.44 -30.50 -8.02
C ILE C 372 -21.38 -29.70 -8.75
N SER C 373 -21.38 -29.76 -10.08
CA SER C 373 -20.43 -29.01 -10.88
C SER C 373 -20.61 -27.51 -10.76
N LEU C 374 -21.86 -27.06 -10.74
CA LEU C 374 -22.13 -25.63 -10.65
C LEU C 374 -21.79 -25.11 -9.27
N LEU C 375 -21.91 -25.92 -8.22
CA LEU C 375 -21.49 -25.50 -6.89
C LEU C 375 -19.98 -25.42 -6.79
N GLY C 376 -19.26 -26.31 -7.46
CA GLY C 376 -17.81 -26.16 -7.55
C GLY C 376 -17.42 -24.88 -8.27
N GLY C 377 -18.17 -24.53 -9.32
CA GLY C 377 -17.93 -23.27 -10.00
C GLY C 377 -18.16 -22.08 -9.09
N PHE C 378 -19.23 -22.12 -8.30
CA PHE C 378 -19.47 -21.05 -7.32
C PHE C 378 -18.32 -20.96 -6.32
N ALA C 379 -17.85 -22.10 -5.82
CA ALA C 379 -16.74 -22.08 -4.88
C ALA C 379 -15.51 -21.44 -5.50
N PHE C 380 -15.15 -21.85 -6.72
CA PHE C 380 -13.98 -21.28 -7.38
C PHE C 380 -14.16 -19.78 -7.61
N ILE C 381 -15.32 -19.34 -8.08
CA ILE C 381 -15.56 -17.91 -8.31
C ILE C 381 -15.36 -17.10 -7.04
N SER C 382 -15.88 -17.60 -5.92
CA SER C 382 -15.74 -16.90 -4.64
C SER C 382 -14.30 -16.80 -4.20
N TYR C 383 -13.54 -17.86 -4.39
CA TYR C 383 -12.13 -17.85 -4.02
C TYR C 383 -11.38 -16.78 -4.80
N MET C 384 -11.78 -16.54 -6.04
CA MET C 384 -11.08 -15.56 -6.86
C MET C 384 -11.54 -14.13 -6.63
N GLY C 385 -12.55 -13.92 -5.80
CA GLY C 385 -12.99 -12.56 -5.49
C GLY C 385 -13.90 -11.94 -6.52
N MET C 386 -14.70 -12.74 -7.21
CA MET C 386 -15.66 -12.23 -8.17
C MET C 386 -17.00 -11.98 -7.48
N SER C 387 -18.04 -11.72 -8.28
CA SER C 387 -19.37 -11.47 -7.76
C SER C 387 -20.37 -12.29 -8.57
N ILE C 388 -21.62 -12.26 -8.11
CA ILE C 388 -22.72 -12.92 -8.80
C ILE C 388 -23.42 -11.85 -9.64
N ASN C 389 -23.14 -11.83 -10.93
CA ASN C 389 -23.76 -10.86 -11.82
C ASN C 389 -24.43 -11.56 -12.97
N VAL C 390 -24.89 -10.81 -13.98
CA VAL C 390 -25.61 -11.43 -15.09
C VAL C 390 -24.67 -12.18 -16.02
N LEU C 391 -23.38 -11.86 -16.02
CA LEU C 391 -22.45 -12.56 -16.90
C LEU C 391 -22.08 -13.93 -16.36
N THR C 392 -21.80 -14.03 -15.05
CA THR C 392 -21.59 -15.34 -14.46
C THR C 392 -22.85 -16.19 -14.52
N MET C 393 -24.02 -15.57 -14.45
CA MET C 393 -25.26 -16.33 -14.56
C MET C 393 -25.50 -16.80 -15.98
N PHE C 394 -25.14 -15.99 -16.98
CA PHE C 394 -25.18 -16.45 -18.35
C PHE C 394 -24.21 -17.60 -18.56
N ALA C 395 -23.03 -17.51 -17.95
CA ALA C 395 -22.08 -18.61 -18.04
C ALA C 395 -22.65 -19.89 -17.44
N MET C 396 -23.32 -19.78 -16.30
CA MET C 396 -23.94 -20.96 -15.70
C MET C 396 -25.03 -21.54 -16.61
N ILE C 397 -25.87 -20.68 -17.17
CA ILE C 397 -26.95 -21.16 -18.03
C ILE C 397 -26.39 -21.80 -19.30
N LEU C 398 -25.25 -21.31 -19.78
CA LEU C 398 -24.64 -21.89 -20.97
C LEU C 398 -23.97 -23.22 -20.64
N VAL C 399 -23.35 -23.32 -19.46
CA VAL C 399 -22.60 -24.52 -19.08
C VAL C 399 -23.49 -25.63 -18.53
N ILE C 400 -24.74 -25.35 -18.20
CA ILE C 400 -25.64 -26.41 -17.77
C ILE C 400 -25.66 -27.54 -18.80
N GLY C 401 -25.66 -27.18 -20.09
CA GLY C 401 -25.70 -28.18 -21.14
C GLY C 401 -24.36 -28.75 -21.54
N ILE C 402 -23.26 -28.19 -21.02
CA ILE C 402 -21.93 -28.68 -21.33
C ILE C 402 -21.46 -29.63 -20.24
N VAL C 403 -21.83 -29.34 -18.99
CA VAL C 403 -21.36 -30.15 -17.87
C VAL C 403 -21.94 -31.55 -17.84
N VAL C 404 -22.88 -31.86 -18.74
CA VAL C 404 -23.45 -33.20 -18.82
C VAL C 404 -22.86 -34.00 -19.98
N ASP C 405 -21.83 -33.48 -20.64
CA ASP C 405 -21.29 -34.14 -21.82
C ASP C 405 -20.50 -35.38 -21.43
N ASP C 406 -19.56 -35.24 -20.49
CA ASP C 406 -18.73 -36.37 -20.09
C ASP C 406 -19.56 -37.46 -19.44
N ALA C 407 -20.46 -37.08 -18.53
CA ALA C 407 -21.32 -38.06 -17.88
C ALA C 407 -22.25 -38.72 -18.89
N ILE C 408 -22.77 -37.95 -19.84
CA ILE C 408 -23.61 -38.52 -20.88
C ILE C 408 -22.85 -39.55 -21.68
N VAL C 409 -21.59 -39.24 -22.02
CA VAL C 409 -20.78 -40.18 -22.80
C VAL C 409 -20.56 -41.47 -22.01
N VAL C 410 -20.19 -41.33 -20.75
CA VAL C 410 -19.95 -42.51 -19.91
C VAL C 410 -21.20 -43.37 -19.83
N VAL C 411 -22.34 -42.75 -19.51
CA VAL C 411 -23.56 -43.51 -19.32
C VAL C 411 -24.04 -44.12 -20.62
N GLU C 412 -23.85 -43.41 -21.74
CA GLU C 412 -24.24 -43.97 -23.03
C GLU C 412 -23.42 -45.20 -23.36
N ASN C 413 -22.10 -45.15 -23.13
CA ASN C 413 -21.27 -46.32 -23.39
C ASN C 413 -21.68 -47.48 -22.50
N VAL C 414 -21.90 -47.21 -21.21
CA VAL C 414 -22.28 -48.28 -20.27
C VAL C 414 -23.60 -48.91 -20.70
N GLU C 415 -24.58 -48.08 -21.06
CA GLU C 415 -25.89 -48.60 -21.43
C GLU C 415 -25.82 -49.38 -22.74
N ARG C 416 -25.03 -48.90 -23.71
CA ARG C 416 -24.87 -49.65 -24.94
C ARG C 416 -24.28 -51.02 -24.68
N ILE C 417 -23.24 -51.09 -23.84
CA ILE C 417 -22.64 -52.37 -23.53
C ILE C 417 -23.64 -53.27 -22.81
N MET C 418 -24.38 -52.72 -21.85
CA MET C 418 -25.31 -53.54 -21.09
C MET C 418 -26.45 -54.06 -21.95
N ALA C 419 -26.88 -53.27 -22.94
CA ALA C 419 -28.03 -53.66 -23.75
C ALA C 419 -27.63 -54.60 -24.87
N GLY C 420 -26.47 -54.38 -25.48
CA GLY C 420 -26.01 -55.27 -26.52
C GLY C 420 -25.38 -56.53 -25.98
N GLU C 421 -24.29 -56.37 -25.24
CA GLU C 421 -23.50 -57.50 -24.75
C GLU C 421 -24.16 -58.23 -23.58
N GLY C 422 -25.29 -57.74 -23.08
CA GLY C 422 -25.97 -58.39 -21.97
C GLY C 422 -25.07 -58.70 -20.80
N LEU C 423 -24.55 -57.68 -20.15
CA LEU C 423 -23.61 -57.82 -19.05
C LEU C 423 -24.18 -57.23 -17.77
N PRO C 424 -23.60 -57.57 -16.62
CA PRO C 424 -23.99 -56.91 -15.37
C PRO C 424 -23.48 -55.48 -15.34
N PRO C 425 -23.89 -54.68 -14.36
CA PRO C 425 -23.51 -53.26 -14.36
C PRO C 425 -22.06 -53.01 -13.97
N LYS C 426 -21.46 -53.84 -13.11
CA LYS C 426 -20.09 -53.58 -12.67
C LYS C 426 -19.09 -53.86 -13.79
N GLU C 427 -19.20 -55.03 -14.43
CA GLU C 427 -18.28 -55.34 -15.53
C GLU C 427 -18.53 -54.41 -16.72
N ALA C 428 -19.79 -54.09 -16.99
CA ALA C 428 -20.09 -53.18 -18.08
C ALA C 428 -19.53 -51.80 -17.79
N THR C 429 -19.61 -51.35 -16.55
CA THR C 429 -19.02 -50.07 -16.18
C THR C 429 -17.51 -50.07 -16.33
N LYS C 430 -16.86 -51.17 -15.97
CA LYS C 430 -15.41 -51.26 -16.07
C LYS C 430 -14.98 -51.24 -17.52
N LYS C 431 -15.69 -51.95 -18.40
CA LYS C 431 -15.39 -51.91 -19.83
C LYS C 431 -15.60 -50.51 -20.40
N ALA C 432 -16.74 -49.89 -20.08
CA ALA C 432 -17.01 -48.56 -20.61
C ALA C 432 -15.96 -47.56 -20.18
N MET C 433 -15.53 -47.62 -18.92
CA MET C 433 -14.49 -46.70 -18.45
C MET C 433 -13.20 -46.92 -19.22
N GLY C 434 -12.75 -48.17 -19.27
CA GLY C 434 -11.54 -48.47 -20.02
C GLY C 434 -11.61 -48.08 -21.48
N GLN C 435 -12.81 -47.93 -22.03
CA GLN C 435 -12.95 -47.53 -23.42
C GLN C 435 -13.01 -46.01 -23.61
N ILE C 436 -13.62 -45.27 -22.68
CA ILE C 436 -13.97 -43.88 -22.92
C ILE C 436 -13.20 -42.90 -22.05
N SER C 437 -12.29 -43.37 -21.19
CA SER C 437 -11.50 -42.43 -20.39
C SER C 437 -10.74 -41.45 -21.29
N GLY C 438 -10.16 -41.95 -22.38
CA GLY C 438 -9.40 -41.08 -23.25
C GLY C 438 -10.26 -40.04 -23.94
N ALA C 439 -11.45 -40.44 -24.41
CA ALA C 439 -12.36 -39.48 -25.02
C ALA C 439 -12.77 -38.41 -24.01
N VAL C 440 -13.08 -38.82 -22.78
CA VAL C 440 -13.43 -37.84 -21.75
C VAL C 440 -12.30 -36.84 -21.56
N ILE C 441 -11.07 -37.35 -21.45
CA ILE C 441 -9.93 -36.47 -21.20
C ILE C 441 -9.75 -35.50 -22.36
N GLY C 442 -9.86 -35.98 -23.59
CA GLY C 442 -9.65 -35.11 -24.74
C GLY C 442 -10.73 -34.05 -24.86
N ILE C 443 -11.99 -34.43 -24.65
CA ILE C 443 -13.08 -33.47 -24.69
C ILE C 443 -12.86 -32.37 -23.66
N THR C 444 -12.58 -32.76 -22.42
CA THR C 444 -12.33 -31.77 -21.38
C THR C 444 -11.15 -30.88 -21.74
N VAL C 446 -9.92 -29.97 -24.75
CA VAL C 446 -10.22 -28.96 -25.77
C VAL C 446 -11.15 -27.89 -25.20
N LEU C 447 -12.18 -28.31 -24.46
CA LEU C 447 -13.15 -27.35 -23.95
C LEU C 447 -12.50 -26.36 -22.99
N ILE C 448 -11.53 -26.78 -22.17
CA ILE C 448 -10.86 -25.85 -21.29
C ILE C 448 -9.82 -24.98 -21.99
N SER C 449 -9.16 -25.50 -23.01
CA SER C 449 -8.12 -24.75 -23.71
C SER C 449 -8.64 -23.50 -24.40
N VAL C 450 -9.83 -23.56 -24.97
CA VAL C 450 -10.44 -22.40 -25.61
C VAL C 450 -10.69 -21.26 -24.63
N PHE C 451 -11.09 -21.58 -23.40
CA PHE C 451 -11.40 -20.55 -22.42
C PHE C 451 -10.23 -19.91 -21.70
N VAL C 452 -9.01 -20.45 -21.78
CA VAL C 452 -7.94 -19.77 -21.06
C VAL C 452 -7.51 -18.51 -21.79
N PRO C 453 -7.53 -18.45 -23.14
CA PRO C 453 -7.23 -17.17 -23.79
C PRO C 453 -8.24 -16.08 -23.47
N LEU C 454 -9.49 -16.44 -23.17
CA LEU C 454 -10.49 -15.43 -22.85
C LEU C 454 -10.11 -14.64 -21.61
N ALA C 455 -9.42 -15.26 -20.67
CA ALA C 455 -9.08 -14.62 -19.40
C ALA C 455 -7.74 -13.89 -19.43
N MET C 456 -7.17 -13.65 -20.61
CA MET C 456 -5.85 -13.06 -20.72
C MET C 456 -5.89 -11.69 -21.41
N PHE C 457 -7.00 -10.98 -21.27
CA PHE C 457 -7.15 -9.65 -21.86
C PHE C 457 -7.46 -8.65 -20.76
N SER C 458 -7.31 -7.37 -21.09
CA SER C 458 -7.47 -6.29 -20.13
C SER C 458 -8.40 -5.22 -20.69
N GLY C 459 -8.87 -4.35 -19.80
CA GLY C 459 -9.80 -3.30 -20.15
C GLY C 459 -11.13 -3.49 -19.44
N ALA C 460 -12.21 -3.17 -20.15
CA ALA C 460 -13.55 -3.51 -19.71
C ALA C 460 -14.05 -4.79 -20.37
N ALA C 461 -13.90 -4.89 -21.69
CA ALA C 461 -14.14 -6.14 -22.38
C ALA C 461 -13.25 -7.24 -21.81
N GLY C 462 -12.06 -6.90 -21.35
CA GLY C 462 -11.19 -7.90 -20.76
C GLY C 462 -11.80 -8.53 -19.51
N ASN C 463 -12.35 -7.70 -18.63
CA ASN C 463 -12.98 -8.22 -17.42
C ASN C 463 -14.26 -8.98 -17.75
N ILE C 464 -15.04 -8.45 -18.69
CA ILE C 464 -16.26 -9.14 -19.08
C ILE C 464 -15.94 -10.52 -19.65
N TYR C 465 -14.84 -10.65 -20.38
CA TYR C 465 -14.43 -11.95 -20.91
C TYR C 465 -13.97 -12.83 -19.77
N LYS C 466 -13.21 -12.26 -18.85
CA LYS C 466 -12.65 -13.03 -17.75
C LYS C 466 -13.70 -13.65 -16.86
N GLN C 467 -14.77 -12.91 -16.59
CA GLN C 467 -15.83 -13.42 -15.75
C GLN C 467 -16.42 -14.66 -16.38
N PHE C 468 -16.80 -14.58 -17.65
CA PHE C 468 -17.36 -15.71 -18.35
C PHE C 468 -16.37 -16.86 -18.46
N ALA C 469 -15.12 -16.57 -18.75
CA ALA C 469 -14.11 -17.61 -18.94
C ALA C 469 -13.79 -18.39 -17.69
N LEU C 470 -13.67 -17.71 -16.55
CA LEU C 470 -13.29 -18.39 -15.32
C LEU C 470 -14.43 -19.23 -14.78
N THR C 471 -15.66 -18.76 -14.91
CA THR C 471 -16.83 -19.55 -14.49
C THR C 471 -16.96 -20.83 -15.31
N MET C 472 -16.94 -20.70 -16.64
CA MET C 472 -17.11 -21.87 -17.49
C MET C 472 -15.99 -22.87 -17.28
N ALA C 473 -14.74 -22.40 -17.17
CA ALA C 473 -13.63 -23.32 -17.03
C ALA C 473 -13.71 -24.09 -15.73
N SER C 474 -14.00 -23.41 -14.62
CA SER C 474 -14.09 -24.10 -13.34
C SER C 474 -15.20 -25.14 -13.35
N SER C 475 -16.38 -24.77 -13.86
CA SER C 475 -17.47 -25.73 -13.89
C SER C 475 -17.13 -26.92 -14.77
N ILE C 476 -16.46 -26.71 -15.90
CA ILE C 476 -16.14 -27.81 -16.79
C ILE C 476 -15.12 -28.74 -16.17
N ALA C 477 -14.13 -28.17 -15.46
CA ALA C 477 -13.15 -29.01 -14.78
C ALA C 477 -13.82 -29.89 -13.73
N PHE C 478 -14.69 -29.29 -12.91
CA PHE C 478 -15.37 -30.08 -11.90
C PHE C 478 -16.26 -31.14 -12.53
N SER C 479 -16.88 -30.82 -13.67
CA SER C 479 -17.71 -31.81 -14.36
C SER C 479 -16.88 -32.99 -14.84
N ALA C 480 -15.70 -32.73 -15.40
CA ALA C 480 -14.83 -33.82 -15.84
C ALA C 480 -14.43 -34.70 -14.66
N PHE C 481 -14.00 -34.07 -13.56
CA PHE C 481 -13.65 -34.84 -12.37
C PHE C 481 -14.80 -35.74 -11.94
N LEU C 482 -16.00 -35.16 -11.76
CA LEU C 482 -17.14 -35.96 -11.34
C LEU C 482 -17.53 -37.00 -12.38
N ALA C 483 -17.13 -36.82 -13.64
CA ALA C 483 -17.38 -37.83 -14.65
C ALA C 483 -16.45 -39.02 -14.48
N LEU C 484 -15.21 -38.79 -14.05
CA LEU C 484 -14.29 -39.90 -13.82
C LEU C 484 -14.32 -40.44 -12.41
N THR C 485 -15.13 -39.86 -11.52
CA THR C 485 -15.14 -40.26 -10.11
C THR C 485 -16.47 -40.85 -9.67
N LEU C 486 -17.56 -40.10 -9.81
CA LEU C 486 -18.85 -40.50 -9.26
C LEU C 486 -19.74 -41.23 -10.26
N THR C 487 -19.61 -40.93 -11.55
CA THR C 487 -20.44 -41.61 -12.54
C THR C 487 -20.15 -43.10 -12.60
N PRO C 488 -18.89 -43.56 -12.63
CA PRO C 488 -18.66 -45.01 -12.59
C PRO C 488 -19.24 -45.67 -11.36
N ALA C 489 -19.07 -45.07 -10.19
CA ALA C 489 -19.62 -45.66 -8.97
C ALA C 489 -21.14 -45.76 -9.03
N LEU C 490 -21.79 -44.70 -9.51
CA LEU C 490 -23.24 -44.72 -9.57
C LEU C 490 -23.74 -45.73 -10.60
N CYS C 491 -23.06 -45.84 -11.74
CA CYS C 491 -23.47 -46.82 -12.73
C CYS C 491 -23.26 -48.24 -12.24
N ALA C 492 -22.23 -48.50 -11.44
CA ALA C 492 -22.05 -49.82 -10.88
C ALA C 492 -23.15 -50.17 -9.90
N THR C 493 -23.16 -49.54 -8.74
CA THR C 493 -24.16 -49.87 -7.70
C THR C 493 -25.62 -49.57 -8.01
N MET C 494 -25.91 -48.38 -8.51
CA MET C 494 -27.29 -47.98 -8.78
C MET C 494 -27.98 -48.72 -9.92
N LEU C 495 -27.27 -48.97 -11.00
CA LEU C 495 -27.91 -49.60 -12.15
C LEU C 495 -28.26 -51.06 -11.98
N LYS C 496 -29.42 -51.47 -12.49
CA LYS C 496 -29.86 -52.85 -12.42
C LYS C 496 -29.80 -53.49 -13.80
N THR C 497 -29.59 -54.81 -13.80
CA THR C 497 -29.42 -55.54 -15.04
C THR C 497 -30.61 -55.34 -15.97
N ILE C 498 -30.35 -55.44 -17.26
CA ILE C 498 -31.38 -55.34 -18.30
C ILE C 498 -31.69 -56.76 -18.76
N PRO C 499 -32.95 -57.20 -18.72
CA PRO C 499 -33.27 -58.54 -19.21
C PRO C 499 -32.92 -58.69 -20.68
N LYS C 500 -32.90 -59.94 -21.13
CA LYS C 500 -32.68 -60.22 -22.55
C LYS C 500 -33.92 -59.74 -23.31
N GLY C 501 -33.79 -58.58 -23.94
CA GLY C 501 -34.94 -57.94 -24.56
C GLY C 501 -35.25 -56.60 -23.92
N HIS C 502 -36.53 -56.23 -23.89
CA HIS C 502 -36.97 -54.96 -23.34
C HIS C 502 -36.62 -53.79 -24.26
N HIS C 503 -35.89 -54.07 -25.34
CA HIS C 503 -35.61 -53.08 -26.38
C HIS C 503 -36.15 -53.54 -27.73
N GLU C 504 -37.17 -54.39 -27.72
CA GLU C 504 -37.75 -54.96 -28.93
C GLU C 504 -39.16 -54.48 -29.20
N GLU C 505 -39.98 -54.30 -28.17
CA GLU C 505 -41.34 -53.81 -28.33
C GLU C 505 -41.44 -52.32 -28.03
N LYS C 506 -41.13 -51.93 -26.78
CA LYS C 506 -41.10 -50.54 -26.35
C LYS C 506 -42.23 -49.72 -26.96
N LYS C 507 -43.45 -50.28 -27.00
CA LYS C 507 -44.55 -49.68 -27.71
C LYS C 507 -44.81 -48.26 -27.21
N GLY C 508 -45.52 -47.49 -28.03
CA GLY C 508 -45.88 -46.14 -27.68
C GLY C 508 -45.01 -45.09 -28.33
N PHE C 509 -44.89 -43.93 -27.68
CA PHE C 509 -44.08 -42.85 -28.23
C PHE C 509 -42.61 -43.23 -28.28
N PHE C 510 -42.11 -43.89 -27.25
CA PHE C 510 -40.69 -44.19 -27.18
C PHE C 510 -40.28 -45.17 -28.26
N GLY C 511 -41.09 -46.18 -28.54
CA GLY C 511 -40.76 -47.11 -29.61
C GLY C 511 -40.76 -46.44 -30.97
N TRP C 512 -41.75 -45.58 -31.23
CA TRP C 512 -41.76 -44.81 -32.47
C TRP C 512 -40.49 -43.99 -32.62
N PHE C 513 -40.12 -43.24 -31.57
CA PHE C 513 -38.92 -42.42 -31.66
C PHE C 513 -37.67 -43.29 -31.84
N ASN C 514 -37.62 -44.45 -31.20
CA ASN C 514 -36.46 -45.31 -31.32
C ASN C 514 -36.29 -45.81 -32.75
N LYS C 515 -37.38 -46.28 -33.36
CA LYS C 515 -37.27 -46.76 -34.73
C LYS C 515 -36.98 -45.60 -35.69
N LYS C 516 -37.52 -44.41 -35.43
CA LYS C 516 -37.21 -43.28 -36.28
C LYS C 516 -35.74 -42.90 -36.19
N PHE C 517 -35.17 -42.94 -34.99
CA PHE C 517 -33.76 -42.64 -34.86
C PHE C 517 -32.89 -43.72 -35.48
N ASP C 518 -33.34 -44.97 -35.46
CA ASP C 518 -32.62 -46.01 -36.19
C ASP C 518 -32.60 -45.72 -37.68
N SER C 519 -33.75 -45.34 -38.23
CA SER C 519 -33.82 -44.93 -39.63
C SER C 519 -32.85 -43.80 -39.92
N TRP C 520 -32.84 -42.78 -39.06
CA TRP C 520 -31.95 -41.65 -39.26
C TRP C 520 -30.48 -42.06 -39.22
N THR C 521 -30.12 -42.96 -38.30
CA THR C 521 -28.75 -43.44 -38.22
C THR C 521 -28.34 -44.15 -39.49
N HIS C 522 -29.21 -45.02 -40.01
CA HIS C 522 -28.88 -45.74 -41.23
C HIS C 522 -28.71 -44.78 -42.41
N GLY C 523 -29.64 -43.85 -42.55
CA GLY C 523 -29.51 -42.85 -43.61
C GLY C 523 -28.24 -42.05 -43.48
N TYR C 524 -27.85 -41.71 -42.25
CA TYR C 524 -26.63 -40.94 -42.04
C TYR C 524 -25.39 -41.73 -42.45
N GLU C 525 -25.34 -43.02 -42.09
CA GLU C 525 -24.19 -43.83 -42.51
C GLU C 525 -24.11 -43.91 -44.03
N GLY C 526 -25.25 -44.08 -44.70
CA GLY C 526 -25.24 -44.08 -46.15
C GLY C 526 -24.71 -42.77 -46.72
N ARG C 527 -25.22 -41.65 -46.22
CA ARG C 527 -24.77 -40.34 -46.70
C ARG C 527 -23.28 -40.17 -46.48
N VAL C 528 -22.77 -40.59 -45.32
CA VAL C 528 -21.36 -40.39 -45.02
C VAL C 528 -20.49 -41.22 -45.94
N ALA C 529 -20.90 -42.45 -46.23
CA ALA C 529 -20.17 -43.25 -47.21
C ALA C 529 -20.12 -42.53 -48.56
N LYS C 530 -21.29 -42.11 -49.06
CA LYS C 530 -21.32 -41.46 -50.36
C LYS C 530 -20.56 -40.14 -50.37
N VAL C 531 -20.37 -39.52 -49.20
CA VAL C 531 -19.58 -38.29 -49.14
C VAL C 531 -18.09 -38.62 -49.17
N LEU C 532 -17.68 -39.66 -48.45
CA LEU C 532 -16.27 -40.05 -48.46
C LEU C 532 -15.82 -40.57 -49.81
N ARG C 533 -16.75 -41.02 -50.66
CA ARG C 533 -16.34 -41.52 -51.97
C ARG C 533 -15.96 -40.42 -52.96
N LYS C 534 -16.19 -39.14 -52.63
CA LYS C 534 -15.96 -38.03 -53.57
C LYS C 534 -15.24 -36.88 -52.89
N THR C 535 -14.11 -37.18 -52.25
CA THR C 535 -13.44 -36.23 -51.36
C THR C 535 -13.27 -34.84 -51.98
N PHE C 536 -12.96 -34.76 -53.27
CA PHE C 536 -12.57 -33.47 -53.85
C PHE C 536 -13.74 -32.50 -53.95
N ARG C 537 -14.87 -32.96 -54.49
CA ARG C 537 -16.03 -32.09 -54.61
C ARG C 537 -16.50 -31.59 -53.25
N MET C 538 -16.46 -32.47 -52.25
CA MET C 538 -16.87 -32.06 -50.91
C MET C 538 -15.86 -31.12 -50.28
N MET C 539 -14.57 -31.25 -50.62
CA MET C 539 -13.59 -30.29 -50.14
C MET C 539 -13.85 -28.91 -50.73
N VAL C 540 -14.20 -28.84 -52.01
CA VAL C 540 -14.49 -27.53 -52.60
C VAL C 540 -15.79 -26.97 -52.02
N VAL C 541 -16.77 -27.83 -51.74
CA VAL C 541 -17.99 -27.37 -51.08
C VAL C 541 -17.68 -26.80 -49.70
N TYR C 542 -16.76 -27.45 -48.97
CA TYR C 542 -16.37 -26.95 -47.66
C TYR C 542 -15.69 -25.58 -47.78
N ILE C 543 -14.80 -25.43 -48.76
CA ILE C 543 -14.17 -24.14 -48.98
C ILE C 543 -15.22 -23.07 -49.24
N GLY C 544 -16.21 -23.40 -50.07
CA GLY C 544 -17.28 -22.44 -50.33
C GLY C 544 -18.04 -22.06 -49.07
N LEU C 545 -18.40 -23.06 -48.26
CA LEU C 545 -19.12 -22.79 -47.02
C LEU C 545 -18.31 -21.88 -46.10
N ALA C 546 -17.02 -22.18 -45.93
CA ALA C 546 -16.18 -21.38 -45.05
C ALA C 546 -16.05 -19.95 -45.57
N VAL C 547 -15.90 -19.78 -46.87
CA VAL C 547 -15.75 -18.44 -47.43
C VAL C 547 -17.05 -17.65 -47.25
N VAL C 548 -18.19 -18.29 -47.47
CA VAL C 548 -19.47 -17.59 -47.28
C VAL C 548 -19.66 -17.23 -45.82
N GLY C 549 -19.22 -18.09 -44.91
CA GLY C 549 -19.32 -17.77 -43.50
C GLY C 549 -18.47 -16.58 -43.11
N VAL C 550 -17.23 -16.52 -43.61
CA VAL C 550 -16.37 -15.37 -43.34
C VAL C 550 -16.98 -14.11 -43.94
N PHE C 551 -17.58 -14.23 -45.12
CA PHE C 551 -18.20 -13.06 -45.75
C PHE C 551 -19.40 -12.56 -44.95
N LEU C 552 -20.20 -13.48 -44.41
CA LEU C 552 -21.34 -13.07 -43.58
C LEU C 552 -20.87 -12.47 -42.26
N PHE C 553 -19.75 -12.95 -41.72
CA PHE C 553 -19.25 -12.39 -40.47
C PHE C 553 -18.63 -11.02 -40.68
N MET C 554 -18.02 -10.78 -41.85
CA MET C 554 -17.30 -9.54 -42.07
C MET C 554 -18.23 -8.35 -42.25
N ARG C 555 -19.50 -8.57 -42.56
CA ARG C 555 -20.46 -7.49 -42.80
C ARG C 555 -21.56 -7.48 -41.74
N LEU C 556 -21.20 -7.80 -40.53
CA LEU C 556 -22.11 -7.78 -39.39
C LEU C 556 -21.94 -6.48 -38.62
N PRO C 557 -23.01 -5.78 -38.26
CA PRO C 557 -22.84 -4.53 -37.52
C PRO C 557 -22.18 -4.77 -36.18
N THR C 558 -21.21 -3.94 -35.86
CA THR C 558 -20.47 -4.06 -34.60
C THR C 558 -21.03 -3.10 -33.56
N SER C 559 -20.94 -3.52 -32.30
CA SER C 559 -21.36 -2.69 -31.18
C SER C 559 -20.61 -3.15 -29.95
N PHE C 560 -21.04 -2.68 -28.78
CA PHE C 560 -20.41 -3.04 -27.51
C PHE C 560 -21.34 -3.85 -26.62
N LEU C 561 -22.53 -3.31 -26.32
CA LEU C 561 -23.51 -4.00 -25.50
C LEU C 561 -24.88 -3.49 -25.93
N PRO C 562 -25.88 -4.37 -26.01
CA PRO C 562 -27.19 -3.93 -26.46
C PRO C 562 -27.86 -3.00 -25.46
N THR C 563 -28.75 -2.16 -25.97
CA THR C 563 -29.51 -1.24 -25.13
C THR C 563 -30.62 -1.99 -24.42
N GLU C 564 -30.62 -1.96 -23.09
CA GLU C 564 -31.63 -2.61 -22.29
C GLU C 564 -32.46 -1.57 -21.54
N ASP C 565 -33.74 -1.87 -21.36
CA ASP C 565 -34.61 -1.03 -20.55
C ASP C 565 -34.19 -1.13 -19.10
N GLN C 566 -33.90 0.00 -18.48
CA GLN C 566 -33.47 0.05 -17.09
C GLN C 566 -34.49 0.71 -16.17
N GLY C 567 -35.66 1.10 -16.68
CA GLY C 567 -36.70 1.63 -15.83
C GLY C 567 -36.62 3.10 -15.54
N PHE C 568 -35.93 3.88 -16.37
CA PHE C 568 -35.91 5.33 -16.19
C PHE C 568 -35.31 5.98 -17.43
N VAL C 569 -35.58 7.26 -17.58
CA VAL C 569 -35.10 8.07 -18.71
C VAL C 569 -34.41 9.30 -18.14
N MET C 570 -33.38 9.76 -18.86
CA MET C 570 -32.60 10.91 -18.45
C MET C 570 -32.88 12.12 -19.31
N VAL C 571 -33.46 13.18 -18.73
CA VAL C 571 -33.77 14.39 -19.47
C VAL C 571 -32.79 15.52 -19.17
N SER C 572 -32.30 16.20 -20.20
CA SER C 572 -31.39 17.32 -20.02
C SER C 572 -31.93 18.60 -20.61
N VAL C 573 -31.93 19.68 -19.84
CA VAL C 573 -32.45 20.95 -20.31
C VAL C 573 -31.34 22.02 -20.38
N GLN C 574 -31.35 22.85 -21.41
CA GLN C 574 -30.36 23.89 -21.55
C GLN C 574 -30.99 25.09 -22.23
N LEU C 575 -30.66 26.28 -21.76
CA LEU C 575 -31.24 27.53 -22.21
C LEU C 575 -30.20 28.41 -22.88
N PRO C 576 -30.63 29.47 -23.58
CA PRO C 576 -29.68 30.36 -24.22
C PRO C 576 -28.74 30.99 -23.21
N ALA C 577 -27.49 31.17 -23.63
CA ALA C 577 -26.48 31.72 -22.73
C ALA C 577 -26.94 33.05 -22.15
N GLY C 578 -26.63 33.25 -20.87
CA GLY C 578 -27.08 34.43 -20.17
C GLY C 578 -28.49 34.36 -19.63
N ALA C 579 -29.03 33.15 -19.47
CA ALA C 579 -30.36 32.99 -18.91
C ALA C 579 -30.29 32.83 -17.39
N THR C 580 -31.41 33.11 -16.74
CA THR C 580 -31.50 33.10 -15.30
C THR C 580 -32.16 31.82 -14.81
N LYS C 581 -32.22 31.62 -13.49
CA LYS C 581 -32.76 30.39 -12.95
C LYS C 581 -34.26 30.42 -12.95
N GLU C 582 -34.85 31.60 -13.15
CA GLU C 582 -36.30 31.67 -13.21
C GLU C 582 -36.83 31.23 -14.56
N ARG C 583 -36.16 31.60 -15.64
CA ARG C 583 -36.53 31.09 -16.96
C ARG C 583 -36.30 29.59 -17.04
N THR C 584 -35.18 29.11 -16.50
CA THR C 584 -34.94 27.67 -16.43
C THR C 584 -36.02 26.98 -15.63
N ASP C 585 -36.47 27.59 -14.54
CA ASP C 585 -37.53 26.98 -13.74
C ASP C 585 -38.85 26.92 -14.50
N ALA C 586 -39.14 27.95 -15.29
CA ALA C 586 -40.35 27.90 -16.11
C ALA C 586 -40.27 26.79 -17.14
N THR C 587 -39.11 26.63 -17.78
CA THR C 587 -38.95 25.55 -18.75
C THR C 587 -39.05 24.18 -18.07
N LEU C 588 -38.52 24.06 -16.86
CA LEU C 588 -38.63 22.80 -16.13
C LEU C 588 -40.08 22.51 -15.74
N ALA C 589 -40.85 23.55 -15.42
CA ALA C 589 -42.26 23.36 -15.14
C ALA C 589 -42.99 22.87 -16.37
N GLN C 590 -42.67 23.43 -17.54
CA GLN C 590 -43.26 22.91 -18.78
C GLN C 590 -42.88 21.45 -19.00
N VAL C 591 -41.62 21.09 -18.74
CA VAL C 591 -41.18 19.72 -18.93
C VAL C 591 -41.93 18.78 -17.99
N THR C 592 -42.17 19.22 -16.75
CA THR C 592 -42.93 18.40 -15.82
C THR C 592 -44.37 18.22 -16.28
N GLN C 593 -45.02 19.26 -16.77
CA GLN C 593 -46.37 19.10 -17.26
C GLN C 593 -46.38 18.15 -18.45
N LEU C 594 -45.37 18.18 -19.32
CA LEU C 594 -45.31 17.26 -20.45
C LEU C 594 -45.04 15.82 -20.05
N ALA C 595 -44.24 15.61 -19.01
CA ALA C 595 -43.99 14.25 -18.55
C ALA C 595 -45.16 13.68 -17.76
N LYS C 596 -45.98 14.53 -17.15
CA LYS C 596 -47.15 14.03 -16.44
C LYS C 596 -48.23 13.51 -17.39
N SER C 597 -48.19 13.91 -18.66
CA SER C 597 -49.20 13.46 -19.62
C SER C 597 -48.94 12.05 -20.13
N ILE C 598 -47.68 11.62 -20.15
CA ILE C 598 -47.32 10.28 -20.62
C ILE C 598 -47.64 9.28 -19.51
N PRO C 599 -48.50 8.29 -19.77
CA PRO C 599 -48.92 7.39 -18.68
C PRO C 599 -47.86 6.40 -18.24
N GLU C 600 -46.76 6.27 -18.97
CA GLU C 600 -45.72 5.31 -18.63
C GLU C 600 -44.72 5.85 -17.61
N ILE C 601 -44.74 7.15 -17.32
CA ILE C 601 -43.81 7.75 -16.38
C ILE C 601 -44.51 7.88 -15.03
N GLU C 602 -43.87 7.36 -13.99
CA GLU C 602 -44.44 7.39 -12.64
C GLU C 602 -44.03 8.65 -11.89
N ASN C 603 -42.72 8.86 -11.71
CA ASN C 603 -42.18 10.01 -11.01
C ASN C 603 -41.28 10.80 -11.94
N ILE C 604 -40.94 12.02 -11.54
CA ILE C 604 -39.96 12.82 -12.25
C ILE C 604 -39.25 13.75 -11.26
N ILE C 605 -37.92 13.62 -11.18
CA ILE C 605 -37.10 14.48 -10.34
C ILE C 605 -36.43 15.50 -11.24
N THR C 606 -36.47 16.77 -10.82
CA THR C 606 -35.94 17.87 -11.61
C THR C 606 -34.94 18.64 -10.78
N VAL C 607 -33.71 18.75 -11.27
CA VAL C 607 -32.63 19.46 -10.57
C VAL C 607 -32.29 20.69 -11.39
N SER C 608 -32.32 21.85 -10.74
CA SER C 608 -32.02 23.12 -11.39
C SER C 608 -30.60 23.54 -11.08
N GLY C 609 -29.95 24.19 -12.05
CA GLY C 609 -28.62 24.72 -11.87
C GLY C 609 -27.50 23.71 -11.97
N PHE C 610 -27.81 22.43 -12.12
CA PHE C 610 -26.80 21.39 -12.23
C PHE C 610 -27.16 20.47 -13.39
N SER C 611 -26.14 19.96 -14.06
CA SER C 611 -26.34 19.08 -15.19
C SER C 611 -25.01 18.41 -15.53
N PHE C 612 -25.08 17.14 -15.89
CA PHE C 612 -23.91 16.53 -16.51
C PHE C 612 -23.57 17.32 -17.77
N SER C 613 -22.29 17.64 -17.94
CA SER C 613 -21.84 18.51 -19.02
C SER C 613 -22.14 19.99 -18.74
N GLY C 614 -22.10 20.40 -17.49
CA GLY C 614 -22.13 21.82 -17.15
C GLY C 614 -22.96 22.20 -15.94
N SER C 615 -22.53 23.27 -15.27
CA SER C 615 -23.26 23.83 -14.13
C SER C 615 -23.45 25.32 -14.37
N GLY C 616 -24.68 25.79 -14.29
CA GLY C 616 -24.97 27.20 -14.50
C GLY C 616 -26.43 27.48 -14.18
N GLN C 617 -26.83 28.72 -14.39
CA GLN C 617 -28.21 29.09 -14.15
C GLN C 617 -29.10 28.73 -15.32
N ASN C 618 -28.56 28.39 -16.49
CA ASN C 618 -29.35 27.95 -17.64
C ASN C 618 -29.21 26.44 -17.88
N MET C 619 -28.71 25.71 -16.89
CA MET C 619 -28.56 24.26 -16.99
C MET C 619 -29.54 23.59 -16.04
N ALA C 620 -30.06 22.44 -16.45
CA ALA C 620 -30.97 21.68 -15.63
C ALA C 620 -30.89 20.22 -16.03
N MET C 621 -31.57 19.37 -15.27
CA MET C 621 -31.50 17.93 -15.45
C MET C 621 -32.85 17.34 -15.11
N GLY C 622 -32.89 16.03 -14.89
CA GLY C 622 -34.13 15.36 -14.57
C GLY C 622 -34.07 13.86 -14.75
N PHE C 623 -34.79 13.14 -13.88
CA PHE C 623 -34.88 11.69 -13.94
C PHE C 623 -36.35 11.32 -14.07
N ALA C 624 -36.70 10.67 -15.17
CA ALA C 624 -38.08 10.26 -15.43
C ALA C 624 -38.18 8.78 -15.11
N ILE C 625 -38.66 8.46 -13.91
CA ILE C 625 -38.79 7.07 -13.48
C ILE C 625 -40.07 6.50 -14.05
N LEU C 626 -39.94 5.48 -14.89
CA LEU C 626 -41.11 4.84 -15.48
C LEU C 626 -41.73 3.86 -14.49
N LYS C 627 -43.02 3.62 -14.63
CA LYS C 627 -43.70 2.72 -13.72
C LYS C 627 -43.16 1.30 -13.88
N ASP C 628 -43.64 0.41 -13.01
CA ASP C 628 -43.05 -0.91 -12.89
C ASP C 628 -43.03 -1.63 -14.24
N TRP C 629 -42.19 -2.66 -14.36
CA TRP C 629 -42.02 -3.33 -15.64
C TRP C 629 -43.19 -4.17 -16.12
N ASN C 630 -43.95 -4.76 -15.20
CA ASN C 630 -45.02 -5.66 -15.64
C ASN C 630 -46.15 -4.92 -16.31
N GLU C 631 -46.26 -3.61 -16.11
CA GLU C 631 -47.31 -2.82 -16.74
C GLU C 631 -46.91 -2.22 -18.08
N ARG C 632 -45.61 -2.21 -18.39
CA ARG C 632 -45.12 -1.66 -19.65
C ARG C 632 -44.83 -2.80 -20.62
N THR C 633 -45.88 -3.37 -21.17
CA THR C 633 -45.77 -4.48 -22.13
C THR C 633 -46.77 -4.28 -23.26
N ALA C 634 -46.87 -3.06 -23.78
CA ALA C 634 -47.94 -2.71 -24.71
C ALA C 634 -47.40 -2.02 -25.96
N SER C 635 -46.23 -2.46 -26.43
CA SER C 635 -45.72 -2.06 -27.74
C SER C 635 -45.63 -0.54 -27.87
N GLY C 636 -44.69 0.04 -27.14
CA GLY C 636 -44.56 1.48 -27.05
C GLY C 636 -44.41 1.96 -25.63
N SER C 637 -44.18 1.04 -24.71
CA SER C 637 -44.02 1.35 -23.29
C SER C 637 -42.59 1.16 -22.81
N ASP C 638 -41.66 0.77 -23.67
CA ASP C 638 -40.28 0.63 -23.24
C ASP C 638 -39.61 1.99 -23.12
N ALA C 639 -38.40 1.98 -22.57
CA ALA C 639 -37.72 3.25 -22.30
C ALA C 639 -37.43 4.02 -23.57
N VAL C 640 -37.22 3.33 -24.69
CA VAL C 640 -36.83 4.04 -25.91
C VAL C 640 -38.04 4.73 -26.54
N ALA C 641 -39.19 4.06 -26.58
CA ALA C 641 -40.39 4.69 -27.07
C ALA C 641 -40.78 5.89 -26.21
N VAL C 642 -40.66 5.76 -24.90
CA VAL C 642 -40.99 6.87 -24.00
C VAL C 642 -40.01 8.02 -24.20
N ALA C 643 -38.73 7.72 -24.35
CA ALA C 643 -37.75 8.77 -24.60
C ALA C 643 -38.06 9.51 -25.89
N GLY C 644 -38.38 8.78 -26.95
CA GLY C 644 -38.73 9.43 -28.20
C GLY C 644 -39.97 10.29 -28.09
N LYS C 645 -41.01 9.76 -27.43
CA LYS C 645 -42.22 10.54 -27.23
C LYS C 645 -41.93 11.85 -26.51
N LEU C 646 -41.18 11.78 -25.40
CA LEU C 646 -40.93 12.97 -24.62
C LEU C 646 -40.06 13.96 -25.39
N THR C 647 -39.06 13.47 -26.12
CA THR C 647 -38.22 14.38 -26.90
C THR C 647 -39.03 15.07 -28.00
N GLY C 648 -39.94 14.34 -28.64
CA GLY C 648 -40.79 14.96 -29.64
C GLY C 648 -41.72 16.00 -29.04
N MET C 649 -42.32 15.69 -27.89
CA MET C 649 -43.18 16.66 -27.22
C MET C 649 -42.41 17.91 -26.85
N MET C 650 -41.21 17.75 -26.30
CA MET C 650 -40.38 18.90 -25.96
C MET C 650 -40.06 19.73 -27.20
N MET C 651 -39.51 19.09 -28.23
CA MET C 651 -39.15 19.81 -29.45
C MET C 651 -40.35 20.55 -30.03
N GLY C 652 -41.57 20.08 -29.82
CA GLY C 652 -42.72 20.85 -30.28
C GLY C 652 -43.05 22.02 -29.37
N THR C 653 -43.59 21.73 -28.19
CA THR C 653 -43.98 22.79 -27.25
C THR C 653 -42.91 23.67 -26.65
N LEU C 654 -41.76 23.12 -26.30
CA LEU C 654 -40.74 23.90 -25.58
C LEU C 654 -40.15 25.16 -26.19
N LYS C 655 -40.41 26.28 -25.55
CA LYS C 655 -39.81 27.55 -25.96
C LYS C 655 -38.83 28.00 -24.89
N ASP C 656 -37.88 28.86 -25.29
CA ASP C 656 -36.84 29.41 -24.44
C ASP C 656 -35.72 28.41 -24.16
N GLY C 657 -35.82 27.19 -24.64
CA GLY C 657 -34.74 26.25 -24.45
C GLY C 657 -34.94 25.00 -25.28
N PHE C 658 -34.22 23.95 -24.93
CA PHE C 658 -34.39 22.67 -25.59
C PHE C 658 -34.08 21.57 -24.58
N GLY C 659 -34.78 20.46 -24.71
CA GLY C 659 -34.56 19.31 -23.85
C GLY C 659 -34.46 18.03 -24.64
N ILE C 660 -33.53 17.17 -24.23
CA ILE C 660 -33.37 15.83 -24.78
C ILE C 660 -33.77 14.84 -23.71
N ALA C 661 -34.19 13.65 -24.14
CA ALA C 661 -34.68 12.61 -23.23
C ALA C 661 -34.06 11.27 -23.57
N VAL C 662 -32.73 11.23 -23.71
CA VAL C 662 -32.07 9.97 -24.03
C VAL C 662 -32.21 8.98 -22.87
N VAL C 663 -31.93 7.71 -23.16
CA VAL C 663 -31.99 6.65 -22.16
C VAL C 663 -30.59 6.36 -21.65
N PRO C 664 -30.42 5.88 -20.42
CA PRO C 664 -29.09 5.72 -19.85
C PRO C 664 -28.30 4.65 -20.56
N PRO C 665 -26.98 4.67 -20.46
CA PRO C 665 -26.16 3.68 -21.15
C PRO C 665 -26.25 2.33 -20.49
N PRO C 666 -25.78 1.27 -21.14
CA PRO C 666 -25.88 -0.07 -20.53
C PRO C 666 -25.09 -0.21 -19.24
N ILE C 667 -23.89 0.37 -19.17
CA ILE C 667 -23.08 0.36 -17.96
C ILE C 667 -22.87 1.80 -17.55
N LEU C 668 -23.48 2.18 -16.42
CA LEU C 668 -23.40 3.57 -15.98
C LEU C 668 -21.99 3.92 -15.50
N GLU C 669 -21.25 2.94 -14.97
CA GLU C 669 -19.93 3.22 -14.42
C GLU C 669 -18.96 3.76 -15.46
N LEU C 670 -19.24 3.58 -16.75
CA LEU C 670 -18.32 4.02 -17.78
C LEU C 670 -18.46 5.51 -18.06
N GLY C 671 -19.68 5.96 -18.33
CA GLY C 671 -19.94 7.37 -18.54
C GLY C 671 -21.37 7.69 -18.20
N ASN C 672 -21.68 8.99 -18.21
CA ASN C 672 -23.02 9.47 -17.90
C ASN C 672 -23.85 9.75 -19.13
N GLY C 673 -23.23 10.05 -20.26
CA GLY C 673 -23.97 10.36 -21.46
C GLY C 673 -24.22 9.14 -22.33
N SER C 674 -25.34 9.17 -23.03
CA SER C 674 -25.68 8.12 -23.98
C SER C 674 -25.22 8.52 -25.37
N GLY C 675 -24.95 7.52 -26.20
CA GLY C 675 -24.48 7.77 -27.54
C GLY C 675 -22.96 7.94 -27.59
N LEU C 676 -22.52 8.60 -28.65
CA LEU C 676 -21.09 8.79 -28.90
C LEU C 676 -20.58 10.00 -28.16
N SER C 677 -19.32 9.92 -27.74
CA SER C 677 -18.65 11.00 -27.01
C SER C 677 -17.40 11.37 -27.79
N ILE C 678 -17.45 12.50 -28.50
CA ILE C 678 -16.38 12.94 -29.38
C ILE C 678 -15.65 14.09 -28.71
N ASN C 679 -14.32 14.04 -28.76
CA ASN C 679 -13.47 15.14 -28.30
C ASN C 679 -12.65 15.60 -29.50
N LEU C 680 -12.92 16.82 -29.97
CA LEU C 680 -12.28 17.35 -31.17
C LEU C 680 -11.05 18.14 -30.75
N GLN C 681 -9.85 17.57 -30.91
CA GLN C 681 -8.62 18.24 -30.49
C GLN C 681 -7.99 19.07 -31.57
N ASP C 682 -7.26 20.13 -31.21
CA ASP C 682 -6.50 20.87 -32.22
C ASP C 682 -5.04 20.79 -31.84
N ARG C 683 -4.21 20.28 -32.75
CA ARG C 683 -2.80 20.10 -32.45
C ARG C 683 -1.83 21.10 -33.09
N ASN C 684 -2.33 22.03 -33.90
CA ASN C 684 -1.47 23.04 -34.52
C ASN C 684 -1.68 24.40 -33.88
N ASN C 685 -2.35 24.47 -32.73
CA ASN C 685 -2.56 25.72 -32.00
C ASN C 685 -3.13 26.80 -32.93
N THR C 686 -4.32 26.52 -33.45
CA THR C 686 -4.99 27.44 -34.35
C THR C 686 -5.95 28.39 -33.66
N GLY C 687 -6.14 28.25 -32.36
CA GLY C 687 -6.96 29.17 -31.60
C GLY C 687 -8.29 28.54 -31.20
N HIS C 688 -9.14 29.38 -30.62
CA HIS C 688 -10.47 28.96 -30.17
C HIS C 688 -11.53 29.15 -31.24
N THR C 689 -11.45 30.25 -32.00
CA THR C 689 -12.46 30.51 -33.02
C THR C 689 -12.41 29.46 -34.12
N ALA C 690 -11.21 29.05 -34.54
CA ALA C 690 -11.11 28.05 -35.59
C ALA C 690 -11.64 26.70 -35.13
N LEU C 691 -11.28 26.27 -33.92
CA LEU C 691 -11.78 25.01 -33.40
C LEU C 691 -13.30 25.07 -33.21
N LEU C 692 -13.81 26.22 -32.78
CA LEU C 692 -15.26 26.36 -32.64
C LEU C 692 -15.95 26.23 -33.98
N ALA C 693 -15.40 26.85 -35.02
CA ALA C 693 -16.00 26.74 -36.35
C ALA C 693 -15.94 25.30 -36.86
N LYS C 694 -14.82 24.62 -36.65
CA LYS C 694 -14.71 23.23 -37.08
C LYS C 694 -15.70 22.34 -36.34
N ARG C 695 -15.88 22.57 -35.04
CA ARG C 695 -16.85 21.76 -34.31
C ARG C 695 -18.27 22.07 -34.76
N ASN C 696 -18.56 23.31 -35.11
CA ASN C 696 -19.89 23.65 -35.57
C ASN C 696 -20.18 23.04 -36.94
N GLU C 697 -19.17 22.92 -37.80
CA GLU C 697 -19.39 22.27 -39.09
C GLU C 697 -19.47 20.75 -38.94
N LEU C 698 -18.71 20.19 -38.02
CA LEU C 698 -18.82 18.75 -37.75
C LEU C 698 -20.20 18.41 -37.19
N ILE C 699 -20.71 19.22 -36.27
CA ILE C 699 -22.07 19.04 -35.78
C ILE C 699 -23.07 19.19 -36.92
N GLN C 700 -22.78 20.07 -37.86
CA GLN C 700 -23.72 20.31 -38.95
C GLN C 700 -23.79 19.12 -39.91
N LYS C 701 -22.67 18.46 -40.16
CA LYS C 701 -22.71 17.31 -41.06
C LYS C 701 -22.92 15.99 -40.34
N MET C 702 -22.86 15.95 -39.01
CA MET C 702 -23.33 14.77 -38.29
C MET C 702 -24.85 14.64 -38.40
N ARG C 703 -25.55 15.76 -38.29
CA ARG C 703 -26.91 15.82 -38.81
C ARG C 703 -26.87 15.86 -40.34
N ALA C 704 -27.98 15.50 -40.96
CA ALA C 704 -28.08 15.42 -42.40
C ALA C 704 -27.21 14.33 -42.99
N SER C 705 -26.80 13.35 -42.17
CA SER C 705 -26.07 12.20 -42.65
C SER C 705 -26.89 10.92 -42.62
N GLY C 706 -27.91 10.84 -41.77
CA GLY C 706 -28.78 9.70 -41.70
C GLY C 706 -28.42 8.70 -40.61
N LEU C 707 -27.16 8.68 -40.17
CA LEU C 707 -26.74 7.73 -39.16
C LEU C 707 -27.06 8.23 -37.75
N PHE C 708 -26.98 9.53 -37.51
CA PHE C 708 -27.38 10.11 -36.25
C PHE C 708 -28.75 10.74 -36.40
N ASP C 709 -29.61 10.51 -35.41
CA ASP C 709 -30.92 11.15 -35.42
C ASP C 709 -30.78 12.58 -34.92
N PRO C 710 -31.21 13.58 -35.68
CA PRO C 710 -30.99 14.97 -35.27
C PRO C 710 -31.74 15.28 -33.99
N SER C 711 -31.46 16.46 -33.45
CA SER C 711 -31.95 16.95 -32.17
C SER C 711 -31.24 16.28 -31.01
N THR C 712 -30.41 15.26 -31.24
CA THR C 712 -29.60 14.66 -30.21
C THR C 712 -28.11 14.93 -30.41
N VAL C 713 -27.73 15.53 -31.53
CA VAL C 713 -26.36 15.95 -31.78
C VAL C 713 -26.20 17.35 -31.19
N ARG C 714 -25.39 17.47 -30.15
CA ARG C 714 -25.30 18.71 -29.39
C ARG C 714 -23.87 18.97 -28.96
N ALA C 715 -23.50 20.25 -28.93
CA ALA C 715 -22.20 20.64 -28.40
C ALA C 715 -22.22 20.55 -26.87
N GLY C 716 -21.28 19.81 -26.29
CA GLY C 716 -21.31 19.57 -24.86
C GLY C 716 -20.97 20.65 -23.87
N GLY C 717 -19.91 21.38 -24.10
CA GLY C 717 -19.49 22.38 -23.15
C GLY C 717 -20.47 23.54 -23.04
N LEU C 718 -20.48 24.20 -21.90
CA LEU C 718 -21.37 25.34 -21.72
C LEU C 718 -21.04 26.47 -22.70
N GLU C 719 -22.07 27.10 -23.25
CA GLU C 719 -21.87 28.12 -24.29
C GLU C 719 -21.21 29.42 -23.84
N ASP C 720 -20.42 30.02 -24.72
CA ASP C 720 -19.79 31.30 -24.41
C ASP C 720 -20.81 32.43 -24.52
N SER C 721 -20.87 33.31 -23.52
CA SER C 721 -21.90 34.35 -23.56
C SER C 721 -21.27 35.71 -23.31
N PRO C 722 -22.04 36.78 -23.49
CA PRO C 722 -21.47 38.13 -23.34
C PRO C 722 -21.19 38.47 -21.89
N GLN C 723 -20.21 39.36 -21.70
CA GLN C 723 -19.75 39.74 -20.38
C GLN C 723 -19.60 41.25 -20.31
N LEU C 724 -19.51 41.76 -19.09
CA LEU C 724 -19.29 43.18 -18.84
C LEU C 724 -17.82 43.39 -18.52
N LYS C 725 -17.16 44.28 -19.26
CA LYS C 725 -15.76 44.59 -19.06
C LYS C 725 -15.62 46.00 -18.50
N ILE C 726 -14.79 46.15 -17.48
CA ILE C 726 -14.47 47.45 -16.90
C ILE C 726 -13.02 47.76 -17.21
N ASP C 727 -12.78 48.91 -17.85
CA ASP C 727 -11.45 49.33 -18.27
C ASP C 727 -11.05 50.56 -17.47
N ILE C 728 -10.42 50.34 -16.32
CA ILE C 728 -10.05 51.45 -15.46
C ILE C 728 -8.93 52.25 -16.12
N ASN C 729 -9.02 53.57 -16.03
CA ASN C 729 -8.03 54.47 -16.62
C ASN C 729 -7.18 55.02 -15.47
N ARG C 730 -5.97 54.46 -15.32
CA ARG C 730 -5.11 54.87 -14.20
C ARG C 730 -4.63 56.30 -14.32
N ALA C 731 -4.42 56.79 -15.54
CA ALA C 731 -4.00 58.17 -15.72
C ALA C 731 -5.06 59.14 -15.19
N ALA C 732 -6.31 58.99 -15.64
CA ALA C 732 -7.37 59.86 -15.15
C ALA C 732 -7.73 59.55 -13.72
N ALA C 733 -7.71 58.27 -13.33
CA ALA C 733 -7.97 57.91 -11.95
C ALA C 733 -7.00 58.59 -11.00
N ALA C 734 -5.78 58.88 -11.45
CA ALA C 734 -4.80 59.59 -10.65
C ALA C 734 -4.93 61.10 -10.78
N ALA C 735 -5.25 61.58 -11.99
CA ALA C 735 -5.45 63.01 -12.19
C ALA C 735 -6.57 63.53 -11.29
N GLN C 736 -7.66 62.78 -11.19
CA GLN C 736 -8.77 63.17 -10.32
C GLN C 736 -8.56 62.76 -8.87
N GLY C 737 -7.35 62.40 -8.48
CA GLY C 737 -7.08 62.05 -7.11
C GLY C 737 -7.87 60.86 -6.59
N VAL C 738 -7.89 59.77 -7.34
CA VAL C 738 -8.57 58.54 -6.94
C VAL C 738 -7.55 57.42 -6.84
N SER C 739 -7.54 56.72 -5.71
CA SER C 739 -6.62 55.62 -5.51
C SER C 739 -7.00 54.45 -6.43
N PHE C 740 -6.23 53.37 -6.36
CA PHE C 740 -6.58 52.14 -7.05
C PHE C 740 -7.09 51.06 -6.12
N ALA C 741 -6.62 51.03 -4.88
CA ALA C 741 -7.25 50.16 -3.89
C ALA C 741 -8.70 50.55 -3.67
N ASP C 742 -9.02 51.84 -3.82
CA ASP C 742 -10.40 52.28 -3.68
C ASP C 742 -11.28 51.74 -4.81
N ILE C 743 -10.78 51.81 -6.04
CA ILE C 743 -11.50 51.22 -7.16
C ILE C 743 -11.67 49.72 -6.96
N ARG C 744 -10.63 49.04 -6.49
CA ARG C 744 -10.73 47.62 -6.30
C ARG C 744 -11.69 47.24 -5.18
N THR C 745 -11.80 48.08 -4.14
CA THR C 745 -12.77 47.81 -3.09
C THR C 745 -14.19 48.07 -3.56
N ALA C 746 -14.40 49.18 -4.26
CA ALA C 746 -15.74 49.47 -4.79
C ALA C 746 -16.23 48.34 -5.68
N LEU C 747 -15.47 47.97 -6.70
CA LEU C 747 -15.93 46.96 -7.64
C LEU C 747 -16.27 45.65 -6.95
N ALA C 748 -15.38 45.18 -6.10
CA ALA C 748 -15.59 43.92 -5.40
C ALA C 748 -16.78 43.91 -4.46
N SER C 749 -17.02 44.99 -3.72
CA SER C 749 -18.09 45.00 -2.74
C SER C 749 -19.50 45.05 -3.33
N ALA C 750 -19.66 45.71 -4.46
CA ALA C 750 -20.99 45.87 -5.04
C ALA C 750 -21.70 44.59 -5.47
N LEU C 751 -20.99 43.67 -6.12
CA LEU C 751 -21.64 42.47 -6.64
C LEU C 751 -21.26 41.13 -6.03
N SER C 752 -20.39 41.11 -5.03
CA SER C 752 -19.91 39.82 -4.49
C SER C 752 -20.13 39.66 -2.99
N SER C 753 -20.57 38.49 -2.58
CA SER C 753 -20.74 38.23 -1.15
C SER C 753 -19.42 38.08 -0.45
N SER C 754 -19.30 38.66 0.73
CA SER C 754 -18.09 38.53 1.51
C SER C 754 -18.38 37.61 2.68
N TYR C 755 -17.42 36.79 3.07
CA TYR C 755 -17.63 35.94 4.25
C TYR C 755 -16.97 36.59 5.47
N VAL C 756 -17.76 37.31 6.27
CA VAL C 756 -17.21 38.05 7.43
C VAL C 756 -16.78 37.34 8.71
N SER C 757 -17.56 36.39 9.21
CA SER C 757 -17.26 35.77 10.51
C SER C 757 -18.05 34.48 10.74
N ASP C 758 -18.07 33.96 11.97
CA ASP C 758 -18.86 32.76 12.27
C ASP C 758 -19.74 33.00 13.49
N PHE C 759 -20.98 32.48 13.46
CA PHE C 759 -21.90 32.65 14.59
C PHE C 759 -22.50 31.31 15.03
N PRO C 760 -22.74 31.12 16.32
CA PRO C 760 -23.32 29.87 16.82
C PRO C 760 -24.83 29.82 16.59
N ASN C 761 -25.27 28.91 15.74
CA ASN C 761 -26.67 28.72 15.42
C ASN C 761 -27.12 27.38 15.95
N GLN C 762 -27.76 27.35 17.13
CA GLN C 762 -28.28 26.10 17.68
C GLN C 762 -27.22 25.02 17.82
N GLY C 763 -26.05 25.37 18.33
CA GLY C 763 -25.02 24.38 18.56
C GLY C 763 -24.11 24.11 17.39
N ARG C 764 -23.99 25.05 16.45
CA ARG C 764 -23.08 24.90 15.33
C ARG C 764 -22.56 26.27 14.94
N LEU C 765 -21.28 26.33 14.59
CA LEU C 765 -20.72 27.55 14.01
C LEU C 765 -21.09 27.60 12.54
N GLN C 766 -21.76 28.67 12.14
CA GLN C 766 -22.12 28.86 10.75
C GLN C 766 -21.67 30.25 10.31
N ARG C 767 -21.78 30.52 9.02
CA ARG C 767 -21.12 31.66 8.41
C ARG C 767 -22.00 32.89 8.41
N VAL C 768 -21.39 34.04 8.66
CA VAL C 768 -22.02 35.33 8.44
C VAL C 768 -21.51 35.88 7.11
N MET C 769 -22.42 36.31 6.26
CA MET C 769 -22.08 36.74 4.91
C MET C 769 -22.73 38.08 4.60
N VAL C 770 -21.94 39.00 4.06
CA VAL C 770 -22.41 40.34 3.71
C VAL C 770 -22.51 40.43 2.20
N GLN C 771 -23.50 41.18 1.73
CA GLN C 771 -23.71 41.36 0.29
C GLN C 771 -24.81 42.40 0.08
N ALA C 772 -24.75 43.07 -1.06
CA ALA C 772 -25.80 44.02 -1.38
C ALA C 772 -27.11 43.31 -1.63
N ASP C 773 -28.21 44.04 -1.48
CA ASP C 773 -29.50 43.44 -1.73
C ASP C 773 -29.78 43.38 -3.22
N GLY C 774 -30.77 42.56 -3.59
CA GLY C 774 -30.98 42.25 -4.99
C GLY C 774 -31.16 43.47 -5.86
N ASP C 775 -31.85 44.49 -5.36
CA ASP C 775 -32.15 45.66 -6.17
C ASP C 775 -30.91 46.38 -6.65
N ALA C 776 -29.77 46.21 -5.97
CA ALA C 776 -28.58 46.98 -6.25
C ALA C 776 -27.60 46.27 -7.17
N ARG C 777 -27.85 45.01 -7.53
CA ARG C 777 -26.90 44.26 -8.34
C ARG C 777 -27.61 43.46 -9.42
N MET C 778 -28.57 44.08 -10.11
CA MET C 778 -29.31 43.40 -11.16
C MET C 778 -29.02 43.94 -12.56
N GLN C 779 -28.89 45.25 -12.71
CA GLN C 779 -28.66 45.87 -14.01
C GLN C 779 -27.21 46.30 -14.15
N PRO C 780 -26.77 46.58 -15.39
CA PRO C 780 -25.42 47.13 -15.56
C PRO C 780 -25.29 48.58 -15.10
N ALA C 781 -26.39 49.33 -15.02
CA ALA C 781 -26.32 50.68 -14.50
C ALA C 781 -25.95 50.69 -13.02
N ASP C 782 -26.31 49.64 -12.29
CA ASP C 782 -25.97 49.56 -10.88
C ASP C 782 -24.47 49.51 -10.66
N ILE C 783 -23.70 49.09 -11.66
CA ILE C 783 -22.25 49.12 -11.58
C ILE C 783 -21.64 50.27 -12.36
N LEU C 784 -22.35 50.79 -13.38
CA LEU C 784 -21.83 51.94 -14.11
C LEU C 784 -21.98 53.24 -13.31
N ASN C 785 -22.88 53.26 -12.33
CA ASN C 785 -23.12 54.48 -11.56
C ASN C 785 -22.47 54.46 -10.18
N LEU C 786 -21.42 53.67 -9.99
CA LEU C 786 -20.70 53.64 -8.72
C LEU C 786 -19.85 54.89 -8.56
N THR C 787 -19.39 55.20 -7.35
CA THR C 787 -18.50 56.34 -7.13
C THR C 787 -17.40 55.91 -6.17
N VAL C 788 -16.23 56.56 -6.19
CA VAL C 788 -15.14 56.10 -5.34
C VAL C 788 -14.64 57.23 -4.50
N PRO C 789 -14.22 56.94 -3.27
CA PRO C 789 -13.80 58.10 -2.49
C PRO C 789 -12.62 58.82 -3.11
N ASN C 790 -12.73 60.13 -3.26
CA ASN C 790 -11.66 60.95 -3.78
C ASN C 790 -10.81 61.17 -2.55
N SER C 791 -9.62 61.72 -2.68
CA SER C 791 -8.82 62.06 -1.50
C SER C 791 -9.65 63.06 -0.71
N SER C 792 -10.34 63.95 -1.41
CA SER C 792 -11.20 64.95 -0.77
C SER C 792 -12.50 64.37 -0.18
N GLY C 793 -12.86 63.13 -0.51
CA GLY C 793 -14.13 62.57 -0.05
C GLY C 793 -15.28 62.71 -1.03
N ILE C 794 -14.99 63.10 -2.27
CA ILE C 794 -16.05 63.33 -3.26
C ILE C 794 -16.49 62.01 -3.96
N ALA C 795 -17.47 62.07 -4.88
CA ALA C 795 -17.99 60.88 -5.52
C ALA C 795 -17.08 60.37 -6.63
N VAL C 796 -16.79 61.21 -7.62
CA VAL C 796 -16.00 60.82 -8.77
C VAL C 796 -16.61 59.59 -9.43
N PRO C 797 -17.72 59.74 -10.15
CA PRO C 797 -18.39 58.59 -10.75
C PRO C 797 -17.42 57.72 -11.56
N LEU C 798 -17.64 56.41 -11.50
CA LEU C 798 -16.81 55.49 -12.26
C LEU C 798 -16.97 55.66 -13.76
N SER C 799 -17.98 56.40 -14.21
CA SER C 799 -18.15 56.64 -15.64
C SER C 799 -17.00 57.45 -16.23
N SER C 800 -16.26 58.18 -15.39
CA SER C 800 -15.17 59.04 -15.85
C SER C 800 -13.80 58.39 -15.71
N ILE C 801 -13.58 57.63 -14.64
CA ILE C 801 -12.28 57.03 -14.39
C ILE C 801 -12.28 55.58 -14.87
N ALA C 802 -13.22 55.24 -15.75
CA ALA C 802 -13.31 53.88 -16.27
C ALA C 802 -14.19 53.90 -17.52
N THR C 803 -14.37 52.73 -18.11
CA THR C 803 -15.21 52.57 -19.29
C THR C 803 -15.79 51.17 -19.26
N VAL C 804 -17.11 51.07 -19.16
CA VAL C 804 -17.80 49.79 -19.11
C VAL C 804 -18.37 49.49 -20.48
N SER C 805 -18.25 48.23 -20.91
CA SER C 805 -18.72 47.83 -22.23
C SER C 805 -19.00 46.35 -22.22
N TRP C 806 -19.75 45.90 -23.23
CA TRP C 806 -20.13 44.51 -23.37
C TRP C 806 -19.12 43.77 -24.24
N GLN C 807 -18.82 42.54 -23.85
CA GLN C 807 -17.89 41.70 -24.60
C GLN C 807 -18.57 40.38 -24.94
N MET C 808 -17.78 39.41 -25.44
CA MET C 808 -18.27 38.05 -25.66
C MET C 808 -17.12 37.12 -25.29
N GLY C 809 -17.10 36.69 -24.03
CA GLY C 809 -16.00 35.90 -23.50
C GLY C 809 -16.32 34.43 -23.42
N THR C 810 -15.27 33.65 -23.17
CA THR C 810 -15.38 32.20 -23.11
C THR C 810 -15.80 31.77 -21.72
N GLU C 811 -16.86 30.97 -21.65
CA GLU C 811 -17.37 30.46 -20.38
C GLU C 811 -16.73 29.14 -19.98
N GLN C 812 -15.84 28.58 -20.79
CA GLN C 812 -15.24 27.29 -20.48
C GLN C 812 -14.09 27.04 -21.43
N SER C 813 -13.02 26.46 -20.91
CA SER C 813 -11.85 26.10 -21.71
C SER C 813 -11.42 24.70 -21.32
N VAL C 814 -11.51 23.77 -22.26
CA VAL C 814 -11.26 22.36 -22.00
C VAL C 814 -10.01 21.90 -22.74
N ARG C 815 -9.29 20.97 -22.12
CA ARG C 815 -8.17 20.30 -22.75
C ARG C 815 -8.38 18.79 -22.63
N PHE C 816 -7.73 18.05 -23.52
CA PHE C 816 -7.81 16.59 -23.47
C PHE C 816 -6.48 16.03 -23.95
N ASN C 817 -5.70 15.49 -23.02
CA ASN C 817 -4.42 14.87 -23.34
C ASN C 817 -3.38 15.90 -23.74
N GLY C 818 -3.49 17.13 -23.23
CA GLY C 818 -2.52 18.16 -23.48
C GLY C 818 -2.87 19.15 -24.57
N TYR C 819 -3.91 18.87 -25.35
CA TYR C 819 -4.29 19.75 -26.45
C TYR C 819 -5.66 20.37 -26.19
N PRO C 820 -5.91 21.56 -26.75
CA PRO C 820 -7.25 22.15 -26.61
C PRO C 820 -8.28 21.30 -27.33
N ALA C 821 -9.41 21.06 -26.66
CA ALA C 821 -10.44 20.20 -27.19
C ALA C 821 -11.80 20.85 -27.04
N MET C 822 -12.75 20.36 -27.84
CA MET C 822 -14.14 20.75 -27.75
C MET C 822 -15.01 19.50 -27.86
N GLU C 823 -16.01 19.41 -27.01
CA GLU C 823 -16.82 18.20 -26.88
C GLU C 823 -18.13 18.33 -27.65
N LEU C 824 -18.50 17.25 -28.32
CA LEU C 824 -19.83 17.09 -28.89
C LEU C 824 -20.27 15.65 -28.66
N SER C 825 -21.50 15.34 -29.05
CA SER C 825 -22.04 14.01 -28.80
C SER C 825 -23.16 13.76 -29.78
N GLY C 826 -23.61 12.52 -29.85
CA GLY C 826 -24.65 12.17 -30.79
C GLY C 826 -25.27 10.87 -30.37
N SER C 827 -26.33 10.46 -31.03
CA SER C 827 -26.95 9.17 -30.74
C SER C 827 -27.33 8.59 -32.09
N PRO C 828 -26.91 7.36 -32.40
CA PRO C 828 -27.18 6.82 -33.73
C PRO C 828 -28.67 6.71 -34.00
N ALA C 829 -29.01 6.55 -35.27
CA ALA C 829 -30.40 6.52 -35.70
C ALA C 829 -31.06 5.24 -35.22
N THR C 830 -32.30 5.01 -35.67
CA THR C 830 -33.06 3.85 -35.18
C THR C 830 -32.33 2.55 -35.47
N GLY C 831 -32.14 2.22 -36.74
CA GLY C 831 -31.55 0.96 -37.11
C GLY C 831 -30.04 0.93 -37.20
N VAL C 832 -29.37 1.99 -36.78
CA VAL C 832 -27.92 2.12 -36.89
C VAL C 832 -27.29 1.72 -35.57
N SER C 833 -26.16 1.02 -35.63
CA SER C 833 -25.41 0.65 -34.46
C SER C 833 -24.36 1.70 -34.13
N THR C 834 -23.69 1.52 -33.00
CA THR C 834 -22.68 2.49 -32.59
C THR C 834 -21.40 2.37 -33.41
N GLY C 835 -21.11 1.18 -33.92
CA GLY C 835 -19.92 1.02 -34.74
C GLY C 835 -20.02 1.75 -36.06
N GLN C 836 -21.19 1.69 -36.70
CA GLN C 836 -21.39 2.40 -37.96
C GLN C 836 -21.26 3.89 -37.76
N ALA C 837 -21.91 4.42 -36.72
CA ALA C 837 -21.82 5.84 -36.43
C ALA C 837 -20.39 6.25 -36.11
N MET C 838 -19.66 5.42 -35.37
CA MET C 838 -18.28 5.76 -35.03
C MET C 838 -17.41 5.80 -36.28
N GLU C 839 -17.59 4.84 -37.19
CA GLU C 839 -16.84 4.87 -38.44
C GLU C 839 -17.17 6.12 -39.24
N ALA C 840 -18.45 6.48 -39.31
CA ALA C 840 -18.83 7.67 -40.05
C ALA C 840 -18.20 8.92 -39.47
N VAL C 841 -18.21 9.05 -38.14
CA VAL C 841 -17.63 10.23 -37.51
C VAL C 841 -16.13 10.26 -37.71
N GLN C 842 -15.47 9.09 -37.70
CA GLN C 842 -14.05 9.05 -37.99
C GLN C 842 -13.77 9.56 -39.40
N LYS C 843 -14.57 9.12 -40.38
CA LYS C 843 -14.41 9.63 -41.74
C LYS C 843 -14.59 11.13 -41.79
N MET C 844 -15.62 11.64 -41.12
CA MET C 844 -15.87 13.08 -41.11
C MET C 844 -14.68 13.85 -40.56
N VAL C 845 -14.17 13.42 -39.40
CA VAL C 845 -13.04 14.12 -38.80
C VAL C 845 -11.80 14.01 -39.67
N ASP C 846 -11.63 12.89 -40.38
CA ASP C 846 -10.51 12.79 -41.32
C ASP C 846 -10.67 13.80 -42.45
N GLU C 847 -11.92 14.03 -42.89
CA GLU C 847 -12.15 15.03 -43.92
C GLU C 847 -11.93 16.44 -43.40
N LEU C 848 -12.10 16.65 -42.09
CA LEU C 848 -11.84 17.98 -41.53
C LEU C 848 -10.46 18.50 -41.88
N GLY C 849 -9.51 17.61 -42.11
CA GLY C 849 -8.15 17.99 -42.43
C GLY C 849 -7.18 17.57 -41.34
N SER C 850 -5.95 18.05 -41.47
CA SER C 850 -4.94 17.79 -40.46
C SER C 850 -4.91 18.94 -39.46
N GLY C 851 -4.30 18.67 -38.31
CA GLY C 851 -4.34 19.57 -37.20
C GLY C 851 -5.47 19.31 -36.23
N TYR C 852 -6.48 18.54 -36.65
CA TYR C 852 -7.61 18.21 -35.79
C TYR C 852 -7.70 16.70 -35.65
N SER C 853 -8.04 16.21 -34.47
CA SER C 853 -8.09 14.77 -34.23
C SER C 853 -9.32 14.36 -33.43
N LEU C 854 -9.69 13.09 -33.52
CA LEU C 854 -10.82 12.60 -32.73
C LEU C 854 -10.33 11.74 -31.61
N GLU C 855 -10.67 12.12 -30.38
CA GLU C 855 -10.29 11.33 -29.23
C GLU C 855 -11.59 10.88 -28.59
N TRP C 856 -11.85 9.58 -28.60
CA TRP C 856 -13.11 9.08 -28.07
C TRP C 856 -13.14 9.24 -26.56
N GLY C 857 -14.34 9.20 -26.01
CA GLY C 857 -14.53 9.34 -24.57
C GLY C 857 -15.59 8.40 -24.06
N GLY C 858 -15.45 8.02 -22.80
CA GLY C 858 -16.44 7.16 -22.18
C GLY C 858 -16.41 5.76 -22.75
N GLN C 859 -17.60 5.23 -23.04
CA GLN C 859 -17.71 3.87 -23.56
C GLN C 859 -17.17 3.74 -24.98
N SER C 860 -17.03 4.84 -25.70
CA SER C 860 -16.54 4.76 -27.07
C SER C 860 -15.09 4.32 -27.12
N ARG C 861 -14.28 4.71 -26.12
CA ARG C 861 -12.91 4.22 -26.06
C ARG C 861 -12.87 2.71 -25.92
N GLU C 862 -13.60 2.19 -24.94
CA GLU C 862 -13.63 0.75 -24.72
C GLU C 862 -14.15 0.01 -25.94
N GLU C 863 -15.12 0.59 -26.64
CA GLU C 863 -15.65 -0.08 -27.83
C GLU C 863 -14.66 -0.04 -28.98
N ALA C 864 -13.93 1.07 -29.12
CA ALA C 864 -12.96 1.17 -30.20
C ALA C 864 -11.78 0.24 -29.96
N LYS C 865 -11.51 -0.10 -28.70
CA LYS C 865 -10.41 -1.04 -28.43
C LYS C 865 -10.70 -2.45 -28.96
N GLY C 866 -11.98 -2.83 -29.01
CA GLY C 866 -12.35 -4.18 -29.40
C GLY C 866 -12.02 -4.74 -30.77
N GLY C 867 -11.87 -3.91 -31.78
CA GLY C 867 -11.64 -4.46 -33.10
C GLY C 867 -10.35 -5.24 -33.18
N SER C 868 -9.28 -4.69 -32.62
CA SER C 868 -8.01 -5.41 -32.56
C SER C 868 -8.09 -6.62 -31.66
N GLN C 869 -8.74 -6.46 -30.52
CA GLN C 869 -8.83 -7.54 -29.53
C GLN C 869 -9.56 -8.78 -30.00
N THR C 870 -10.64 -8.62 -30.76
CA THR C 870 -11.46 -9.76 -31.15
C THR C 870 -10.74 -10.82 -31.98
N ILE C 871 -10.01 -10.43 -33.01
CA ILE C 871 -9.31 -11.39 -33.86
C ILE C 871 -8.14 -12.02 -33.12
N ALA C 872 -7.44 -11.24 -32.30
CA ALA C 872 -6.41 -11.82 -31.46
C ALA C 872 -6.99 -12.89 -30.54
N LEU C 873 -8.17 -12.65 -29.99
CA LEU C 873 -8.81 -13.64 -29.13
C LEU C 873 -9.10 -14.92 -29.89
N TYR C 874 -9.69 -14.79 -31.08
CA TYR C 874 -10.01 -15.99 -31.87
C TYR C 874 -8.75 -16.76 -32.23
N ALA C 875 -7.70 -16.06 -32.67
CA ALA C 875 -6.48 -16.73 -33.07
C ALA C 875 -5.81 -17.42 -31.87
N LEU C 876 -5.82 -16.77 -30.71
CA LEU C 876 -5.26 -17.38 -29.52
C LEU C 876 -6.01 -18.64 -29.15
N ALA C 877 -7.35 -18.61 -29.22
CA ALA C 877 -8.13 -19.80 -28.92
C ALA C 877 -7.78 -20.95 -29.87
N ALA C 878 -7.71 -20.65 -31.17
CA ALA C 878 -7.39 -21.68 -32.14
C ALA C 878 -5.99 -22.28 -31.88
N VAL C 879 -5.01 -21.41 -31.63
CA VAL C 879 -3.65 -21.89 -31.42
C VAL C 879 -3.58 -22.74 -30.16
N ALA C 880 -4.27 -22.33 -29.10
CA ALA C 880 -4.25 -23.10 -27.86
C ALA C 880 -4.86 -24.48 -28.07
N VAL C 881 -6.00 -24.54 -28.75
CA VAL C 881 -6.62 -25.83 -29.05
C VAL C 881 -5.64 -26.71 -29.82
N PHE C 882 -5.05 -26.17 -30.88
CA PHE C 882 -4.11 -26.93 -31.69
C PHE C 882 -2.98 -27.50 -30.85
N LEU C 883 -2.34 -26.64 -30.05
CA LEU C 883 -1.17 -27.08 -29.29
C LEU C 883 -1.54 -28.14 -28.27
N VAL C 884 -2.65 -27.94 -27.54
CA VAL C 884 -3.03 -28.91 -26.53
C VAL C 884 -3.36 -30.25 -27.16
N LEU C 885 -4.07 -30.24 -28.30
CA LEU C 885 -4.39 -31.50 -28.95
C LEU C 885 -3.15 -32.20 -29.47
N ALA C 886 -2.21 -31.45 -30.03
CA ALA C 886 -0.98 -32.05 -30.52
C ALA C 886 -0.19 -32.69 -29.38
N ALA C 887 -0.15 -32.07 -28.21
CA ALA C 887 0.54 -32.70 -27.07
C ALA C 887 -0.13 -33.98 -26.62
N LEU C 888 -1.44 -33.94 -26.39
CA LEU C 888 -2.15 -35.12 -25.88
C LEU C 888 -2.17 -36.34 -26.79
N TYR C 889 -2.33 -36.14 -28.09
CA TYR C 889 -2.42 -37.29 -29.01
C TYR C 889 -1.17 -37.57 -29.82
N GLU C 890 -0.08 -36.86 -29.54
CA GLU C 890 1.20 -37.11 -30.22
C GLU C 890 1.16 -37.02 -31.74
N SER C 891 0.47 -36.02 -32.27
CA SER C 891 0.43 -35.84 -33.72
C SER C 891 0.36 -34.38 -34.13
N TRP C 892 0.84 -34.03 -35.32
CA TRP C 892 0.69 -32.66 -35.83
C TRP C 892 -0.39 -32.68 -36.90
N SER C 893 -1.15 -33.77 -37.04
CA SER C 893 -2.14 -33.89 -38.10
C SER C 893 -3.58 -33.88 -37.58
N ILE C 894 -3.87 -34.65 -36.53
CA ILE C 894 -5.23 -34.69 -36.00
C ILE C 894 -5.60 -33.32 -35.42
N PRO C 895 -4.66 -32.55 -34.87
CA PRO C 895 -5.01 -31.16 -34.54
C PRO C 895 -5.44 -30.36 -35.75
N LEU C 896 -4.82 -30.57 -36.90
CA LEU C 896 -5.27 -29.92 -38.13
C LEU C 896 -6.69 -30.35 -38.47
N ALA C 897 -6.95 -31.65 -38.46
CA ALA C 897 -8.28 -32.15 -38.75
C ALA C 897 -9.32 -31.53 -37.82
N VAL C 898 -8.95 -31.33 -36.55
CA VAL C 898 -9.90 -30.76 -35.61
C VAL C 898 -10.07 -29.25 -35.81
N LEU C 899 -9.01 -28.56 -36.26
CA LEU C 899 -9.10 -27.13 -36.50
C LEU C 899 -9.82 -26.81 -37.80
N LEU C 900 -9.97 -27.77 -38.70
CA LEU C 900 -10.75 -27.51 -39.90
C LEU C 900 -12.25 -27.39 -39.64
N VAL C 901 -12.70 -27.52 -38.39
CA VAL C 901 -14.12 -27.54 -38.08
C VAL C 901 -14.61 -26.23 -37.47
N MET C 902 -13.77 -25.21 -37.37
CA MET C 902 -14.16 -23.93 -36.79
C MET C 902 -14.96 -23.10 -37.79
N PRO C 903 -14.51 -23.01 -39.04
CA PRO C 903 -15.29 -22.27 -40.04
C PRO C 903 -16.75 -22.70 -40.12
N LEU C 904 -17.06 -23.96 -39.82
CA LEU C 904 -18.46 -24.38 -39.81
C LEU C 904 -19.23 -23.68 -38.70
N GLY C 905 -18.66 -23.63 -37.50
CA GLY C 905 -19.30 -22.91 -36.41
C GLY C 905 -19.45 -21.43 -36.71
N LEU C 906 -18.42 -20.82 -37.30
CA LEU C 906 -18.49 -19.39 -37.60
C LEU C 906 -19.56 -19.11 -38.64
N ALA C 907 -19.60 -19.90 -39.70
CA ALA C 907 -20.66 -19.73 -40.71
C ALA C 907 -22.02 -19.90 -40.08
N GLY C 908 -22.20 -20.91 -39.23
CA GLY C 908 -23.49 -21.09 -38.58
C GLY C 908 -23.89 -19.89 -37.75
N ALA C 909 -22.98 -19.39 -36.91
CA ALA C 909 -23.32 -18.28 -36.02
C ALA C 909 -23.64 -17.02 -36.82
N ALA C 910 -22.80 -16.69 -37.79
CA ALA C 910 -23.04 -15.49 -38.58
C ALA C 910 -24.34 -15.58 -39.36
N ALA C 911 -24.59 -16.73 -39.99
CA ALA C 911 -25.84 -16.89 -40.74
C ALA C 911 -27.04 -16.82 -39.82
N GLY C 912 -26.92 -17.33 -38.59
CA GLY C 912 -28.02 -17.26 -37.66
C GLY C 912 -28.35 -15.83 -37.28
N VAL C 913 -27.34 -15.06 -36.93
CA VAL C 913 -27.56 -13.65 -36.59
C VAL C 913 -28.17 -12.91 -37.77
N THR C 914 -27.63 -13.10 -38.96
CA THR C 914 -28.16 -12.44 -40.14
C THR C 914 -29.61 -12.82 -40.39
N GLY C 915 -29.94 -14.11 -40.29
CA GLY C 915 -31.29 -14.54 -40.58
C GLY C 915 -32.30 -14.06 -39.55
N ARG C 916 -31.91 -14.01 -38.28
CA ARG C 916 -32.82 -13.48 -37.29
C ARG C 916 -33.03 -11.98 -37.48
N ASN C 917 -31.97 -11.26 -37.88
CA ASN C 917 -32.16 -9.85 -38.21
C ASN C 917 -33.15 -9.67 -39.36
N LEU C 918 -33.00 -10.48 -40.41
CA LEU C 918 -33.94 -10.41 -41.52
C LEU C 918 -35.37 -10.72 -41.07
N PHE C 919 -35.53 -11.76 -40.25
CA PHE C 919 -36.87 -12.13 -39.80
C PHE C 919 -37.51 -11.02 -38.97
N GLU C 920 -36.75 -10.45 -38.04
CA GLU C 920 -37.31 -9.38 -37.22
C GLU C 920 -37.61 -8.14 -38.04
N GLY C 921 -36.77 -7.82 -39.02
CA GLY C 921 -37.11 -6.72 -39.91
C GLY C 921 -38.33 -7.00 -40.76
N LEU C 922 -38.58 -8.26 -41.06
CA LEU C 922 -39.77 -8.63 -41.82
C LEU C 922 -41.04 -8.59 -40.97
N LEU C 923 -40.91 -8.86 -39.67
CA LEU C 923 -42.05 -8.77 -38.76
C LEU C 923 -42.37 -7.34 -38.35
N GLY C 924 -41.81 -6.34 -39.03
CA GLY C 924 -42.08 -4.96 -38.71
C GLY C 924 -41.35 -4.42 -37.51
N SER C 925 -40.24 -5.04 -37.11
CA SER C 925 -39.44 -4.59 -35.98
C SER C 925 -38.12 -4.00 -36.49
N VAL C 926 -37.24 -3.68 -35.56
CA VAL C 926 -35.96 -3.06 -35.86
C VAL C 926 -34.87 -4.09 -35.60
N PRO C 927 -34.06 -4.46 -36.60
CA PRO C 927 -32.95 -5.38 -36.36
C PRO C 927 -32.04 -4.88 -35.24
N SER C 928 -31.80 -5.75 -34.26
CA SER C 928 -31.10 -5.37 -33.04
C SER C 928 -29.88 -6.22 -32.72
N PHE C 929 -29.63 -7.29 -33.46
CA PHE C 929 -28.51 -8.17 -33.17
C PHE C 929 -27.29 -7.75 -33.98
N ALA C 930 -26.13 -7.72 -33.32
CA ALA C 930 -24.92 -7.20 -33.92
C ALA C 930 -23.75 -8.08 -33.49
N ASN C 931 -22.54 -7.64 -33.82
CA ASN C 931 -21.31 -8.33 -33.45
C ASN C 931 -20.73 -7.62 -32.24
N ASP C 932 -21.29 -7.93 -31.08
CA ASP C 932 -20.90 -7.30 -29.82
C ASP C 932 -20.33 -8.36 -28.86
N ILE C 933 -20.11 -7.93 -27.62
CA ILE C 933 -19.45 -8.78 -26.63
C ILE C 933 -20.11 -10.14 -26.54
N TYR C 934 -21.43 -10.18 -26.55
CA TYR C 934 -22.13 -11.44 -26.45
C TYR C 934 -21.88 -12.34 -27.64
N PHE C 935 -21.74 -11.77 -28.84
CA PHE C 935 -21.38 -12.57 -30.00
C PHE C 935 -20.00 -13.17 -29.83
N GLN C 936 -19.03 -12.39 -29.34
CA GLN C 936 -17.69 -12.91 -29.16
C GLN C 936 -17.66 -14.06 -28.17
N VAL C 937 -18.35 -13.89 -27.03
CA VAL C 937 -18.38 -14.94 -26.02
C VAL C 937 -19.07 -16.20 -26.58
N GLY C 938 -20.22 -16.01 -27.22
CA GLY C 938 -20.92 -17.15 -27.79
C GLY C 938 -20.13 -17.86 -28.87
N PHE C 939 -19.32 -17.12 -29.63
CA PHE C 939 -18.55 -17.77 -30.67
C PHE C 939 -17.36 -18.53 -30.10
N VAL C 940 -16.73 -18.00 -29.04
CA VAL C 940 -15.69 -18.79 -28.38
C VAL C 940 -16.28 -20.09 -27.84
N THR C 941 -17.46 -20.01 -27.22
CA THR C 941 -18.13 -21.21 -26.74
C THR C 941 -18.41 -22.17 -27.89
N VAL C 942 -18.88 -21.65 -29.03
CA VAL C 942 -19.19 -22.50 -30.17
C VAL C 942 -17.93 -23.15 -30.72
N MET C 943 -16.81 -22.43 -30.72
CA MET C 943 -15.55 -23.01 -31.14
C MET C 943 -15.18 -24.19 -30.26
N GLY C 944 -15.29 -24.02 -28.93
CA GLY C 944 -15.00 -25.13 -28.04
C GLY C 944 -15.89 -26.33 -28.31
N LEU C 945 -17.19 -26.12 -28.47
CA LEU C 945 -18.10 -27.25 -28.66
C LEU C 945 -17.99 -27.89 -30.03
N SER C 946 -17.67 -27.10 -31.05
CA SER C 946 -17.44 -27.67 -32.37
C SER C 946 -16.23 -28.57 -32.31
N ALA C 947 -15.20 -28.15 -31.59
CA ALA C 947 -14.00 -28.96 -31.42
C ALA C 947 -14.24 -30.24 -30.68
N LYS C 948 -15.12 -30.24 -29.67
CA LYS C 948 -15.45 -31.44 -28.92
C LYS C 948 -16.14 -32.43 -29.79
N ASN C 949 -17.01 -31.95 -30.68
CA ASN C 949 -17.71 -32.82 -31.60
C ASN C 949 -16.75 -33.39 -32.65
N ALA C 950 -15.72 -32.63 -33.05
CA ALA C 950 -14.75 -33.20 -33.98
C ALA C 950 -13.89 -34.27 -33.30
N ILE C 951 -13.42 -33.97 -32.08
CA ILE C 951 -12.52 -34.90 -31.41
C ILE C 951 -13.24 -36.21 -31.09
N LEU C 952 -14.53 -36.14 -30.76
CA LEU C 952 -15.27 -37.36 -30.43
C LEU C 952 -15.17 -38.39 -31.55
N ILE C 953 -15.16 -37.92 -32.80
CA ILE C 953 -15.05 -38.85 -33.93
C ILE C 953 -13.59 -39.16 -34.23
N ILE C 954 -12.72 -38.16 -34.24
CA ILE C 954 -11.34 -38.36 -34.66
C ILE C 954 -10.48 -39.21 -33.73
N GLU C 955 -10.68 -39.12 -32.43
CA GLU C 955 -9.93 -39.99 -31.52
C GLU C 955 -10.27 -41.46 -31.70
N PHE C 956 -11.54 -41.77 -31.96
CA PHE C 956 -11.93 -43.16 -32.20
C PHE C 956 -11.49 -43.61 -33.58
N ALA C 957 -11.59 -42.75 -34.59
CA ALA C 957 -11.10 -43.11 -35.92
C ALA C 957 -9.60 -43.38 -35.89
N LYS C 958 -8.86 -42.59 -35.12
CA LYS C 958 -7.41 -42.79 -35.03
C LYS C 958 -7.09 -44.11 -34.34
N ASP C 959 -7.73 -44.36 -33.19
CA ASP C 959 -7.53 -45.65 -32.53
C ASP C 959 -7.89 -46.81 -33.44
N LEU C 960 -8.84 -46.61 -34.36
CA LEU C 960 -9.26 -47.69 -35.24
C LEU C 960 -8.30 -47.90 -36.39
N GLN C 961 -7.71 -46.83 -36.92
CA GLN C 961 -6.75 -46.99 -38.01
C GLN C 961 -5.58 -47.86 -37.59
N ALA C 962 -4.88 -47.45 -36.53
CA ALA C 962 -4.05 -48.40 -35.80
C ALA C 962 -4.87 -49.63 -35.49
N GLN C 963 -4.23 -50.79 -35.50
CA GLN C 963 -4.88 -52.11 -35.52
C GLN C 963 -5.27 -52.51 -36.94
N GLY C 964 -4.90 -51.73 -37.95
CA GLY C 964 -4.98 -52.19 -39.32
C GLY C 964 -6.29 -51.99 -40.05
N LYS C 965 -6.75 -50.75 -40.16
CA LYS C 965 -7.88 -50.41 -41.01
C LYS C 965 -7.56 -49.15 -41.79
N SER C 966 -7.97 -49.13 -43.06
CA SER C 966 -7.77 -47.96 -43.88
C SER C 966 -8.42 -46.74 -43.24
N ALA C 967 -7.99 -45.55 -43.66
CA ALA C 967 -8.60 -44.33 -43.14
C ALA C 967 -10.09 -44.29 -43.39
N VAL C 968 -10.54 -44.85 -44.51
CA VAL C 968 -11.97 -44.77 -44.85
C VAL C 968 -12.79 -45.64 -43.91
N GLU C 969 -12.35 -46.88 -43.69
CA GLU C 969 -13.07 -47.76 -42.79
C GLU C 969 -13.06 -47.23 -41.37
N ALA C 970 -11.92 -46.70 -40.92
CA ALA C 970 -11.84 -46.12 -39.59
C ALA C 970 -12.82 -44.96 -39.45
N ALA C 971 -12.85 -44.07 -40.44
CA ALA C 971 -13.75 -42.92 -40.37
C ALA C 971 -15.20 -43.38 -40.36
N LEU C 972 -15.56 -44.33 -41.23
CA LEU C 972 -16.94 -44.80 -41.28
C LEU C 972 -17.36 -45.41 -39.94
N GLU C 973 -16.52 -46.27 -39.38
CA GLU C 973 -16.90 -46.92 -38.12
C GLU C 973 -16.96 -45.91 -36.97
N ALA C 974 -16.03 -44.96 -36.93
CA ALA C 974 -16.07 -43.96 -35.88
C ALA C 974 -17.34 -43.13 -35.97
N ALA C 975 -17.71 -42.72 -37.18
CA ALA C 975 -18.95 -41.97 -37.35
C ALA C 975 -20.16 -42.79 -36.91
N ARG C 976 -20.27 -44.03 -37.35
CA ARG C 976 -21.42 -44.83 -37.00
C ARG C 976 -21.57 -44.96 -35.50
N LEU C 977 -20.51 -45.35 -34.82
CA LEU C 977 -20.54 -45.50 -33.35
C LEU C 977 -20.79 -44.22 -32.58
N ARG C 978 -20.17 -43.11 -33.01
CA ARG C 978 -20.30 -41.86 -32.27
C ARG C 978 -21.47 -40.98 -32.71
N PHE C 979 -22.29 -41.41 -33.66
CA PHE C 979 -23.46 -40.64 -34.06
C PHE C 979 -24.34 -40.29 -32.86
N ARG C 980 -24.51 -41.22 -31.92
CA ARG C 980 -25.50 -41.03 -30.87
C ARG C 980 -25.05 -40.09 -29.77
N PRO C 981 -23.86 -40.26 -29.20
CA PRO C 981 -23.40 -39.31 -28.18
C PRO C 981 -23.27 -37.90 -28.72
N ILE C 982 -22.82 -37.75 -29.97
CA ILE C 982 -22.69 -36.43 -30.57
C ILE C 982 -24.03 -35.73 -30.61
N ILE C 983 -25.04 -36.39 -31.19
CA ILE C 983 -26.37 -35.79 -31.29
C ILE C 983 -26.95 -35.54 -29.91
N MET C 984 -26.79 -36.50 -28.99
CA MET C 984 -27.31 -36.33 -27.64
C MET C 984 -26.76 -35.06 -27.00
N THR C 985 -25.43 -34.92 -26.95
CA THR C 985 -24.84 -33.78 -26.27
C THR C 985 -25.16 -32.47 -26.99
N SER C 986 -25.09 -32.46 -28.32
CA SER C 986 -25.34 -31.23 -29.05
C SER C 986 -26.77 -30.75 -28.86
N PHE C 987 -27.73 -31.66 -28.95
CA PHE C 987 -29.12 -31.23 -28.80
C PHE C 987 -29.49 -30.96 -27.36
N ALA C 988 -28.81 -31.59 -26.40
CA ALA C 988 -28.94 -31.16 -25.01
C ALA C 988 -28.54 -29.70 -24.87
N PHE C 989 -27.38 -29.34 -25.42
CA PHE C 989 -26.96 -27.93 -25.35
C PHE C 989 -27.95 -27.01 -26.04
N ILE C 990 -28.44 -27.40 -27.22
CA ILE C 990 -29.32 -26.54 -27.99
C ILE C 990 -30.65 -26.31 -27.25
N LEU C 991 -31.27 -27.39 -26.79
CA LEU C 991 -32.50 -27.25 -26.04
C LEU C 991 -32.28 -26.53 -24.72
N GLY C 992 -31.07 -26.59 -24.17
CA GLY C 992 -30.78 -25.84 -22.97
C GLY C 992 -30.70 -24.35 -23.23
N VAL C 993 -30.07 -23.96 -24.34
CA VAL C 993 -29.94 -22.53 -24.65
C VAL C 993 -31.18 -21.95 -25.30
N VAL C 994 -32.16 -22.78 -25.65
CA VAL C 994 -33.44 -22.24 -26.14
C VAL C 994 -34.04 -21.20 -25.20
N PRO C 995 -34.09 -21.41 -23.88
CA PRO C 995 -34.73 -20.41 -23.00
C PRO C 995 -34.13 -19.01 -23.10
N LEU C 996 -32.86 -18.89 -23.48
CA LEU C 996 -32.29 -17.56 -23.73
C LEU C 996 -32.73 -17.02 -25.09
N TYR C 997 -32.89 -17.91 -26.07
CA TYR C 997 -33.25 -17.48 -27.42
C TYR C 997 -34.56 -16.70 -27.44
N ILE C 998 -35.47 -16.97 -26.51
CA ILE C 998 -36.80 -16.38 -26.54
C ILE C 998 -37.09 -15.62 -25.25
N ALA C 999 -36.06 -15.06 -24.63
CA ALA C 999 -36.25 -14.35 -23.38
C ALA C 999 -37.10 -13.10 -23.59
N GLY C 1000 -37.80 -12.70 -22.54
CA GLY C 1000 -38.60 -11.48 -22.59
C GLY C 1000 -38.90 -10.94 -21.21
N GLY C 1001 -38.61 -9.66 -20.99
CA GLY C 1001 -38.82 -9.06 -19.69
C GLY C 1001 -37.71 -8.12 -19.29
N ALA C 1002 -37.17 -8.31 -18.09
CA ALA C 1002 -36.07 -7.51 -17.59
C ALA C 1002 -34.75 -8.16 -17.97
N SER C 1003 -33.93 -7.44 -18.74
CA SER C 1003 -32.64 -7.90 -19.20
C SER C 1003 -32.74 -8.92 -20.33
N SER C 1004 -33.83 -8.91 -21.08
CA SER C 1004 -34.00 -9.86 -22.18
C SER C 1004 -33.08 -9.56 -23.36
N ALA C 1005 -32.55 -8.35 -23.46
CA ALA C 1005 -31.70 -8.01 -24.60
C ALA C 1005 -30.45 -8.87 -24.64
N SER C 1006 -29.73 -8.94 -23.51
CA SER C 1006 -28.50 -9.72 -23.47
C SER C 1006 -28.80 -11.21 -23.65
N GLN C 1007 -29.86 -11.69 -23.02
CA GLN C 1007 -30.24 -13.09 -23.14
C GLN C 1007 -30.48 -13.45 -24.60
N ARG C 1008 -31.28 -12.65 -25.31
CA ARG C 1008 -31.52 -12.92 -26.71
C ARG C 1008 -30.24 -12.81 -27.53
N ALA C 1009 -29.41 -11.81 -27.22
CA ALA C 1009 -28.20 -11.57 -28.01
C ALA C 1009 -27.26 -12.76 -27.96
N ILE C 1010 -27.13 -13.38 -26.78
CA ILE C 1010 -26.23 -14.53 -26.69
C ILE C 1010 -26.92 -15.84 -27.10
N GLY C 1011 -28.22 -15.97 -26.85
CA GLY C 1011 -28.92 -17.17 -27.25
C GLY C 1011 -28.94 -17.36 -28.75
N THR C 1012 -29.16 -16.28 -29.50
CA THR C 1012 -29.14 -16.38 -30.96
C THR C 1012 -27.83 -16.98 -31.44
N THR C 1013 -26.72 -16.39 -31.01
CA THR C 1013 -25.40 -16.85 -31.43
C THR C 1013 -25.21 -18.31 -31.09
N VAL C 1014 -25.36 -18.68 -29.81
CA VAL C 1014 -25.03 -20.04 -29.42
C VAL C 1014 -25.96 -21.04 -30.09
N PHE C 1015 -27.27 -20.75 -30.10
CA PHE C 1015 -28.23 -21.65 -30.71
C PHE C 1015 -27.88 -21.94 -32.16
N TRP C 1016 -27.79 -20.90 -32.99
CA TRP C 1016 -27.61 -21.16 -34.42
C TRP C 1016 -26.22 -21.68 -34.71
N GLY C 1017 -25.20 -21.16 -34.01
CA GLY C 1017 -23.87 -21.72 -34.16
C GLY C 1017 -23.84 -23.21 -33.95
N MET C 1018 -24.36 -23.66 -32.80
CA MET C 1018 -24.33 -25.10 -32.50
C MET C 1018 -25.17 -25.90 -33.49
N LEU C 1019 -26.37 -25.42 -33.83
CA LEU C 1019 -27.22 -26.18 -34.73
C LEU C 1019 -26.54 -26.39 -36.08
N ILE C 1020 -26.18 -25.29 -36.75
CA ILE C 1020 -25.57 -25.43 -38.07
C ILE C 1020 -24.24 -26.15 -37.99
N GLY C 1021 -23.43 -25.85 -36.97
CA GLY C 1021 -22.14 -26.48 -36.86
C GLY C 1021 -22.22 -27.97 -36.68
N THR C 1022 -23.13 -28.44 -35.84
CA THR C 1022 -23.28 -29.88 -35.64
C THR C 1022 -23.80 -30.54 -36.91
N LEU C 1023 -24.83 -29.97 -37.52
CA LEU C 1023 -25.40 -30.57 -38.71
C LEU C 1023 -24.38 -30.66 -39.85
N LEU C 1024 -23.44 -29.71 -39.92
CA LEU C 1024 -22.43 -29.79 -40.97
C LEU C 1024 -21.27 -30.69 -40.58
N SER C 1025 -20.86 -30.66 -39.31
CA SER C 1025 -19.69 -31.40 -38.89
C SER C 1025 -19.94 -32.90 -38.91
N VAL C 1026 -21.14 -33.34 -38.50
CA VAL C 1026 -21.43 -34.77 -38.48
C VAL C 1026 -21.22 -35.40 -39.85
N PHE C 1027 -21.23 -34.57 -40.90
CA PHE C 1027 -20.98 -35.04 -42.25
C PHE C 1027 -19.58 -34.73 -42.76
N LEU C 1028 -18.98 -33.62 -42.31
CA LEU C 1028 -17.74 -33.15 -42.89
C LEU C 1028 -16.50 -33.54 -42.09
N VAL C 1029 -16.63 -34.06 -40.88
CA VAL C 1029 -15.47 -34.40 -40.05
C VAL C 1029 -14.77 -35.63 -40.60
N PRO C 1030 -15.49 -36.71 -40.92
CA PRO C 1030 -14.84 -37.85 -41.59
C PRO C 1030 -14.03 -37.44 -42.81
N LEU C 1031 -14.56 -36.53 -43.61
CA LEU C 1031 -13.83 -36.04 -44.77
C LEU C 1031 -12.53 -35.37 -44.36
N PHE C 1032 -12.57 -34.54 -43.30
CA PHE C 1032 -11.35 -33.89 -42.83
C PHE C 1032 -10.32 -34.93 -42.42
N TYR C 1033 -10.74 -35.94 -41.65
CA TYR C 1033 -9.80 -36.98 -41.24
C TYR C 1033 -9.18 -37.68 -42.44
N VAL C 1034 -10.02 -38.12 -43.38
CA VAL C 1034 -9.52 -38.86 -44.53
C VAL C 1034 -8.54 -38.01 -45.33
N VAL C 1035 -8.87 -36.73 -45.53
CA VAL C 1035 -8.02 -35.87 -46.36
C VAL C 1035 -6.69 -35.60 -45.66
N VAL C 1036 -6.74 -35.25 -44.37
CA VAL C 1036 -5.50 -34.93 -43.68
C VAL C 1036 -4.62 -36.16 -43.53
N ARG C 1037 -5.22 -37.35 -43.54
CA ARG C 1037 -4.39 -38.56 -43.51
C ARG C 1037 -3.81 -38.86 -44.88
N LYS C 1038 -4.58 -38.61 -45.94
CA LYS C 1038 -4.06 -38.85 -47.29
C LYS C 1038 -2.88 -37.93 -47.59
N PHE C 1039 -3.02 -36.64 -47.29
CA PHE C 1039 -1.97 -35.68 -47.65
C PHE C 1039 -0.73 -35.87 -46.78
N PHE C 1040 -0.87 -35.70 -45.46
CA PHE C 1040 0.27 -35.69 -44.55
C PHE C 1040 0.68 -37.11 -44.18
N LYS C 1041 0.98 -37.90 -45.20
CA LYS C 1041 1.40 -39.28 -45.01
C LYS C 1041 2.65 -39.37 -44.14
N CYS D 1 23.65 21.54 -15.98
CA CYS D 1 24.26 20.89 -14.82
C CYS D 1 24.38 21.91 -13.70
N THR D 2 23.42 22.83 -13.60
CA THR D 2 23.50 23.91 -12.63
C THR D 2 22.34 23.96 -11.64
N ASN D 3 22.17 25.07 -10.93
CA ASN D 3 21.03 25.24 -10.01
C ASN D 3 20.87 24.19 -8.93
N GLU D 4 21.95 23.82 -8.26
CA GLU D 4 21.89 22.85 -7.14
C GLU D 4 21.99 21.38 -7.52
N ASP D 5 21.61 21.03 -8.75
CA ASP D 5 21.80 19.63 -9.15
C ASP D 5 22.84 19.49 -10.25
N GLY D 6 23.92 18.80 -9.94
CA GLY D 6 24.98 18.61 -10.92
C GLY D 6 24.68 17.77 -12.14
N LYS D 7 23.97 16.66 -11.97
CA LYS D 7 23.71 15.72 -13.09
C LYS D 7 24.98 14.98 -13.54
N PRO D 8 24.84 13.73 -14.02
CA PRO D 8 26.03 13.03 -14.52
C PRO D 8 26.74 13.84 -15.59
N CYS D 9 26.00 14.47 -16.49
CA CYS D 9 26.60 15.26 -17.57
C CYS D 9 27.86 14.60 -18.12
#